data_9M6K
#
_entry.id   9M6K
#
_cell.length_a   1.00
_cell.length_b   1.00
_cell.length_c   1.00
_cell.angle_alpha   90.00
_cell.angle_beta   90.00
_cell.angle_gamma   90.00
#
_symmetry.space_group_name_H-M   'P 1'
#
_entity_poly.entity_id   1
_entity_poly.type   'polypeptide(L)'
_entity_poly.pdbx_seq_one_letter_code
;MDKLEIGFEVFTFPREEEITIEVIEEFMSLHSKQQPRYERLMKMYKGDAAIFARKAKEPHKPDNRLNVNYAKYITDTFSG
FFNGIPSKKNHKNDVVSDAINNFDNEQDMQDEEAELVKLACVYGHAFELMYQDEETKTNVKHNSPEDMFIVYDDTVSQKP
LFAVRYGLDREGELCGTLYTEDVDVTLIGKNGTMIFGEESENVYNDLAVTEFIFNEERMGIYETVTALIDSYDKAISEKT
NDVDYFSDSYLKVVGAMLSPEMIEKIRDTRVINVPEPPHDVSVDIGFLDKPDSDSQTENLLDRIDKHIYQIAMVANISDE
SFGSSSGVALAYKLQPMSNLAAAFERKFQAALTQRYKMFMSLLTNVSANLSNEWRGIEFRFTRNIPKNVLEEAQTAVQLA
TIASQETTLSVLSVVPDVRAEMDRIHSERKDDINLLDYQQEVPEKETVEVVEKEDS
;
_entity_poly.pdbx_strand_id   A,B,C,D,E,F,G,H,I,J,K,L
#
# COMPACT_ATOMS: atom_id res chain seq x y z
N LEU A 4 -23.54 -48.87 9.72
CA LEU A 4 -24.38 -49.32 10.82
C LEU A 4 -25.52 -48.35 11.07
N GLU A 5 -25.77 -48.05 12.34
CA GLU A 5 -26.82 -47.13 12.75
C GLU A 5 -26.22 -45.78 13.11
N ILE A 6 -26.81 -44.71 12.58
CA ILE A 6 -26.32 -43.36 12.79
C ILE A 6 -27.21 -42.55 13.74
N GLY A 7 -28.10 -43.21 14.47
CA GLY A 7 -28.95 -42.52 15.43
C GLY A 7 -29.54 -43.51 16.40
N PHE A 8 -30.20 -42.96 17.43
CA PHE A 8 -30.85 -43.76 18.47
C PHE A 8 -32.34 -43.46 18.48
N GLU A 9 -33.16 -44.50 18.53
CA GLU A 9 -34.60 -44.38 18.56
C GLU A 9 -35.10 -44.72 19.96
N VAL A 10 -36.00 -43.88 20.49
CA VAL A 10 -36.46 -44.05 21.85
C VAL A 10 -37.39 -45.25 21.95
N PHE A 11 -37.32 -45.95 23.09
CA PHE A 11 -38.23 -47.06 23.34
C PHE A 11 -39.60 -46.54 23.74
N THR A 12 -40.64 -47.24 23.31
CA THR A 12 -42.01 -46.89 23.65
C THR A 12 -42.73 -48.11 24.20
N PHE A 13 -43.43 -47.93 25.31
CA PHE A 13 -44.17 -49.00 25.95
C PHE A 13 -45.55 -48.50 26.37
N PRO A 14 -46.58 -49.32 26.22
CA PRO A 14 -47.92 -48.89 26.62
C PRO A 14 -48.01 -48.69 28.13
N ARG A 15 -48.91 -47.77 28.52
CA ARG A 15 -48.95 -47.31 29.91
C ARG A 15 -49.59 -48.35 30.83
N GLU A 16 -50.66 -48.99 30.38
CA GLU A 16 -51.57 -49.66 31.31
C GLU A 16 -50.99 -50.94 31.88
N GLU A 17 -50.41 -51.80 31.04
CA GLU A 17 -50.04 -53.14 31.50
C GLU A 17 -48.87 -53.08 32.46
N GLU A 18 -48.76 -54.12 33.29
CA GLU A 18 -47.75 -54.19 34.32
C GLU A 18 -46.36 -54.40 33.72
N ILE A 19 -45.33 -54.01 34.48
CA ILE A 19 -43.95 -54.13 34.04
C ILE A 19 -43.41 -55.46 34.59
N THR A 20 -43.29 -56.45 33.71
CA THR A 20 -42.81 -57.76 34.08
C THR A 20 -41.33 -57.90 33.77
N ILE A 21 -40.74 -59.01 34.23
CA ILE A 21 -39.30 -59.23 34.08
C ILE A 21 -38.94 -59.46 32.62
N GLU A 22 -39.84 -60.06 31.84
CA GLU A 22 -39.54 -60.35 30.45
C GLU A 22 -39.39 -59.07 29.64
N VAL A 23 -40.20 -58.05 29.94
CA VAL A 23 -40.08 -56.77 29.25
C VAL A 23 -38.71 -56.15 29.52
N ILE A 24 -38.28 -56.18 30.79
CA ILE A 24 -36.98 -55.63 31.15
C ILE A 24 -35.86 -56.39 30.45
N GLU A 25 -35.97 -57.72 30.41
CA GLU A 25 -34.94 -58.52 29.74
C GLU A 25 -34.87 -58.21 28.25
N GLU A 26 -36.03 -58.04 27.61
CA GLU A 26 -36.05 -57.70 26.20
C GLU A 26 -35.42 -56.34 25.95
N PHE A 27 -35.73 -55.35 26.80
CA PHE A 27 -35.14 -54.03 26.61
C PHE A 27 -33.64 -54.06 26.86
N MET A 28 -33.19 -54.88 27.81
CA MET A 28 -31.74 -55.01 28.03
C MET A 28 -31.06 -55.65 26.83
N SER A 29 -31.72 -56.63 26.20
CA SER A 29 -31.19 -57.19 24.95
C SER A 29 -31.08 -56.12 23.88
N LEU A 30 -32.12 -55.28 23.75
CA LEU A 30 -32.09 -54.21 22.76
C LEU A 30 -30.93 -53.23 23.03
N HIS A 31 -30.69 -52.90 24.30
CA HIS A 31 -29.61 -51.99 24.64
C HIS A 31 -28.25 -52.62 24.38
N SER A 32 -28.11 -53.91 24.67
CA SER A 32 -26.88 -54.62 24.39
C SER A 32 -26.61 -54.66 22.89
N LYS A 33 -27.69 -54.64 22.09
CA LYS A 33 -27.52 -54.54 20.64
C LYS A 33 -26.90 -53.19 20.26
N GLN A 34 -27.27 -52.12 20.95
CA GLN A 34 -26.85 -50.77 20.60
C GLN A 34 -25.51 -50.36 21.20
N GLN A 35 -25.04 -51.08 22.21
CA GLN A 35 -23.79 -50.69 22.88
C GLN A 35 -22.58 -50.49 21.96
N PRO A 36 -22.34 -51.31 20.91
CA PRO A 36 -21.11 -51.12 20.12
C PRO A 36 -20.94 -49.73 19.54
N ARG A 37 -22.03 -49.04 19.18
CA ARG A 37 -21.89 -47.68 18.67
C ARG A 37 -21.30 -46.76 19.72
N TYR A 38 -21.80 -46.85 20.96
CA TYR A 38 -21.23 -46.06 22.05
C TYR A 38 -19.77 -46.42 22.28
N GLU A 39 -19.44 -47.72 22.21
CA GLU A 39 -18.06 -48.13 22.41
C GLU A 39 -17.14 -47.51 21.36
N ARG A 40 -17.57 -47.54 20.09
CA ARG A 40 -16.76 -46.97 19.03
C ARG A 40 -16.62 -45.46 19.19
N LEU A 41 -17.72 -44.78 19.56
CA LEU A 41 -17.66 -43.34 19.72
C LEU A 41 -16.71 -42.94 20.84
N MET A 42 -16.72 -43.67 21.95
CA MET A 42 -15.78 -43.35 23.02
C MET A 42 -14.34 -43.69 22.64
N LYS A 43 -14.13 -44.81 21.94
CA LYS A 43 -12.78 -45.18 21.56
C LYS A 43 -12.17 -44.19 20.59
N MET A 44 -13.00 -43.60 19.72
CA MET A 44 -12.49 -42.59 18.79
C MET A 44 -11.99 -41.37 19.53
N TYR A 45 -12.73 -40.93 20.56
CA TYR A 45 -12.32 -39.75 21.32
C TYR A 45 -11.11 -40.02 22.18
N LYS A 46 -11.07 -41.18 22.85
CA LYS A 46 -10.04 -41.44 23.85
C LYS A 46 -8.62 -41.39 23.30
N GLY A 47 -8.45 -41.62 22.00
CA GLY A 47 -7.12 -41.55 21.40
C GLY A 47 -6.82 -42.64 20.40
N ASP A 48 -7.41 -43.82 20.62
CA ASP A 48 -7.23 -44.91 19.67
C ASP A 48 -7.91 -44.59 18.35
N ALA A 49 -7.37 -45.14 17.26
CA ALA A 49 -7.88 -44.85 15.94
C ALA A 49 -7.98 -46.16 15.15
N ALA A 50 -8.68 -46.10 14.02
CA ALA A 50 -8.85 -47.28 13.19
C ALA A 50 -7.61 -47.58 12.35
N ILE A 51 -6.71 -46.61 12.23
CA ILE A 51 -5.50 -46.82 11.43
C ILE A 51 -4.63 -47.90 12.05
N PHE A 52 -4.69 -48.05 13.37
CA PHE A 52 -3.83 -49.02 14.05
C PHE A 52 -4.25 -50.45 13.77
N ALA A 53 -5.47 -50.66 13.27
CA ALA A 53 -6.01 -51.99 13.07
C ALA A 53 -5.77 -52.54 11.66
N ARG A 54 -5.09 -51.79 10.80
CA ARG A 54 -4.86 -52.26 9.44
C ARG A 54 -3.82 -53.38 9.41
N LYS A 55 -3.92 -54.23 8.39
CA LYS A 55 -3.04 -55.38 8.29
C LYS A 55 -1.59 -54.95 8.01
N ALA A 56 -0.64 -55.74 8.50
CA ALA A 56 0.76 -55.40 8.39
C ALA A 56 1.24 -55.57 6.95
N LYS A 57 2.35 -54.90 6.64
CA LYS A 57 2.95 -54.92 5.32
C LYS A 57 3.99 -56.04 5.25
N GLU A 58 4.82 -56.04 4.21
CA GLU A 58 5.86 -57.04 4.03
C GLU A 58 6.91 -56.91 5.12
N PRO A 59 7.68 -57.97 5.39
CA PRO A 59 8.60 -57.95 6.53
C PRO A 59 9.62 -56.82 6.51
N HIS A 60 10.10 -56.43 5.33
CA HIS A 60 11.20 -55.47 5.25
C HIS A 60 10.81 -54.13 4.65
N LYS A 61 9.55 -53.95 4.26
CA LYS A 61 9.14 -52.63 3.79
C LYS A 61 8.77 -51.73 4.97
N PRO A 62 9.03 -50.43 4.85
CA PRO A 62 8.71 -49.51 5.95
C PRO A 62 7.21 -49.40 6.17
N ASP A 63 6.82 -49.16 7.43
CA ASP A 63 5.43 -49.03 7.81
C ASP A 63 5.33 -47.99 8.92
N ASN A 64 4.63 -46.88 8.64
CA ASN A 64 4.44 -45.81 9.61
C ASN A 64 2.95 -45.60 9.82
N ARG A 65 2.54 -45.45 11.07
CA ARG A 65 1.15 -45.24 11.44
C ARG A 65 1.03 -43.95 12.23
N LEU A 66 0.37 -42.95 11.65
CA LEU A 66 0.20 -41.64 12.27
C LEU A 66 -1.29 -41.38 12.45
N ASN A 67 -1.65 -40.86 13.62
CA ASN A 67 -3.03 -40.52 13.94
C ASN A 67 -3.10 -39.03 14.27
N VAL A 68 -4.01 -38.32 13.61
CA VAL A 68 -4.28 -36.92 13.90
C VAL A 68 -5.67 -36.85 14.52
N ASN A 69 -5.74 -36.37 15.77
CA ASN A 69 -6.95 -36.44 16.56
C ASN A 69 -7.72 -35.13 16.41
N TYR A 70 -8.86 -35.18 15.72
CA TYR A 70 -9.74 -34.04 15.58
C TYR A 70 -10.91 -34.05 16.55
N ALA A 71 -11.37 -35.25 16.95
CA ALA A 71 -12.55 -35.33 17.82
C ALA A 71 -12.29 -34.68 19.17
N LYS A 72 -11.12 -34.93 19.76
CA LYS A 72 -10.80 -34.31 21.04
C LYS A 72 -10.72 -32.80 20.92
N TYR A 73 -10.11 -32.31 19.84
CA TYR A 73 -10.02 -30.86 19.62
C TYR A 73 -11.41 -30.24 19.52
N ILE A 74 -12.28 -30.84 18.71
CA ILE A 74 -13.63 -30.28 18.52
C ILE A 74 -14.40 -30.30 19.83
N THR A 75 -14.39 -31.43 20.54
CA THR A 75 -15.14 -31.55 21.78
C THR A 75 -14.64 -30.56 22.83
N ASP A 76 -13.32 -30.46 22.99
CA ASP A 76 -12.78 -29.55 23.99
C ASP A 76 -13.08 -28.09 23.64
N THR A 77 -12.94 -27.73 22.35
CA THR A 77 -13.23 -26.36 21.96
C THR A 77 -14.69 -26.01 22.22
N PHE A 78 -15.62 -26.90 21.85
CA PHE A 78 -17.03 -26.60 22.07
C PHE A 78 -17.37 -26.54 23.56
N SER A 79 -16.81 -27.46 24.34
CA SER A 79 -17.07 -27.45 25.78
C SER A 79 -16.55 -26.18 26.43
N GLY A 80 -15.37 -25.72 26.01
CA GLY A 80 -14.85 -24.46 26.52
C GLY A 80 -15.69 -23.27 26.10
N PHE A 81 -16.16 -23.27 24.86
CA PHE A 81 -16.98 -22.16 24.37
C PHE A 81 -18.29 -22.07 25.14
N PHE A 82 -18.98 -23.20 25.31
CA PHE A 82 -20.32 -23.17 25.89
C PHE A 82 -20.26 -22.90 27.39
N ASN A 83 -19.62 -23.79 28.15
CA ASN A 83 -19.62 -23.73 29.60
C ASN A 83 -18.32 -23.14 30.17
N GLY A 84 -17.71 -22.19 29.45
CA GLY A 84 -16.51 -21.56 29.98
C GLY A 84 -16.78 -20.76 31.24
N ILE A 85 -17.87 -20.01 31.24
CA ILE A 85 -18.28 -19.20 32.39
C ILE A 85 -19.51 -19.85 33.00
N PRO A 86 -19.53 -20.11 34.31
CA PRO A 86 -20.69 -20.78 34.92
C PRO A 86 -21.95 -19.95 34.75
N SER A 87 -23.08 -20.64 34.63
CA SER A 87 -24.37 -19.98 34.46
C SER A 87 -24.78 -19.27 35.75
N LYS A 88 -25.60 -18.25 35.59
CA LYS A 88 -26.11 -17.45 36.69
C LYS A 88 -27.61 -17.63 36.82
N LYS A 89 -28.08 -17.90 38.04
CA LYS A 89 -29.49 -18.12 38.31
C LYS A 89 -29.90 -17.24 39.49
N ASN A 90 -30.99 -16.50 39.31
CA ASN A 90 -31.45 -15.54 40.30
C ASN A 90 -32.97 -15.51 40.33
N HIS A 91 -33.50 -14.93 41.41
CA HIS A 91 -34.94 -14.83 41.60
C HIS A 91 -35.25 -13.56 42.38
N LYS A 92 -36.54 -13.22 42.45
CA LYS A 92 -36.99 -12.03 43.17
C LYS A 92 -37.08 -12.30 44.67
N ASN A 93 -37.80 -13.34 45.07
CA ASN A 93 -37.92 -13.68 46.48
C ASN A 93 -36.55 -14.04 47.05
N ASP A 94 -36.30 -13.58 48.27
CA ASP A 94 -34.98 -13.77 48.88
C ASP A 94 -34.78 -15.22 49.32
N VAL A 95 -35.83 -15.83 49.88
CA VAL A 95 -35.70 -17.19 50.42
C VAL A 95 -35.39 -18.19 49.32
N VAL A 96 -36.10 -18.09 48.18
CA VAL A 96 -35.89 -19.02 47.08
C VAL A 96 -34.46 -18.88 46.55
N SER A 97 -34.00 -17.64 46.37
CA SER A 97 -32.65 -17.43 45.88
C SER A 97 -31.61 -17.97 46.85
N ASP A 98 -31.80 -17.73 48.16
CA ASP A 98 -30.86 -18.25 49.14
C ASP A 98 -30.82 -19.77 49.10
N ALA A 99 -31.98 -20.42 49.03
CA ALA A 99 -32.00 -21.87 48.97
C ALA A 99 -31.31 -22.40 47.72
N ILE A 100 -31.58 -21.78 46.58
CA ILE A 100 -31.00 -22.24 45.31
C ILE A 100 -29.48 -22.10 45.34
N ASN A 101 -28.99 -20.93 45.77
CA ASN A 101 -27.54 -20.72 45.79
C ASN A 101 -26.86 -21.62 46.83
N ASN A 102 -27.50 -21.83 47.98
CA ASN A 102 -26.92 -22.73 48.97
C ASN A 102 -26.83 -24.15 48.43
N PHE A 103 -27.88 -24.62 47.75
CA PHE A 103 -27.85 -25.96 47.16
C PHE A 103 -26.77 -26.05 46.10
N ASP A 104 -26.64 -25.03 45.25
CA ASP A 104 -25.63 -25.04 44.21
C ASP A 104 -24.23 -25.09 44.81
N ASN A 105 -23.98 -24.29 45.85
CA ASN A 105 -22.67 -24.29 46.49
C ASN A 105 -22.38 -25.63 47.16
N GLU A 106 -23.41 -26.24 47.77
CA GLU A 106 -23.19 -27.49 48.48
C GLU A 106 -22.92 -28.64 47.51
N GLN A 107 -23.52 -28.61 46.32
CA GLN A 107 -23.42 -29.73 45.40
C GLN A 107 -22.42 -29.51 44.26
N ASP A 108 -21.77 -28.34 44.20
CA ASP A 108 -20.73 -28.07 43.21
C ASP A 108 -21.23 -28.34 41.79
N MET A 109 -22.20 -27.53 41.35
CA MET A 109 -22.92 -27.86 40.12
C MET A 109 -22.11 -27.52 38.87
N GLN A 110 -21.03 -26.75 39.00
CA GLN A 110 -20.24 -26.40 37.83
C GLN A 110 -19.60 -27.64 37.21
N ASP A 111 -18.97 -28.49 38.03
CA ASP A 111 -18.36 -29.71 37.51
C ASP A 111 -19.40 -30.63 36.92
N GLU A 112 -20.55 -30.77 37.59
CA GLU A 112 -21.60 -31.63 37.08
C GLU A 112 -22.10 -31.15 35.72
N GLU A 113 -22.33 -29.85 35.58
CA GLU A 113 -22.79 -29.32 34.31
C GLU A 113 -21.74 -29.50 33.21
N ALA A 114 -20.47 -29.27 33.54
CA ALA A 114 -19.42 -29.46 32.54
C ALA A 114 -19.34 -30.91 32.07
N GLU A 115 -19.39 -31.86 33.01
CA GLU A 115 -19.32 -33.26 32.64
C GLU A 115 -20.54 -33.69 31.85
N LEU A 116 -21.72 -33.18 32.21
CA LEU A 116 -22.92 -33.50 31.46
C LEU A 116 -22.85 -32.96 30.04
N VAL A 117 -22.34 -31.74 29.87
CA VAL A 117 -22.18 -31.20 28.52
C VAL A 117 -21.20 -32.05 27.71
N LYS A 118 -20.07 -32.44 28.33
CA LYS A 118 -19.10 -33.25 27.60
C LYS A 118 -19.69 -34.60 27.20
N LEU A 119 -20.42 -35.25 28.11
CA LEU A 119 -21.02 -36.53 27.78
C LEU A 119 -22.07 -36.38 26.68
N ALA A 120 -22.87 -35.32 26.72
CA ALA A 120 -23.85 -35.09 25.67
C ALA A 120 -23.17 -34.86 24.33
N CYS A 121 -22.03 -34.16 24.33
CA CYS A 121 -21.31 -33.92 23.08
C CYS A 121 -20.70 -35.21 22.53
N VAL A 122 -20.18 -36.08 23.39
CA VAL A 122 -19.46 -37.25 22.91
C VAL A 122 -20.44 -38.33 22.46
N TYR A 123 -21.24 -38.86 23.39
CA TYR A 123 -22.16 -39.95 23.08
C TYR A 123 -23.40 -39.51 22.33
N GLY A 124 -23.97 -38.35 22.67
CA GLY A 124 -25.21 -37.92 22.06
C GLY A 124 -26.27 -37.57 23.09
N HIS A 125 -26.29 -38.32 24.19
CA HIS A 125 -27.22 -38.06 25.29
C HIS A 125 -26.66 -38.63 26.57
N ALA A 126 -27.04 -38.03 27.70
CA ALA A 126 -26.54 -38.43 29.00
C ALA A 126 -27.67 -38.36 30.02
N PHE A 127 -27.46 -39.06 31.14
CA PHE A 127 -28.46 -39.17 32.19
C PHE A 127 -27.95 -38.55 33.49
N GLU A 128 -28.89 -38.10 34.31
CA GLU A 128 -28.59 -37.54 35.63
C GLU A 128 -29.43 -38.27 36.68
N LEU A 129 -28.83 -38.55 37.82
CA LEU A 129 -29.49 -39.27 38.91
C LEU A 129 -29.52 -38.39 40.15
N MET A 130 -30.68 -38.35 40.80
CA MET A 130 -30.88 -37.58 42.03
C MET A 130 -31.35 -38.53 43.12
N TYR A 131 -30.81 -38.35 44.33
CA TYR A 131 -31.12 -39.23 45.45
C TYR A 131 -30.97 -38.47 46.75
N GLN A 132 -31.49 -39.06 47.82
CA GLN A 132 -31.45 -38.49 49.15
C GLN A 132 -30.46 -39.28 50.01
N ASP A 133 -29.56 -38.57 50.68
CA ASP A 133 -28.53 -39.22 51.49
C ASP A 133 -29.03 -39.47 52.91
N GLU A 134 -28.12 -39.86 53.80
CA GLU A 134 -28.51 -40.22 55.15
C GLU A 134 -28.87 -39.01 56.01
N GLU A 135 -28.22 -37.88 55.79
CA GLU A 135 -28.45 -36.67 56.57
C GLU A 135 -29.54 -35.78 55.96
N THR A 136 -30.46 -36.38 55.21
CA THR A 136 -31.61 -35.67 54.63
C THR A 136 -31.15 -34.48 53.80
N LYS A 137 -30.34 -34.76 52.77
CA LYS A 137 -29.89 -33.75 51.83
C LYS A 137 -30.03 -34.29 50.42
N THR A 138 -30.16 -33.38 49.47
CA THR A 138 -30.37 -33.73 48.07
C THR A 138 -29.04 -33.73 47.33
N ASN A 139 -28.74 -34.84 46.66
CA ASN A 139 -27.50 -35.00 45.90
C ASN A 139 -27.82 -35.37 44.46
N VAL A 140 -26.90 -35.03 43.57
CA VAL A 140 -27.04 -35.34 42.14
C VAL A 140 -25.76 -36.01 41.67
N LYS A 141 -25.88 -36.73 40.56
CA LYS A 141 -24.75 -37.44 39.96
C LYS A 141 -25.02 -37.62 38.47
N HIS A 142 -23.95 -37.88 37.72
CA HIS A 142 -24.02 -38.03 36.27
C HIS A 142 -23.54 -39.42 35.88
N ASN A 143 -24.27 -40.05 34.96
CA ASN A 143 -23.94 -41.38 34.48
C ASN A 143 -23.84 -41.38 32.96
N SER A 144 -23.03 -42.30 32.45
CA SER A 144 -22.87 -42.48 31.01
C SER A 144 -24.05 -43.29 30.47
N PRO A 145 -24.38 -43.13 29.19
CA PRO A 145 -25.51 -43.86 28.61
C PRO A 145 -25.24 -45.32 28.27
N GLU A 146 -24.10 -45.88 28.72
CA GLU A 146 -23.82 -47.28 28.45
C GLU A 146 -24.63 -48.20 29.36
N ASP A 147 -24.88 -47.79 30.60
CA ASP A 147 -25.51 -48.65 31.60
C ASP A 147 -26.94 -48.27 31.91
N MET A 148 -27.50 -47.24 31.27
CA MET A 148 -28.84 -46.76 31.59
C MET A 148 -29.64 -46.51 30.33
N PHE A 149 -30.92 -46.85 30.37
CA PHE A 149 -31.86 -46.51 29.32
C PHE A 149 -33.21 -46.15 29.94
N ILE A 150 -33.95 -45.28 29.25
CA ILE A 150 -35.23 -44.78 29.74
C ILE A 150 -36.28 -45.10 28.68
N VAL A 151 -37.48 -45.47 29.14
CA VAL A 151 -38.56 -45.89 28.26
C VAL A 151 -39.74 -44.95 28.44
N TYR A 152 -40.25 -44.42 27.34
CA TYR A 152 -41.42 -43.54 27.34
C TYR A 152 -42.68 -44.32 27.00
N ASP A 153 -43.82 -43.68 27.22
CA ASP A 153 -45.09 -44.26 26.82
C ASP A 153 -45.38 -43.93 25.35
N ASP A 154 -46.45 -44.51 24.81
CA ASP A 154 -46.81 -44.33 23.42
C ASP A 154 -47.80 -43.20 23.19
N THR A 155 -48.15 -42.44 24.23
CA THR A 155 -49.06 -41.32 24.07
C THR A 155 -48.37 -40.20 23.30
N VAL A 156 -49.17 -39.24 22.83
CA VAL A 156 -48.64 -38.12 22.06
C VAL A 156 -47.76 -37.25 22.94
N SER A 157 -48.13 -37.08 24.22
CA SER A 157 -47.32 -36.27 25.13
C SER A 157 -45.96 -36.91 25.37
N GLN A 158 -45.89 -38.24 25.33
CA GLN A 158 -44.64 -38.97 25.51
C GLN A 158 -43.97 -38.66 26.83
N LYS A 159 -44.64 -38.97 27.94
CA LYS A 159 -44.02 -38.75 29.23
C LYS A 159 -43.17 -39.96 29.64
N PRO A 160 -42.09 -39.73 30.39
CA PRO A 160 -41.26 -40.86 30.83
C PRO A 160 -42.04 -41.81 31.72
N LEU A 161 -41.72 -43.10 31.62
CA LEU A 161 -42.43 -44.13 32.37
C LEU A 161 -41.55 -44.87 33.36
N PHE A 162 -40.39 -45.38 32.93
CA PHE A 162 -39.48 -46.05 33.84
C PHE A 162 -38.08 -46.07 33.24
N ALA A 163 -37.10 -46.35 34.08
CA ALA A 163 -35.70 -46.41 33.67
C ALA A 163 -35.00 -47.53 34.40
N VAL A 164 -33.93 -48.05 33.79
CA VAL A 164 -33.20 -49.19 34.32
C VAL A 164 -31.72 -48.87 34.35
N ARG A 165 -31.03 -49.42 35.35
CA ARG A 165 -29.57 -49.36 35.46
C ARG A 165 -29.09 -50.71 35.96
N TYR A 166 -28.08 -51.26 35.30
CA TYR A 166 -27.58 -52.59 35.62
C TYR A 166 -26.06 -52.62 35.51
N GLY A 167 -25.49 -53.80 35.73
CA GLY A 167 -24.06 -53.99 35.67
C GLY A 167 -23.58 -55.19 36.47
N LEU A 168 -22.48 -55.81 36.03
CA LEU A 168 -21.94 -56.95 36.73
C LEU A 168 -21.29 -56.54 38.04
N ASP A 169 -21.41 -57.40 39.05
CA ASP A 169 -20.79 -57.15 40.35
C ASP A 169 -19.41 -57.80 40.38
N ARG A 170 -18.81 -57.86 41.58
CA ARG A 170 -17.46 -58.41 41.70
C ARG A 170 -17.41 -59.89 41.40
N GLU A 171 -18.43 -60.64 41.80
CA GLU A 171 -18.44 -62.09 41.66
C GLU A 171 -18.94 -62.55 40.30
N GLY A 172 -19.51 -61.66 39.50
CA GLY A 172 -19.92 -61.99 38.15
C GLY A 172 -21.39 -62.31 37.96
N GLU A 173 -22.28 -61.70 38.72
CA GLU A 173 -23.72 -61.88 38.54
C GLU A 173 -24.40 -60.52 38.43
N LEU A 174 -25.51 -60.48 37.70
CA LEU A 174 -26.18 -59.22 37.42
C LEU A 174 -26.75 -58.60 38.68
N CYS A 175 -26.52 -57.30 38.85
CA CYS A 175 -27.12 -56.52 39.92
C CYS A 175 -27.54 -55.18 39.37
N GLY A 176 -28.76 -54.76 39.69
CA GLY A 176 -29.28 -53.52 39.14
C GLY A 176 -30.44 -52.98 39.94
N THR A 177 -30.87 -51.77 39.55
CA THR A 177 -31.94 -51.06 40.21
C THR A 177 -32.97 -50.61 39.18
N LEU A 178 -34.24 -50.73 39.53
CA LEU A 178 -35.35 -50.31 38.68
C LEU A 178 -36.02 -49.10 39.31
N TYR A 179 -36.15 -48.02 38.53
CA TYR A 179 -36.77 -46.80 39.00
C TYR A 179 -38.14 -46.63 38.35
N THR A 180 -39.17 -46.48 39.17
CA THR A 180 -40.52 -46.19 38.70
C THR A 180 -40.99 -44.89 39.35
N GLU A 181 -42.18 -44.45 38.94
CA GLU A 181 -42.70 -43.19 39.45
C GLU A 181 -43.01 -43.27 40.95
N ASP A 182 -43.56 -44.39 41.40
CA ASP A 182 -44.00 -44.51 42.78
C ASP A 182 -43.07 -45.36 43.65
N VAL A 183 -42.47 -46.40 43.09
CA VAL A 183 -41.66 -47.33 43.86
C VAL A 183 -40.31 -47.52 43.19
N ASP A 184 -39.34 -47.99 43.97
CA ASP A 184 -38.00 -48.32 43.48
C ASP A 184 -37.70 -49.76 43.85
N VAL A 185 -37.24 -50.55 42.89
CA VAL A 185 -37.02 -51.98 43.07
C VAL A 185 -35.58 -52.30 42.74
N THR A 186 -35.01 -53.26 43.47
CA THR A 186 -33.65 -53.74 43.26
C THR A 186 -33.70 -55.08 42.55
N LEU A 187 -32.92 -55.21 41.47
CA LEU A 187 -32.87 -56.44 40.70
C LEU A 187 -31.63 -57.24 41.09
N ILE A 188 -31.83 -58.50 41.44
CA ILE A 188 -30.76 -59.40 41.84
C ILE A 188 -30.92 -60.73 41.11
N GLY A 189 -29.81 -61.32 40.70
CA GLY A 189 -29.84 -62.62 40.04
C GLY A 189 -28.58 -63.40 40.33
N LYS A 190 -28.75 -64.68 40.63
CA LYS A 190 -27.63 -65.55 41.00
C LYS A 190 -27.39 -66.65 39.98
N ASN A 191 -28.39 -67.48 39.68
CA ASN A 191 -28.19 -68.59 38.77
C ASN A 191 -28.21 -68.14 37.32
N GLY A 192 -28.75 -66.94 37.06
CA GLY A 192 -28.87 -66.44 35.72
C GLY A 192 -30.20 -65.75 35.49
N THR A 193 -31.20 -66.15 36.26
CA THR A 193 -32.50 -65.50 36.21
C THR A 193 -32.48 -64.22 37.03
N MET A 194 -33.61 -63.51 37.04
CA MET A 194 -33.75 -62.25 37.75
C MET A 194 -35.01 -62.28 38.61
N ILE A 195 -34.88 -61.82 39.85
CA ILE A 195 -35.98 -61.76 40.80
C ILE A 195 -35.97 -60.40 41.48
N PHE A 196 -37.15 -59.85 41.72
CA PHE A 196 -37.26 -58.59 42.43
C PHE A 196 -36.91 -58.78 43.91
N GLY A 197 -36.08 -57.91 44.43
CA GLY A 197 -35.53 -58.09 45.77
C GLY A 197 -36.16 -57.27 46.88
N GLU A 198 -36.38 -55.98 46.63
CA GLU A 198 -36.85 -55.09 47.68
C GLU A 198 -37.52 -53.89 47.02
N GLU A 199 -38.41 -53.24 47.78
CA GLU A 199 -39.14 -52.09 47.28
C GLU A 199 -39.06 -50.96 48.29
N SER A 200 -38.82 -49.75 47.80
CA SER A 200 -38.75 -48.56 48.64
C SER A 200 -39.59 -47.46 48.02
N GLU A 201 -40.22 -46.65 48.87
CA GLU A 201 -41.09 -45.59 48.41
C GLU A 201 -40.27 -44.46 47.77
N ASN A 202 -40.91 -43.76 46.83
CA ASN A 202 -40.29 -42.64 46.13
C ASN A 202 -40.78 -41.35 46.78
N VAL A 203 -39.86 -40.64 47.44
CA VAL A 203 -40.22 -39.38 48.08
C VAL A 203 -40.56 -38.32 47.03
N TYR A 204 -39.89 -38.35 45.89
CA TYR A 204 -40.14 -37.38 44.84
C TYR A 204 -41.47 -37.69 44.14
N ASN A 205 -41.94 -36.72 43.36
CA ASN A 205 -43.21 -36.82 42.65
C ASN A 205 -43.05 -37.27 41.20
N ASP A 206 -41.87 -37.70 40.79
CA ASP A 206 -41.63 -38.14 39.42
C ASP A 206 -40.46 -39.10 39.42
N LEU A 207 -39.96 -39.41 38.23
CA LEU A 207 -38.81 -40.30 38.09
C LEU A 207 -37.56 -39.63 38.63
N ALA A 208 -36.61 -40.45 39.08
CA ALA A 208 -35.35 -39.95 39.62
C ALA A 208 -34.26 -39.82 38.56
N VAL A 209 -34.58 -40.08 37.29
CA VAL A 209 -33.61 -40.04 36.22
C VAL A 209 -34.07 -39.03 35.17
N THR A 210 -33.16 -38.13 34.80
CA THR A 210 -33.44 -37.11 33.79
C THR A 210 -32.48 -37.28 32.63
N GLU A 211 -32.98 -37.07 31.42
CA GLU A 211 -32.21 -37.29 30.20
C GLU A 211 -31.91 -35.97 29.52
N PHE A 212 -30.66 -35.76 29.14
CA PHE A 212 -30.23 -34.59 28.39
C PHE A 212 -29.86 -35.04 26.98
N ILE A 213 -30.37 -34.35 25.98
CA ILE A 213 -30.17 -34.74 24.58
C ILE A 213 -29.48 -33.61 23.85
N PHE A 214 -28.47 -33.95 23.05
CA PHE A 214 -27.82 -32.96 22.20
C PHE A 214 -28.73 -32.51 21.07
N ASN A 215 -29.35 -33.46 20.37
CA ASN A 215 -30.25 -33.18 19.27
C ASN A 215 -31.52 -34.00 19.45
N GLU A 216 -32.44 -33.85 18.49
CA GLU A 216 -33.62 -34.70 18.48
C GLU A 216 -33.36 -36.05 17.80
N GLU A 217 -32.35 -36.14 16.94
CA GLU A 217 -31.90 -37.41 16.39
C GLU A 217 -30.82 -38.05 17.24
N ARG A 218 -30.38 -37.37 18.30
CA ARG A 218 -29.43 -37.92 19.28
C ARG A 218 -28.14 -38.36 18.60
N MET A 219 -27.46 -37.41 17.99
CA MET A 219 -26.21 -37.62 17.28
C MET A 219 -25.11 -36.78 17.92
N GLY A 220 -23.88 -37.30 17.86
CA GLY A 220 -22.73 -36.58 18.38
C GLY A 220 -22.30 -35.46 17.45
N ILE A 221 -21.32 -34.68 17.93
CA ILE A 221 -20.82 -33.57 17.13
C ILE A 221 -20.08 -34.07 15.89
N TYR A 222 -19.21 -35.05 16.07
CA TYR A 222 -18.33 -35.52 15.00
C TYR A 222 -18.76 -36.86 14.41
N GLU A 223 -20.04 -37.22 14.54
CA GLU A 223 -20.48 -38.50 14.00
C GLU A 223 -20.51 -38.50 12.48
N THR A 224 -20.66 -37.33 11.86
CA THR A 224 -20.80 -37.26 10.40
C THR A 224 -19.48 -37.00 9.68
N VAL A 225 -18.35 -36.91 10.40
CA VAL A 225 -17.07 -36.62 9.79
C VAL A 225 -16.04 -37.71 10.05
N THR A 226 -16.49 -38.96 10.20
CA THR A 226 -15.54 -40.05 10.45
C THR A 226 -14.76 -40.42 9.20
N ALA A 227 -15.44 -40.47 8.06
CA ALA A 227 -14.78 -40.91 6.82
C ALA A 227 -13.66 -39.96 6.42
N LEU A 228 -13.90 -38.65 6.53
CA LEU A 228 -12.87 -37.67 6.16
C LEU A 228 -11.66 -37.79 7.06
N ILE A 229 -11.88 -37.97 8.37
CA ILE A 229 -10.76 -38.12 9.31
C ILE A 229 -9.95 -39.38 8.97
N ASP A 230 -10.64 -40.49 8.70
CA ASP A 230 -9.93 -41.73 8.38
C ASP A 230 -9.13 -41.57 7.10
N SER A 231 -9.71 -40.94 6.08
CA SER A 231 -8.99 -40.74 4.83
C SER A 231 -7.78 -39.85 5.01
N TYR A 232 -7.92 -38.77 5.79
CA TYR A 232 -6.79 -37.89 6.04
C TYR A 232 -5.66 -38.63 6.76
N ASP A 233 -6.01 -39.41 7.78
CA ASP A 233 -4.99 -40.17 8.50
C ASP A 233 -4.27 -41.14 7.58
N LYS A 234 -5.04 -41.88 6.77
CA LYS A 234 -4.43 -42.85 5.87
C LYS A 234 -3.53 -42.17 4.85
N ALA A 235 -3.97 -41.03 4.29
CA ALA A 235 -3.15 -40.34 3.29
C ALA A 235 -1.86 -39.81 3.90
N ILE A 236 -1.92 -39.21 5.08
CA ILE A 236 -0.70 -38.66 5.67
C ILE A 236 0.25 -39.77 6.06
N SER A 237 -0.28 -40.89 6.58
CA SER A 237 0.58 -42.03 6.91
C SER A 237 1.24 -42.60 5.66
N GLU A 238 0.50 -42.69 4.56
CA GLU A 238 1.06 -43.24 3.33
C GLU A 238 2.14 -42.33 2.76
N LYS A 239 1.93 -41.01 2.83
CA LYS A 239 2.97 -40.09 2.39
C LYS A 239 4.22 -40.22 3.26
N THR A 240 4.04 -40.36 4.57
CA THR A 240 5.19 -40.57 5.46
C THR A 240 5.93 -41.84 5.08
N ASN A 241 5.21 -42.90 4.73
CA ASN A 241 5.85 -44.12 4.24
C ASN A 241 6.63 -43.85 2.97
N ASP A 242 6.06 -43.08 2.05
CA ASP A 242 6.71 -42.84 0.76
C ASP A 242 8.00 -42.05 0.92
N VAL A 243 8.03 -41.10 1.85
CA VAL A 243 9.21 -40.25 2.01
C VAL A 243 10.42 -41.05 2.46
N ASP A 244 10.21 -42.09 3.27
CA ASP A 244 11.32 -42.74 3.96
C ASP A 244 12.13 -43.65 3.06
N TYR A 245 11.52 -44.29 2.07
CA TYR A 245 12.15 -45.42 1.40
C TYR A 245 13.42 -45.02 0.63
N PHE A 246 13.35 -43.97 -0.18
CA PHE A 246 14.43 -43.65 -1.11
C PHE A 246 15.30 -42.52 -0.56
N SER A 247 16.55 -42.51 -1.02
CA SER A 247 17.49 -41.46 -0.67
C SER A 247 17.27 -40.23 -1.57
N ASP A 248 18.15 -39.25 -1.42
CA ASP A 248 18.00 -38.02 -2.19
C ASP A 248 18.73 -38.12 -3.53
N SER A 249 19.97 -38.57 -3.53
CA SER A 249 20.77 -38.66 -4.75
C SER A 249 21.62 -39.92 -4.70
N TYR A 250 21.95 -40.43 -5.89
CA TYR A 250 22.76 -41.63 -6.04
C TYR A 250 23.87 -41.37 -7.04
N LEU A 251 24.93 -42.19 -6.94
CA LEU A 251 26.05 -42.14 -7.86
C LEU A 251 26.10 -43.42 -8.68
N LYS A 252 26.23 -43.27 -9.99
CA LYS A 252 26.20 -44.39 -10.92
C LYS A 252 27.55 -44.53 -11.61
N VAL A 253 28.15 -45.72 -11.49
CA VAL A 253 29.41 -46.04 -12.16
C VAL A 253 29.18 -47.30 -12.97
N VAL A 254 29.33 -47.20 -14.29
CA VAL A 254 29.11 -48.32 -15.20
C VAL A 254 30.36 -48.50 -16.05
N GLY A 255 30.86 -49.73 -16.11
CA GLY A 255 32.01 -50.07 -16.93
C GLY A 255 33.33 -50.11 -16.20
N ALA A 256 33.37 -49.73 -14.92
CA ALA A 256 34.60 -49.74 -14.14
C ALA A 256 34.33 -50.36 -12.78
N MET A 257 35.39 -50.90 -12.19
CA MET A 257 35.30 -51.59 -10.91
C MET A 257 35.61 -50.61 -9.78
N LEU A 258 34.71 -50.52 -8.81
CA LEU A 258 34.89 -49.69 -7.63
C LEU A 258 34.90 -50.58 -6.40
N SER A 259 35.90 -50.41 -5.55
CA SER A 259 36.08 -51.23 -4.36
C SER A 259 35.59 -50.48 -3.12
N PRO A 260 35.09 -51.19 -2.12
CA PRO A 260 34.62 -50.51 -0.90
C PRO A 260 35.70 -49.73 -0.18
N GLU A 261 36.97 -50.11 -0.36
CA GLU A 261 38.05 -49.41 0.32
C GLU A 261 38.22 -47.99 -0.21
N MET A 262 37.97 -47.80 -1.51
CA MET A 262 38.14 -46.47 -2.10
C MET A 262 37.08 -45.50 -1.61
N ILE A 263 35.86 -45.97 -1.38
CA ILE A 263 34.75 -45.11 -1.02
C ILE A 263 34.66 -44.94 0.49
N GLU A 264 35.70 -45.40 1.21
CA GLU A 264 35.73 -45.20 2.65
C GLU A 264 35.78 -43.71 2.99
N LYS A 265 36.57 -42.95 2.26
CA LYS A 265 36.66 -41.50 2.42
C LYS A 265 36.24 -40.85 1.10
N ILE A 266 34.93 -40.63 0.94
CA ILE A 266 34.42 -40.02 -0.29
C ILE A 266 34.13 -38.54 -0.06
N ARG A 267 33.97 -38.13 1.20
CA ARG A 267 33.70 -36.73 1.49
C ARG A 267 34.94 -35.87 1.30
N ASP A 268 36.11 -36.45 1.56
CA ASP A 268 37.37 -35.71 1.55
C ASP A 268 38.09 -35.76 0.21
N THR A 269 37.65 -36.60 -0.72
CA THR A 269 38.29 -36.73 -2.02
C THR A 269 37.32 -36.25 -3.10
N ARG A 270 37.76 -35.29 -3.91
CA ARG A 270 36.89 -34.64 -4.88
C ARG A 270 37.42 -34.74 -6.30
N VAL A 271 38.28 -35.71 -6.59
CA VAL A 271 38.79 -35.94 -7.94
C VAL A 271 38.59 -37.40 -8.30
N ILE A 272 37.96 -37.65 -9.44
CA ILE A 272 37.70 -38.99 -9.95
C ILE A 272 38.50 -39.16 -11.24
N ASN A 273 39.26 -40.25 -11.33
CA ASN A 273 40.16 -40.47 -12.45
C ASN A 273 40.03 -41.91 -12.94
N VAL A 274 39.92 -42.06 -14.26
CA VAL A 274 39.93 -43.38 -14.90
C VAL A 274 41.06 -43.39 -15.92
N PRO A 275 42.23 -43.94 -15.58
CA PRO A 275 43.38 -43.81 -16.50
C PRO A 275 43.28 -44.66 -17.74
N GLU A 276 42.84 -45.92 -17.63
CA GLU A 276 42.81 -46.84 -18.77
C GLU A 276 41.40 -47.42 -18.91
N PRO A 277 40.54 -46.81 -19.72
CA PRO A 277 39.19 -47.34 -19.89
C PRO A 277 39.19 -48.55 -20.80
N PRO A 278 38.22 -49.45 -20.65
CA PRO A 278 38.14 -50.62 -21.55
C PRO A 278 37.85 -50.19 -22.97
N HIS A 279 38.41 -50.93 -23.93
CA HIS A 279 38.27 -50.57 -25.34
C HIS A 279 36.88 -50.89 -25.87
N ASP A 280 36.35 -52.07 -25.52
CA ASP A 280 35.14 -52.56 -26.18
C ASP A 280 33.89 -51.83 -25.70
N VAL A 281 33.78 -51.58 -24.39
CA VAL A 281 32.57 -50.99 -23.83
C VAL A 281 32.80 -49.54 -23.47
N SER A 282 31.72 -48.83 -23.13
CA SER A 282 31.76 -47.41 -22.81
C SER A 282 31.63 -47.20 -21.32
N VAL A 283 32.30 -46.17 -20.81
CA VAL A 283 32.30 -45.83 -19.39
C VAL A 283 31.36 -44.66 -19.18
N ASP A 284 30.42 -44.81 -18.26
CA ASP A 284 29.42 -43.78 -17.95
C ASP A 284 29.43 -43.50 -16.46
N ILE A 285 29.54 -42.23 -16.10
CA ILE A 285 29.54 -41.79 -14.70
C ILE A 285 28.62 -40.59 -14.59
N GLY A 286 27.79 -40.57 -13.55
CA GLY A 286 26.88 -39.45 -13.36
C GLY A 286 26.10 -39.59 -12.08
N PHE A 287 25.26 -38.59 -11.81
CA PHE A 287 24.41 -38.54 -10.63
C PHE A 287 22.96 -38.80 -11.01
N LEU A 288 22.24 -39.52 -10.16
CA LEU A 288 20.82 -39.73 -10.30
C LEU A 288 20.10 -39.01 -9.16
N ASP A 289 19.05 -38.26 -9.49
CA ASP A 289 18.31 -37.48 -8.50
C ASP A 289 16.91 -38.04 -8.33
N LYS A 290 16.45 -38.06 -7.09
CA LYS A 290 15.09 -38.51 -6.82
C LYS A 290 14.10 -37.40 -7.18
N PRO A 291 13.11 -37.69 -8.01
CA PRO A 291 12.15 -36.65 -8.41
C PRO A 291 11.23 -36.28 -7.25
N ASP A 292 11.17 -34.98 -6.95
CA ASP A 292 10.35 -34.44 -5.87
C ASP A 292 9.37 -33.43 -6.46
N SER A 293 8.20 -33.92 -6.86
CA SER A 293 7.15 -33.09 -7.44
C SER A 293 5.80 -33.68 -7.05
N ASP A 294 5.17 -33.11 -6.02
CA ASP A 294 3.88 -33.55 -5.54
C ASP A 294 2.93 -32.36 -5.50
N SER A 295 1.82 -32.46 -6.20
CA SER A 295 0.84 -31.39 -6.22
C SER A 295 -0.58 -31.88 -5.97
N GLN A 296 -0.88 -33.13 -6.33
CA GLN A 296 -2.23 -33.65 -6.13
C GLN A 296 -2.50 -33.95 -4.66
N THR A 297 -1.52 -34.54 -3.97
CA THR A 297 -1.69 -34.89 -2.56
C THR A 297 -1.93 -33.65 -1.71
N GLU A 298 -1.18 -32.58 -1.97
CA GLU A 298 -1.35 -31.35 -1.20
C GLU A 298 -2.75 -30.79 -1.36
N ASN A 299 -3.26 -30.74 -2.59
CA ASN A 299 -4.60 -30.22 -2.82
C ASN A 299 -5.65 -31.09 -2.16
N LEU A 300 -5.52 -32.41 -2.26
CA LEU A 300 -6.48 -33.30 -1.63
C LEU A 300 -6.49 -33.10 -0.11
N LEU A 301 -5.30 -33.04 0.50
CA LEU A 301 -5.23 -32.86 1.94
C LEU A 301 -5.81 -31.52 2.37
N ASP A 302 -5.55 -30.46 1.60
CA ASP A 302 -6.11 -29.16 1.93
C ASP A 302 -7.62 -29.17 1.88
N ARG A 303 -8.20 -29.77 0.83
CA ARG A 303 -9.66 -29.83 0.74
C ARG A 303 -10.25 -30.62 1.90
N ILE A 304 -9.65 -31.77 2.22
CA ILE A 304 -10.19 -32.59 3.31
C ILE A 304 -10.10 -31.84 4.63
N ASP A 305 -8.96 -31.17 4.89
CA ASP A 305 -8.78 -30.45 6.14
C ASP A 305 -9.79 -29.31 6.26
N LYS A 306 -10.02 -28.57 5.17
CA LYS A 306 -11.01 -27.50 5.22
C LYS A 306 -12.41 -28.04 5.46
N HIS A 307 -12.77 -29.15 4.78
CA HIS A 307 -14.11 -29.69 4.93
C HIS A 307 -14.37 -30.20 6.33
N ILE A 308 -13.36 -30.82 6.96
CA ILE A 308 -13.57 -31.35 8.31
C ILE A 308 -13.97 -30.24 9.28
N TYR A 309 -13.30 -29.09 9.19
CA TYR A 309 -13.63 -27.99 10.10
C TYR A 309 -14.94 -27.33 9.71
N GLN A 310 -15.19 -27.17 8.40
CA GLN A 310 -16.40 -26.46 7.98
C GLN A 310 -17.67 -27.24 8.31
N ILE A 311 -17.67 -28.55 8.01
CA ILE A 311 -18.89 -29.34 8.20
C ILE A 311 -19.24 -29.48 9.67
N ALA A 312 -18.24 -29.61 10.54
CA ALA A 312 -18.48 -29.79 11.97
C ALA A 312 -18.98 -28.54 12.65
N MET A 313 -19.01 -27.40 11.95
CA MET A 313 -19.47 -26.13 12.51
C MET A 313 -18.65 -25.72 13.72
N VAL A 314 -17.34 -25.91 13.65
CA VAL A 314 -16.41 -25.44 14.65
C VAL A 314 -15.29 -24.69 13.95
N ALA A 315 -15.00 -23.49 14.45
CA ALA A 315 -14.08 -22.58 13.80
C ALA A 315 -12.65 -22.90 14.19
N ASN A 316 -11.76 -22.86 13.20
CA ASN A 316 -10.32 -23.06 13.41
C ASN A 316 -9.73 -21.71 13.73
N ILE A 317 -9.71 -21.36 15.02
CA ILE A 317 -9.28 -20.04 15.45
C ILE A 317 -7.80 -19.81 15.19
N SER A 318 -6.95 -20.81 15.42
CA SER A 318 -5.51 -20.64 15.35
C SER A 318 -4.96 -20.74 13.93
N ASP A 319 -5.83 -20.80 12.92
CA ASP A 319 -5.36 -20.87 11.54
C ASP A 319 -4.66 -19.58 11.14
N GLU A 320 -3.65 -19.70 10.28
CA GLU A 320 -2.91 -18.52 9.83
C GLU A 320 -3.72 -17.65 8.89
N SER A 321 -4.66 -18.22 8.14
CA SER A 321 -5.51 -17.47 7.24
C SER A 321 -6.77 -16.96 7.93
N PHE A 322 -6.83 -17.03 9.26
CA PHE A 322 -7.98 -16.56 10.00
C PHE A 322 -8.07 -15.04 9.90
N GLY A 323 -9.20 -14.49 10.35
CA GLY A 323 -9.46 -13.06 10.23
C GLY A 323 -8.35 -12.18 10.76
N SER A 324 -7.98 -11.16 10.01
CA SER A 324 -6.83 -10.31 10.33
C SER A 324 -7.24 -8.84 10.33
N SER A 325 -6.92 -8.14 11.43
CA SER A 325 -7.03 -6.68 11.51
C SER A 325 -8.44 -6.18 11.18
N SER A 326 -9.40 -6.58 12.00
CA SER A 326 -10.77 -6.12 11.84
C SER A 326 -11.54 -6.33 13.14
N GLY A 327 -12.33 -5.34 13.52
CA GLY A 327 -13.13 -5.47 14.73
C GLY A 327 -14.29 -6.42 14.58
N VAL A 328 -15.00 -6.35 13.45
CA VAL A 328 -16.23 -7.10 13.29
C VAL A 328 -16.02 -8.37 12.47
N ALA A 329 -15.09 -8.34 11.53
CA ALA A 329 -14.87 -9.50 10.66
C ALA A 329 -14.43 -10.72 11.47
N LEU A 330 -13.73 -10.49 12.58
CA LEU A 330 -13.37 -11.59 13.46
C LEU A 330 -14.60 -12.17 14.16
N ALA A 331 -15.55 -11.30 14.53
CA ALA A 331 -16.74 -11.77 15.22
C ALA A 331 -17.65 -12.58 14.31
N TYR A 332 -17.61 -12.30 13.01
CA TYR A 332 -18.46 -13.02 12.07
C TYR A 332 -18.07 -14.49 11.96
N LYS A 333 -16.76 -14.77 11.97
CA LYS A 333 -16.28 -16.12 11.71
C LYS A 333 -16.71 -17.09 12.81
N LEU A 334 -17.05 -16.57 13.98
CA LEU A 334 -17.47 -17.39 15.11
C LEU A 334 -18.98 -17.63 15.15
N GLN A 335 -19.71 -17.14 14.16
CA GLN A 335 -21.18 -17.22 14.21
C GLN A 335 -21.72 -18.65 14.21
N PRO A 336 -21.26 -19.59 13.37
CA PRO A 336 -21.84 -20.94 13.42
C PRO A 336 -21.72 -21.62 14.77
N MET A 337 -20.60 -21.42 15.46
CA MET A 337 -20.46 -21.99 16.80
C MET A 337 -21.48 -21.38 17.76
N SER A 338 -21.73 -20.07 17.63
CA SER A 338 -22.76 -19.43 18.44
C SER A 338 -24.14 -20.02 18.13
N ASN A 339 -24.41 -20.27 16.84
CA ASN A 339 -25.70 -20.87 16.48
C ASN A 339 -25.87 -22.25 17.09
N LEU A 340 -24.82 -23.08 17.03
CA LEU A 340 -24.88 -24.41 17.62
C LEU A 340 -25.07 -24.33 19.14
N ALA A 341 -24.36 -23.41 19.79
CA ALA A 341 -24.53 -23.24 21.23
C ALA A 341 -25.94 -22.80 21.58
N ALA A 342 -26.51 -21.88 20.79
CA ALA A 342 -27.89 -21.46 21.03
C ALA A 342 -28.86 -22.61 20.84
N ALA A 343 -28.61 -23.46 19.85
CA ALA A 343 -29.47 -24.62 19.63
C ALA A 343 -29.43 -25.57 20.82
N PHE A 344 -28.23 -25.82 21.36
CA PHE A 344 -28.12 -26.73 22.50
C PHE A 344 -28.69 -26.11 23.77
N GLU A 345 -28.60 -24.79 23.90
CA GLU A 345 -29.11 -24.12 25.09
C GLU A 345 -30.61 -24.33 25.26
N ARG A 346 -31.34 -24.48 24.15
CA ARG A 346 -32.78 -24.66 24.23
C ARG A 346 -33.13 -25.92 25.01
N LYS A 347 -32.42 -27.02 24.76
CA LYS A 347 -32.66 -28.24 25.52
C LYS A 347 -32.07 -28.14 26.93
N PHE A 348 -30.89 -27.53 27.05
CA PHE A 348 -30.24 -27.48 28.36
C PHE A 348 -31.06 -26.68 29.37
N GLN A 349 -31.63 -25.55 28.95
CA GLN A 349 -32.43 -24.73 29.85
C GLN A 349 -33.68 -25.46 30.32
N ALA A 350 -34.36 -26.14 29.39
CA ALA A 350 -35.55 -26.90 29.78
C ALA A 350 -35.20 -28.01 30.75
N ALA A 351 -34.08 -28.70 30.53
CA ALA A 351 -33.66 -29.74 31.46
C ALA A 351 -33.35 -29.18 32.84
N LEU A 352 -32.66 -28.03 32.90
CA LEU A 352 -32.37 -27.40 34.19
C LEU A 352 -33.66 -26.97 34.88
N THR A 353 -34.62 -26.46 34.11
CA THR A 353 -35.91 -26.08 34.67
C THR A 353 -36.61 -27.29 35.27
N GLN A 354 -36.57 -28.43 34.59
CA GLN A 354 -37.15 -29.64 35.15
C GLN A 354 -36.46 -30.05 36.45
N ARG A 355 -35.12 -29.97 36.47
CA ARG A 355 -34.40 -30.33 37.68
C ARG A 355 -34.79 -29.46 38.85
N TYR A 356 -34.85 -28.13 38.64
CA TYR A 356 -35.16 -27.24 39.75
C TYR A 356 -36.64 -27.31 40.12
N LYS A 357 -37.50 -27.68 39.18
CA LYS A 357 -38.88 -27.99 39.51
C LYS A 357 -38.96 -29.18 40.46
N MET A 358 -38.18 -30.23 40.18
CA MET A 358 -38.23 -31.41 41.02
C MET A 358 -37.56 -31.16 42.36
N PHE A 359 -36.62 -30.21 42.41
CA PHE A 359 -35.86 -29.98 43.64
C PHE A 359 -36.76 -29.49 44.78
N MET A 360 -37.58 -28.46 44.52
CA MET A 360 -38.27 -27.80 45.63
C MET A 360 -39.57 -28.50 46.00
N SER A 361 -39.84 -29.66 45.43
CA SER A 361 -41.06 -30.38 45.78
C SER A 361 -41.05 -30.81 47.24
N LEU A 362 -39.89 -31.23 47.75
CA LEU A 362 -39.80 -31.68 49.13
C LEU A 362 -40.06 -30.53 50.09
N LEU A 363 -40.71 -30.85 51.21
CA LEU A 363 -41.03 -29.82 52.20
C LEU A 363 -39.78 -29.40 52.98
N THR A 364 -38.76 -30.26 53.03
CA THR A 364 -37.55 -29.92 53.78
C THR A 364 -36.82 -28.74 53.14
N ASN A 365 -36.74 -28.72 51.80
CA ASN A 365 -36.01 -27.64 51.14
C ASN A 365 -36.69 -26.29 51.31
N VAL A 366 -37.99 -26.23 51.01
CA VAL A 366 -38.75 -24.98 51.08
C VAL A 366 -40.12 -25.26 51.66
N SER A 367 -40.81 -24.20 52.07
CA SER A 367 -42.14 -24.34 52.63
C SER A 367 -43.14 -24.72 51.54
N ALA A 368 -44.30 -25.21 51.98
CA ALA A 368 -45.33 -25.67 51.04
C ALA A 368 -45.89 -24.52 50.22
N ASN A 369 -45.86 -23.30 50.77
CA ASN A 369 -46.42 -22.16 50.05
C ASN A 369 -45.63 -21.85 48.78
N LEU A 370 -44.31 -21.98 48.84
CA LEU A 370 -43.43 -21.61 47.74
C LEU A 370 -43.14 -22.75 46.77
N SER A 371 -43.81 -23.88 46.92
CA SER A 371 -43.51 -25.04 46.08
C SER A 371 -43.77 -24.75 44.61
N ASN A 372 -44.87 -24.07 44.29
CA ASN A 372 -45.28 -23.81 42.92
C ASN A 372 -44.65 -22.55 42.34
N GLU A 373 -43.53 -22.09 42.90
CA GLU A 373 -42.90 -20.86 42.46
C GLU A 373 -41.70 -21.10 41.55
N TRP A 374 -41.50 -22.34 41.09
CA TRP A 374 -40.35 -22.65 40.26
C TRP A 374 -40.44 -21.98 38.89
N ARG A 375 -41.61 -21.43 38.55
CA ARG A 375 -41.76 -20.70 37.28
C ARG A 375 -40.89 -19.46 37.23
N GLY A 376 -40.55 -18.88 38.38
CA GLY A 376 -39.92 -17.57 38.38
C GLY A 376 -38.41 -17.62 38.18
N ILE A 377 -37.84 -18.82 38.15
CA ILE A 377 -36.39 -18.94 37.99
C ILE A 377 -35.99 -18.45 36.60
N GLU A 378 -34.96 -17.62 36.55
CA GLU A 378 -34.45 -17.06 35.30
C GLU A 378 -33.00 -17.47 35.11
N PHE A 379 -32.68 -17.94 33.91
CA PHE A 379 -31.34 -18.42 33.58
C PHE A 379 -30.68 -17.45 32.61
N ARG A 380 -29.40 -17.15 32.86
CA ARG A 380 -28.61 -16.31 31.98
C ARG A 380 -27.34 -17.05 31.59
N PHE A 381 -27.12 -17.18 30.28
CA PHE A 381 -25.96 -17.87 29.74
C PHE A 381 -25.09 -16.88 28.99
N THR A 382 -23.77 -16.98 29.16
CA THR A 382 -22.81 -16.13 28.47
C THR A 382 -21.73 -16.99 27.85
N ARG A 383 -21.25 -16.59 26.68
CA ARG A 383 -20.22 -17.32 25.96
C ARG A 383 -18.84 -16.83 26.35
N ASN A 384 -17.83 -17.64 26.06
CA ASN A 384 -16.44 -17.33 26.41
C ASN A 384 -15.76 -16.75 25.17
N ILE A 385 -15.72 -15.42 25.10
CA ILE A 385 -15.06 -14.72 24.00
C ILE A 385 -14.18 -13.62 24.59
N PRO A 386 -13.17 -13.18 23.84
CA PRO A 386 -12.34 -12.06 24.32
C PRO A 386 -13.19 -10.83 24.57
N LYS A 387 -12.88 -10.13 25.65
CA LYS A 387 -13.68 -9.01 26.12
C LYS A 387 -12.80 -7.81 26.42
N ASN A 388 -13.34 -6.62 26.20
CA ASN A 388 -12.64 -5.36 26.47
C ASN A 388 -13.29 -4.70 27.67
N VAL A 389 -12.51 -4.46 28.72
CA VAL A 389 -13.06 -3.93 29.96
C VAL A 389 -13.47 -2.47 29.79
N LEU A 390 -12.66 -1.69 29.06
CA LEU A 390 -12.94 -0.26 28.92
C LEU A 390 -14.27 -0.01 28.21
N GLU A 391 -14.55 -0.77 27.16
CA GLU A 391 -15.81 -0.62 26.45
C GLU A 391 -16.99 -0.94 27.34
N GLU A 392 -16.87 -2.00 28.15
CA GLU A 392 -17.94 -2.34 29.09
C GLU A 392 -18.14 -1.23 30.13
N ALA A 393 -17.04 -0.66 30.63
CA ALA A 393 -17.16 0.42 31.60
C ALA A 393 -17.84 1.64 31.00
N GLN A 394 -17.47 2.00 29.76
CA GLN A 394 -18.12 3.13 29.10
C GLN A 394 -19.60 2.85 28.86
N THR A 395 -19.92 1.62 28.46
CA THR A 395 -21.32 1.25 28.27
C THR A 395 -22.10 1.36 29.57
N ALA A 396 -21.52 0.91 30.68
CA ALA A 396 -22.20 1.04 31.97
C ALA A 396 -22.40 2.50 32.34
N VAL A 397 -21.39 3.33 32.11
CA VAL A 397 -21.51 4.76 32.42
C VAL A 397 -22.65 5.38 31.62
N GLN A 398 -22.71 5.06 30.32
CA GLN A 398 -23.79 5.61 29.49
C GLN A 398 -25.16 5.07 29.91
N LEU A 399 -25.23 3.79 30.29
CA LEU A 399 -26.52 3.20 30.61
C LEU A 399 -27.03 3.65 31.98
N ALA A 400 -26.11 4.11 32.84
CA ALA A 400 -26.54 4.56 34.16
C ALA A 400 -27.48 5.77 34.08
N THR A 401 -27.49 6.46 32.94
CA THR A 401 -28.32 7.66 32.80
C THR A 401 -29.79 7.29 32.63
N ILE A 402 -30.08 6.22 31.90
CA ILE A 402 -31.44 5.91 31.47
C ILE A 402 -31.96 4.63 32.12
N ALA A 403 -31.09 3.69 32.47
CA ALA A 403 -31.51 2.39 32.95
C ALA A 403 -31.35 2.33 34.46
N SER A 404 -31.86 1.25 35.05
CA SER A 404 -31.81 1.06 36.48
C SER A 404 -30.41 0.64 36.92
N GLN A 405 -30.23 0.55 38.24
CA GLN A 405 -28.91 0.21 38.78
C GLN A 405 -28.57 -1.26 38.55
N GLU A 406 -29.57 -2.14 38.67
CA GLU A 406 -29.33 -3.57 38.46
C GLU A 406 -28.91 -3.84 37.03
N THR A 407 -29.61 -3.25 36.06
CA THR A 407 -29.24 -3.44 34.65
C THR A 407 -27.86 -2.85 34.37
N THR A 408 -27.56 -1.69 34.96
CA THR A 408 -26.25 -1.07 34.76
C THR A 408 -25.14 -1.96 35.29
N LEU A 409 -25.34 -2.55 36.47
CA LEU A 409 -24.31 -3.42 37.04
C LEU A 409 -24.27 -4.78 36.36
N SER A 410 -25.33 -5.16 35.65
CA SER A 410 -25.33 -6.46 34.97
C SER A 410 -24.33 -6.49 33.83
N VAL A 411 -24.15 -5.37 33.12
CA VAL A 411 -23.27 -5.34 31.97
C VAL A 411 -21.82 -5.56 32.38
N LEU A 412 -21.43 -5.02 33.54
CA LEU A 412 -20.04 -5.09 33.98
C LEU A 412 -19.63 -6.55 34.21
N SER A 413 -18.62 -6.99 33.46
CA SER A 413 -18.13 -8.36 33.61
C SER A 413 -17.30 -8.52 34.88
N VAL A 414 -16.76 -7.41 35.39
CA VAL A 414 -15.94 -7.48 36.60
C VAL A 414 -16.77 -7.91 37.80
N VAL A 415 -18.03 -7.49 37.84
CA VAL A 415 -18.92 -7.79 38.96
C VAL A 415 -19.26 -9.28 38.97
N PRO A 416 -18.89 -10.02 40.02
CA PRO A 416 -19.32 -11.43 40.08
C PRO A 416 -20.78 -11.60 40.46
N ASP A 417 -21.27 -10.84 41.45
CA ASP A 417 -22.64 -10.92 41.91
C ASP A 417 -23.21 -9.52 42.06
N VAL A 418 -24.41 -9.29 41.53
CA VAL A 418 -25.01 -7.97 41.58
C VAL A 418 -25.42 -7.62 43.02
N ARG A 419 -26.05 -8.56 43.71
CA ARG A 419 -26.62 -8.28 45.02
C ARG A 419 -25.55 -7.88 46.03
N ALA A 420 -24.39 -8.54 45.99
CA ALA A 420 -23.30 -8.17 46.89
C ALA A 420 -22.83 -6.74 46.64
N GLU A 421 -22.72 -6.35 45.37
CA GLU A 421 -22.31 -4.99 45.05
C GLU A 421 -23.35 -3.97 45.51
N MET A 422 -24.64 -4.28 45.30
CA MET A 422 -25.67 -3.36 45.79
C MET A 422 -25.61 -3.22 47.31
N ASP A 423 -25.41 -4.33 48.01
CA ASP A 423 -25.31 -4.29 49.46
C ASP A 423 -24.11 -3.45 49.91
N ARG A 424 -22.96 -3.62 49.23
CA ARG A 424 -21.78 -2.86 49.60
C ARG A 424 -21.97 -1.37 49.32
N ILE A 425 -22.59 -1.03 48.19
CA ILE A 425 -22.85 0.37 47.89
C ILE A 425 -23.80 0.98 48.92
N HIS A 426 -24.83 0.24 49.30
CA HIS A 426 -25.75 0.75 50.33
C HIS A 426 -25.04 0.90 51.66
N SER A 427 -24.13 -0.02 51.99
CA SER A 427 -23.37 0.08 53.23
C SER A 427 -22.48 1.32 53.23
N GLU A 428 -21.86 1.62 52.09
CA GLU A 428 -21.02 2.83 52.00
C GLU A 428 -21.84 4.08 52.23
N ARG A 429 -23.04 4.16 51.66
CA ARG A 429 -23.91 5.31 51.85
C ARG A 429 -25.38 4.91 51.74
N LEU B 4 -38.59 -37.94 -10.08
CA LEU B 4 -39.87 -38.21 -9.43
C LEU B 4 -40.70 -36.94 -9.31
N GLU B 5 -41.29 -36.75 -8.13
CA GLU B 5 -42.11 -35.58 -7.84
C GLU B 5 -41.33 -34.60 -6.99
N ILE B 6 -41.37 -33.32 -7.39
CA ILE B 6 -40.63 -32.27 -6.70
C ILE B 6 -41.54 -31.34 -5.90
N GLY B 7 -42.77 -31.73 -5.64
CA GLY B 7 -43.68 -30.92 -4.85
C GLY B 7 -44.85 -31.75 -4.38
N PHE B 8 -45.62 -31.16 -3.47
CA PHE B 8 -46.80 -31.80 -2.90
C PHE B 8 -48.04 -30.98 -3.22
N GLU B 9 -49.10 -31.64 -3.68
CA GLU B 9 -50.35 -31.00 -4.04
C GLU B 9 -51.40 -31.33 -2.99
N VAL B 10 -52.14 -30.32 -2.55
CA VAL B 10 -53.11 -30.51 -1.48
C VAL B 10 -54.30 -31.32 -1.97
N PHE B 11 -54.84 -32.14 -1.08
CA PHE B 11 -56.05 -32.89 -1.39
C PHE B 11 -57.27 -31.99 -1.28
N THR B 12 -58.25 -32.20 -2.16
CA THR B 12 -59.47 -31.42 -2.15
C THR B 12 -60.67 -32.37 -2.18
N PHE B 13 -61.63 -32.12 -1.30
CA PHE B 13 -62.84 -32.92 -1.22
C PHE B 13 -64.07 -32.02 -1.15
N PRO B 14 -65.15 -32.40 -1.81
CA PRO B 14 -66.37 -31.57 -1.76
C PRO B 14 -66.95 -31.52 -0.36
N ARG B 15 -67.61 -30.40 -0.05
CA ARG B 15 -68.00 -30.09 1.32
C ARG B 15 -69.19 -30.95 1.78
N GLU B 16 -70.20 -31.11 0.92
CA GLU B 16 -71.50 -31.55 1.38
C GLU B 16 -71.53 -33.03 1.70
N GLU B 17 -70.88 -33.86 0.89
CA GLU B 17 -71.00 -35.31 1.03
C GLU B 17 -70.37 -35.79 2.34
N GLU B 18 -70.91 -36.89 2.86
CA GLU B 18 -70.42 -37.45 4.11
C GLU B 18 -69.04 -38.06 3.94
N ILE B 19 -68.31 -38.17 5.05
CA ILE B 19 -66.97 -38.73 5.06
C ILE B 19 -67.10 -40.21 5.41
N THR B 20 -66.99 -41.07 4.39
CA THR B 20 -67.10 -42.51 4.58
C THR B 20 -65.71 -43.15 4.64
N ILE B 21 -65.70 -44.45 4.94
CA ILE B 21 -64.44 -45.16 5.14
C ILE B 21 -63.67 -45.30 3.83
N GLU B 22 -64.39 -45.38 2.71
CA GLU B 22 -63.74 -45.58 1.42
C GLU B 22 -62.91 -44.37 1.02
N VAL B 23 -63.42 -43.17 1.25
CA VAL B 23 -62.66 -41.96 0.96
C VAL B 23 -61.40 -41.91 1.80
N ILE B 24 -61.51 -42.25 3.09
CA ILE B 24 -60.36 -42.25 3.97
C ILE B 24 -59.33 -43.25 3.48
N GLU B 25 -59.76 -44.46 3.08
CA GLU B 25 -58.82 -45.47 2.61
C GLU B 25 -58.14 -45.04 1.31
N GLU B 26 -58.88 -44.38 0.42
CA GLU B 26 -58.28 -43.85 -0.80
C GLU B 26 -57.21 -42.82 -0.47
N PHE B 27 -57.46 -41.97 0.52
CA PHE B 27 -56.45 -41.00 0.92
C PHE B 27 -55.25 -41.70 1.57
N MET B 28 -55.50 -42.79 2.30
CA MET B 28 -54.38 -43.59 2.82
C MET B 28 -53.50 -44.08 1.68
N SER B 29 -54.12 -44.60 0.61
CA SER B 29 -53.34 -45.05 -0.54
C SER B 29 -52.55 -43.91 -1.17
N LEU B 30 -53.20 -42.74 -1.32
CA LEU B 30 -52.51 -41.61 -1.92
C LEU B 30 -51.31 -41.17 -1.10
N HIS B 31 -51.45 -41.15 0.22
CA HIS B 31 -50.33 -40.73 1.08
C HIS B 31 -49.23 -41.78 1.11
N SER B 32 -49.60 -43.06 1.08
CA SER B 32 -48.60 -44.12 1.02
C SER B 32 -47.82 -44.04 -0.28
N LYS B 33 -48.46 -43.56 -1.34
CA LYS B 33 -47.73 -43.32 -2.59
C LYS B 33 -46.67 -42.24 -2.41
N GLN B 34 -46.96 -41.21 -1.62
CA GLN B 34 -46.08 -40.05 -1.49
C GLN B 34 -45.00 -40.22 -0.43
N GLN B 35 -45.15 -41.17 0.48
CA GLN B 35 -44.17 -41.34 1.56
C GLN B 35 -42.70 -41.46 1.11
N PRO B 36 -42.35 -42.17 0.02
CA PRO B 36 -40.92 -42.33 -0.30
C PRO B 36 -40.16 -41.02 -0.45
N ARG B 37 -40.79 -39.96 -0.94
CA ARG B 37 -40.09 -38.68 -1.05
C ARG B 37 -39.67 -38.16 0.32
N TYR B 38 -40.58 -38.23 1.30
CA TYR B 38 -40.25 -37.85 2.66
C TYR B 38 -39.13 -38.73 3.22
N GLU B 39 -39.20 -40.03 2.94
CA GLU B 39 -38.16 -40.93 3.42
C GLU B 39 -36.80 -40.55 2.87
N ARG B 40 -36.72 -40.27 1.56
CA ARG B 40 -35.44 -39.89 0.97
C ARG B 40 -34.94 -38.56 1.53
N LEU B 41 -35.84 -37.59 1.69
CA LEU B 41 -35.43 -36.29 2.21
C LEU B 41 -34.89 -36.40 3.63
N MET B 42 -35.51 -37.23 4.46
CA MET B 42 -35.00 -37.42 5.82
C MET B 42 -33.68 -38.16 5.81
N LYS B 43 -33.56 -39.19 4.97
CA LYS B 43 -32.32 -39.99 4.94
C LYS B 43 -31.14 -39.15 4.47
N MET B 44 -31.38 -38.23 3.52
CA MET B 44 -30.29 -37.37 3.07
C MET B 44 -29.76 -36.48 4.19
N TYR B 45 -30.67 -35.93 5.01
CA TYR B 45 -30.24 -35.08 6.12
C TYR B 45 -29.55 -35.89 7.20
N LYS B 46 -30.08 -37.07 7.54
CA LYS B 46 -29.60 -37.81 8.70
C LYS B 46 -28.12 -38.18 8.60
N GLY B 47 -27.56 -38.27 7.40
CA GLY B 47 -26.15 -38.60 7.25
C GLY B 47 -25.87 -39.62 6.17
N ASP B 48 -26.81 -40.53 5.94
CA ASP B 48 -26.65 -41.50 4.86
C ASP B 48 -26.70 -40.81 3.50
N ALA B 49 -25.96 -41.36 2.54
CA ALA B 49 -25.85 -40.75 1.23
C ALA B 49 -26.04 -41.83 0.17
N ALA B 50 -26.26 -41.38 -1.06
CA ALA B 50 -26.46 -42.33 -2.16
C ALA B 50 -25.15 -42.93 -2.63
N ILE B 51 -24.02 -42.33 -2.26
CA ILE B 51 -22.72 -42.85 -2.68
C ILE B 51 -22.47 -44.22 -2.09
N PHE B 52 -23.02 -44.48 -0.90
CA PHE B 52 -22.76 -45.75 -0.23
C PHE B 52 -23.45 -46.92 -0.94
N ALA B 53 -24.44 -46.64 -1.78
CA ALA B 53 -25.21 -47.68 -2.45
C ALA B 53 -24.66 -48.06 -3.82
N ARG B 54 -23.53 -47.49 -4.23
CA ARG B 54 -22.98 -47.79 -5.54
C ARG B 54 -22.41 -49.20 -5.59
N LYS B 55 -22.36 -49.76 -6.80
CA LYS B 55 -21.88 -51.12 -6.98
C LYS B 55 -20.39 -51.23 -6.70
N ALA B 56 -19.97 -52.39 -6.20
CA ALA B 56 -18.59 -52.59 -5.81
C ALA B 56 -17.68 -52.71 -7.03
N LYS B 57 -16.39 -52.53 -6.79
CA LYS B 57 -15.38 -52.58 -7.84
C LYS B 57 -14.76 -53.99 -7.87
N GLU B 58 -13.67 -54.15 -8.63
CA GLU B 58 -12.97 -55.41 -8.72
C GLU B 58 -12.32 -55.76 -7.38
N PRO B 59 -12.02 -57.04 -7.14
CA PRO B 59 -11.61 -57.46 -5.79
C PRO B 59 -10.41 -56.73 -5.23
N HIS B 60 -9.41 -56.39 -6.04
CA HIS B 60 -8.16 -55.85 -5.53
C HIS B 60 -7.92 -54.40 -5.87
N LYS B 61 -8.81 -53.77 -6.63
CA LYS B 61 -8.66 -52.34 -6.86
C LYS B 61 -9.15 -51.55 -5.66
N PRO B 62 -8.51 -50.42 -5.35
CA PRO B 62 -8.94 -49.62 -4.20
C PRO B 62 -10.32 -49.03 -4.42
N ASP B 63 -11.06 -48.87 -3.33
CA ASP B 63 -12.39 -48.30 -3.36
C ASP B 63 -12.60 -47.45 -2.10
N ASN B 64 -12.75 -46.15 -2.27
CA ASN B 64 -12.96 -45.22 -1.17
C ASN B 64 -14.27 -44.49 -1.37
N ARG B 65 -15.04 -44.35 -0.29
CA ARG B 65 -16.34 -43.70 -0.32
C ARG B 65 -16.34 -42.56 0.70
N LEU B 66 -16.44 -41.33 0.21
CA LEU B 66 -16.45 -40.13 1.05
C LEU B 66 -17.74 -39.38 0.84
N ASN B 67 -18.33 -38.90 1.93
CA ASN B 67 -19.57 -38.14 1.89
C ASN B 67 -19.34 -36.78 2.56
N VAL B 68 -19.71 -35.72 1.86
CA VAL B 68 -19.65 -34.36 2.40
C VAL B 68 -21.08 -33.89 2.60
N ASN B 69 -21.44 -33.62 3.85
CA ASN B 69 -22.84 -33.36 4.21
C ASN B 69 -23.08 -31.86 4.18
N TYR B 70 -23.83 -31.40 3.18
CA TYR B 70 -24.23 -30.00 3.07
C TYR B 70 -25.62 -29.73 3.63
N ALA B 71 -26.51 -30.72 3.56
CA ALA B 71 -27.89 -30.50 3.99
C ALA B 71 -27.95 -30.17 5.48
N LYS B 72 -27.21 -30.91 6.31
CA LYS B 72 -27.20 -30.62 7.74
C LYS B 72 -26.65 -29.23 8.02
N TYR B 73 -25.57 -28.85 7.33
CA TYR B 73 -25.01 -27.52 7.52
C TYR B 73 -26.01 -26.43 7.17
N ILE B 74 -26.66 -26.56 6.01
CA ILE B 74 -27.62 -25.54 5.59
C ILE B 74 -28.78 -25.45 6.57
N THR B 75 -29.36 -26.61 6.94
CA THR B 75 -30.52 -26.61 7.82
C THR B 75 -30.18 -26.03 9.19
N ASP B 76 -29.04 -26.44 9.76
CA ASP B 76 -28.66 -25.94 11.07
C ASP B 76 -28.36 -24.44 11.03
N THR B 77 -27.68 -23.97 9.98
CA THR B 77 -27.38 -22.55 9.89
C THR B 77 -28.65 -21.73 9.78
N PHE B 78 -29.60 -22.16 8.94
CA PHE B 78 -30.83 -21.39 8.80
C PHE B 78 -31.67 -21.43 10.08
N SER B 79 -31.72 -22.59 10.74
CA SER B 79 -32.48 -22.70 11.98
C SER B 79 -31.88 -21.81 13.06
N GLY B 80 -30.54 -21.75 13.14
CA GLY B 80 -29.91 -20.85 14.09
C GLY B 80 -30.15 -19.39 13.76
N PHE B 81 -30.13 -19.05 12.48
CA PHE B 81 -30.35 -17.66 12.07
C PHE B 81 -31.76 -17.21 12.42
N PHE B 82 -32.77 -18.00 12.05
CA PHE B 82 -34.15 -17.55 12.19
C PHE B 82 -34.58 -17.53 13.66
N ASN B 83 -34.57 -18.69 14.31
CA ASN B 83 -35.08 -18.84 15.66
C ASN B 83 -33.96 -18.84 16.71
N GLY B 84 -32.87 -18.11 16.46
CA GLY B 84 -31.81 -18.04 17.44
C GLY B 84 -32.23 -17.34 18.72
N ILE B 85 -32.97 -16.25 18.59
CA ILE B 85 -33.52 -15.49 19.71
C ILE B 85 -35.02 -15.73 19.76
N PRO B 86 -35.58 -16.14 20.90
CA PRO B 86 -37.02 -16.42 20.96
C PRO B 86 -37.84 -15.17 20.64
N SER B 87 -38.99 -15.39 20.03
CA SER B 87 -39.87 -14.29 19.65
C SER B 87 -40.49 -13.66 20.89
N LYS B 88 -40.92 -12.41 20.73
CA LYS B 88 -41.52 -11.64 21.82
C LYS B 88 -42.98 -11.37 21.49
N LYS B 89 -43.85 -11.60 22.45
CA LYS B 89 -45.29 -11.40 22.30
C LYS B 89 -45.78 -10.52 23.45
N ASN B 90 -46.50 -9.46 23.11
CA ASN B 90 -46.94 -8.48 24.09
C ASN B 90 -48.29 -7.90 23.69
N HIS B 91 -48.96 -7.27 24.65
CA HIS B 91 -50.26 -6.68 24.43
C HIS B 91 -50.43 -5.49 25.36
N LYS B 92 -51.52 -4.74 25.15
CA LYS B 92 -51.83 -3.57 25.97
C LYS B 92 -52.52 -3.98 27.27
N ASN B 93 -53.60 -4.74 27.17
CA ASN B 93 -54.32 -5.19 28.36
C ASN B 93 -53.43 -6.09 29.20
N ASP B 94 -53.49 -5.92 30.52
CA ASP B 94 -52.63 -6.68 31.41
C ASP B 94 -53.07 -8.14 31.48
N VAL B 95 -54.38 -8.41 31.50
CA VAL B 95 -54.86 -9.77 31.69
C VAL B 95 -54.48 -10.64 30.51
N VAL B 96 -54.65 -10.14 29.29
CA VAL B 96 -54.35 -10.93 28.10
C VAL B 96 -52.86 -11.26 28.03
N SER B 97 -52.02 -10.25 28.28
CA SER B 97 -50.57 -10.46 28.24
C SER B 97 -50.14 -11.43 29.33
N ASP B 98 -50.70 -11.29 30.53
CA ASP B 98 -50.35 -12.20 31.62
C ASP B 98 -50.74 -13.63 31.28
N ALA B 99 -51.95 -13.84 30.75
CA ALA B 99 -52.39 -15.19 30.39
C ALA B 99 -51.51 -15.78 29.29
N ILE B 100 -51.19 -14.98 28.27
CA ILE B 100 -50.37 -15.49 27.17
C ILE B 100 -48.98 -15.87 27.67
N ASN B 101 -48.37 -15.01 28.49
CA ASN B 101 -47.03 -15.30 28.99
C ASN B 101 -47.04 -16.52 29.91
N ASN B 102 -48.06 -16.65 30.75
CA ASN B 102 -48.15 -17.83 31.61
C ASN B 102 -48.29 -19.11 30.79
N PHE B 103 -49.14 -19.07 29.76
CA PHE B 103 -49.30 -20.24 28.90
C PHE B 103 -47.99 -20.59 28.19
N ASP B 104 -47.29 -19.58 27.69
CA ASP B 104 -46.02 -19.83 26.99
C ASP B 104 -45.00 -20.44 27.94
N ASN B 105 -44.91 -19.90 29.17
CA ASN B 105 -43.97 -20.44 30.14
C ASN B 105 -44.32 -21.87 30.52
N GLU B 106 -45.62 -22.17 30.64
CA GLU B 106 -46.04 -23.50 31.06
C GLU B 106 -45.81 -24.53 29.96
N GLN B 107 -45.94 -24.13 28.70
CA GLN B 107 -45.90 -25.08 27.60
C GLN B 107 -44.60 -25.05 26.79
N ASP B 108 -43.63 -24.23 27.19
CA ASP B 108 -42.29 -24.25 26.59
C ASP B 108 -42.34 -24.01 25.08
N MET B 109 -42.74 -22.80 24.70
CA MET B 109 -42.91 -22.49 23.27
C MET B 109 -41.60 -22.50 22.50
N GLN B 110 -40.47 -22.26 23.17
CA GLN B 110 -39.20 -22.14 22.44
C GLN B 110 -38.83 -23.45 21.75
N ASP B 111 -38.83 -24.56 22.48
CA ASP B 111 -38.46 -25.84 21.88
C ASP B 111 -39.45 -26.25 20.80
N GLU B 112 -40.75 -26.04 21.04
CA GLU B 112 -41.76 -26.39 20.05
C GLU B 112 -41.57 -25.60 18.77
N GLU B 113 -41.34 -24.30 18.88
CA GLU B 113 -41.14 -23.47 17.69
C GLU B 113 -39.87 -23.88 16.96
N ALA B 114 -38.79 -24.17 17.70
CA ALA B 114 -37.55 -24.59 17.03
C ALA B 114 -37.73 -25.89 16.27
N GLU B 115 -38.41 -26.87 16.89
CA GLU B 115 -38.63 -28.14 16.22
C GLU B 115 -39.53 -27.98 15.00
N LEU B 116 -40.56 -27.14 15.12
CA LEU B 116 -41.45 -26.91 13.98
C LEU B 116 -40.70 -26.25 12.83
N VAL B 117 -39.82 -25.28 13.14
CA VAL B 117 -39.03 -24.66 12.09
C VAL B 117 -38.12 -25.70 11.42
N LYS B 118 -37.47 -26.54 12.22
CA LYS B 118 -36.59 -27.55 11.63
C LYS B 118 -37.36 -28.53 10.75
N LEU B 119 -38.52 -28.99 11.21
CA LEU B 119 -39.32 -29.91 10.41
C LEU B 119 -39.81 -29.25 9.13
N ALA B 120 -40.21 -27.98 9.19
CA ALA B 120 -40.63 -27.27 7.99
C ALA B 120 -39.48 -27.13 7.00
N CYS B 121 -38.27 -26.87 7.51
CA CYS B 121 -37.12 -26.74 6.63
C CYS B 121 -36.76 -28.07 5.97
N VAL B 122 -36.84 -29.18 6.72
CA VAL B 122 -36.38 -30.45 6.19
C VAL B 122 -37.40 -31.04 5.21
N TYR B 123 -38.60 -31.37 5.70
CA TYR B 123 -39.61 -32.01 4.88
C TYR B 123 -40.32 -31.07 3.93
N GLY B 124 -40.62 -29.84 4.36
CA GLY B 124 -41.38 -28.92 3.55
C GLY B 124 -42.59 -28.36 4.27
N HIS B 125 -43.21 -29.19 5.11
CA HIS B 125 -44.36 -28.77 5.91
C HIS B 125 -44.48 -29.66 7.13
N ALA B 126 -45.06 -29.11 8.19
CA ALA B 126 -45.20 -29.83 9.45
C ALA B 126 -46.55 -29.50 10.08
N PHE B 127 -46.99 -30.38 10.98
CA PHE B 127 -48.29 -30.26 11.61
C PHE B 127 -48.12 -30.07 13.12
N GLU B 128 -49.14 -29.48 13.74
CA GLU B 128 -49.16 -29.25 15.18
C GLU B 128 -50.51 -29.70 15.73
N LEU B 129 -50.48 -30.40 16.85
CA LEU B 129 -51.68 -30.95 17.47
C LEU B 129 -51.92 -30.26 18.81
N MET B 130 -53.17 -29.89 19.07
CA MET B 130 -53.56 -29.23 20.31
C MET B 130 -54.66 -30.05 20.97
N TYR B 131 -54.59 -30.20 22.29
CA TYR B 131 -55.52 -31.02 23.03
C TYR B 131 -55.62 -30.55 24.46
N GLN B 132 -56.65 -31.03 25.16
CA GLN B 132 -56.89 -30.72 26.56
C GLN B 132 -56.52 -31.93 27.40
N ASP B 133 -55.72 -31.71 28.45
CA ASP B 133 -55.29 -32.78 29.32
C ASP B 133 -56.34 -33.08 30.39
N GLU B 134 -55.97 -33.90 31.38
CA GLU B 134 -56.93 -34.31 32.40
C GLU B 134 -57.21 -33.20 33.40
N GLU B 135 -56.26 -32.28 33.60
CA GLU B 135 -56.38 -31.23 34.61
C GLU B 135 -56.84 -29.91 34.01
N THR B 136 -57.59 -29.96 32.91
CA THR B 136 -58.16 -28.77 32.27
C THR B 136 -57.08 -27.74 31.92
N LYS B 137 -56.09 -28.18 31.15
CA LYS B 137 -55.03 -27.32 30.67
C LYS B 137 -54.80 -27.60 29.19
N THR B 138 -54.29 -26.59 28.49
CA THR B 138 -54.09 -26.67 27.05
C THR B 138 -52.65 -27.07 26.75
N ASN B 139 -52.49 -28.15 25.98
CA ASN B 139 -51.18 -28.65 25.60
C ASN B 139 -51.06 -28.68 24.08
N VAL B 140 -49.82 -28.59 23.60
CA VAL B 140 -49.52 -28.62 22.18
C VAL B 140 -48.41 -29.62 21.92
N LYS B 141 -48.31 -30.06 20.67
CA LYS B 141 -47.28 -31.01 20.25
C LYS B 141 -47.04 -30.84 18.76
N HIS B 142 -45.90 -31.36 18.29
CA HIS B 142 -45.50 -31.26 16.89
C HIS B 142 -45.31 -32.66 16.33
N ASN B 143 -45.81 -32.88 15.12
CA ASN B 143 -45.74 -34.17 14.44
C ASN B 143 -45.09 -34.01 13.07
N SER B 144 -44.43 -35.06 12.63
CA SER B 144 -43.85 -35.13 11.30
C SER B 144 -44.93 -35.42 10.27
N PRO B 145 -44.74 -34.99 9.03
CA PRO B 145 -45.76 -35.22 7.99
C PRO B 145 -45.78 -36.63 7.42
N GLU B 146 -45.09 -37.59 8.03
CA GLU B 146 -45.13 -38.96 7.54
C GLU B 146 -46.42 -39.67 7.90
N ASP B 147 -47.03 -39.30 9.03
CA ASP B 147 -48.18 -40.00 9.57
C ASP B 147 -49.47 -39.20 9.51
N MET B 148 -49.43 -37.96 9.04
CA MET B 148 -50.60 -37.09 9.06
C MET B 148 -50.77 -36.38 7.73
N PHE B 149 -52.03 -36.21 7.32
CA PHE B 149 -52.38 -35.42 6.16
C PHE B 149 -53.70 -34.69 6.43
N ILE B 150 -53.88 -33.56 5.76
CA ILE B 150 -55.03 -32.70 5.94
C ILE B 150 -55.68 -32.47 4.59
N VAL B 151 -57.02 -32.42 4.56
CA VAL B 151 -57.78 -32.29 3.33
C VAL B 151 -58.61 -31.01 3.40
N TYR B 152 -58.54 -30.21 2.34
CA TYR B 152 -59.31 -28.99 2.23
C TYR B 152 -60.53 -29.19 1.34
N ASP B 153 -61.44 -28.22 1.38
CA ASP B 153 -62.59 -28.23 0.49
C ASP B 153 -62.21 -27.64 -0.86
N ASP B 154 -63.14 -27.69 -1.81
CA ASP B 154 -62.89 -27.20 -3.16
C ASP B 154 -63.33 -25.75 -3.37
N THR B 155 -63.82 -25.09 -2.32
CA THR B 155 -64.20 -23.70 -2.44
C THR B 155 -62.98 -22.82 -2.67
N VAL B 156 -63.24 -21.59 -3.14
CA VAL B 156 -62.14 -20.66 -3.41
C VAL B 156 -61.41 -20.30 -2.12
N SER B 157 -62.15 -20.18 -1.02
CA SER B 157 -61.54 -19.85 0.26
C SER B 157 -60.61 -20.96 0.74
N GLN B 158 -60.93 -22.21 0.39
CA GLN B 158 -60.11 -23.37 0.73
C GLN B 158 -59.90 -23.48 2.24
N LYS B 159 -60.98 -23.68 2.99
CA LYS B 159 -60.83 -23.87 4.41
C LYS B 159 -60.60 -25.34 4.75
N PRO B 160 -59.85 -25.63 5.81
CA PRO B 160 -59.62 -27.03 6.19
C PRO B 160 -60.91 -27.74 6.54
N LEU B 161 -60.97 -29.04 6.22
CA LEU B 161 -62.17 -29.83 6.44
C LEU B 161 -61.96 -30.96 7.44
N PHE B 162 -60.94 -31.79 7.26
CA PHE B 162 -60.65 -32.86 8.20
C PHE B 162 -59.20 -33.29 8.06
N ALA B 163 -58.71 -33.97 9.08
CA ALA B 163 -57.33 -34.46 9.09
C ALA B 163 -57.31 -35.86 9.68
N VAL B 164 -56.29 -36.64 9.31
CA VAL B 164 -56.15 -38.02 9.73
C VAL B 164 -54.75 -38.26 10.29
N ARG B 165 -54.68 -39.09 11.32
CA ARG B 165 -53.42 -39.57 11.88
C ARG B 165 -53.56 -41.07 12.15
N TYR B 166 -52.55 -41.84 11.76
CA TYR B 166 -52.63 -43.29 11.86
C TYR B 166 -51.26 -43.86 12.20
N GLY B 167 -51.17 -45.19 12.22
CA GLY B 167 -49.93 -45.87 12.53
C GLY B 167 -50.15 -47.27 13.06
N LEU B 168 -49.21 -48.17 12.80
CA LEU B 168 -49.31 -49.55 13.28
C LEU B 168 -49.09 -49.61 14.78
N ASP B 169 -49.83 -50.49 15.45
CA ASP B 169 -49.70 -50.66 16.88
C ASP B 169 -48.66 -51.75 17.18
N ARG B 170 -48.60 -52.19 18.43
CA ARG B 170 -47.60 -53.17 18.83
C ARG B 170 -47.86 -54.53 18.19
N GLU B 171 -49.12 -54.94 18.09
CA GLU B 171 -49.47 -56.26 17.60
C GLU B 171 -49.58 -56.33 16.08
N GLY B 172 -49.56 -55.20 15.39
CA GLY B 172 -49.54 -55.19 13.95
C GLY B 172 -50.86 -54.91 13.26
N GLU B 173 -51.74 -54.12 13.86
CA GLU B 173 -53.00 -53.73 13.24
C GLU B 173 -53.15 -52.22 13.27
N LEU B 174 -53.85 -51.69 12.28
CA LEU B 174 -53.96 -50.24 12.12
C LEU B 174 -54.77 -49.63 13.26
N CYS B 175 -54.23 -48.57 13.85
CA CYS B 175 -54.93 -47.76 14.85
C CYS B 175 -54.71 -46.30 14.53
N GLY B 176 -55.79 -45.52 14.55
CA GLY B 176 -55.69 -44.12 14.17
C GLY B 176 -56.83 -43.30 14.73
N THR B 177 -56.71 -41.99 14.54
CA THR B 177 -57.68 -41.03 15.03
C THR B 177 -58.10 -40.11 13.89
N LEU B 178 -59.40 -39.81 13.83
CA LEU B 178 -59.96 -38.92 12.82
C LEU B 178 -60.42 -37.64 13.50
N TYR B 179 -59.95 -36.49 12.99
CA TYR B 179 -60.31 -35.19 13.53
C TYR B 179 -61.24 -34.48 12.57
N THR B 180 -62.40 -34.07 13.06
CA THR B 180 -63.34 -33.26 12.30
C THR B 180 -63.65 -31.98 13.07
N GLU B 181 -64.40 -31.09 12.42
CA GLU B 181 -64.73 -29.82 13.07
C GLU B 181 -65.62 -30.02 14.29
N ASP B 182 -66.55 -30.97 14.22
CA ASP B 182 -67.52 -31.15 15.29
C ASP B 182 -67.16 -32.30 16.22
N VAL B 183 -66.74 -33.44 15.66
CA VAL B 183 -66.54 -34.66 16.45
C VAL B 183 -65.14 -35.21 16.18
N ASP B 184 -64.68 -36.05 17.11
CA ASP B 184 -63.42 -36.78 16.97
C ASP B 184 -63.71 -38.27 17.07
N VAL B 185 -63.19 -39.03 16.11
CA VAL B 185 -63.50 -40.46 16.01
C VAL B 185 -62.20 -41.25 16.04
N THR B 186 -62.24 -42.42 16.67
CA THR B 186 -61.09 -43.32 16.76
C THR B 186 -61.29 -44.45 15.76
N LEU B 187 -60.27 -44.70 14.93
CA LEU B 187 -60.32 -45.73 13.91
C LEU B 187 -59.61 -46.97 14.43
N ILE B 188 -60.30 -48.11 14.39
CA ILE B 188 -59.75 -49.38 14.86
C ILE B 188 -59.99 -50.44 13.81
N GLY B 189 -59.04 -51.33 13.64
CA GLY B 189 -59.17 -52.43 12.69
C GLY B 189 -58.39 -53.65 13.14
N LYS B 190 -59.02 -54.81 13.03
CA LYS B 190 -58.40 -56.07 13.44
C LYS B 190 -58.16 -57.01 12.27
N ASN B 191 -59.19 -57.35 11.50
CA ASN B 191 -59.03 -58.31 10.41
C ASN B 191 -58.39 -57.67 9.20
N GLY B 192 -58.38 -56.34 9.13
CA GLY B 192 -57.80 -55.63 8.01
C GLY B 192 -58.61 -54.44 7.58
N THR B 193 -59.92 -54.49 7.85
CA THR B 193 -60.79 -53.37 7.56
C THR B 193 -60.71 -52.33 8.67
N MET B 194 -61.39 -51.21 8.47
CA MET B 194 -61.42 -50.11 9.44
C MET B 194 -62.87 -49.81 9.80
N ILE B 195 -63.14 -49.72 11.10
CA ILE B 195 -64.47 -49.44 11.63
C ILE B 195 -64.36 -48.33 12.66
N PHE B 196 -65.35 -47.43 12.67
CA PHE B 196 -65.36 -46.35 13.63
C PHE B 196 -65.64 -46.88 15.03
N GLY B 197 -64.84 -46.44 15.99
CA GLY B 197 -64.90 -47.02 17.32
C GLY B 197 -65.64 -46.23 18.37
N GLU B 198 -65.38 -44.92 18.43
CA GLU B 198 -66.00 -44.07 19.45
C GLU B 198 -65.94 -42.63 18.99
N GLU B 199 -66.83 -41.81 19.55
CA GLU B 199 -66.94 -40.41 19.19
C GLU B 199 -66.91 -39.55 20.44
N SER B 200 -66.17 -38.43 20.35
CA SER B 200 -66.09 -37.49 21.45
C SER B 200 -66.28 -36.08 20.92
N GLU B 201 -66.97 -35.25 21.69
CA GLU B 201 -67.27 -33.90 21.27
C GLU B 201 -66.00 -33.05 21.25
N ASN B 202 -65.97 -32.06 20.35
CA ASN B 202 -64.85 -31.15 20.20
C ASN B 202 -65.14 -29.87 20.99
N VAL B 203 -64.35 -29.64 22.04
CA VAL B 203 -64.52 -28.42 22.83
C VAL B 203 -64.14 -27.19 22.01
N TYR B 204 -63.14 -27.34 21.14
CA TYR B 204 -62.72 -26.23 20.29
C TYR B 204 -63.71 -26.01 19.15
N ASN B 205 -63.61 -24.85 18.51
CA ASN B 205 -64.52 -24.46 17.45
C ASN B 205 -64.00 -24.79 16.05
N ASP B 206 -62.76 -25.24 15.93
CA ASP B 206 -62.17 -25.51 14.63
C ASP B 206 -61.42 -26.84 14.70
N LEU B 207 -60.70 -27.16 13.63
CA LEU B 207 -59.86 -28.35 13.61
C LEU B 207 -58.68 -28.18 14.56
N ALA B 208 -58.34 -29.26 15.25
CA ALA B 208 -57.25 -29.25 16.23
C ALA B 208 -55.89 -29.45 15.59
N VAL B 209 -55.80 -29.44 14.27
CA VAL B 209 -54.55 -29.66 13.55
C VAL B 209 -54.27 -28.44 12.69
N THR B 210 -53.06 -27.90 12.82
CA THR B 210 -52.63 -26.73 12.06
C THR B 210 -51.42 -27.09 11.21
N GLU B 211 -51.38 -26.53 10.01
CA GLU B 211 -50.32 -26.84 9.04
C GLU B 211 -49.39 -25.65 8.89
N PHE B 212 -48.09 -25.90 8.98
CA PHE B 212 -47.06 -24.90 8.74
C PHE B 212 -46.37 -25.23 7.42
N ILE B 213 -46.20 -24.22 6.57
CA ILE B 213 -45.67 -24.44 5.23
C ILE B 213 -44.44 -23.55 5.03
N PHE B 214 -43.37 -24.14 4.50
CA PHE B 214 -42.20 -23.35 4.13
C PHE B 214 -42.50 -22.47 2.92
N ASN B 215 -43.08 -23.05 1.88
CA ASN B 215 -43.43 -22.32 0.66
C ASN B 215 -44.88 -22.62 0.32
N GLU B 216 -45.33 -22.07 -0.81
CA GLU B 216 -46.65 -22.42 -1.32
C GLU B 216 -46.63 -23.70 -2.14
N GLU B 217 -45.47 -24.15 -2.59
CA GLU B 217 -45.31 -25.43 -3.26
C GLU B 217 -44.83 -26.52 -2.33
N ARG B 218 -44.57 -26.20 -1.06
CA ARG B 218 -44.16 -27.16 -0.05
C ARG B 218 -42.87 -27.88 -0.47
N MET B 219 -41.81 -27.09 -0.62
CA MET B 219 -40.51 -27.58 -1.02
C MET B 219 -39.49 -27.33 0.09
N GLY B 220 -38.53 -28.24 0.21
CA GLY B 220 -37.46 -28.10 1.18
C GLY B 220 -36.44 -27.07 0.74
N ILE B 221 -35.50 -26.79 1.65
CA ILE B 221 -34.45 -25.82 1.36
C ILE B 221 -33.50 -26.37 0.30
N TYR B 222 -33.06 -27.63 0.45
CA TYR B 222 -32.03 -28.19 -0.40
C TYR B 222 -32.59 -29.20 -1.40
N GLU B 223 -33.88 -29.12 -1.73
CA GLU B 223 -34.46 -30.08 -2.67
C GLU B 223 -33.93 -29.86 -4.09
N THR B 224 -33.51 -28.65 -4.42
CA THR B 224 -33.07 -28.34 -5.78
C THR B 224 -31.57 -28.49 -6.00
N VAL B 225 -30.81 -28.90 -4.99
CA VAL B 225 -29.36 -28.99 -5.10
C VAL B 225 -28.86 -30.42 -4.82
N THR B 226 -29.66 -31.43 -5.13
CA THR B 226 -29.24 -32.80 -4.87
C THR B 226 -28.20 -33.27 -5.87
N ALA B 227 -28.38 -32.93 -7.15
CA ALA B 227 -27.48 -33.41 -8.20
C ALA B 227 -26.07 -32.87 -8.00
N LEU B 228 -25.95 -31.60 -7.64
CA LEU B 228 -24.62 -31.02 -7.42
C LEU B 228 -23.90 -31.70 -6.27
N ILE B 229 -24.62 -31.97 -5.18
CA ILE B 229 -24.02 -32.68 -4.04
C ILE B 229 -23.55 -34.06 -4.44
N ASP B 230 -24.39 -34.80 -5.18
CA ASP B 230 -24.01 -36.14 -5.60
C ASP B 230 -22.80 -36.12 -6.51
N SER B 231 -22.76 -35.17 -7.45
CA SER B 231 -21.61 -35.07 -8.35
C SER B 231 -20.34 -34.70 -7.59
N TYR B 232 -20.44 -33.79 -6.62
CA TYR B 232 -19.27 -33.42 -5.83
C TYR B 232 -18.73 -34.63 -5.06
N ASP B 233 -19.63 -35.40 -4.43
CA ASP B 233 -19.18 -36.58 -3.70
C ASP B 233 -18.52 -37.58 -4.63
N LYS B 234 -19.12 -37.81 -5.81
CA LYS B 234 -18.54 -38.76 -6.76
C LYS B 234 -17.15 -38.30 -7.20
N ALA B 235 -16.99 -37.01 -7.52
CA ALA B 235 -15.70 -36.51 -7.99
C ALA B 235 -14.63 -36.61 -6.90
N ILE B 236 -14.97 -36.24 -5.67
CA ILE B 236 -13.96 -36.30 -4.60
C ILE B 236 -13.59 -37.74 -4.30
N SER B 237 -14.56 -38.66 -4.34
CA SER B 237 -14.24 -40.07 -4.15
C SER B 237 -13.34 -40.60 -5.26
N GLU B 238 -13.61 -40.21 -6.51
CA GLU B 238 -12.78 -40.65 -7.62
C GLU B 238 -11.35 -40.14 -7.47
N LYS B 239 -11.19 -38.87 -7.08
CA LYS B 239 -9.84 -38.34 -6.88
C LYS B 239 -9.13 -39.08 -5.76
N THR B 240 -9.82 -39.34 -4.65
CA THR B 240 -9.22 -40.08 -3.55
C THR B 240 -8.77 -41.46 -4.00
N ASN B 241 -9.59 -42.14 -4.81
CA ASN B 241 -9.18 -43.43 -5.36
C ASN B 241 -7.93 -43.29 -6.23
N ASP B 242 -7.89 -42.26 -7.07
CA ASP B 242 -6.76 -42.11 -7.99
C ASP B 242 -5.46 -41.83 -7.24
N VAL B 243 -5.53 -41.15 -6.10
CA VAL B 243 -4.31 -40.83 -5.37
C VAL B 243 -3.64 -42.07 -4.81
N ASP B 244 -4.42 -43.10 -4.47
CA ASP B 244 -3.89 -44.21 -3.68
C ASP B 244 -3.15 -45.26 -4.51
N TYR B 245 -3.47 -45.39 -5.80
CA TYR B 245 -3.01 -46.56 -6.54
C TYR B 245 -1.50 -46.54 -6.77
N PHE B 246 -0.94 -45.43 -7.22
CA PHE B 246 0.44 -45.39 -7.68
C PHE B 246 1.35 -44.74 -6.65
N SER B 247 2.63 -45.06 -6.74
CA SER B 247 3.65 -44.49 -5.88
C SER B 247 4.12 -43.14 -6.44
N ASP B 248 5.10 -42.55 -5.77
CA ASP B 248 5.62 -41.26 -6.20
C ASP B 248 6.70 -41.43 -7.26
N SER B 249 7.69 -42.28 -6.98
CA SER B 249 8.80 -42.50 -7.91
C SER B 249 9.18 -43.96 -7.91
N TYR B 250 9.77 -44.40 -9.03
CA TYR B 250 10.18 -45.78 -9.21
C TYR B 250 11.62 -45.81 -9.73
N LEU B 251 12.26 -46.96 -9.55
CA LEU B 251 13.60 -47.19 -10.07
C LEU B 251 13.57 -48.28 -11.12
N LYS B 252 14.20 -48.02 -12.26
CA LYS B 252 14.17 -48.92 -13.41
C LYS B 252 15.58 -49.45 -13.67
N VAL B 253 15.72 -50.77 -13.67
CA VAL B 253 16.98 -51.44 -13.98
C VAL B 253 16.70 -52.44 -15.10
N VAL B 254 17.30 -52.21 -16.27
CA VAL B 254 17.09 -53.05 -17.43
C VAL B 254 18.45 -53.53 -17.94
N GLY B 255 18.59 -54.84 -18.11
CA GLY B 255 19.80 -55.43 -18.63
C GLY B 255 20.72 -56.04 -17.58
N ALA B 256 20.40 -55.86 -16.30
CA ALA B 256 21.23 -56.41 -15.23
C ALA B 256 20.33 -57.12 -14.22
N MET B 257 20.91 -58.10 -13.54
CA MET B 257 20.19 -58.91 -12.56
C MET B 257 20.35 -58.30 -11.18
N LEU B 258 19.23 -58.09 -10.50
CA LEU B 258 19.22 -57.52 -9.16
C LEU B 258 18.47 -58.47 -8.23
N SER B 259 19.06 -58.77 -7.09
CA SER B 259 18.52 -59.72 -6.13
C SER B 259 17.89 -59.00 -4.95
N PRO B 260 16.88 -59.61 -4.31
CA PRO B 260 16.25 -58.95 -3.15
C PRO B 260 17.21 -58.67 -2.02
N GLU B 261 18.26 -59.47 -1.87
CA GLU B 261 19.21 -59.26 -0.77
C GLU B 261 19.96 -57.95 -0.93
N MET B 262 20.24 -57.55 -2.17
CA MET B 262 20.96 -56.30 -2.40
C MET B 262 20.14 -55.09 -1.98
N ILE B 263 18.83 -55.13 -2.22
CA ILE B 263 17.97 -53.98 -1.96
C ILE B 263 17.45 -54.01 -0.53
N GLU B 264 18.01 -54.92 0.28
CA GLU B 264 17.61 -54.98 1.69
C GLU B 264 17.94 -53.67 2.40
N LYS B 265 19.12 -53.11 2.15
CA LYS B 265 19.52 -51.82 2.68
C LYS B 265 19.78 -50.87 1.50
N ILE B 266 18.73 -50.21 1.03
CA ILE B 266 18.88 -49.31 -0.11
C ILE B 266 18.96 -47.86 0.37
N ARG B 267 18.49 -47.59 1.59
CA ARG B 267 18.56 -46.23 2.12
C ARG B 267 19.99 -45.88 2.54
N ASP B 268 20.74 -46.87 3.00
CA ASP B 268 22.07 -46.65 3.56
C ASP B 268 23.19 -46.75 2.54
N THR B 269 22.92 -47.25 1.34
CA THR B 269 23.93 -47.42 0.30
C THR B 269 23.60 -46.50 -0.86
N ARG B 270 24.54 -45.64 -1.22
CA ARG B 270 24.31 -44.60 -2.22
C ARG B 270 25.23 -44.70 -3.42
N VAL B 271 25.82 -45.87 -3.67
CA VAL B 271 26.70 -46.08 -4.83
C VAL B 271 26.21 -47.32 -5.57
N ILE B 272 25.96 -47.15 -6.88
CA ILE B 272 25.52 -48.24 -7.74
C ILE B 272 26.65 -48.52 -8.74
N ASN B 273 27.04 -49.78 -8.85
CA ASN B 273 28.18 -50.17 -9.67
C ASN B 273 27.82 -51.36 -10.55
N VAL B 274 28.18 -51.28 -11.82
CA VAL B 274 28.03 -52.39 -12.77
C VAL B 274 29.41 -52.71 -13.34
N PRO B 275 30.11 -53.70 -12.82
CA PRO B 275 31.51 -53.90 -13.26
C PRO B 275 31.65 -54.46 -14.66
N GLU B 276 30.85 -55.46 -15.02
CA GLU B 276 30.98 -56.13 -16.32
C GLU B 276 29.63 -56.14 -17.02
N PRO B 277 29.32 -55.16 -17.85
CA PRO B 277 28.04 -55.14 -18.54
C PRO B 277 28.01 -56.15 -19.68
N PRO B 278 26.83 -56.65 -20.05
CA PRO B 278 26.75 -57.59 -21.17
C PRO B 278 27.14 -56.91 -22.48
N HIS B 279 27.75 -57.69 -23.38
CA HIS B 279 28.26 -57.13 -24.63
C HIS B 279 27.12 -56.85 -25.61
N ASP B 280 26.18 -57.77 -25.74
CA ASP B 280 25.20 -57.69 -26.82
C ASP B 280 24.13 -56.65 -26.56
N VAL B 281 23.65 -56.53 -25.33
CA VAL B 281 22.54 -55.63 -25.03
C VAL B 281 23.06 -54.40 -24.27
N SER B 282 22.19 -53.41 -24.10
CA SER B 282 22.54 -52.16 -23.46
C SER B 282 21.91 -52.10 -22.07
N VAL B 283 22.65 -51.49 -21.13
CA VAL B 283 22.21 -51.36 -19.75
C VAL B 283 21.69 -49.95 -19.54
N ASP B 284 20.47 -49.82 -19.04
CA ASP B 284 19.84 -48.54 -18.80
C ASP B 284 19.33 -48.48 -17.37
N ILE B 285 19.67 -47.41 -16.66
CA ILE B 285 19.26 -47.19 -15.27
C ILE B 285 18.73 -45.77 -15.15
N GLY B 286 17.63 -45.59 -14.44
CA GLY B 286 17.06 -44.27 -14.27
C GLY B 286 15.87 -44.31 -13.34
N PHE B 287 15.33 -43.12 -13.08
CA PHE B 287 14.18 -42.93 -12.20
C PHE B 287 12.94 -42.62 -13.05
N LEU B 288 11.82 -43.23 -12.69
CA LEU B 288 10.52 -42.90 -13.27
C LEU B 288 9.71 -42.15 -12.24
N ASP B 289 9.09 -41.04 -12.65
CA ASP B 289 8.31 -40.20 -11.77
C ASP B 289 6.83 -40.24 -12.14
N LYS B 290 5.97 -40.12 -11.14
CA LYS B 290 4.54 -40.07 -11.40
C LYS B 290 4.13 -38.64 -11.75
N PRO B 291 3.46 -38.44 -12.88
CA PRO B 291 3.07 -37.08 -13.27
C PRO B 291 1.95 -36.56 -12.38
N ASP B 292 2.17 -35.35 -11.83
CA ASP B 292 1.21 -34.71 -10.95
C ASP B 292 0.85 -33.34 -11.54
N SER B 293 -0.19 -33.33 -12.36
CA SER B 293 -0.68 -32.11 -13.02
C SER B 293 -2.18 -32.23 -13.19
N ASP B 294 -2.94 -31.61 -12.29
CA ASP B 294 -4.39 -31.62 -12.34
C ASP B 294 -4.89 -30.18 -12.27
N SER B 295 -5.66 -29.78 -13.27
CA SER B 295 -6.21 -28.43 -13.30
C SER B 295 -7.71 -28.42 -13.61
N GLN B 296 -8.21 -29.42 -14.34
CA GLN B 296 -9.62 -29.44 -14.68
C GLN B 296 -10.48 -29.82 -13.48
N THR B 297 -10.04 -30.82 -12.71
CA THR B 297 -10.81 -31.27 -11.56
C THR B 297 -10.96 -30.16 -10.53
N GLU B 298 -9.88 -29.41 -10.27
CA GLU B 298 -9.96 -28.32 -9.29
C GLU B 298 -10.97 -27.26 -9.71
N ASN B 299 -10.95 -26.86 -10.99
CA ASN B 299 -11.89 -25.86 -11.46
C ASN B 299 -13.33 -26.37 -11.38
N LEU B 300 -13.55 -27.63 -11.78
CA LEU B 300 -14.91 -28.18 -11.70
C LEU B 300 -15.41 -28.21 -10.26
N LEU B 301 -14.56 -28.65 -9.33
CA LEU B 301 -14.96 -28.72 -7.93
C LEU B 301 -15.24 -27.33 -7.37
N ASP B 302 -14.41 -26.35 -7.74
CA ASP B 302 -14.64 -24.99 -7.26
C ASP B 302 -15.97 -24.44 -7.76
N ARG B 303 -16.28 -24.65 -9.05
CA ARG B 303 -17.55 -24.15 -9.58
C ARG B 303 -18.73 -24.83 -8.88
N ILE B 304 -18.65 -26.15 -8.69
CA ILE B 304 -19.76 -26.86 -8.04
C ILE B 304 -19.94 -26.37 -6.61
N ASP B 305 -18.83 -26.21 -5.88
CA ASP B 305 -18.90 -25.77 -4.49
C ASP B 305 -19.50 -24.37 -4.39
N LYS B 306 -19.10 -23.46 -5.29
CA LYS B 306 -19.68 -22.12 -5.26
C LYS B 306 -21.17 -22.15 -5.58
N HIS B 307 -21.57 -22.96 -6.58
CA HIS B 307 -22.97 -23.00 -6.97
C HIS B 307 -23.85 -23.57 -5.87
N ILE B 308 -23.36 -24.59 -5.14
CA ILE B 308 -24.18 -25.18 -4.09
C ILE B 308 -24.56 -24.15 -3.05
N TYR B 309 -23.61 -23.30 -2.65
CA TYR B 309 -23.91 -22.28 -1.65
C TYR B 309 -24.74 -21.15 -2.23
N GLN B 310 -24.45 -20.74 -3.47
CA GLN B 310 -25.16 -19.59 -4.04
C GLN B 310 -26.63 -19.92 -4.30
N ILE B 311 -26.90 -21.07 -4.92
CA ILE B 311 -28.27 -21.40 -5.31
C ILE B 311 -29.15 -21.62 -4.08
N ALA B 312 -28.60 -22.18 -3.00
CA ALA B 312 -29.38 -22.49 -1.81
C ALA B 312 -29.71 -21.27 -0.99
N MET B 313 -29.25 -20.09 -1.40
CA MET B 313 -29.53 -18.82 -0.70
C MET B 313 -29.08 -18.88 0.76
N VAL B 314 -27.91 -19.48 0.99
CA VAL B 314 -27.29 -19.51 2.30
C VAL B 314 -25.82 -19.11 2.14
N ALA B 315 -25.38 -18.22 3.01
CA ALA B 315 -24.06 -17.62 2.91
C ALA B 315 -23.03 -18.52 3.60
N ASN B 316 -21.84 -18.59 3.00
CA ASN B 316 -20.72 -19.33 3.56
C ASN B 316 -19.91 -18.37 4.42
N ILE B 317 -20.26 -18.28 5.70
CA ILE B 317 -19.63 -17.30 6.59
C ILE B 317 -18.16 -17.58 6.80
N SER B 318 -17.79 -18.84 7.05
CA SER B 318 -16.42 -19.19 7.44
C SER B 318 -15.46 -19.24 6.26
N ASP B 319 -15.89 -18.84 5.06
CA ASP B 319 -15.01 -18.88 3.90
C ASP B 319 -13.88 -17.85 4.05
N GLU B 320 -12.70 -18.19 3.53
CA GLU B 320 -11.56 -17.30 3.62
C GLU B 320 -11.69 -16.09 2.70
N SER B 321 -12.44 -16.21 1.62
CA SER B 321 -12.67 -15.10 0.71
C SER B 321 -13.89 -14.28 1.09
N PHE B 322 -14.43 -14.50 2.29
CA PHE B 322 -15.58 -13.73 2.76
C PHE B 322 -15.16 -12.28 3.01
N GLY B 323 -16.14 -11.42 3.24
CA GLY B 323 -15.90 -10.00 3.41
C GLY B 323 -14.84 -9.69 4.45
N SER B 324 -13.91 -8.79 4.12
CA SER B 324 -12.77 -8.50 4.96
C SER B 324 -12.65 -6.99 5.17
N SER B 325 -12.51 -6.59 6.44
CA SER B 325 -12.20 -5.20 6.81
C SER B 325 -13.21 -4.21 6.22
N SER B 326 -14.46 -4.35 6.64
CA SER B 326 -15.52 -3.44 6.20
C SER B 326 -16.68 -3.52 7.18
N GLY B 327 -17.40 -2.40 7.30
CA GLY B 327 -18.56 -2.39 8.19
C GLY B 327 -19.83 -2.82 7.50
N VAL B 328 -20.18 -2.16 6.40
CA VAL B 328 -21.46 -2.43 5.74
C VAL B 328 -21.32 -3.53 4.70
N ALA B 329 -20.12 -3.66 4.11
CA ALA B 329 -19.93 -4.68 3.08
C ALA B 329 -20.10 -6.08 3.64
N LEU B 330 -19.82 -6.26 4.94
CA LEU B 330 -20.08 -7.55 5.57
C LEU B 330 -21.58 -7.80 5.73
N ALA B 331 -22.35 -6.74 6.00
CA ALA B 331 -23.79 -6.90 6.19
C ALA B 331 -24.50 -7.19 4.87
N TYR B 332 -23.90 -6.78 3.75
CA TYR B 332 -24.53 -7.00 2.45
C TYR B 332 -24.57 -8.49 2.11
N LYS B 333 -23.50 -9.22 2.44
CA LYS B 333 -23.38 -10.61 2.01
C LYS B 333 -24.44 -11.49 2.66
N LEU B 334 -25.04 -11.04 3.76
CA LEU B 334 -26.05 -11.80 4.46
C LEU B 334 -27.47 -11.46 4.01
N GLN B 335 -27.62 -10.61 2.99
CA GLN B 335 -28.95 -10.17 2.58
C GLN B 335 -29.86 -11.29 2.06
N PRO B 336 -29.41 -12.21 1.19
CA PRO B 336 -30.35 -13.27 0.74
C PRO B 336 -30.92 -14.11 1.86
N MET B 337 -30.11 -14.41 2.88
CA MET B 337 -30.63 -15.16 4.03
C MET B 337 -31.71 -14.37 4.75
N SER B 338 -31.50 -13.05 4.87
CA SER B 338 -32.53 -12.20 5.46
C SER B 338 -33.80 -12.20 4.63
N ASN B 339 -33.66 -12.19 3.30
CA ASN B 339 -34.84 -12.24 2.43
C ASN B 339 -35.61 -13.55 2.62
N LEU B 340 -34.89 -14.67 2.69
CA LEU B 340 -35.55 -15.96 2.90
C LEU B 340 -36.24 -16.01 4.25
N ALA B 341 -35.58 -15.49 5.29
CA ALA B 341 -36.20 -15.46 6.62
C ALA B 341 -37.45 -14.60 6.62
N ALA B 342 -37.41 -13.45 5.94
CA ALA B 342 -38.59 -12.60 5.85
C ALA B 342 -39.71 -13.30 5.11
N ALA B 343 -39.38 -14.05 4.06
CA ALA B 343 -40.40 -14.79 3.32
C ALA B 343 -41.07 -15.85 4.21
N PHE B 344 -40.27 -16.56 5.02
CA PHE B 344 -40.85 -17.60 5.88
C PHE B 344 -41.63 -17.00 7.04
N GLU B 345 -41.21 -15.81 7.51
CA GLU B 345 -41.90 -15.17 8.63
C GLU B 345 -43.35 -14.86 8.29
N ARG B 346 -43.63 -14.59 7.01
CA ARG B 346 -45.00 -14.27 6.62
C ARG B 346 -45.95 -15.41 6.92
N LYS B 347 -45.55 -16.65 6.63
CA LYS B 347 -46.38 -17.80 6.97
C LYS B 347 -46.35 -18.09 8.46
N PHE B 348 -45.17 -17.96 9.09
CA PHE B 348 -45.04 -18.31 10.50
C PHE B 348 -45.92 -17.43 11.38
N GLN B 349 -45.94 -16.12 11.09
CA GLN B 349 -46.75 -15.20 11.90
C GLN B 349 -48.23 -15.50 11.77
N ALA B 350 -48.70 -15.77 10.55
CA ALA B 350 -50.10 -16.10 10.36
C ALA B 350 -50.47 -17.39 11.09
N ALA B 351 -49.60 -18.38 11.05
CA ALA B 351 -49.86 -19.62 11.78
C ALA B 351 -49.93 -19.39 13.29
N LEU B 352 -49.01 -18.58 13.83
CA LEU B 352 -49.05 -18.28 15.26
C LEU B 352 -50.31 -17.51 15.63
N THR B 353 -50.73 -16.59 14.76
CA THR B 353 -51.97 -15.85 14.99
C THR B 353 -53.16 -16.79 15.03
N GLN B 354 -53.21 -17.77 14.11
CA GLN B 354 -54.27 -18.77 14.14
C GLN B 354 -54.25 -19.55 15.46
N ARG B 355 -53.07 -19.96 15.91
CA ARG B 355 -52.98 -20.71 17.15
C ARG B 355 -53.50 -19.89 18.33
N TYR B 356 -53.11 -18.62 18.41
CA TYR B 356 -53.53 -17.81 19.55
C TYR B 356 -55.00 -17.42 19.46
N LYS B 357 -55.54 -17.34 18.23
CA LYS B 357 -56.97 -17.20 18.07
C LYS B 357 -57.70 -18.42 18.63
N MET B 358 -57.16 -19.61 18.38
CA MET B 358 -57.76 -20.82 18.90
C MET B 358 -57.65 -20.90 20.42
N PHE B 359 -56.56 -20.34 20.98
CA PHE B 359 -56.26 -20.56 22.39
C PHE B 359 -57.33 -19.98 23.32
N MET B 360 -57.75 -18.73 23.07
CA MET B 360 -58.64 -18.07 24.03
C MET B 360 -60.10 -18.36 23.76
N SER B 361 -60.40 -19.29 22.84
CA SER B 361 -61.79 -19.64 22.58
C SER B 361 -62.47 -20.21 23.82
N LEU B 362 -61.75 -21.04 24.57
CA LEU B 362 -62.30 -21.65 25.78
C LEU B 362 -62.53 -20.59 26.85
N LEU B 363 -63.60 -20.79 27.64
CA LEU B 363 -63.92 -19.84 28.70
C LEU B 363 -62.98 -19.96 29.87
N THR B 364 -62.33 -21.12 30.02
CA THR B 364 -61.42 -21.32 31.15
C THR B 364 -60.21 -20.39 31.07
N ASN B 365 -59.66 -20.21 29.87
CA ASN B 365 -58.45 -19.40 29.72
C ASN B 365 -58.74 -17.93 30.03
N VAL B 366 -59.77 -17.35 29.40
CA VAL B 366 -60.10 -15.94 29.57
C VAL B 366 -61.61 -15.80 29.64
N SER B 367 -62.06 -14.62 30.08
CA SER B 367 -63.48 -14.34 30.13
C SER B 367 -64.06 -14.19 28.74
N ALA B 368 -65.38 -14.32 28.65
CA ALA B 368 -66.05 -14.25 27.34
C ALA B 368 -65.94 -12.86 26.73
N ASN B 369 -65.73 -11.84 27.56
CA ASN B 369 -65.63 -10.47 27.04
C ASN B 369 -64.40 -10.30 26.16
N LEU B 370 -63.28 -10.90 26.55
CA LEU B 370 -62.00 -10.70 25.87
C LEU B 370 -61.72 -11.73 24.79
N SER B 371 -62.71 -12.55 24.41
CA SER B 371 -62.46 -13.62 23.46
C SER B 371 -62.06 -13.08 22.09
N ASN B 372 -62.69 -11.99 21.65
CA ASN B 372 -62.48 -11.44 20.32
C ASN B 372 -61.31 -10.44 20.26
N GLU B 373 -60.37 -10.53 21.19
CA GLU B 373 -59.28 -9.56 21.26
C GLU B 373 -57.97 -10.11 20.68
N TRP B 374 -58.03 -11.22 19.95
CA TRP B 374 -56.81 -11.80 19.40
C TRP B 374 -56.18 -10.90 18.33
N ARG B 375 -56.94 -9.93 17.81
CA ARG B 375 -56.40 -9.03 16.80
C ARG B 375 -55.34 -8.08 17.36
N GLY B 376 -55.28 -7.93 18.69
CA GLY B 376 -54.38 -6.95 19.26
C GLY B 376 -52.97 -7.48 19.51
N ILE B 377 -52.78 -8.79 19.33
CA ILE B 377 -51.48 -9.40 19.61
C ILE B 377 -50.46 -8.91 18.60
N GLU B 378 -49.28 -8.54 19.09
CA GLU B 378 -48.18 -8.05 18.26
C GLU B 378 -46.96 -8.94 18.45
N PHE B 379 -46.33 -9.32 17.35
CA PHE B 379 -45.18 -10.21 17.35
C PHE B 379 -43.94 -9.45 16.90
N ARG B 380 -42.81 -9.73 17.54
CA ARG B 380 -41.52 -9.16 17.15
C ARG B 380 -40.53 -10.31 16.93
N PHE B 381 -39.83 -10.26 15.79
CA PHE B 381 -38.83 -11.26 15.44
C PHE B 381 -37.48 -10.57 15.29
N THR B 382 -36.44 -11.20 15.83
CA THR B 382 -35.08 -10.67 15.78
C THR B 382 -34.14 -11.74 15.24
N ARG B 383 -33.33 -11.37 14.25
CA ARG B 383 -32.36 -12.28 13.68
C ARG B 383 -31.11 -12.33 14.55
N ASN B 384 -30.38 -13.45 14.45
CA ASN B 384 -29.18 -13.66 15.26
C ASN B 384 -27.97 -13.20 14.46
N ILE B 385 -27.51 -11.98 14.75
CA ILE B 385 -26.32 -11.41 14.10
C ILE B 385 -25.44 -10.80 15.19
N PRO B 386 -24.15 -10.65 14.91
CA PRO B 386 -23.27 -9.98 15.89
C PRO B 386 -23.76 -8.56 16.17
N LYS B 387 -23.66 -8.15 17.43
CA LYS B 387 -24.19 -6.88 17.88
C LYS B 387 -23.14 -6.14 18.70
N ASN B 388 -23.18 -4.81 18.62
CA ASN B 388 -22.29 -3.94 19.37
C ASN B 388 -23.10 -3.24 20.45
N VAL B 389 -22.73 -3.45 21.72
CA VAL B 389 -23.52 -2.93 22.83
C VAL B 389 -23.39 -1.41 22.92
N LEU B 390 -22.19 -0.88 22.68
CA LEU B 390 -21.96 0.55 22.82
C LEU B 390 -22.80 1.36 21.84
N GLU B 391 -22.90 0.89 20.60
CA GLU B 391 -23.70 1.59 19.60
C GLU B 391 -25.18 1.60 20.01
N GLU B 392 -25.67 0.48 20.52
CA GLU B 392 -27.05 0.42 20.99
C GLU B 392 -27.29 1.36 22.16
N ALA B 393 -26.33 1.43 23.09
CA ALA B 393 -26.47 2.34 24.22
C ALA B 393 -26.51 3.79 23.76
N GLN B 394 -25.62 4.16 22.84
CA GLN B 394 -25.62 5.53 22.32
C GLN B 394 -26.92 5.83 21.58
N THR B 395 -27.42 4.86 20.82
CA THR B 395 -28.70 5.05 20.12
C THR B 395 -29.84 5.26 21.11
N ALA B 396 -29.87 4.49 22.20
CA ALA B 396 -30.90 4.67 23.21
C ALA B 396 -30.78 6.04 23.86
N VAL B 397 -29.56 6.48 24.16
CA VAL B 397 -29.37 7.79 24.77
C VAL B 397 -29.90 8.88 23.84
N GLN B 398 -29.60 8.78 22.55
CA GLN B 398 -30.06 9.79 21.60
C GLN B 398 -31.59 9.74 21.44
N LEU B 399 -32.17 8.54 21.44
CA LEU B 399 -33.61 8.42 21.22
C LEU B 399 -34.40 8.84 22.46
N ALA B 400 -33.77 8.82 23.63
CA ALA B 400 -34.49 9.21 24.84
C ALA B 400 -34.96 10.65 24.79
N THR B 401 -34.37 11.46 23.90
CA THR B 401 -34.74 12.87 23.82
C THR B 401 -36.09 13.07 23.15
N ILE B 402 -36.39 12.29 22.10
CA ILE B 402 -37.52 12.57 21.22
C ILE B 402 -38.52 11.42 21.21
N ALA B 403 -38.23 10.31 21.91
CA ALA B 403 -39.09 9.14 21.88
C ALA B 403 -39.51 8.78 23.30
N SER B 404 -40.53 7.92 23.38
CA SER B 404 -41.06 7.51 24.67
C SER B 404 -40.12 6.52 25.36
N GLN B 405 -40.46 6.21 26.62
CA GLN B 405 -39.61 5.32 27.40
C GLN B 405 -39.65 3.89 26.86
N GLU B 406 -40.82 3.43 26.42
CA GLU B 406 -40.93 2.07 25.92
C GLU B 406 -40.10 1.87 24.66
N THR B 407 -40.18 2.81 23.71
CA THR B 407 -39.38 2.71 22.50
C THR B 407 -37.89 2.79 22.81
N THR B 408 -37.51 3.67 23.73
CA THR B 408 -36.10 3.79 24.10
C THR B 408 -35.57 2.50 24.71
N LEU B 409 -36.37 1.86 25.57
CA LEU B 409 -35.92 0.62 26.20
C LEU B 409 -36.02 -0.57 25.26
N SER B 410 -36.80 -0.44 24.17
CA SER B 410 -36.93 -1.55 23.24
C SER B 410 -35.64 -1.79 22.46
N VAL B 411 -34.90 -0.72 22.15
CA VAL B 411 -33.70 -0.85 21.35
C VAL B 411 -32.62 -1.61 22.10
N LEU B 412 -32.55 -1.41 23.42
CA LEU B 412 -31.49 -2.03 24.22
C LEU B 412 -31.65 -3.55 24.21
N SER B 413 -30.62 -4.24 23.69
CA SER B 413 -30.68 -5.70 23.63
C SER B 413 -30.44 -6.32 25.00
N VAL B 414 -29.80 -5.58 25.91
CA VAL B 414 -29.54 -6.09 27.25
C VAL B 414 -30.84 -6.32 28.00
N VAL B 415 -31.83 -5.47 27.77
CA VAL B 415 -33.12 -5.56 28.46
C VAL B 415 -33.87 -6.79 28.00
N PRO B 416 -34.18 -7.74 28.90
CA PRO B 416 -35.01 -8.87 28.49
C PRO B 416 -36.48 -8.52 28.35
N ASP B 417 -37.04 -7.76 29.30
CA ASP B 417 -38.44 -7.35 29.27
C ASP B 417 -38.54 -5.88 29.63
N VAL B 418 -39.25 -5.11 28.80
CA VAL B 418 -39.38 -3.67 29.04
C VAL B 418 -40.24 -3.41 30.26
N ARG B 419 -41.29 -4.21 30.45
CA ARG B 419 -42.23 -3.97 31.55
C ARG B 419 -41.56 -4.13 32.90
N ALA B 420 -40.73 -5.17 33.05
CA ALA B 420 -40.04 -5.38 34.33
C ALA B 420 -39.07 -4.22 34.61
N GLU B 421 -38.37 -3.75 33.59
CA GLU B 421 -37.45 -2.63 33.79
C GLU B 421 -38.19 -1.36 34.16
N MET B 422 -39.31 -1.09 33.50
CA MET B 422 -40.09 0.10 33.86
C MET B 422 -40.63 -0.01 35.29
N ASP B 423 -41.07 -1.21 35.68
CA ASP B 423 -41.53 -1.41 37.05
C ASP B 423 -40.40 -1.17 38.05
N ARG B 424 -39.20 -1.66 37.75
CA ARG B 424 -38.07 -1.45 38.66
C ARG B 424 -37.69 0.02 38.74
N ILE B 425 -37.71 0.73 37.60
CA ILE B 425 -37.41 2.16 37.61
C ILE B 425 -38.44 2.92 38.44
N HIS B 426 -39.72 2.57 38.28
CA HIS B 426 -40.75 3.21 39.08
C HIS B 426 -40.58 2.92 40.56
N SER B 427 -40.18 1.68 40.89
CA SER B 427 -39.93 1.33 42.28
C SER B 427 -38.77 2.14 42.85
N GLU B 428 -37.72 2.34 42.06
CA GLU B 428 -36.59 3.15 42.53
C GLU B 428 -37.03 4.58 42.83
N ARG B 429 -37.84 5.16 41.97
CA ARG B 429 -38.33 6.52 42.17
C ARG B 429 -39.71 6.71 41.54
N LEU C 4 -41.66 -19.79 -30.17
CA LEU C 4 -43.11 -19.70 -29.98
C LEU C 4 -43.54 -18.24 -29.76
N GLU C 5 -44.41 -18.04 -28.79
CA GLU C 5 -44.91 -16.72 -28.45
C GLU C 5 -44.24 -16.22 -27.19
N ILE C 6 -43.73 -14.99 -27.23
CA ILE C 6 -43.01 -14.39 -26.11
C ILE C 6 -43.82 -13.29 -25.42
N GLY C 7 -45.11 -13.20 -25.70
CA GLY C 7 -45.95 -12.21 -25.03
C GLY C 7 -47.41 -12.61 -25.14
N PHE C 8 -48.24 -11.92 -24.36
CA PHE C 8 -49.68 -12.17 -24.32
C PHE C 8 -50.41 -10.92 -24.77
N GLU C 9 -51.38 -11.08 -25.66
CA GLU C 9 -52.18 -9.99 -26.20
C GLU C 9 -53.59 -10.07 -25.61
N VAL C 10 -54.10 -8.92 -25.16
CA VAL C 10 -55.40 -8.91 -24.51
C VAL C 10 -56.51 -9.13 -25.52
N PHE C 11 -57.57 -9.81 -25.08
CA PHE C 11 -58.74 -10.01 -25.92
C PHE C 11 -59.58 -8.75 -25.95
N THR C 12 -60.16 -8.46 -27.11
CA THR C 12 -61.00 -7.29 -27.29
C THR C 12 -62.33 -7.70 -27.89
N PHE C 13 -63.42 -7.21 -27.32
CA PHE C 13 -64.76 -7.52 -27.78
C PHE C 13 -65.62 -6.26 -27.82
N PRO C 14 -66.44 -6.09 -28.85
CA PRO C 14 -67.30 -4.91 -28.91
C PRO C 14 -68.31 -4.89 -27.77
N ARG C 15 -68.69 -3.68 -27.37
CA ARG C 15 -69.48 -3.51 -26.15
C ARG C 15 -70.93 -3.92 -26.34
N GLU C 16 -71.52 -3.57 -27.48
CA GLU C 16 -72.99 -3.55 -27.58
C GLU C 16 -73.60 -4.94 -27.62
N GLU C 17 -73.05 -5.84 -28.43
CA GLU C 17 -73.75 -7.10 -28.69
C GLU C 17 -73.74 -8.00 -27.45
N GLU C 18 -74.69 -8.92 -27.41
CA GLU C 18 -74.87 -9.80 -26.26
C GLU C 18 -73.75 -10.84 -26.19
N ILE C 19 -73.54 -11.37 -25.00
CA ILE C 19 -72.51 -12.37 -24.73
C ILE C 19 -73.16 -13.74 -24.83
N THR C 20 -72.95 -14.42 -25.96
CA THR C 20 -73.50 -15.74 -26.19
C THR C 20 -72.48 -16.82 -25.84
N ILE C 21 -72.95 -18.07 -25.82
CA ILE C 21 -72.13 -19.19 -25.38
C ILE C 21 -71.02 -19.46 -26.38
N GLU C 22 -71.27 -19.17 -27.66
CA GLU C 22 -70.27 -19.44 -28.70
C GLU C 22 -69.04 -18.55 -28.52
N VAL C 23 -69.24 -17.29 -28.14
CA VAL C 23 -68.12 -16.39 -27.90
C VAL C 23 -67.26 -16.90 -26.76
N ILE C 24 -67.91 -17.35 -25.68
CA ILE C 24 -67.18 -17.86 -24.52
C ILE C 24 -66.41 -19.13 -24.90
N GLU C 25 -67.02 -19.99 -25.70
CA GLU C 25 -66.32 -21.20 -26.16
C GLU C 25 -65.12 -20.85 -27.01
N GLU C 26 -65.26 -19.87 -27.90
CA GLU C 26 -64.13 -19.44 -28.72
C GLU C 26 -63.00 -18.89 -27.86
N PHE C 27 -63.33 -18.11 -26.84
CA PHE C 27 -62.29 -17.56 -25.97
C PHE C 27 -61.62 -18.66 -25.14
N MET C 28 -62.39 -19.68 -24.72
CA MET C 28 -61.77 -20.82 -24.06
C MET C 28 -60.81 -21.55 -24.99
N SER C 29 -61.18 -21.71 -26.25
CA SER C 29 -60.25 -22.32 -27.21
C SER C 29 -58.98 -21.49 -27.35
N LEU C 30 -59.12 -20.17 -27.44
CA LEU C 30 -57.95 -19.31 -27.55
C LEU C 30 -57.05 -19.43 -26.32
N HIS C 31 -57.64 -19.49 -25.13
CA HIS C 31 -56.85 -19.60 -23.91
C HIS C 31 -56.17 -20.97 -23.81
N SER C 32 -56.87 -22.02 -24.23
CA SER C 32 -56.28 -23.35 -24.25
C SER C 32 -55.11 -23.41 -25.22
N LYS C 33 -55.16 -22.58 -26.27
CA LYS C 33 -54.00 -22.47 -27.15
C LYS C 33 -52.79 -21.88 -26.42
N GLN C 34 -53.02 -20.89 -25.55
CA GLN C 34 -51.96 -20.17 -24.88
C GLN C 34 -51.43 -20.88 -23.63
N GLN C 35 -52.17 -21.84 -23.10
CA GLN C 35 -51.75 -22.50 -21.85
C GLN C 35 -50.33 -23.07 -21.85
N PRO C 36 -49.83 -23.71 -22.93
CA PRO C 36 -48.49 -24.33 -22.84
C PRO C 36 -47.38 -23.38 -22.41
N ARG C 37 -47.45 -22.09 -22.79
CA ARG C 37 -46.43 -21.15 -22.35
C ARG C 37 -46.42 -21.01 -20.84
N TYR C 38 -47.60 -20.89 -20.23
CA TYR C 38 -47.68 -20.84 -18.77
C TYR C 38 -47.15 -22.13 -18.16
N GLU C 39 -47.49 -23.27 -18.76
CA GLU C 39 -47.02 -24.54 -18.23
C GLU C 39 -45.50 -24.61 -18.23
N ARG C 40 -44.88 -24.20 -19.34
CA ARG C 40 -43.42 -24.22 -19.43
C ARG C 40 -42.79 -23.26 -18.44
N LEU C 41 -43.37 -22.06 -18.30
CA LEU C 41 -42.81 -21.07 -17.38
C LEU C 41 -42.85 -21.56 -15.94
N MET C 42 -43.96 -22.19 -15.55
CA MET C 42 -44.03 -22.73 -14.19
C MET C 42 -43.10 -23.92 -14.01
N LYS C 43 -43.00 -24.79 -15.01
CA LYS C 43 -42.14 -25.97 -14.89
C LYS C 43 -40.67 -25.57 -14.77
N MET C 44 -40.27 -24.49 -15.46
CA MET C 44 -38.89 -24.03 -15.33
C MET C 44 -38.58 -23.57 -13.92
N TYR C 45 -39.51 -22.85 -13.29
CA TYR C 45 -39.28 -22.36 -11.93
C TYR C 45 -39.30 -23.49 -10.92
N LYS C 46 -40.23 -24.43 -11.06
CA LYS C 46 -40.43 -25.44 -10.03
C LYS C 46 -39.21 -26.31 -9.77
N GLY C 47 -38.30 -26.43 -10.73
CA GLY C 47 -37.10 -27.21 -10.53
C GLY C 47 -36.73 -28.10 -11.71
N ASP C 48 -37.74 -28.57 -12.44
CA ASP C 48 -37.48 -29.38 -13.62
C ASP C 48 -36.82 -28.53 -14.70
N ALA C 49 -36.00 -29.18 -15.54
CA ALA C 49 -35.27 -28.48 -16.57
C ALA C 49 -35.36 -29.27 -17.87
N ALA C 50 -34.95 -28.62 -18.97
CA ALA C 50 -35.00 -29.28 -20.27
C ALA C 50 -33.84 -30.23 -20.47
N ILE C 51 -32.80 -30.14 -19.63
CA ILE C 51 -31.64 -31.01 -19.77
C ILE C 51 -32.04 -32.47 -19.53
N PHE C 52 -33.05 -32.69 -18.69
CA PHE C 52 -33.45 -34.05 -18.36
C PHE C 52 -34.16 -34.74 -19.53
N ALA C 53 -34.56 -33.98 -20.55
CA ALA C 53 -35.32 -34.52 -21.66
C ALA C 53 -34.45 -34.92 -22.84
N ARG C 54 -33.13 -34.78 -22.74
CA ARG C 54 -32.27 -35.13 -23.86
C ARG C 54 -32.18 -36.65 -24.02
N LYS C 55 -31.87 -37.08 -25.25
CA LYS C 55 -31.81 -38.50 -25.54
C LYS C 55 -30.61 -39.16 -24.87
N ALA C 56 -30.80 -40.41 -24.47
CA ALA C 56 -29.75 -41.14 -23.77
C ALA C 56 -28.60 -41.51 -24.71
N LYS C 57 -27.46 -41.79 -24.11
CA LYS C 57 -26.25 -42.11 -24.86
C LYS C 57 -26.17 -43.62 -25.07
N GLU C 58 -25.06 -44.09 -25.62
CA GLU C 58 -24.81 -45.52 -25.77
C GLU C 58 -24.51 -46.12 -24.40
N PRO C 59 -24.72 -47.43 -24.25
CA PRO C 59 -24.89 -47.99 -22.89
C PRO C 59 -23.74 -47.76 -21.91
N HIS C 60 -22.49 -47.81 -22.34
CA HIS C 60 -21.38 -47.84 -21.38
C HIS C 60 -20.60 -46.54 -21.30
N LYS C 61 -20.99 -45.52 -22.03
CA LYS C 61 -20.35 -44.23 -21.80
C LYS C 61 -21.07 -43.48 -20.67
N PRO C 62 -20.32 -42.75 -19.84
CA PRO C 62 -20.94 -42.06 -18.72
C PRO C 62 -21.86 -40.95 -19.20
N ASP C 63 -22.91 -40.72 -18.43
CA ASP C 63 -23.91 -39.69 -18.74
C ASP C 63 -24.31 -39.01 -17.45
N ASN C 64 -24.00 -37.73 -17.33
CA ASN C 64 -24.29 -36.93 -16.15
C ASN C 64 -25.19 -35.76 -16.53
N ARG C 65 -26.22 -35.52 -15.73
CA ARG C 65 -27.18 -34.46 -15.97
C ARG C 65 -27.23 -33.55 -14.75
N LEU C 66 -26.75 -32.32 -14.92
CA LEU C 66 -26.71 -31.33 -13.84
C LEU C 66 -27.57 -30.14 -14.22
N ASN C 67 -28.37 -29.65 -13.26
CA ASN C 67 -29.22 -28.49 -13.47
C ASN C 67 -28.85 -27.42 -12.46
N VAL C 68 -28.60 -26.21 -12.96
CA VAL C 68 -28.34 -25.04 -12.12
C VAL C 68 -29.54 -24.12 -12.25
N ASN C 69 -30.20 -23.84 -11.13
CA ASN C 69 -31.47 -23.14 -11.12
C ASN C 69 -31.23 -21.66 -10.87
N TYR C 70 -31.43 -20.83 -11.89
CA TYR C 70 -31.35 -19.38 -11.76
C TYR C 70 -32.70 -18.71 -11.60
N ALA C 71 -33.77 -19.30 -12.15
CA ALA C 71 -35.07 -18.66 -12.10
C ALA C 71 -35.57 -18.53 -10.67
N LYS C 72 -35.43 -19.59 -9.87
CA LYS C 72 -35.86 -19.53 -8.48
C LYS C 72 -35.06 -18.49 -7.71
N TYR C 73 -33.75 -18.44 -7.92
CA TYR C 73 -32.91 -17.45 -7.25
C TYR C 73 -33.35 -16.04 -7.59
N ILE C 74 -33.55 -15.76 -8.88
CA ILE C 74 -33.94 -14.40 -9.29
C ILE C 74 -35.30 -14.04 -8.71
N THR C 75 -36.28 -14.95 -8.82
CA THR C 75 -37.61 -14.65 -8.34
C THR C 75 -37.63 -14.42 -6.83
N ASP C 76 -36.93 -15.27 -6.07
CA ASP C 76 -36.90 -15.12 -4.63
C ASP C 76 -36.19 -13.83 -4.22
N THR C 77 -35.08 -13.50 -4.89
CA THR C 77 -34.37 -12.27 -4.55
C THR C 77 -35.24 -11.05 -4.82
N PHE C 78 -35.91 -11.01 -5.97
CA PHE C 78 -36.75 -9.85 -6.27
C PHE C 78 -37.94 -9.75 -5.34
N SER C 79 -38.56 -10.89 -5.01
CA SER C 79 -39.69 -10.88 -4.09
C SER C 79 -39.27 -10.41 -2.71
N GLY C 80 -38.09 -10.84 -2.24
CA GLY C 80 -37.60 -10.36 -0.97
C GLY C 80 -37.28 -8.88 -0.98
N PHE C 81 -36.70 -8.40 -2.09
CA PHE C 81 -36.36 -6.98 -2.18
C PHE C 81 -37.61 -6.11 -2.16
N PHE C 82 -38.60 -6.45 -2.99
CA PHE C 82 -39.75 -5.57 -3.15
C PHE C 82 -40.65 -5.58 -1.93
N ASN C 83 -41.20 -6.75 -1.60
CA ASN C 83 -42.17 -6.88 -0.52
C ASN C 83 -41.57 -7.43 0.76
N GLY C 84 -40.31 -7.13 1.04
CA GLY C 84 -39.71 -7.57 2.29
C GLY C 84 -40.35 -6.96 3.51
N ILE C 85 -40.65 -5.67 3.44
CA ILE C 85 -41.32 -4.95 4.51
C ILE C 85 -42.74 -4.63 4.06
N PRO C 86 -43.77 -4.96 4.84
CA PRO C 86 -45.14 -4.69 4.41
C PRO C 86 -45.37 -3.20 4.21
N SER C 87 -46.25 -2.89 3.26
CA SER C 87 -46.54 -1.51 2.93
C SER C 87 -47.33 -0.84 4.05
N LYS C 88 -47.25 0.49 4.09
CA LYS C 88 -47.93 1.29 5.09
C LYS C 88 -49.01 2.14 4.41
N LYS C 89 -50.22 2.10 4.95
CA LYS C 89 -51.35 2.84 4.41
C LYS C 89 -52.00 3.64 5.54
N ASN C 90 -52.19 4.94 5.31
CA ASN C 90 -52.69 5.83 6.34
C ASN C 90 -53.58 6.91 5.70
N HIS C 91 -54.33 7.59 6.55
CA HIS C 91 -55.25 8.64 6.12
C HIS C 91 -55.37 9.67 7.22
N LYS C 92 -56.05 10.78 6.90
CA LYS C 92 -56.29 11.86 7.85
C LYS C 92 -57.49 11.57 8.73
N ASN C 93 -58.64 11.27 8.11
CA ASN C 93 -59.84 10.96 8.87
C ASN C 93 -59.63 9.70 9.70
N ASP C 94 -60.12 9.73 10.95
CA ASP C 94 -59.93 8.60 11.85
C ASP C 94 -60.73 7.40 11.39
N VAL C 95 -61.98 7.61 10.98
CA VAL C 95 -62.88 6.48 10.67
C VAL C 95 -62.36 5.70 9.47
N VAL C 96 -61.96 6.40 8.41
CA VAL C 96 -61.51 5.71 7.20
C VAL C 96 -60.25 4.89 7.49
N SER C 97 -59.28 5.50 8.17
CA SER C 97 -58.04 4.79 8.48
C SER C 97 -58.31 3.59 9.39
N ASP C 98 -59.18 3.76 10.39
CA ASP C 98 -59.51 2.66 11.28
C ASP C 98 -60.16 1.52 10.52
N ALA C 99 -61.11 1.83 9.62
CA ALA C 99 -61.76 0.78 8.85
C ALA C 99 -60.78 0.06 7.94
N ILE C 100 -59.90 0.81 7.28
CA ILE C 100 -58.93 0.19 6.37
C ILE C 100 -57.99 -0.72 7.15
N ASN C 101 -57.48 -0.24 8.30
CA ASN C 101 -56.56 -1.04 9.09
C ASN C 101 -57.25 -2.29 9.64
N ASN C 102 -58.50 -2.17 10.08
CA ASN C 102 -59.22 -3.32 10.58
C ASN C 102 -59.44 -4.36 9.47
N PHE C 103 -59.79 -3.88 8.27
CA PHE C 103 -59.97 -4.80 7.15
C PHE C 103 -58.67 -5.52 6.79
N ASP C 104 -57.56 -4.78 6.74
CA ASP C 104 -56.27 -5.40 6.44
C ASP C 104 -55.88 -6.42 7.50
N ASN C 105 -56.09 -6.07 8.78
CA ASN C 105 -55.77 -7.00 9.86
C ASN C 105 -56.62 -8.26 9.78
N GLU C 106 -57.91 -8.10 9.45
CA GLU C 106 -58.80 -9.25 9.40
C GLU C 106 -58.47 -10.17 8.22
N GLN C 107 -58.03 -9.59 7.10
CA GLN C 107 -57.84 -10.38 5.89
C GLN C 107 -56.41 -10.86 5.68
N ASP C 108 -55.48 -10.52 6.58
CA ASP C 108 -54.08 -10.97 6.49
C ASP C 108 -53.49 -10.62 5.12
N MET C 109 -53.40 -9.33 4.84
CA MET C 109 -53.19 -8.90 3.45
C MET C 109 -51.75 -9.03 3.01
N GLN C 110 -50.81 -9.19 3.96
CA GLN C 110 -49.41 -9.31 3.59
C GLN C 110 -49.15 -10.56 2.77
N ASP C 111 -49.70 -11.70 3.19
CA ASP C 111 -49.53 -12.94 2.44
C ASP C 111 -50.14 -12.83 1.05
N GLU C 112 -51.33 -12.23 0.96
CA GLU C 112 -51.98 -12.06 -0.34
C GLU C 112 -51.12 -11.20 -1.27
N GLU C 113 -50.58 -10.09 -0.75
CA GLU C 113 -49.74 -9.23 -1.57
C GLU C 113 -48.48 -9.96 -2.02
N ALA C 114 -47.85 -10.71 -1.11
CA ALA C 114 -46.63 -11.43 -1.48
C ALA C 114 -46.91 -12.48 -2.55
N GLU C 115 -47.99 -13.24 -2.40
CA GLU C 115 -48.32 -14.25 -3.41
C GLU C 115 -48.66 -13.62 -4.75
N LEU C 116 -49.37 -12.49 -4.73
CA LEU C 116 -49.68 -11.81 -5.98
C LEU C 116 -48.42 -11.31 -6.66
N VAL C 117 -47.47 -10.77 -5.89
CA VAL C 117 -46.20 -10.33 -6.48
C VAL C 117 -45.46 -11.50 -7.09
N LYS C 118 -45.40 -12.63 -6.38
CA LYS C 118 -44.68 -13.78 -6.90
C LYS C 118 -45.34 -14.31 -8.19
N LEU C 119 -46.66 -14.39 -8.20
CA LEU C 119 -47.36 -14.85 -9.40
C LEU C 119 -47.14 -13.90 -10.57
N ALA C 120 -47.15 -12.59 -10.30
CA ALA C 120 -46.89 -11.63 -11.36
C ALA C 120 -45.47 -11.78 -11.90
N CYS C 121 -44.51 -12.04 -11.03
CA CYS C 121 -43.13 -12.21 -11.48
C CYS C 121 -42.96 -13.48 -12.31
N VAL C 122 -43.64 -14.57 -11.92
CA VAL C 122 -43.39 -15.84 -12.59
C VAL C 122 -44.10 -15.89 -13.95
N TYR C 123 -45.43 -15.82 -13.94
CA TYR C 123 -46.20 -15.91 -15.18
C TYR C 123 -46.19 -14.63 -16.00
N GLY C 124 -46.28 -13.47 -15.37
CA GLY C 124 -46.38 -12.22 -16.09
C GLY C 124 -47.57 -11.39 -15.65
N HIS C 125 -48.66 -12.05 -15.30
CA HIS C 125 -49.86 -11.38 -14.81
C HIS C 125 -50.66 -12.33 -13.95
N ALA C 126 -51.40 -11.76 -12.99
CA ALA C 126 -52.18 -12.55 -12.05
C ALA C 126 -53.50 -11.84 -11.76
N PHE C 127 -54.47 -12.61 -11.29
CA PHE C 127 -55.81 -12.10 -11.03
C PHE C 127 -56.14 -12.20 -9.54
N GLU C 128 -57.03 -11.32 -9.09
CA GLU C 128 -57.50 -11.30 -7.71
C GLU C 128 -59.02 -11.30 -7.71
N LEU C 129 -59.61 -12.06 -6.80
CA LEU C 129 -61.06 -12.23 -6.72
C LEU C 129 -61.57 -11.69 -5.40
N MET C 130 -62.69 -10.97 -5.44
CA MET C 130 -63.35 -10.42 -4.26
C MET C 130 -64.77 -10.95 -4.19
N TYR C 131 -65.22 -11.31 -2.99
CA TYR C 131 -66.54 -11.88 -2.80
C TYR C 131 -67.02 -11.58 -1.39
N GLN C 132 -68.32 -11.77 -1.19
CA GLN C 132 -68.98 -11.56 0.09
C GLN C 132 -69.33 -12.91 0.71
N ASP C 133 -68.93 -13.11 1.96
CA ASP C 133 -69.18 -14.38 2.64
C ASP C 133 -70.57 -14.40 3.26
N GLU C 134 -70.84 -15.41 4.09
CA GLU C 134 -72.18 -15.57 4.66
C GLU C 134 -72.45 -14.56 5.78
N GLU C 135 -71.41 -14.10 6.46
CA GLU C 135 -71.55 -13.21 7.61
C GLU C 135 -71.37 -11.75 7.23
N THR C 136 -71.67 -11.39 5.98
CA THR C 136 -71.61 -10.01 5.50
C THR C 136 -70.23 -9.39 5.74
N LYS C 137 -69.21 -10.03 5.19
CA LYS C 137 -67.84 -9.54 5.27
C LYS C 137 -67.19 -9.66 3.90
N THR C 138 -66.18 -8.82 3.67
CA THR C 138 -65.48 -8.77 2.39
C THR C 138 -64.21 -9.60 2.47
N ASN C 139 -64.05 -10.51 1.52
CA ASN C 139 -62.88 -11.39 1.45
C ASN C 139 -62.21 -11.25 0.09
N VAL C 140 -60.92 -11.57 0.05
CA VAL C 140 -60.13 -11.51 -1.16
C VAL C 140 -59.37 -12.82 -1.33
N LYS C 141 -59.00 -13.11 -2.57
CA LYS C 141 -58.25 -14.32 -2.90
C LYS C 141 -57.45 -14.07 -4.16
N HIS C 142 -56.43 -14.90 -4.37
CA HIS C 142 -55.54 -14.78 -5.53
C HIS C 142 -55.59 -16.07 -6.34
N ASN C 143 -55.66 -15.93 -7.66
CA ASN C 143 -55.72 -17.05 -8.57
C ASN C 143 -54.59 -16.96 -9.60
N SER C 144 -54.20 -18.12 -10.11
CA SER C 144 -53.21 -18.20 -11.18
C SER C 144 -53.87 -17.92 -12.51
N PRO C 145 -53.10 -17.44 -13.50
CA PRO C 145 -53.67 -17.12 -14.81
C PRO C 145 -53.92 -18.33 -15.70
N GLU C 146 -53.83 -19.55 -15.18
CA GLU C 146 -54.11 -20.72 -16.00
C GLU C 146 -55.60 -20.94 -16.20
N ASP C 147 -56.43 -20.61 -15.21
CA ASP C 147 -57.85 -20.90 -15.24
C ASP C 147 -58.72 -19.68 -15.45
N MET C 148 -58.15 -18.49 -15.60
CA MET C 148 -58.92 -17.27 -15.71
C MET C 148 -58.38 -16.38 -16.82
N PHE C 149 -59.30 -15.73 -17.54
CA PHE C 149 -58.96 -14.71 -18.51
C PHE C 149 -60.01 -13.62 -18.48
N ILE C 150 -59.60 -12.41 -18.86
CA ILE C 150 -60.45 -11.23 -18.81
C ILE C 150 -60.47 -10.59 -20.20
N VAL C 151 -61.63 -10.10 -20.60
CA VAL C 151 -61.83 -9.52 -21.93
C VAL C 151 -62.21 -8.07 -21.77
N TYR C 152 -61.49 -7.19 -22.48
CA TYR C 152 -61.77 -5.77 -22.46
C TYR C 152 -62.69 -5.40 -23.62
N ASP C 153 -63.22 -4.18 -23.56
CA ASP C 153 -64.10 -3.69 -24.61
C ASP C 153 -63.28 -3.20 -25.81
N ASP C 154 -63.96 -2.63 -26.80
CA ASP C 154 -63.34 -2.18 -28.03
C ASP C 154 -63.02 -0.70 -28.02
N THR C 155 -63.48 0.04 -27.01
CA THR C 155 -63.25 1.48 -26.97
C THR C 155 -61.77 1.79 -26.70
N VAL C 156 -61.42 3.06 -26.90
CA VAL C 156 -60.04 3.48 -26.68
C VAL C 156 -59.69 3.40 -25.20
N SER C 157 -60.64 3.73 -24.33
CA SER C 157 -60.36 3.71 -22.90
C SER C 157 -60.06 2.30 -22.41
N GLN C 158 -60.54 1.28 -23.12
CA GLN C 158 -60.26 -0.13 -22.82
C GLN C 158 -60.71 -0.49 -21.41
N LYS C 159 -62.00 -0.39 -21.13
CA LYS C 159 -62.51 -0.79 -19.83
C LYS C 159 -62.79 -2.29 -19.81
N PRO C 160 -62.60 -2.94 -18.66
CA PRO C 160 -62.92 -4.37 -18.56
C PRO C 160 -64.40 -4.62 -18.78
N LEU C 161 -64.71 -5.75 -19.40
CA LEU C 161 -66.09 -6.08 -19.75
C LEU C 161 -66.60 -7.33 -19.04
N PHE C 162 -65.87 -8.44 -19.12
CA PHE C 162 -66.27 -9.66 -18.43
C PHE C 162 -65.06 -10.56 -18.24
N ALA C 163 -65.20 -11.54 -17.35
CA ALA C 163 -64.14 -12.50 -17.06
C ALA C 163 -64.75 -13.87 -16.87
N VAL C 164 -63.95 -14.90 -17.12
CA VAL C 164 -64.39 -16.29 -17.05
C VAL C 164 -63.42 -17.09 -16.19
N ARG C 165 -63.97 -18.06 -15.47
CA ARG C 165 -63.19 -19.04 -14.71
C ARG C 165 -63.85 -20.40 -14.86
N TYR C 166 -63.06 -21.40 -15.23
CA TYR C 166 -63.60 -22.73 -15.51
C TYR C 166 -62.67 -23.79 -14.94
N GLY C 167 -63.04 -25.05 -15.13
CA GLY C 167 -62.25 -26.17 -14.65
C GLY C 167 -63.07 -27.44 -14.51
N LEU C 168 -62.43 -28.58 -14.72
CA LEU C 168 -63.13 -29.86 -14.60
C LEU C 168 -63.44 -30.18 -13.15
N ASP C 169 -64.58 -30.81 -12.92
CA ASP C 169 -64.99 -31.22 -11.59
C ASP C 169 -64.48 -32.63 -11.28
N ARG C 170 -64.97 -33.22 -10.19
CA ARG C 170 -64.51 -34.54 -9.79
C ARG C 170 -64.90 -35.62 -10.79
N GLU C 171 -66.11 -35.53 -11.35
CA GLU C 171 -66.63 -36.56 -12.24
C GLU C 171 -66.18 -36.39 -13.68
N GLY C 172 -65.58 -35.26 -14.02
CA GLY C 172 -65.03 -35.06 -15.35
C GLY C 172 -65.88 -34.26 -16.31
N GLU C 173 -66.69 -33.33 -15.82
CA GLU C 173 -67.49 -32.45 -16.67
C GLU C 173 -67.18 -31.00 -16.34
N LEU C 174 -67.27 -30.14 -17.35
CA LEU C 174 -66.88 -28.74 -17.19
C LEU C 174 -67.84 -28.03 -16.25
N CYS C 175 -67.29 -27.26 -15.31
CA CYS C 175 -68.04 -26.40 -14.43
C CYS C 175 -67.30 -25.09 -14.27
N GLY C 176 -68.01 -23.98 -14.36
CA GLY C 176 -67.37 -22.68 -14.30
C GLY C 176 -68.32 -21.58 -13.91
N THR C 177 -67.76 -20.38 -13.74
CA THR C 177 -68.50 -19.21 -13.34
C THR C 177 -68.19 -18.06 -14.28
N LEU C 178 -69.22 -17.29 -14.61
CA LEU C 178 -69.10 -16.12 -15.47
C LEU C 178 -69.38 -14.87 -14.66
N TYR C 179 -68.47 -13.91 -14.69
CA TYR C 179 -68.61 -12.66 -13.97
C TYR C 179 -68.84 -11.52 -14.96
N THR C 180 -69.92 -10.79 -14.77
CA THR C 180 -70.22 -9.59 -15.55
C THR C 180 -70.42 -8.42 -14.59
N GLU C 181 -70.58 -7.23 -15.17
CA GLU C 181 -70.73 -6.03 -14.35
C GLU C 181 -72.03 -6.06 -13.54
N ASP C 182 -73.11 -6.57 -14.14
CA ASP C 182 -74.40 -6.53 -13.49
C ASP C 182 -74.79 -7.86 -12.84
N VAL C 183 -74.53 -8.98 -13.51
CA VAL C 183 -74.95 -10.30 -13.03
C VAL C 183 -73.77 -11.25 -13.03
N ASP C 184 -73.90 -12.32 -12.26
CA ASP C 184 -72.94 -13.42 -12.25
C ASP C 184 -73.70 -14.71 -12.57
N VAL C 185 -73.16 -15.48 -13.51
CA VAL C 185 -73.84 -16.68 -14.02
C VAL C 185 -72.94 -17.88 -13.79
N THR C 186 -73.56 -19.02 -13.50
CA THR C 186 -72.84 -20.27 -13.30
C THR C 186 -72.95 -21.12 -14.57
N LEU C 187 -71.81 -21.61 -15.05
CA LEU C 187 -71.76 -22.43 -16.26
C LEU C 187 -71.68 -23.90 -15.85
N ILE C 188 -72.63 -24.70 -16.35
CA ILE C 188 -72.68 -26.12 -16.06
C ILE C 188 -72.88 -26.89 -17.35
N GLY C 189 -72.16 -27.98 -17.51
CA GLY C 189 -72.29 -28.83 -18.68
C GLY C 189 -72.05 -30.28 -18.33
N LYS C 190 -72.91 -31.15 -18.85
CA LYS C 190 -72.83 -32.59 -18.56
C LYS C 190 -72.59 -33.42 -19.81
N ASN C 191 -73.33 -33.18 -20.91
CA ASN C 191 -73.14 -33.98 -22.11
C ASN C 191 -71.92 -33.50 -22.90
N GLY C 192 -71.48 -32.28 -22.65
CA GLY C 192 -70.37 -31.71 -23.37
C GLY C 192 -70.60 -30.26 -23.75
N THR C 193 -71.87 -29.89 -23.89
CA THR C 193 -72.24 -28.52 -24.16
C THR C 193 -72.28 -27.71 -22.87
N MET C 194 -72.51 -26.40 -23.01
CA MET C 194 -72.54 -25.49 -21.88
C MET C 194 -73.87 -24.74 -21.87
N ILE C 195 -74.52 -24.70 -20.71
CA ILE C 195 -75.80 -24.04 -20.54
C ILE C 195 -75.74 -23.18 -19.28
N PHE C 196 -76.35 -21.99 -19.34
CA PHE C 196 -76.39 -21.11 -18.19
C PHE C 196 -77.30 -21.70 -17.11
N GLY C 197 -76.80 -21.69 -15.87
CA GLY C 197 -77.50 -22.36 -14.79
C GLY C 197 -78.28 -21.47 -13.84
N GLU C 198 -77.69 -20.37 -13.41
CA GLU C 198 -78.31 -19.52 -12.40
C GLU C 198 -77.71 -18.12 -12.50
N GLU C 199 -78.48 -17.14 -12.02
CA GLU C 199 -78.06 -15.74 -12.06
C GLU C 199 -78.19 -15.15 -10.67
N SER C 200 -77.19 -14.35 -10.28
CA SER C 200 -77.20 -13.68 -8.99
C SER C 200 -76.78 -12.23 -9.19
N GLU C 201 -77.39 -11.34 -8.41
CA GLU C 201 -77.11 -9.91 -8.52
C GLU C 201 -75.70 -9.60 -8.02
N ASN C 202 -75.12 -8.55 -8.58
CA ASN C 202 -73.78 -8.09 -8.21
C ASN C 202 -73.91 -6.91 -7.25
N VAL C 203 -73.52 -7.13 -5.99
CA VAL C 203 -73.60 -6.07 -5.00
C VAL C 203 -72.61 -4.95 -5.32
N TYR C 204 -71.46 -5.30 -5.87
CA TYR C 204 -70.46 -4.31 -6.21
C TYR C 204 -70.86 -3.55 -7.48
N ASN C 205 -70.18 -2.44 -7.73
CA ASN C 205 -70.49 -1.57 -8.85
C ASN C 205 -69.57 -1.81 -10.05
N ASP C 206 -68.76 -2.87 -10.02
CA ASP C 206 -67.84 -3.16 -11.12
C ASP C 206 -67.55 -4.66 -11.10
N LEU C 207 -66.62 -5.07 -11.95
CA LEU C 207 -66.23 -6.48 -12.00
C LEU C 207 -65.54 -6.88 -10.70
N ALA C 208 -65.71 -8.15 -10.33
CA ALA C 208 -65.12 -8.70 -9.12
C ALA C 208 -63.73 -9.27 -9.34
N VAL C 209 -63.16 -9.10 -10.53
CA VAL C 209 -61.85 -9.63 -10.87
C VAL C 209 -60.94 -8.47 -11.27
N THR C 210 -59.76 -8.41 -10.65
CA THR C 210 -58.77 -7.38 -10.93
C THR C 210 -57.49 -8.03 -11.43
N GLU C 211 -56.86 -7.38 -12.40
CA GLU C 211 -55.67 -7.92 -13.07
C GLU C 211 -54.44 -7.14 -12.64
N PHE C 212 -53.40 -7.86 -12.24
CA PHE C 212 -52.10 -7.28 -11.94
C PHE C 212 -51.14 -7.67 -13.06
N ILE C 213 -50.42 -6.69 -13.60
CA ILE C 213 -49.52 -6.93 -14.72
C ILE C 213 -48.11 -6.52 -14.32
N PHE C 214 -47.13 -7.34 -14.69
CA PHE C 214 -45.73 -6.97 -14.47
C PHE C 214 -45.29 -5.88 -15.44
N ASN C 215 -45.63 -6.03 -16.72
CA ASN C 215 -45.28 -5.05 -17.74
C ASN C 215 -46.50 -4.82 -18.62
N GLU C 216 -46.34 -3.94 -19.60
CA GLU C 216 -47.40 -3.73 -20.58
C GLU C 216 -47.43 -4.82 -21.65
N GLU C 217 -46.34 -5.57 -21.82
CA GLU C 217 -46.31 -6.72 -22.71
C GLU C 217 -46.55 -8.03 -21.96
N ARG C 218 -46.67 -7.97 -20.63
CA ARG C 218 -46.96 -9.13 -19.80
C ARG C 218 -45.90 -10.22 -20.00
N MET C 219 -44.67 -9.88 -19.63
CA MET C 219 -43.53 -10.78 -19.73
C MET C 219 -42.95 -11.04 -18.34
N GLY C 220 -42.44 -12.25 -18.15
CA GLY C 220 -41.82 -12.61 -16.90
C GLY C 220 -40.44 -12.00 -16.73
N ILE C 221 -39.86 -12.21 -15.55
CA ILE C 221 -38.54 -11.68 -15.27
C ILE C 221 -37.48 -12.41 -16.08
N TYR C 222 -37.54 -13.73 -16.13
CA TYR C 222 -36.51 -14.55 -16.75
C TYR C 222 -36.95 -15.14 -18.08
N GLU C 223 -37.93 -14.54 -18.76
CA GLU C 223 -38.39 -15.10 -20.02
C GLU C 223 -37.36 -14.91 -21.13
N THR C 224 -36.52 -13.89 -21.02
CA THR C 224 -35.57 -13.59 -22.09
C THR C 224 -34.18 -14.20 -21.88
N VAL C 225 -33.97 -14.98 -20.83
CA VAL C 225 -32.67 -15.55 -20.54
C VAL C 225 -32.72 -17.08 -20.48
N THR C 226 -33.62 -17.70 -21.24
CA THR C 226 -33.72 -19.16 -21.20
C THR C 226 -32.56 -19.82 -21.95
N ALA C 227 -32.18 -19.26 -23.10
CA ALA C 227 -31.14 -19.88 -23.92
C ALA C 227 -29.81 -19.92 -23.20
N LEU C 228 -29.45 -18.84 -22.51
CA LEU C 228 -28.18 -18.80 -21.79
C LEU C 228 -28.16 -19.84 -20.68
N ILE C 229 -29.26 -19.98 -19.95
CA ILE C 229 -29.34 -20.98 -18.88
C ILE C 229 -29.18 -22.39 -19.46
N ASP C 230 -29.88 -22.67 -20.57
CA ASP C 230 -29.78 -23.99 -21.16
C ASP C 230 -28.36 -24.29 -21.64
N SER C 231 -27.72 -23.30 -22.27
CA SER C 231 -26.36 -23.49 -22.74
C SER C 231 -25.40 -23.72 -21.57
N TYR C 232 -25.57 -22.97 -20.48
CA TYR C 232 -24.72 -23.16 -19.32
C TYR C 232 -24.87 -24.55 -18.73
N ASP C 233 -26.12 -25.03 -18.61
CA ASP C 233 -26.34 -26.37 -18.09
C ASP C 233 -25.71 -27.42 -18.99
N LYS C 234 -25.87 -27.27 -20.31
CA LYS C 234 -25.29 -28.25 -21.23
C LYS C 234 -23.78 -28.25 -21.15
N ALA C 235 -23.16 -27.07 -21.08
CA ALA C 235 -21.70 -27.00 -21.02
C ALA C 235 -21.16 -27.61 -19.73
N ILE C 236 -21.79 -27.31 -18.59
CA ILE C 236 -21.30 -27.86 -17.34
C ILE C 236 -21.48 -29.37 -17.29
N SER C 237 -22.60 -29.87 -17.86
CA SER C 237 -22.80 -31.31 -17.93
C SER C 237 -21.75 -31.97 -18.81
N GLU C 238 -21.43 -31.35 -19.95
CA GLU C 238 -20.41 -31.91 -20.83
C GLU C 238 -19.05 -31.95 -20.16
N LYS C 239 -18.69 -30.89 -19.43
CA LYS C 239 -17.42 -30.90 -18.71
C LYS C 239 -17.40 -31.99 -17.65
N THR C 240 -18.51 -32.15 -16.92
CA THR C 240 -18.58 -33.21 -15.91
C THR C 240 -18.40 -34.58 -16.54
N ASN C 241 -19.03 -34.80 -17.70
CA ASN C 241 -18.83 -36.06 -18.42
C ASN C 241 -17.38 -36.25 -18.82
N ASP C 242 -16.73 -35.19 -19.32
CA ASP C 242 -15.36 -35.31 -19.79
C ASP C 242 -14.40 -35.66 -18.65
N VAL C 243 -14.62 -35.07 -17.46
CA VAL C 243 -13.70 -35.30 -16.35
C VAL C 243 -13.72 -36.76 -15.90
N ASP C 244 -14.82 -37.46 -16.12
CA ASP C 244 -15.03 -38.76 -15.47
C ASP C 244 -14.36 -39.91 -16.23
N TYR C 245 -14.32 -39.85 -17.57
CA TYR C 245 -13.99 -41.04 -18.36
C TYR C 245 -12.56 -41.52 -18.11
N PHE C 246 -11.58 -40.63 -18.14
CA PHE C 246 -10.19 -41.04 -18.14
C PHE C 246 -9.58 -40.92 -16.75
N SER C 247 -8.50 -41.68 -16.54
CA SER C 247 -7.76 -41.63 -15.29
C SER C 247 -6.73 -40.50 -15.34
N ASP C 248 -5.88 -40.44 -14.31
CA ASP C 248 -4.88 -39.38 -14.25
C ASP C 248 -3.60 -39.79 -14.96
N SER C 249 -3.04 -40.95 -14.63
CA SER C 249 -1.79 -41.41 -15.21
C SER C 249 -1.87 -42.90 -15.47
N TYR C 250 -1.11 -43.35 -16.47
CA TYR C 250 -1.07 -44.74 -16.87
C TYR C 250 0.37 -45.21 -16.95
N LEU C 251 0.57 -46.52 -16.84
CA LEU C 251 1.87 -47.15 -16.98
C LEU C 251 1.90 -48.00 -18.24
N LYS C 252 2.94 -47.81 -19.05
CA LYS C 252 3.07 -48.48 -20.34
C LYS C 252 4.26 -49.43 -20.30
N VAL C 253 4.01 -50.71 -20.59
CA VAL C 253 5.05 -51.72 -20.69
C VAL C 253 4.92 -52.38 -22.05
N VAL C 254 5.99 -52.31 -22.85
CA VAL C 254 6.00 -52.86 -24.20
C VAL C 254 7.22 -53.76 -24.34
N GLY C 255 6.99 -54.99 -24.80
CA GLY C 255 8.06 -55.93 -25.06
C GLY C 255 8.29 -56.97 -23.98
N ALA C 256 7.63 -56.85 -22.83
CA ALA C 256 7.80 -57.80 -21.75
C ALA C 256 6.43 -58.21 -21.23
N MET C 257 6.37 -59.43 -20.69
CA MET C 257 5.13 -60.01 -20.19
C MET C 257 4.98 -59.65 -18.71
N LEU C 258 3.84 -59.06 -18.36
CA LEU C 258 3.52 -58.71 -16.99
C LEU C 258 2.25 -59.43 -16.58
N SER C 259 2.32 -60.19 -15.49
CA SER C 259 1.21 -61.00 -15.02
C SER C 259 0.40 -60.25 -13.96
N PRO C 260 -0.90 -60.53 -13.86
CA PRO C 260 -1.70 -59.84 -12.83
C PRO C 260 -1.23 -60.11 -11.42
N GLU C 261 -0.58 -61.25 -11.17
CA GLU C 261 -0.13 -61.57 -9.83
C GLU C 261 0.94 -60.60 -9.35
N MET C 262 1.82 -60.17 -10.25
CA MET C 262 2.91 -59.27 -9.86
C MET C 262 2.38 -57.90 -9.46
N ILE C 263 1.31 -57.45 -10.09
CA ILE C 263 0.80 -56.10 -9.84
C ILE C 263 -0.23 -56.13 -8.72
N GLU C 264 -0.32 -57.26 -8.01
CA GLU C 264 -1.21 -57.34 -6.85
C GLU C 264 -0.78 -56.35 -5.77
N LYS C 265 0.52 -56.23 -5.54
CA LYS C 265 1.09 -55.26 -4.60
C LYS C 265 2.04 -54.35 -5.37
N ILE C 266 1.50 -53.29 -5.96
CA ILE C 266 2.34 -52.37 -6.73
C ILE C 266 2.68 -51.14 -5.91
N ARG C 267 1.92 -50.88 -4.85
CA ARG C 267 2.19 -49.70 -4.03
C ARG C 267 3.38 -49.94 -3.11
N ASP C 268 3.60 -51.18 -2.71
CA ASP C 268 4.65 -51.52 -1.74
C ASP C 268 5.97 -51.90 -2.39
N THR C 269 6.01 -52.07 -3.71
CA THR C 269 7.22 -52.44 -4.43
C THR C 269 7.60 -51.31 -5.37
N ARG C 270 8.84 -50.81 -5.23
CA ARG C 270 9.28 -49.64 -5.96
C ARG C 270 10.52 -49.89 -6.81
N VAL C 271 10.79 -51.15 -7.17
CA VAL C 271 11.93 -51.50 -8.02
C VAL C 271 11.41 -52.37 -9.15
N ILE C 272 11.70 -51.97 -10.39
CA ILE C 272 11.32 -52.70 -11.59
C ILE C 272 12.58 -53.22 -12.26
N ASN C 273 12.60 -54.52 -12.56
CA ASN C 273 13.80 -55.17 -13.09
C ASN C 273 13.43 -56.05 -14.27
N VAL C 274 14.21 -55.93 -15.35
CA VAL C 274 14.08 -56.80 -16.52
C VAL C 274 15.42 -57.46 -16.76
N PRO C 275 15.61 -58.71 -16.31
CA PRO C 275 16.96 -59.29 -16.37
C PRO C 275 17.41 -59.68 -17.77
N GLU C 276 16.54 -60.29 -18.56
CA GLU C 276 16.90 -60.78 -19.90
C GLU C 276 15.93 -60.22 -20.94
N PRO C 277 16.24 -59.10 -21.58
CA PRO C 277 15.34 -58.55 -22.58
C PRO C 277 15.43 -59.32 -23.89
N PRO C 278 14.37 -59.31 -24.69
CA PRO C 278 14.44 -59.98 -26.00
C PRO C 278 15.44 -59.30 -26.92
N HIS C 279 16.10 -60.10 -27.75
CA HIS C 279 17.17 -59.59 -28.60
C HIS C 279 16.61 -58.79 -29.78
N ASP C 280 15.55 -59.30 -30.41
CA ASP C 280 15.13 -58.75 -31.69
C ASP C 280 14.36 -57.43 -31.52
N VAL C 281 13.53 -57.32 -30.49
CA VAL C 281 12.71 -56.13 -30.31
C VAL C 281 13.24 -55.29 -29.16
N SER C 282 12.69 -54.09 -29.00
CA SER C 282 13.13 -53.14 -27.99
C SER C 282 12.08 -53.04 -26.88
N VAL C 283 12.55 -52.81 -25.66
CA VAL C 283 11.69 -52.72 -24.48
C VAL C 283 11.60 -51.25 -24.08
N ASP C 284 10.38 -50.76 -23.92
CA ASP C 284 10.13 -49.38 -23.54
C ASP C 284 9.17 -49.35 -22.36
N ILE C 285 9.52 -48.60 -21.32
CA ILE C 285 8.72 -48.45 -20.11
C ILE C 285 8.65 -46.97 -19.77
N GLY C 286 7.46 -46.50 -19.41
CA GLY C 286 7.29 -45.10 -19.06
C GLY C 286 5.89 -44.83 -18.57
N PHE C 287 5.67 -43.56 -18.21
CA PHE C 287 4.38 -43.10 -17.72
C PHE C 287 3.71 -42.23 -18.77
N LEU C 288 2.38 -42.34 -18.86
CA LEU C 288 1.57 -41.48 -19.71
C LEU C 288 0.67 -40.63 -18.83
N ASP C 289 0.62 -39.33 -19.12
CA ASP C 289 -0.14 -38.38 -18.32
C ASP C 289 -1.31 -37.83 -19.13
N LYS C 290 -2.47 -37.77 -18.50
CA LYS C 290 -3.63 -37.17 -19.15
C LYS C 290 -3.44 -35.66 -19.23
N PRO C 291 -3.58 -35.06 -20.41
CA PRO C 291 -3.38 -33.61 -20.53
C PRO C 291 -4.54 -32.85 -19.89
N ASP C 292 -4.18 -31.87 -19.06
CA ASP C 292 -5.17 -31.04 -18.35
C ASP C 292 -4.87 -29.57 -18.67
N SER C 293 -5.49 -29.08 -19.75
CA SER C 293 -5.34 -27.70 -20.19
C SER C 293 -6.66 -27.24 -20.78
N ASP C 294 -7.43 -26.48 -20.01
CA ASP C 294 -8.72 -25.96 -20.45
C ASP C 294 -8.75 -24.46 -20.21
N SER C 295 -8.94 -23.70 -21.26
CA SER C 295 -9.02 -22.25 -21.16
C SER C 295 -10.22 -21.66 -21.87
N GLN C 296 -10.69 -22.31 -22.94
CA GLN C 296 -11.83 -21.77 -23.68
C GLN C 296 -13.13 -21.98 -22.92
N THR C 297 -13.29 -23.16 -22.30
CA THR C 297 -14.51 -23.46 -21.57
C THR C 297 -14.70 -22.52 -20.40
N GLU C 298 -13.63 -22.23 -19.66
CA GLU C 298 -13.74 -21.33 -18.51
C GLU C 298 -14.18 -19.94 -18.96
N ASN C 299 -13.59 -19.41 -20.03
CA ASN C 299 -13.97 -18.09 -20.51
C ASN C 299 -15.42 -18.06 -20.98
N LEU C 300 -15.84 -19.09 -21.72
CA LEU C 300 -17.23 -19.13 -22.17
C LEU C 300 -18.20 -19.17 -20.99
N LEU C 301 -17.91 -20.01 -19.99
CA LEU C 301 -18.78 -20.11 -18.83
C LEU C 301 -18.83 -18.80 -18.06
N ASP C 302 -17.67 -18.13 -17.91
CA ASP C 302 -17.66 -16.85 -17.21
C ASP C 302 -18.50 -15.81 -17.94
N ARG C 303 -18.36 -15.72 -19.27
CA ARG C 303 -19.15 -14.74 -20.00
C ARG C 303 -20.64 -15.03 -19.89
N ILE C 304 -21.03 -16.31 -20.02
CA ILE C 304 -22.44 -16.65 -19.93
C ILE C 304 -22.98 -16.32 -18.53
N ASP C 305 -22.22 -16.66 -17.49
CA ASP C 305 -22.66 -16.39 -16.13
C ASP C 305 -22.82 -14.90 -15.87
N LYS C 306 -21.88 -14.09 -16.35
CA LYS C 306 -22.00 -12.65 -16.17
C LYS C 306 -23.21 -12.09 -16.92
N HIS C 307 -23.41 -12.54 -18.16
CA HIS C 307 -24.53 -12.03 -18.95
C HIS C 307 -25.87 -12.41 -18.32
N ILE C 308 -25.97 -13.61 -17.76
CA ILE C 308 -27.24 -14.04 -17.17
C ILE C 308 -27.68 -13.09 -16.08
N TYR C 309 -26.75 -12.69 -15.21
CA TYR C 309 -27.11 -11.78 -14.12
C TYR C 309 -27.30 -10.36 -14.63
N GLN C 310 -26.47 -9.92 -15.58
CA GLN C 310 -26.56 -8.53 -16.03
C GLN C 310 -27.85 -8.27 -16.79
N ILE C 311 -28.20 -9.14 -17.72
CA ILE C 311 -29.37 -8.90 -18.57
C ILE C 311 -30.66 -8.96 -17.77
N ALA C 312 -30.73 -9.83 -16.78
CA ALA C 312 -31.93 -9.96 -15.95
C ALA C 312 -32.13 -8.79 -15.01
N MET C 313 -31.15 -7.89 -14.91
CA MET C 313 -31.23 -6.72 -14.03
C MET C 313 -31.45 -7.12 -12.57
N VAL C 314 -30.73 -8.16 -12.13
CA VAL C 314 -30.71 -8.58 -10.75
C VAL C 314 -29.26 -8.72 -10.31
N ALA C 315 -28.94 -8.12 -9.17
CA ALA C 315 -27.57 -8.03 -8.69
C ALA C 315 -27.17 -9.32 -7.98
N ASN C 316 -25.93 -9.73 -8.23
CA ASN C 316 -25.35 -10.91 -7.57
C ASN C 316 -24.61 -10.40 -6.34
N ILE C 317 -25.31 -10.38 -5.20
CA ILE C 317 -24.73 -9.86 -3.97
C ILE C 317 -23.62 -10.76 -3.45
N SER C 318 -23.79 -12.07 -3.52
CA SER C 318 -22.87 -13.02 -2.90
C SER C 318 -21.56 -13.17 -3.66
N ASP C 319 -21.37 -12.43 -4.75
CA ASP C 319 -20.15 -12.55 -5.53
C ASP C 319 -18.95 -12.04 -4.73
N GLU C 320 -17.81 -12.72 -4.90
CA GLU C 320 -16.58 -12.27 -4.24
C GLU C 320 -16.02 -11.00 -4.87
N SER C 321 -16.38 -10.72 -6.13
CA SER C 321 -15.96 -9.51 -6.81
C SER C 321 -16.92 -8.35 -6.58
N PHE C 322 -17.89 -8.52 -5.67
CA PHE C 322 -18.84 -7.46 -5.37
C PHE C 322 -18.14 -6.31 -4.66
N GLY C 323 -18.84 -5.19 -4.53
CA GLY C 323 -18.28 -3.97 -3.96
C GLY C 323 -17.63 -4.18 -2.61
N SER C 324 -16.42 -3.62 -2.43
CA SER C 324 -15.63 -3.86 -1.24
C SER C 324 -15.20 -2.53 -0.62
N SER C 325 -15.49 -2.36 0.67
CA SER C 325 -14.96 -1.26 1.48
C SER C 325 -15.30 0.10 0.89
N SER C 326 -16.59 0.41 0.82
CA SER C 326 -17.05 1.70 0.35
C SER C 326 -18.49 1.93 0.81
N GLY C 327 -18.77 3.15 1.26
CA GLY C 327 -20.11 3.48 1.69
C GLY C 327 -21.10 3.58 0.54
N VAL C 328 -20.68 4.26 -0.53
CA VAL C 328 -21.63 4.60 -1.60
C VAL C 328 -21.48 3.66 -2.79
N ALA C 329 -20.28 3.11 -3.00
CA ALA C 329 -20.07 2.24 -4.16
C ALA C 329 -20.91 0.97 -4.05
N LEU C 330 -21.21 0.54 -2.83
CA LEU C 330 -22.11 -0.60 -2.65
C LEU C 330 -23.54 -0.23 -3.01
N ALA C 331 -23.94 1.01 -2.73
CA ALA C 331 -25.30 1.44 -3.02
C ALA C 331 -25.54 1.57 -4.52
N TYR C 332 -24.48 1.84 -5.29
CA TYR C 332 -24.63 2.02 -6.73
C TYR C 332 -24.96 0.70 -7.42
N LYS C 333 -24.39 -0.41 -6.94
CA LYS C 333 -24.53 -1.68 -7.65
C LYS C 333 -25.95 -2.21 -7.58
N LEU C 334 -26.75 -1.70 -6.63
CA LEU C 334 -28.13 -2.14 -6.48
C LEU C 334 -29.11 -1.26 -7.24
N GLN C 335 -28.63 -0.29 -8.01
CA GLN C 335 -29.52 0.65 -8.68
C GLN C 335 -30.47 0.02 -9.70
N PRO C 336 -30.02 -0.86 -10.61
CA PRO C 336 -30.98 -1.43 -11.58
C PRO C 336 -32.14 -2.16 -10.94
N MET C 337 -31.88 -2.88 -9.85
CA MET C 337 -32.97 -3.56 -9.15
C MET C 337 -33.97 -2.55 -8.58
N SER C 338 -33.45 -1.43 -8.06
CA SER C 338 -34.34 -0.36 -7.59
C SER C 338 -35.15 0.22 -8.73
N ASN C 339 -34.54 0.37 -9.91
CA ASN C 339 -35.28 0.87 -11.07
C ASN C 339 -36.42 -0.07 -11.45
N LEU C 340 -36.13 -1.38 -11.47
CA LEU C 340 -37.17 -2.35 -11.80
C LEU C 340 -38.29 -2.33 -10.76
N ALA C 341 -37.92 -2.24 -9.47
CA ALA C 341 -38.93 -2.16 -8.43
C ALA C 341 -39.80 -0.92 -8.57
N ALA C 342 -39.17 0.22 -8.89
CA ALA C 342 -39.94 1.45 -9.10
C ALA C 342 -40.88 1.31 -10.30
N ALA C 343 -40.42 0.65 -11.35
CA ALA C 343 -41.28 0.44 -12.52
C ALA C 343 -42.50 -0.41 -12.17
N PHE C 344 -42.31 -1.47 -11.38
CA PHE C 344 -43.44 -2.32 -11.02
C PHE C 344 -44.35 -1.64 -9.99
N GLU C 345 -43.79 -0.73 -9.19
CA GLU C 345 -44.55 -0.11 -8.12
C GLU C 345 -45.72 0.71 -8.66
N ARG C 346 -45.56 1.29 -9.86
CA ARG C 346 -46.65 2.08 -10.43
C ARG C 346 -47.89 1.24 -10.67
N LYS C 347 -47.73 0.11 -11.37
CA LYS C 347 -48.84 -0.78 -11.61
C LYS C 347 -49.42 -1.33 -10.31
N PHE C 348 -48.53 -1.71 -9.38
CA PHE C 348 -49.04 -2.25 -8.11
C PHE C 348 -49.87 -1.23 -7.36
N GLN C 349 -49.40 0.02 -7.30
CA GLN C 349 -50.12 1.07 -6.60
C GLN C 349 -51.45 1.38 -7.27
N ALA C 350 -51.46 1.45 -8.61
CA ALA C 350 -52.71 1.72 -9.31
C ALA C 350 -53.74 0.63 -9.04
N ALA C 351 -53.31 -0.63 -9.08
CA ALA C 351 -54.23 -1.73 -8.80
C ALA C 351 -54.73 -1.70 -7.36
N LEU C 352 -53.84 -1.39 -6.39
CA LEU C 352 -54.28 -1.29 -5.00
C LEU C 352 -55.29 -0.17 -4.82
N THR C 353 -55.06 0.96 -5.50
CA THR C 353 -56.00 2.08 -5.44
C THR C 353 -57.36 1.67 -5.99
N GLN C 354 -57.37 0.93 -7.11
CA GLN C 354 -58.64 0.47 -7.66
C GLN C 354 -59.36 -0.46 -6.69
N ARG C 355 -58.60 -1.37 -6.05
CA ARG C 355 -59.22 -2.28 -5.08
C ARG C 355 -59.84 -1.53 -3.92
N TYR C 356 -59.14 -0.54 -3.37
CA TYR C 356 -59.69 0.19 -2.24
C TYR C 356 -60.81 1.13 -2.67
N LYS C 357 -60.82 1.53 -3.94
CA LYS C 357 -61.99 2.20 -4.50
C LYS C 357 -63.20 1.28 -4.48
N MET C 358 -62.99 0.02 -4.83
CA MET C 358 -64.08 -0.95 -4.76
C MET C 358 -64.54 -1.18 -3.33
N PHE C 359 -63.60 -1.17 -2.37
CA PHE C 359 -63.89 -1.70 -1.04
C PHE C 359 -64.99 -0.90 -0.33
N MET C 360 -64.91 0.43 -0.35
CA MET C 360 -65.82 1.22 0.49
C MET C 360 -67.13 1.54 -0.23
N SER C 361 -67.35 0.95 -1.41
CA SER C 361 -68.60 1.19 -2.12
C SER C 361 -69.81 0.72 -1.31
N LEU C 362 -69.69 -0.44 -0.65
CA LEU C 362 -70.79 -0.98 0.13
C LEU C 362 -71.09 -0.09 1.33
N LEU C 363 -72.38 -0.01 1.68
CA LEU C 363 -72.77 0.83 2.81
C LEU C 363 -72.41 0.18 4.14
N THR C 364 -72.22 -1.13 4.15
CA THR C 364 -71.87 -1.82 5.39
C THR C 364 -70.51 -1.38 5.92
N ASN C 365 -69.54 -1.21 5.02
CA ASN C 365 -68.19 -0.87 5.45
C ASN C 365 -68.13 0.54 6.05
N VAL C 366 -68.68 1.53 5.33
CA VAL C 366 -68.62 2.92 5.77
C VAL C 366 -69.93 3.60 5.39
N SER C 367 -70.14 4.81 5.93
CA SER C 367 -71.32 5.57 5.61
C SER C 367 -71.26 6.09 4.18
N ALA C 368 -72.44 6.47 3.66
CA ALA C 368 -72.52 6.93 2.27
C ALA C 368 -71.78 8.25 2.08
N ASN C 369 -71.60 9.01 3.16
CA ASN C 369 -70.92 10.31 3.05
C ASN C 369 -69.46 10.15 2.64
N LEU C 370 -68.78 9.13 3.17
CA LEU C 370 -67.36 8.96 2.98
C LEU C 370 -67.00 8.06 1.80
N SER C 371 -67.98 7.70 0.96
CA SER C 371 -67.72 6.77 -0.13
C SER C 371 -66.71 7.32 -1.13
N ASN C 372 -66.82 8.61 -1.46
CA ASN C 372 -65.99 9.23 -2.49
C ASN C 372 -64.65 9.73 -1.95
N GLU C 373 -64.17 9.19 -0.85
CA GLU C 373 -62.95 9.67 -0.20
C GLU C 373 -61.74 8.78 -0.51
N TRP C 374 -61.87 7.88 -1.50
CA TRP C 374 -60.75 6.98 -1.81
C TRP C 374 -59.57 7.73 -2.42
N ARG C 375 -59.75 9.00 -2.79
CA ARG C 375 -58.64 9.80 -3.27
C ARG C 375 -57.63 10.13 -2.18
N GLY C 376 -58.04 10.09 -0.92
CA GLY C 376 -57.17 10.55 0.15
C GLY C 376 -56.18 9.50 0.63
N ILE C 377 -56.36 8.25 0.19
CA ILE C 377 -55.49 7.18 0.65
C ILE C 377 -54.08 7.40 0.12
N GLU C 378 -53.08 7.23 0.99
CA GLU C 378 -51.68 7.42 0.65
C GLU C 378 -50.91 6.14 0.93
N PHE C 379 -50.10 5.71 -0.04
CA PHE C 379 -49.32 4.49 0.08
C PHE C 379 -47.84 4.83 0.19
N ARG C 380 -47.14 4.14 1.08
CA ARG C 380 -45.70 4.29 1.27
C ARG C 380 -45.04 2.93 1.13
N PHE C 381 -44.06 2.84 0.23
CA PHE C 381 -43.32 1.62 -0.02
C PHE C 381 -41.87 1.83 0.36
N THR C 382 -41.27 0.82 1.00
CA THR C 382 -39.86 0.85 1.38
C THR C 382 -39.19 -0.44 0.95
N ARG C 383 -37.93 -0.34 0.57
CA ARG C 383 -37.16 -1.50 0.12
C ARG C 383 -36.42 -2.14 1.29
N ASN C 384 -36.01 -3.39 1.09
CA ASN C 384 -35.33 -4.16 2.12
C ASN C 384 -33.82 -4.07 1.87
N ILE C 385 -33.17 -3.13 2.55
CA ILE C 385 -31.72 -2.96 2.45
C ILE C 385 -31.16 -2.85 3.86
N PRO C 386 -29.87 -3.16 4.04
CA PRO C 386 -29.26 -2.98 5.37
C PRO C 386 -29.36 -1.54 5.82
N LYS C 387 -29.63 -1.37 7.11
CA LYS C 387 -29.89 -0.06 7.68
C LYS C 387 -29.04 0.15 8.93
N ASN C 388 -28.66 1.40 9.18
CA ASN C 388 -27.89 1.79 10.35
C ASN C 388 -28.80 2.57 11.28
N VAL C 389 -28.98 2.07 12.50
CA VAL C 389 -29.93 2.69 13.43
C VAL C 389 -29.40 4.04 13.92
N LEU C 390 -28.10 4.13 14.18
CA LEU C 390 -27.52 5.35 14.73
C LEU C 390 -27.69 6.52 13.76
N GLU C 391 -27.48 6.28 12.46
CA GLU C 391 -27.64 7.35 11.48
C GLU C 391 -29.09 7.83 11.44
N GLU C 392 -30.04 6.89 11.51
CA GLU C 392 -31.45 7.28 11.52
C GLU C 392 -31.79 8.08 12.78
N ALA C 393 -31.24 7.68 13.93
CA ALA C 393 -31.50 8.43 15.16
C ALA C 393 -30.94 9.84 15.08
N GLN C 394 -29.71 9.99 14.58
CA GLN C 394 -29.13 11.32 14.42
C GLN C 394 -29.93 12.17 13.44
N THR C 395 -30.40 11.55 12.35
CA THR C 395 -31.23 12.27 11.39
C THR C 395 -32.52 12.75 12.02
N ALA C 396 -33.16 11.89 12.83
CA ALA C 396 -34.38 12.31 13.51
C ALA C 396 -34.12 13.44 14.48
N VAL C 397 -33.00 13.38 15.21
CA VAL C 397 -32.66 14.45 16.15
C VAL C 397 -32.47 15.76 15.42
N GLN C 398 -31.77 15.73 14.29
CA GLN C 398 -31.56 16.96 13.52
C GLN C 398 -32.86 17.47 12.90
N LEU C 399 -33.74 16.55 12.47
CA LEU C 399 -34.97 16.97 11.80
C LEU C 399 -35.99 17.51 12.80
N ALA C 400 -35.89 17.10 14.06
CA ALA C 400 -36.86 17.57 15.05
C ALA C 400 -36.80 19.08 15.24
N THR C 401 -35.70 19.71 14.81
CA THR C 401 -35.57 21.15 14.99
C THR C 401 -36.45 21.93 14.02
N ILE C 402 -36.56 21.45 12.78
CA ILE C 402 -37.18 22.22 11.70
C ILE C 402 -38.48 21.57 11.23
N ALA C 403 -38.65 20.27 11.42
CA ALA C 403 -39.80 19.56 10.87
C ALA C 403 -40.78 19.22 11.98
N SER C 404 -41.96 18.76 11.57
CA SER C 404 -43.01 18.43 12.52
C SER C 404 -42.71 17.11 13.22
N GLN C 405 -43.59 16.76 14.16
CA GLN C 405 -43.39 15.54 14.93
C GLN C 405 -43.63 14.29 14.08
N GLU C 406 -44.67 14.32 13.25
CA GLU C 406 -44.98 13.15 12.42
C GLU C 406 -43.86 12.86 11.44
N THR C 407 -43.35 13.89 10.77
CA THR C 407 -42.24 13.69 9.84
C THR C 407 -41.00 13.20 10.55
N THR C 408 -40.71 13.75 11.74
CA THR C 408 -39.55 13.31 12.50
C THR C 408 -39.67 11.84 12.90
N LEU C 409 -40.86 11.41 13.32
CA LEU C 409 -41.03 10.03 13.74
C LEU C 409 -41.14 9.09 12.54
N SER C 410 -41.43 9.62 11.35
CA SER C 410 -41.53 8.76 10.17
C SER C 410 -40.19 8.17 9.79
N VAL C 411 -39.11 8.93 9.96
CA VAL C 411 -37.79 8.47 9.53
C VAL C 411 -37.33 7.28 10.36
N LEU C 412 -37.68 7.26 11.64
CA LEU C 412 -37.21 6.20 12.54
C LEU C 412 -37.80 4.86 12.11
N SER C 413 -36.91 3.92 11.77
CA SER C 413 -37.36 2.60 11.35
C SER C 413 -37.83 1.76 12.53
N VAL C 414 -37.37 2.11 13.74
CA VAL C 414 -37.77 1.35 14.93
C VAL C 414 -39.27 1.53 15.19
N VAL C 415 -39.80 2.70 14.90
CA VAL C 415 -41.21 3.00 15.14
C VAL C 415 -42.09 2.22 14.17
N PRO C 416 -42.96 1.33 14.65
CA PRO C 416 -43.88 0.65 13.72
C PRO C 416 -45.02 1.53 13.26
N ASP C 417 -45.63 2.30 14.17
CA ASP C 417 -46.75 3.17 13.84
C ASP C 417 -46.56 4.52 14.53
N VAL C 418 -46.69 5.60 13.77
CA VAL C 418 -46.47 6.93 14.32
C VAL C 418 -47.60 7.30 15.28
N ARG C 419 -48.83 6.89 14.96
CA ARG C 419 -49.98 7.28 15.77
C ARG C 419 -49.90 6.70 17.17
N ALA C 420 -49.51 5.43 17.30
CA ALA C 420 -49.39 4.82 18.61
C ALA C 420 -48.32 5.51 19.45
N GLU C 421 -47.18 5.82 18.84
CA GLU C 421 -46.11 6.51 19.57
C GLU C 421 -46.55 7.90 20.00
N MET C 422 -47.25 8.62 19.12
CA MET C 422 -47.74 9.95 19.50
C MET C 422 -48.74 9.87 20.64
N ASP C 423 -49.62 8.87 20.61
CA ASP C 423 -50.57 8.68 21.69
C ASP C 423 -49.85 8.36 23.00
N ARG C 424 -48.82 7.51 22.94
CA ARG C 424 -48.08 7.18 24.15
C ARG C 424 -47.34 8.39 24.70
N ILE C 425 -46.75 9.20 23.82
CA ILE C 425 -46.06 10.41 24.28
C ILE C 425 -47.06 11.37 24.93
N HIS C 426 -48.24 11.53 24.32
CA HIS C 426 -49.25 12.41 24.91
C HIS C 426 -49.71 11.87 26.26
N SER C 427 -49.85 10.55 26.38
CA SER C 427 -50.22 9.96 27.66
C SER C 427 -49.15 10.22 28.71
N GLU C 428 -47.88 10.13 28.33
CA GLU C 428 -46.80 10.40 29.27
C GLU C 428 -46.86 11.83 29.78
N ARG C 429 -47.11 12.78 28.89
CA ARG C 429 -47.22 14.19 29.27
C ARG C 429 -48.17 14.94 28.33
N LEU D 4 -31.84 0.68 -44.96
CA LEU D 4 -33.14 1.30 -45.21
C LEU D 4 -33.15 2.76 -44.78
N GLU D 5 -34.20 3.17 -44.09
CA GLU D 5 -34.36 4.53 -43.61
C GLU D 5 -34.05 4.57 -42.12
N ILE D 6 -33.23 5.56 -41.72
CA ILE D 6 -32.82 5.70 -40.33
C ILE D 6 -33.47 6.88 -39.65
N GLY D 7 -34.53 7.45 -40.22
CA GLY D 7 -35.24 8.55 -39.61
C GLY D 7 -36.61 8.70 -40.23
N PHE D 8 -37.40 9.57 -39.63
CA PHE D 8 -38.76 9.86 -40.09
C PHE D 8 -38.87 11.34 -40.44
N GLU D 9 -39.45 11.63 -41.60
CA GLU D 9 -39.64 12.99 -42.07
C GLU D 9 -41.11 13.36 -41.96
N VAL D 10 -41.39 14.55 -41.41
CA VAL D 10 -42.76 14.95 -41.15
C VAL D 10 -43.45 15.28 -42.46
N PHE D 11 -44.75 14.98 -42.52
CA PHE D 11 -45.55 15.33 -43.68
C PHE D 11 -45.91 16.81 -43.65
N THR D 12 -45.98 17.42 -44.82
CA THR D 12 -46.33 18.83 -44.95
C THR D 12 -47.41 18.98 -46.00
N PHE D 13 -48.45 19.75 -45.66
CA PHE D 13 -49.56 19.99 -46.57
C PHE D 13 -49.94 21.47 -46.54
N PRO D 14 -50.27 22.04 -47.70
CA PRO D 14 -50.66 23.45 -47.72
C PRO D 14 -51.94 23.70 -46.95
N ARG D 15 -52.07 24.91 -46.41
CA ARG D 15 -53.15 25.21 -45.47
C ARG D 15 -54.49 25.38 -46.18
N GLU D 16 -54.49 26.06 -47.33
CA GLU D 16 -55.74 26.63 -47.85
C GLU D 16 -56.68 25.57 -48.41
N GLU D 17 -56.18 24.64 -49.21
CA GLU D 17 -57.08 23.76 -49.95
C GLU D 17 -57.76 22.76 -49.02
N GLU D 18 -58.91 22.26 -49.46
CA GLU D 18 -59.72 21.36 -48.67
C GLU D 18 -59.06 20.00 -48.53
N ILE D 19 -59.43 19.28 -47.48
CA ILE D 19 -58.90 17.95 -47.19
C ILE D 19 -59.85 16.94 -47.83
N THR D 20 -59.43 16.35 -48.94
CA THR D 20 -60.23 15.38 -49.66
C THR D 20 -59.80 13.96 -49.31
N ILE D 21 -60.59 12.99 -49.77
CA ILE D 21 -60.33 11.60 -49.42
C ILE D 21 -59.06 11.09 -50.08
N GLU D 22 -58.73 11.61 -51.28
CA GLU D 22 -57.54 11.16 -51.98
C GLU D 22 -56.27 11.51 -51.22
N VAL D 23 -56.23 12.70 -50.61
CA VAL D 23 -55.08 13.10 -49.82
C VAL D 23 -54.87 12.16 -48.65
N ILE D 24 -55.97 11.82 -47.96
CA ILE D 24 -55.88 10.92 -46.81
C ILE D 24 -55.43 9.54 -47.26
N GLU D 25 -55.94 9.06 -48.40
CA GLU D 25 -55.52 7.76 -48.90
C GLU D 25 -54.03 7.75 -49.25
N GLU D 26 -53.55 8.82 -49.87
CA GLU D 26 -52.14 8.91 -50.21
C GLU D 26 -51.27 8.91 -48.95
N PHE D 27 -51.69 9.65 -47.92
CA PHE D 27 -50.92 9.66 -46.68
C PHE D 27 -50.95 8.30 -45.99
N MET D 28 -52.07 7.60 -46.06
CA MET D 28 -52.12 6.24 -45.51
C MET D 28 -51.18 5.31 -46.25
N SER D 29 -51.10 5.45 -47.58
CA SER D 29 -50.13 4.66 -48.33
C SER D 29 -48.71 4.98 -47.90
N LEU D 30 -48.41 6.26 -47.71
CA LEU D 30 -47.06 6.65 -47.27
C LEU D 30 -46.74 6.07 -45.90
N HIS D 31 -47.71 6.06 -44.98
CA HIS D 31 -47.47 5.50 -43.65
C HIS D 31 -47.30 3.99 -43.71
N SER D 32 -48.08 3.32 -44.56
CA SER D 32 -47.92 1.88 -44.74
C SER D 32 -46.55 1.56 -45.31
N LYS D 33 -45.98 2.49 -46.09
CA LYS D 33 -44.61 2.32 -46.54
C LYS D 33 -43.63 2.32 -45.37
N GLN D 34 -43.87 3.17 -44.37
CA GLN D 34 -42.93 3.35 -43.25
C GLN D 34 -43.13 2.36 -42.12
N GLN D 35 -44.26 1.65 -42.08
CA GLN D 35 -44.53 0.74 -40.97
C GLN D 35 -43.43 -0.31 -40.71
N PRO D 36 -42.79 -0.93 -41.70
CA PRO D 36 -41.81 -1.99 -41.39
C PRO D 36 -40.70 -1.58 -40.44
N ARG D 37 -40.26 -0.31 -40.48
CA ARG D 37 -39.24 0.12 -39.54
C ARG D 37 -39.73 0.04 -38.11
N TYR D 38 -40.95 0.50 -37.86
CA TYR D 38 -41.54 0.39 -36.53
C TYR D 38 -41.69 -1.07 -36.13
N GLU D 39 -42.10 -1.92 -37.07
CA GLU D 39 -42.24 -3.34 -36.75
C GLU D 39 -40.91 -3.95 -36.33
N ARG D 40 -39.85 -3.65 -37.06
CA ARG D 40 -38.54 -4.19 -36.72
C ARG D 40 -38.06 -3.66 -35.37
N LEU D 41 -38.25 -2.36 -35.12
CA LEU D 41 -37.80 -1.78 -33.86
C LEU D 41 -38.53 -2.41 -32.68
N MET D 42 -39.83 -2.65 -32.81
CA MET D 42 -40.56 -3.30 -31.73
C MET D 42 -40.12 -4.75 -31.55
N LYS D 43 -39.92 -5.47 -32.65
CA LYS D 43 -39.55 -6.87 -32.56
C LYS D 43 -38.18 -7.03 -31.92
N MET D 44 -37.27 -6.09 -32.17
CA MET D 44 -35.94 -6.17 -31.55
C MET D 44 -36.04 -6.05 -30.03
N TYR D 45 -36.89 -5.15 -29.55
CA TYR D 45 -37.04 -4.97 -28.10
C TYR D 45 -37.76 -6.15 -27.47
N LYS D 46 -38.82 -6.65 -28.11
CA LYS D 46 -39.68 -7.63 -27.48
C LYS D 46 -38.96 -8.91 -27.10
N GLY D 47 -37.84 -9.24 -27.75
CA GLY D 47 -37.09 -10.43 -27.40
C GLY D 47 -36.58 -11.22 -28.60
N ASP D 48 -37.32 -11.20 -29.70
CA ASP D 48 -36.88 -11.87 -30.91
C ASP D 48 -35.65 -11.17 -31.49
N ALA D 49 -34.82 -11.95 -32.17
CA ALA D 49 -33.58 -11.43 -32.71
C ALA D 49 -33.41 -11.94 -34.14
N ALA D 50 -32.45 -11.33 -34.86
CA ALA D 50 -32.21 -11.72 -36.24
C ALA D 50 -31.40 -13.01 -36.32
N ILE D 51 -30.76 -13.41 -35.22
CA ILE D 51 -29.95 -14.63 -35.24
C ILE D 51 -30.82 -15.85 -35.50
N PHE D 52 -32.09 -15.80 -35.09
CA PHE D 52 -32.96 -16.96 -35.23
C PHE D 52 -33.34 -17.21 -36.69
N ALA D 53 -33.14 -16.23 -37.56
CA ALA D 53 -33.57 -16.32 -38.95
C ALA D 53 -32.49 -16.84 -39.89
N ARG D 54 -31.31 -17.18 -39.37
CA ARG D 54 -30.24 -17.65 -40.23
C ARG D 54 -30.50 -19.07 -40.72
N LYS D 55 -29.93 -19.39 -41.87
CA LYS D 55 -30.17 -20.69 -42.51
C LYS D 55 -29.54 -21.81 -41.69
N ALA D 56 -30.17 -22.99 -41.74
CA ALA D 56 -29.72 -24.12 -40.96
C ALA D 56 -28.42 -24.70 -41.50
N LYS D 57 -27.72 -25.42 -40.63
CA LYS D 57 -26.45 -26.04 -40.96
C LYS D 57 -26.67 -27.46 -41.47
N GLU D 58 -25.61 -28.25 -41.56
CA GLU D 58 -25.70 -29.63 -42.02
C GLU D 58 -26.48 -30.46 -41.01
N PRO D 59 -27.01 -31.62 -41.43
CA PRO D 59 -27.92 -32.37 -40.55
C PRO D 59 -27.30 -32.78 -39.21
N HIS D 60 -26.02 -33.12 -39.17
CA HIS D 60 -25.41 -33.67 -37.96
C HIS D 60 -24.39 -32.74 -37.31
N LYS D 61 -24.10 -31.59 -37.91
CA LYS D 61 -23.21 -30.65 -37.24
C LYS D 61 -23.97 -29.87 -36.16
N PRO D 62 -23.31 -29.55 -35.05
CA PRO D 62 -23.99 -28.83 -33.98
C PRO D 62 -24.38 -27.42 -34.40
N ASP D 63 -25.48 -26.92 -33.84
CA ASP D 63 -25.97 -25.58 -34.15
C ASP D 63 -26.57 -25.00 -32.87
N ASN D 64 -25.97 -23.92 -32.37
CA ASN D 64 -26.44 -23.24 -31.17
C ASN D 64 -26.77 -21.80 -31.51
N ARG D 65 -27.90 -21.31 -31.02
CA ARG D 65 -28.35 -19.95 -31.27
C ARG D 65 -28.56 -19.25 -29.92
N LEU D 66 -27.73 -18.26 -29.64
CA LEU D 66 -27.79 -17.50 -28.39
C LEU D 66 -28.07 -16.04 -28.69
N ASN D 67 -28.97 -15.44 -27.92
CA ASN D 67 -29.31 -14.03 -28.08
C ASN D 67 -29.03 -13.31 -26.77
N VAL D 68 -28.29 -12.22 -26.85
CA VAL D 68 -28.02 -11.35 -25.69
C VAL D 68 -28.76 -10.05 -25.93
N ASN D 69 -29.71 -9.74 -25.06
CA ASN D 69 -30.64 -8.63 -25.27
C ASN D 69 -30.08 -7.38 -24.58
N TYR D 70 -29.65 -6.41 -25.38
CA TYR D 70 -29.18 -5.13 -24.87
C TYR D 70 -30.24 -4.04 -24.94
N ALA D 71 -31.15 -4.10 -25.92
CA ALA D 71 -32.13 -3.05 -26.10
C ALA D 71 -33.05 -2.94 -24.90
N LYS D 72 -33.53 -4.07 -24.37
CA LYS D 72 -34.39 -4.04 -23.19
C LYS D 72 -33.65 -3.46 -21.99
N TYR D 73 -32.39 -3.86 -21.80
CA TYR D 73 -31.61 -3.33 -20.70
C TYR D 73 -31.46 -1.81 -20.80
N ILE D 74 -31.09 -1.31 -21.98
CA ILE D 74 -30.91 0.12 -22.16
C ILE D 74 -32.21 0.87 -21.93
N THR D 75 -33.30 0.40 -22.54
CA THR D 75 -34.58 1.10 -22.41
C THR D 75 -35.05 1.12 -20.98
N ASP D 76 -34.97 -0.02 -20.28
CA ASP D 76 -35.43 -0.07 -18.90
C ASP D 76 -34.57 0.80 -17.99
N THR D 77 -33.24 0.78 -18.19
CA THR D 77 -32.38 1.62 -17.37
C THR D 77 -32.68 3.09 -17.57
N PHE D 78 -32.84 3.53 -18.82
CA PHE D 78 -33.12 4.94 -19.07
C PHE D 78 -34.49 5.34 -18.52
N SER D 79 -35.50 4.47 -18.70
CA SER D 79 -36.83 4.79 -18.19
C SER D 79 -36.82 4.89 -16.67
N GLY D 80 -36.10 4.00 -15.99
CA GLY D 80 -35.98 4.09 -14.55
C GLY D 80 -35.24 5.34 -14.11
N PHE D 81 -34.17 5.71 -14.83
CA PHE D 81 -33.42 6.90 -14.48
C PHE D 81 -34.26 8.16 -14.61
N PHE D 82 -34.97 8.31 -15.73
CA PHE D 82 -35.68 9.55 -16.00
C PHE D 82 -36.93 9.68 -15.13
N ASN D 83 -37.87 8.76 -15.27
CA ASN D 83 -39.16 8.84 -14.61
C ASN D 83 -39.24 7.96 -13.36
N GLY D 84 -38.13 7.79 -12.65
CA GLY D 84 -38.16 6.99 -11.43
C GLY D 84 -39.00 7.63 -10.34
N ILE D 85 -38.90 8.94 -10.19
CA ILE D 85 -39.66 9.70 -9.21
C ILE D 85 -40.66 10.57 -9.98
N PRO D 86 -41.95 10.53 -9.65
CA PRO D 86 -42.93 11.31 -10.40
C PRO D 86 -42.65 12.81 -10.30
N SER D 87 -42.97 13.52 -11.37
CA SER D 87 -42.73 14.96 -11.41
C SER D 87 -43.67 15.69 -10.47
N LYS D 88 -43.23 16.87 -10.04
CA LYS D 88 -43.98 17.72 -9.13
C LYS D 88 -44.38 19.00 -9.85
N LYS D 89 -45.66 19.36 -9.73
CA LYS D 89 -46.21 20.55 -10.36
C LYS D 89 -46.97 21.36 -9.32
N ASN D 90 -46.65 22.65 -9.22
CA ASN D 90 -47.22 23.52 -8.20
C ASN D 90 -47.47 24.90 -8.78
N HIS D 91 -48.28 25.68 -8.06
CA HIS D 91 -48.63 27.03 -8.49
C HIS D 91 -48.87 27.89 -7.26
N LYS D 92 -48.99 29.20 -7.49
CA LYS D 92 -49.23 30.15 -6.41
C LYS D 92 -50.70 30.20 -6.03
N ASN D 93 -51.58 30.41 -7.01
CA ASN D 93 -53.02 30.44 -6.73
C ASN D 93 -53.48 29.09 -6.22
N ASP D 94 -54.37 29.11 -5.23
CA ASP D 94 -54.80 27.87 -4.60
C ASP D 94 -55.76 27.09 -5.50
N VAL D 95 -56.67 27.79 -6.19
CA VAL D 95 -57.68 27.12 -7.00
C VAL D 95 -57.04 26.36 -8.15
N VAL D 96 -56.08 26.99 -8.84
CA VAL D 96 -55.43 26.34 -9.97
C VAL D 96 -54.69 25.10 -9.51
N SER D 97 -53.95 25.20 -8.40
CA SER D 97 -53.23 24.06 -7.88
C SER D 97 -54.17 22.93 -7.49
N ASP D 98 -55.28 23.26 -6.82
CA ASP D 98 -56.25 22.24 -6.44
C ASP D 98 -56.82 21.54 -7.66
N ALA D 99 -57.18 22.31 -8.69
CA ALA D 99 -57.72 21.70 -9.89
C ALA D 99 -56.70 20.80 -10.57
N ILE D 100 -55.45 21.26 -10.67
CA ILE D 100 -54.42 20.47 -11.34
C ILE D 100 -54.15 19.17 -10.60
N ASN D 101 -54.00 19.24 -9.27
CA ASN D 101 -53.73 18.03 -8.50
C ASN D 101 -54.92 17.08 -8.51
N ASN D 102 -56.15 17.62 -8.46
CA ASN D 102 -57.32 16.76 -8.53
C ASN D 102 -57.39 16.04 -9.87
N PHE D 103 -57.12 16.75 -10.97
CA PHE D 103 -57.12 16.13 -12.28
C PHE D 103 -56.04 15.05 -12.37
N ASP D 104 -54.85 15.35 -11.85
CA ASP D 104 -53.76 14.38 -11.89
C ASP D 104 -54.12 13.12 -11.11
N ASN D 105 -54.71 13.28 -9.92
CA ASN D 105 -55.10 12.14 -9.11
C ASN D 105 -56.20 11.33 -9.79
N GLU D 106 -57.14 12.03 -10.45
CA GLU D 106 -58.25 11.33 -11.07
C GLU D 106 -57.81 10.54 -12.30
N GLN D 107 -56.80 11.04 -13.02
CA GLN D 107 -56.40 10.43 -14.28
C GLN D 107 -55.15 9.56 -14.17
N ASP D 108 -54.52 9.47 -12.99
CA ASP D 108 -53.37 8.61 -12.76
C ASP D 108 -52.26 8.89 -13.79
N MET D 109 -51.69 10.09 -13.71
CA MET D 109 -50.80 10.54 -14.79
C MET D 109 -49.42 9.91 -14.71
N GLN D 110 -49.08 9.27 -13.59
CA GLN D 110 -47.76 8.64 -13.49
C GLN D 110 -47.61 7.51 -14.50
N ASP D 111 -48.62 6.63 -14.57
CA ASP D 111 -48.56 5.53 -15.54
C ASP D 111 -48.53 6.05 -16.96
N GLU D 112 -49.36 7.06 -17.26
CA GLU D 112 -49.39 7.61 -18.61
C GLU D 112 -48.04 8.21 -19.00
N GLU D 113 -47.43 8.97 -18.09
CA GLU D 113 -46.13 9.56 -18.38
C GLU D 113 -45.06 8.50 -18.57
N ALA D 114 -45.06 7.47 -17.72
CA ALA D 114 -44.07 6.41 -17.86
C ALA D 114 -44.22 5.68 -19.19
N GLU D 115 -45.47 5.37 -19.57
CA GLU D 115 -45.69 4.66 -20.82
C GLU D 115 -45.32 5.51 -22.02
N LEU D 116 -45.62 6.81 -21.96
CA LEU D 116 -45.25 7.69 -23.06
C LEU D 116 -43.73 7.80 -23.19
N VAL D 117 -43.02 7.88 -22.05
CA VAL D 117 -41.56 7.91 -22.11
C VAL D 117 -41.03 6.63 -22.74
N LYS D 118 -41.56 5.48 -22.33
CA LYS D 118 -41.08 4.22 -22.88
C LYS D 118 -41.35 4.13 -24.38
N LEU D 119 -42.55 4.54 -24.81
CA LEU D 119 -42.87 4.51 -26.24
C LEU D 119 -41.97 5.45 -27.03
N ALA D 120 -41.70 6.64 -26.49
CA ALA D 120 -40.80 7.56 -27.17
C ALA D 120 -39.39 6.99 -27.27
N CYS D 121 -38.94 6.30 -26.23
CA CYS D 121 -37.61 5.69 -26.27
C CYS D 121 -37.54 4.56 -27.30
N VAL D 122 -38.59 3.75 -27.41
CA VAL D 122 -38.53 2.58 -28.28
C VAL D 122 -38.69 2.98 -29.74
N TYR D 123 -39.85 3.52 -30.09
CA TYR D 123 -40.14 3.85 -31.49
C TYR D 123 -39.46 5.13 -31.96
N GLY D 124 -39.39 6.16 -31.13
CA GLY D 124 -38.85 7.44 -31.54
C GLY D 124 -39.78 8.58 -31.26
N HIS D 125 -41.09 8.34 -31.41
CA HIS D 125 -42.10 9.34 -31.11
C HIS D 125 -43.42 8.64 -30.79
N ALA D 126 -44.25 9.31 -30.01
CA ALA D 126 -45.52 8.74 -29.57
C ALA D 126 -46.58 9.84 -29.51
N PHE D 127 -47.84 9.42 -29.53
CA PHE D 127 -48.97 10.33 -29.58
C PHE D 127 -49.82 10.18 -28.31
N GLU D 128 -50.53 11.26 -27.98
CA GLU D 128 -51.44 11.30 -26.85
C GLU D 128 -52.80 11.79 -27.32
N LEU D 129 -53.86 11.14 -26.85
CA LEU D 129 -55.23 11.48 -27.23
C LEU D 129 -56.00 11.96 -26.02
N MET D 130 -56.73 13.07 -26.18
CA MET D 130 -57.56 13.63 -25.12
C MET D 130 -59.00 13.70 -25.61
N TYR D 131 -59.94 13.36 -24.73
CA TYR D 131 -61.34 13.30 -25.10
C TYR D 131 -62.21 13.56 -23.87
N GLN D 132 -63.48 13.84 -24.11
CA GLN D 132 -64.45 14.11 -23.06
C GLN D 132 -65.41 12.92 -22.95
N ASP D 133 -65.60 12.43 -21.74
CA ASP D 133 -66.46 11.28 -21.51
C ASP D 133 -67.91 11.70 -21.35
N GLU D 134 -68.77 10.77 -20.93
CA GLU D 134 -70.20 11.06 -20.83
C GLU D 134 -70.53 11.91 -19.61
N GLU D 135 -69.72 11.83 -18.57
CA GLU D 135 -69.98 12.54 -17.31
C GLU D 135 -69.26 13.87 -17.23
N THR D 136 -68.95 14.48 -18.37
CA THR D 136 -68.31 15.79 -18.45
C THR D 136 -66.99 15.81 -17.65
N LYS D 137 -66.09 14.91 -18.02
CA LYS D 137 -64.76 14.85 -17.42
C LYS D 137 -63.73 14.68 -18.54
N THR D 138 -62.50 15.12 -18.25
CA THR D 138 -61.42 15.10 -19.22
C THR D 138 -60.55 13.87 -18.99
N ASN D 139 -60.35 13.09 -20.05
CA ASN D 139 -59.55 11.87 -20.00
C ASN D 139 -58.45 11.94 -21.04
N VAL D 140 -57.36 11.22 -20.77
CA VAL D 140 -56.22 11.14 -21.68
C VAL D 140 -55.88 9.68 -21.92
N LYS D 141 -55.17 9.42 -23.02
CA LYS D 141 -54.74 8.08 -23.38
C LYS D 141 -53.51 8.18 -24.26
N HIS D 142 -52.77 7.08 -24.36
CA HIS D 142 -51.54 7.02 -25.13
C HIS D 142 -51.68 5.97 -26.23
N ASN D 143 -51.22 6.32 -27.43
CA ASN D 143 -51.28 5.42 -28.58
C ASN D 143 -49.89 5.25 -29.17
N SER D 144 -49.69 4.10 -29.79
CA SER D 144 -48.44 3.81 -30.50
C SER D 144 -48.45 4.50 -31.86
N PRO D 145 -47.27 4.80 -32.41
CA PRO D 145 -47.19 5.48 -33.71
C PRO D 145 -47.44 4.58 -34.91
N GLU D 146 -47.90 3.34 -34.71
CA GLU D 146 -48.19 2.48 -35.84
C GLU D 146 -49.50 2.85 -36.53
N ASP D 147 -50.48 3.31 -35.77
CA ASP D 147 -51.82 3.54 -36.28
C ASP D 147 -52.17 5.03 -36.43
N MET D 148 -51.26 5.93 -36.11
CA MET D 148 -51.55 7.36 -36.14
C MET D 148 -50.42 8.13 -36.79
N PHE D 149 -50.77 9.15 -37.57
CA PHE D 149 -49.82 10.10 -38.13
C PHE D 149 -50.44 11.48 -38.12
N ILE D 150 -49.58 12.50 -38.00
CA ILE D 150 -50.01 13.88 -37.92
C ILE D 150 -49.34 14.66 -39.04
N VAL D 151 -50.07 15.60 -39.63
CA VAL D 151 -49.60 16.36 -40.79
C VAL D 151 -49.56 17.83 -40.41
N TYR D 152 -48.42 18.46 -40.67
CA TYR D 152 -48.25 19.89 -40.42
C TYR D 152 -48.44 20.69 -41.71
N ASP D 153 -48.55 22.00 -41.56
CA ASP D 153 -48.62 22.89 -42.70
C ASP D 153 -47.21 23.22 -43.20
N ASP D 154 -47.13 23.92 -44.33
CA ASP D 154 -45.85 24.25 -44.94
C ASP D 154 -45.32 25.62 -44.53
N THR D 155 -46.01 26.32 -43.62
CA THR D 155 -45.53 27.61 -43.15
C THR D 155 -44.26 27.43 -42.31
N VAL D 156 -43.58 28.54 -42.06
CA VAL D 156 -42.35 28.50 -41.27
C VAL D 156 -42.67 28.13 -39.82
N SER D 157 -43.81 28.59 -39.31
CA SER D 157 -44.19 28.27 -37.94
C SER D 157 -44.47 26.77 -37.78
N GLN D 158 -44.95 26.12 -38.83
CA GLN D 158 -45.22 24.68 -38.84
C GLN D 158 -46.19 24.28 -37.74
N LYS D 159 -47.41 24.79 -37.81
CA LYS D 159 -48.40 24.39 -36.82
C LYS D 159 -49.13 23.13 -37.27
N PRO D 160 -49.57 22.28 -36.34
CA PRO D 160 -50.30 21.07 -36.72
C PRO D 160 -51.60 21.40 -37.44
N LEU D 161 -51.98 20.56 -38.39
CA LEU D 161 -53.17 20.79 -39.20
C LEU D 161 -54.24 19.73 -38.99
N PHE D 162 -53.88 18.44 -39.13
CA PHE D 162 -54.85 17.37 -38.92
C PHE D 162 -54.10 16.08 -38.62
N ALA D 163 -54.84 15.10 -38.09
CA ALA D 163 -54.27 13.81 -37.74
C ALA D 163 -55.30 12.72 -38.06
N VAL D 164 -54.80 11.51 -38.30
CA VAL D 164 -55.62 10.38 -38.71
C VAL D 164 -55.31 9.18 -37.84
N ARG D 165 -56.33 8.37 -37.56
CA ARG D 165 -56.19 7.10 -36.89
C ARG D 165 -57.12 6.09 -37.56
N TYR D 166 -56.59 4.91 -37.89
CA TYR D 166 -57.35 3.91 -38.63
C TYR D 166 -57.05 2.53 -38.07
N GLY D 167 -57.64 1.51 -38.70
CA GLY D 167 -57.45 0.14 -38.29
C GLY D 167 -58.57 -0.78 -38.73
N LEU D 168 -58.27 -2.04 -38.97
CA LEU D 168 -59.28 -3.00 -39.38
C LEU D 168 -60.22 -3.35 -38.23
N ASP D 169 -61.48 -3.56 -38.54
CA ASP D 169 -62.46 -3.96 -37.53
C ASP D 169 -62.56 -5.48 -37.49
N ARG D 170 -63.58 -5.99 -36.78
CA ARG D 170 -63.71 -7.43 -36.62
C ARG D 170 -64.02 -8.14 -37.94
N GLU D 171 -64.84 -7.51 -38.79
CA GLU D 171 -65.29 -8.14 -40.03
C GLU D 171 -64.31 -7.94 -41.17
N GLY D 172 -63.31 -7.09 -41.01
CA GLY D 172 -62.28 -6.92 -42.01
C GLY D 172 -62.44 -5.75 -42.96
N GLU D 173 -63.02 -4.64 -42.51
CA GLU D 173 -63.14 -3.45 -43.32
C GLU D 173 -62.60 -2.24 -42.54
N LEU D 174 -62.08 -1.26 -43.27
CA LEU D 174 -61.42 -0.13 -42.65
C LEU D 174 -62.40 0.70 -41.85
N CYS D 175 -62.00 1.07 -40.63
CA CYS D 175 -62.75 1.99 -39.78
C CYS D 175 -61.76 2.93 -39.10
N GLY D 176 -62.06 4.23 -39.13
CA GLY D 176 -61.14 5.19 -38.56
C GLY D 176 -61.82 6.50 -38.25
N THR D 177 -61.05 7.38 -37.61
CA THR D 177 -61.52 8.70 -37.20
C THR D 177 -60.55 9.76 -37.69
N LEU D 178 -61.10 10.88 -38.15
CA LEU D 178 -60.32 12.02 -38.62
C LEU D 178 -60.51 13.17 -37.66
N TYR D 179 -59.41 13.72 -37.16
CA TYR D 179 -59.44 14.84 -36.24
C TYR D 179 -58.95 16.11 -36.95
N THR D 180 -59.76 17.16 -36.90
CA THR D 180 -59.39 18.46 -37.41
C THR D 180 -59.54 19.49 -36.29
N GLU D 181 -59.13 20.73 -36.59
CA GLU D 181 -59.19 21.78 -35.58
C GLU D 181 -60.63 22.11 -35.22
N ASP D 182 -61.53 22.11 -36.19
CA ASP D 182 -62.91 22.53 -35.95
C ASP D 182 -63.87 21.35 -35.79
N VAL D 183 -63.73 20.31 -36.61
CA VAL D 183 -64.66 19.19 -36.60
C VAL D 183 -63.89 17.88 -36.50
N ASP D 184 -64.61 16.84 -36.10
CA ASP D 184 -64.09 15.47 -36.09
C ASP D 184 -65.01 14.59 -36.92
N VAL D 185 -64.43 13.82 -37.83
CA VAL D 185 -65.19 13.02 -38.79
C VAL D 185 -64.83 11.56 -38.61
N THR D 186 -65.81 10.68 -38.82
CA THR D 186 -65.61 9.24 -38.73
C THR D 186 -65.50 8.67 -40.13
N LEU D 187 -64.45 7.89 -40.37
CA LEU D 187 -64.21 7.28 -41.68
C LEU D 187 -64.73 5.84 -41.66
N ILE D 188 -65.58 5.50 -42.63
CA ILE D 188 -66.16 4.18 -42.74
C ILE D 188 -66.06 3.72 -44.19
N GLY D 189 -65.80 2.44 -44.38
CA GLY D 189 -65.74 1.87 -45.72
C GLY D 189 -66.07 0.39 -45.69
N LYS D 190 -66.88 -0.03 -46.66
CA LYS D 190 -67.34 -1.41 -46.73
C LYS D 190 -66.91 -2.12 -48.01
N ASN D 191 -67.09 -1.49 -49.18
CA ASN D 191 -66.72 -2.15 -50.43
C ASN D 191 -65.22 -2.05 -50.69
N GLY D 192 -64.56 -1.11 -50.02
CA GLY D 192 -63.14 -0.88 -50.23
C GLY D 192 -62.81 0.60 -50.28
N THR D 193 -63.78 1.40 -50.69
CA THR D 193 -63.63 2.85 -50.70
C THR D 193 -63.91 3.41 -49.32
N MET D 194 -63.71 4.72 -49.18
CA MET D 194 -63.90 5.41 -47.90
C MET D 194 -64.85 6.58 -48.10
N ILE D 195 -65.82 6.71 -47.19
CA ILE D 195 -66.80 7.78 -47.22
C ILE D 195 -66.93 8.38 -45.83
N PHE D 196 -67.09 9.70 -45.78
CA PHE D 196 -67.28 10.37 -44.50
C PHE D 196 -68.64 10.04 -43.92
N GLY D 197 -68.67 9.68 -42.64
CA GLY D 197 -69.87 9.18 -42.02
C GLY D 197 -70.63 10.14 -41.13
N GLU D 198 -69.93 10.87 -40.28
CA GLU D 198 -70.59 11.73 -39.29
C GLU D 198 -69.61 12.81 -38.86
N GLU D 199 -70.15 13.92 -38.38
CA GLU D 199 -69.35 15.06 -37.95
C GLU D 199 -69.81 15.52 -36.58
N SER D 200 -68.84 15.83 -35.72
CA SER D 200 -69.12 16.31 -34.37
C SER D 200 -68.24 17.52 -34.09
N GLU D 201 -68.79 18.47 -33.35
CA GLU D 201 -68.08 19.69 -33.03
C GLU D 201 -66.93 19.41 -32.05
N ASN D 202 -65.90 20.24 -32.14
CA ASN D 202 -64.73 20.14 -31.28
C ASN D 202 -64.86 21.15 -30.15
N VAL D 203 -65.02 20.66 -28.92
CA VAL D 203 -65.14 21.55 -27.78
C VAL D 203 -63.83 22.28 -27.51
N TYR D 204 -62.70 21.61 -27.74
CA TYR D 204 -61.41 22.22 -27.51
C TYR D 204 -61.09 23.25 -28.60
N ASN D 205 -60.06 24.05 -28.34
CA ASN D 205 -59.65 25.11 -29.24
C ASN D 205 -58.49 24.73 -30.14
N ASP D 206 -58.12 23.44 -30.19
CA ASP D 206 -57.02 22.98 -31.02
C ASP D 206 -57.23 21.50 -31.32
N LEU D 207 -56.20 20.87 -31.87
CA LEU D 207 -56.28 19.44 -32.17
C LEU D 207 -56.32 18.63 -30.89
N ALA D 208 -56.92 17.45 -30.97
CA ALA D 208 -57.03 16.55 -29.82
C ALA D 208 -55.85 15.58 -29.73
N VAL D 209 -54.87 15.69 -30.61
CA VAL D 209 -53.73 14.78 -30.64
C VAL D 209 -52.45 15.58 -30.44
N THR D 210 -51.62 15.14 -29.51
CA THR D 210 -50.35 15.78 -29.21
C THR D 210 -49.22 14.78 -29.44
N GLU D 211 -48.11 15.28 -29.97
CA GLU D 211 -46.99 14.44 -30.37
C GLU D 211 -45.79 14.67 -29.46
N PHE D 212 -45.19 13.58 -28.99
CA PHE D 212 -43.98 13.62 -28.18
C PHE D 212 -42.85 13.06 -29.02
N ILE D 213 -41.73 13.77 -29.09
CA ILE D 213 -40.59 13.38 -29.92
C ILE D 213 -39.37 13.21 -29.01
N PHE D 214 -38.62 12.13 -29.25
CA PHE D 214 -37.36 11.93 -28.54
C PHE D 214 -36.29 12.91 -29.03
N ASN D 215 -36.15 13.03 -30.34
CA ASN D 215 -35.16 13.92 -30.95
C ASN D 215 -35.83 14.73 -32.05
N GLU D 216 -35.05 15.55 -32.72
CA GLU D 216 -35.54 16.25 -33.89
C GLU D 216 -35.43 15.41 -35.16
N GLU D 217 -34.54 14.43 -35.19
CA GLU D 217 -34.49 13.46 -36.27
C GLU D 217 -35.36 12.24 -35.99
N ARG D 218 -35.97 12.19 -34.80
CA ARG D 218 -36.93 11.15 -34.43
C ARG D 218 -36.31 9.75 -34.56
N MET D 219 -35.27 9.53 -33.78
CA MET D 219 -34.55 8.27 -33.75
C MET D 219 -34.63 7.66 -32.35
N GLY D 220 -34.60 6.34 -32.29
CA GLY D 220 -34.62 5.63 -31.04
C GLY D 220 -33.27 5.68 -30.33
N ILE D 221 -33.25 5.14 -29.12
CA ILE D 221 -32.01 5.14 -28.34
C ILE D 221 -30.99 4.20 -28.96
N TYR D 222 -31.41 2.99 -29.33
CA TYR D 222 -30.50 1.95 -29.81
C TYR D 222 -30.57 1.75 -31.32
N GLU D 223 -31.01 2.75 -32.07
CA GLU D 223 -31.11 2.58 -33.52
C GLU D 223 -29.74 2.52 -34.17
N THR D 224 -28.72 3.14 -33.56
CA THR D 224 -27.40 3.21 -34.17
C THR D 224 -26.46 2.11 -33.73
N VAL D 225 -26.90 1.17 -32.90
CA VAL D 225 -26.04 0.11 -32.39
C VAL D 225 -26.58 -1.28 -32.75
N THR D 226 -27.26 -1.41 -33.88
CA THR D 226 -27.81 -2.71 -34.27
C THR D 226 -26.71 -3.64 -34.78
N ALA D 227 -25.78 -3.11 -35.58
CA ALA D 227 -24.76 -3.94 -36.19
C ALA D 227 -23.84 -4.56 -35.14
N LEU D 228 -23.45 -3.77 -34.14
CA LEU D 228 -22.58 -4.30 -33.09
C LEU D 228 -23.26 -5.41 -32.30
N ILE D 229 -24.55 -5.22 -31.98
CA ILE D 229 -25.28 -6.26 -31.26
C ILE D 229 -25.37 -7.54 -32.08
N ASP D 230 -25.68 -7.40 -33.38
CA ASP D 230 -25.77 -8.59 -34.24
C ASP D 230 -24.44 -9.31 -34.33
N SER D 231 -23.34 -8.55 -34.49
CA SER D 231 -22.03 -9.17 -34.57
C SER D 231 -21.66 -9.87 -33.27
N TYR D 232 -21.96 -9.25 -32.13
CA TYR D 232 -21.67 -9.88 -30.84
C TYR D 232 -22.43 -11.19 -30.69
N ASP D 233 -23.73 -11.18 -31.04
CA ASP D 233 -24.53 -12.39 -30.94
C ASP D 233 -23.98 -13.49 -31.83
N LYS D 234 -23.64 -13.14 -33.08
CA LYS D 234 -23.12 -14.14 -34.00
C LYS D 234 -21.79 -14.71 -33.52
N ALA D 235 -20.90 -13.86 -33.01
CA ALA D 235 -19.61 -14.33 -32.53
C ALA D 235 -19.75 -15.25 -31.33
N ILE D 236 -20.60 -14.89 -30.36
CA ILE D 236 -20.75 -15.73 -29.18
C ILE D 236 -21.40 -17.06 -29.55
N SER D 237 -22.36 -17.04 -30.47
CA SER D 237 -22.97 -18.29 -30.92
C SER D 237 -21.96 -19.17 -31.63
N GLU D 238 -21.09 -18.58 -32.46
CA GLU D 238 -20.08 -19.35 -33.16
C GLU D 238 -19.09 -19.97 -32.19
N LYS D 239 -18.67 -19.22 -31.16
CA LYS D 239 -17.78 -19.79 -30.16
C LYS D 239 -18.45 -20.93 -29.40
N THR D 240 -19.72 -20.77 -29.05
CA THR D 240 -20.45 -21.85 -28.40
C THR D 240 -20.50 -23.09 -29.27
N ASN D 241 -20.71 -22.92 -30.58
CA ASN D 241 -20.66 -24.05 -31.50
C ASN D 241 -19.28 -24.70 -31.50
N ASP D 242 -18.23 -23.89 -31.52
CA ASP D 242 -16.87 -24.43 -31.59
C ASP D 242 -16.52 -25.25 -30.34
N VAL D 243 -16.99 -24.81 -29.17
CA VAL D 243 -16.61 -25.50 -27.94
C VAL D 243 -17.19 -26.91 -27.90
N ASP D 244 -18.35 -27.12 -28.50
CA ASP D 244 -19.09 -28.37 -28.29
C ASP D 244 -18.53 -29.55 -29.07
N TYR D 245 -17.97 -29.31 -30.26
CA TYR D 245 -17.73 -30.40 -31.20
C TYR D 245 -16.70 -31.41 -30.69
N PHE D 246 -15.55 -30.94 -30.21
CA PHE D 246 -14.43 -31.81 -29.91
C PHE D 246 -14.34 -32.09 -28.42
N SER D 247 -13.75 -33.23 -28.09
CA SER D 247 -13.50 -33.61 -26.71
C SER D 247 -12.22 -32.93 -26.20
N ASP D 248 -11.84 -33.29 -24.96
CA ASP D 248 -10.66 -32.66 -24.35
C ASP D 248 -9.39 -33.42 -24.72
N SER D 249 -9.40 -34.74 -24.58
CA SER D 249 -8.22 -35.55 -24.85
C SER D 249 -8.64 -36.86 -25.50
N TYR D 250 -7.72 -37.44 -26.27
CA TYR D 250 -7.95 -38.68 -26.98
C TYR D 250 -6.78 -39.64 -26.75
N LEU D 251 -7.04 -40.92 -26.93
CA LEU D 251 -6.03 -41.95 -26.83
C LEU D 251 -5.79 -42.57 -28.20
N LYS D 252 -4.53 -42.70 -28.59
CA LYS D 252 -4.14 -43.19 -29.89
C LYS D 252 -3.38 -44.51 -29.75
N VAL D 253 -3.87 -45.55 -30.40
CA VAL D 253 -3.22 -46.85 -30.45
C VAL D 253 -3.02 -47.23 -31.91
N VAL D 254 -1.77 -47.39 -32.32
CA VAL D 254 -1.42 -47.72 -33.70
C VAL D 254 -0.56 -48.97 -33.70
N GLY D 255 -0.93 -49.95 -34.51
CA GLY D 255 -0.17 -51.17 -34.66
C GLY D 255 -0.66 -52.34 -33.83
N ALA D 256 -1.67 -52.13 -32.97
CA ALA D 256 -2.19 -53.20 -32.13
C ALA D 256 -3.71 -53.18 -32.16
N MET D 257 -4.29 -54.34 -31.92
CA MET D 257 -5.75 -54.50 -31.98
C MET D 257 -6.34 -54.32 -30.59
N LEU D 258 -7.31 -53.43 -30.48
CA LEU D 258 -8.02 -53.18 -29.23
C LEU D 258 -9.50 -53.51 -29.42
N SER D 259 -10.04 -54.30 -28.51
CA SER D 259 -11.42 -54.75 -28.58
C SER D 259 -12.31 -53.95 -27.63
N PRO D 260 -13.58 -53.77 -27.99
CA PRO D 260 -14.49 -53.02 -27.10
C PRO D 260 -14.64 -53.64 -25.72
N GLU D 261 -14.46 -54.95 -25.60
CA GLU D 261 -14.60 -55.60 -24.31
C GLU D 261 -13.53 -55.13 -23.32
N MET D 262 -12.31 -54.90 -23.81
CA MET D 262 -11.21 -54.50 -22.93
C MET D 262 -11.43 -53.11 -22.37
N ILE D 263 -12.01 -52.20 -23.16
CA ILE D 263 -12.14 -50.81 -22.76
C ILE D 263 -13.45 -50.57 -22.03
N GLU D 264 -14.14 -51.66 -21.68
CA GLU D 264 -15.36 -51.51 -20.89
C GLU D 264 -15.06 -50.91 -19.53
N LYS D 265 -13.98 -51.34 -18.89
CA LYS D 265 -13.52 -50.79 -17.62
C LYS D 265 -12.14 -50.18 -17.84
N ILE D 266 -12.10 -48.92 -18.25
CA ILE D 266 -10.83 -48.25 -18.50
C ILE D 266 -10.47 -47.34 -17.33
N ARG D 267 -11.47 -46.97 -16.52
CA ARG D 267 -11.21 -46.10 -15.38
C ARG D 267 -10.51 -46.86 -14.26
N ASP D 268 -10.79 -48.15 -14.13
CA ASP D 268 -10.30 -48.97 -13.03
C ASP D 268 -9.00 -49.71 -13.35
N THR D 269 -8.56 -49.70 -14.60
CA THR D 269 -7.35 -50.41 -15.00
C THR D 269 -6.33 -49.37 -15.46
N ARG D 270 -5.15 -49.39 -14.84
CA ARG D 270 -4.13 -48.37 -15.08
C ARG D 270 -2.81 -48.96 -15.56
N VAL D 271 -2.82 -50.16 -16.13
CA VAL D 271 -1.61 -50.79 -16.67
C VAL D 271 -1.91 -51.24 -18.09
N ILE D 272 -1.07 -50.83 -19.03
CA ILE D 272 -1.18 -51.20 -20.43
C ILE D 272 0.03 -52.05 -20.80
N ASN D 273 -0.22 -53.20 -21.40
CA ASN D 273 0.84 -54.17 -21.69
C ASN D 273 0.69 -54.69 -23.11
N VAL D 274 1.80 -54.72 -23.84
CA VAL D 274 1.86 -55.32 -25.17
C VAL D 274 2.94 -56.40 -25.16
N PRO D 275 2.58 -57.68 -24.99
CA PRO D 275 3.62 -58.70 -24.80
C PRO D 275 4.40 -59.03 -26.06
N GLU D 276 3.73 -59.18 -27.20
CA GLU D 276 4.38 -59.58 -28.45
C GLU D 276 4.08 -58.57 -29.55
N PRO D 277 4.93 -57.56 -29.74
CA PRO D 277 4.67 -56.58 -30.79
C PRO D 277 5.02 -57.15 -32.16
N PRO D 278 4.36 -56.65 -33.23
CA PRO D 278 4.71 -57.13 -34.58
C PRO D 278 6.12 -56.74 -34.95
N HIS D 279 6.77 -57.60 -35.73
CA HIS D 279 8.17 -57.38 -36.08
C HIS D 279 8.32 -56.30 -37.15
N ASP D 280 7.45 -56.31 -38.16
CA ASP D 280 7.68 -55.47 -39.33
C ASP D 280 7.33 -54.00 -39.08
N VAL D 281 6.26 -53.75 -38.34
CA VAL D 281 5.80 -52.38 -38.13
C VAL D 281 6.10 -51.93 -36.70
N SER D 282 5.91 -50.65 -36.43
CA SER D 282 6.22 -50.06 -35.12
C SER D 282 4.92 -49.77 -34.37
N VAL D 283 4.98 -49.91 -33.05
CA VAL D 283 3.82 -49.70 -32.18
C VAL D 283 3.97 -48.33 -31.53
N ASP D 284 2.93 -47.51 -31.63
CA ASP D 284 2.93 -46.16 -31.07
C ASP D 284 1.69 -45.98 -30.21
N ILE D 285 1.89 -45.52 -28.98
CA ILE D 285 0.80 -45.26 -28.03
C ILE D 285 1.06 -43.91 -27.39
N GLY D 286 0.00 -43.10 -27.27
CA GLY D 286 0.15 -41.79 -26.66
C GLY D 286 -1.19 -41.10 -26.55
N PHE D 287 -1.15 -39.90 -25.96
CA PHE D 287 -2.32 -39.05 -25.77
C PHE D 287 -2.29 -37.88 -26.73
N LEU D 288 -3.45 -37.50 -27.24
CA LEU D 288 -3.61 -36.30 -28.05
C LEU D 288 -4.46 -35.31 -27.27
N ASP D 289 -4.02 -34.05 -27.23
CA ASP D 289 -4.70 -33.00 -26.48
C ASP D 289 -5.29 -31.97 -27.43
N LYS D 290 -6.49 -31.50 -27.10
CA LYS D 290 -7.11 -30.46 -27.91
C LYS D 290 -6.49 -29.11 -27.57
N PRO D 291 -6.00 -28.37 -28.57
CA PRO D 291 -5.35 -27.08 -28.27
C PRO D 291 -6.38 -26.03 -27.86
N ASP D 292 -6.14 -25.41 -26.69
CA ASP D 292 -7.03 -24.39 -26.14
C ASP D 292 -6.23 -23.10 -25.97
N SER D 293 -6.23 -22.28 -27.02
CA SER D 293 -5.52 -21.00 -27.02
C SER D 293 -6.32 -20.02 -27.88
N ASP D 294 -7.11 -19.16 -27.23
CA ASP D 294 -7.91 -18.16 -27.91
C ASP D 294 -7.60 -16.79 -27.32
N SER D 295 -7.17 -15.87 -28.15
CA SER D 295 -6.87 -14.52 -27.69
C SER D 295 -7.50 -13.44 -28.56
N GLN D 296 -7.73 -13.72 -29.85
CA GLN D 296 -8.30 -12.72 -30.72
C GLN D 296 -9.79 -12.54 -30.45
N THR D 297 -10.50 -13.64 -30.23
CA THR D 297 -11.95 -13.57 -29.99
C THR D 297 -12.26 -12.79 -28.73
N GLU D 298 -11.48 -13.02 -27.66
CA GLU D 298 -11.72 -12.30 -26.41
C GLU D 298 -11.54 -10.79 -26.60
N ASN D 299 -10.48 -10.38 -27.29
CA ASN D 299 -10.25 -8.96 -27.52
C ASN D 299 -11.37 -8.35 -28.36
N LEU D 300 -11.78 -9.05 -29.42
CA LEU D 300 -12.85 -8.53 -30.26
C LEU D 300 -14.14 -8.37 -29.46
N LEU D 301 -14.50 -9.38 -28.67
CA LEU D 301 -15.72 -9.31 -27.87
C LEU D 301 -15.65 -8.19 -26.85
N ASP D 302 -14.49 -8.00 -26.22
CA ASP D 302 -14.35 -6.93 -25.25
C ASP D 302 -14.53 -5.57 -25.89
N ARG D 303 -13.90 -5.36 -27.06
CA ARG D 303 -14.06 -4.07 -27.74
C ARG D 303 -15.51 -3.82 -28.13
N ILE D 304 -16.17 -4.84 -28.68
CA ILE D 304 -17.57 -4.66 -29.09
C ILE D 304 -18.45 -4.36 -27.89
N ASP D 305 -18.25 -5.09 -26.78
CA ASP D 305 -19.07 -4.87 -25.58
C ASP D 305 -18.86 -3.47 -25.03
N LYS D 306 -17.61 -3.00 -24.99
CA LYS D 306 -17.37 -1.64 -24.50
C LYS D 306 -18.01 -0.60 -25.40
N HIS D 307 -17.90 -0.78 -26.73
CA HIS D 307 -18.44 0.20 -27.66
C HIS D 307 -19.95 0.27 -27.57
N ILE D 308 -20.62 -0.87 -27.40
CA ILE D 308 -22.09 -0.85 -27.34
C ILE D 308 -22.57 0.03 -26.20
N TYR D 309 -21.93 -0.08 -25.03
CA TYR D 309 -22.35 0.74 -23.89
C TYR D 309 -21.93 2.19 -24.06
N GLN D 310 -20.72 2.42 -24.59
CA GLN D 310 -20.23 3.80 -24.67
C GLN D 310 -21.02 4.62 -25.68
N ILE D 311 -21.30 4.04 -26.86
CA ILE D 311 -21.96 4.81 -27.92
C ILE D 311 -23.40 5.14 -27.54
N ALA D 312 -24.10 4.23 -26.88
CA ALA D 312 -25.49 4.43 -26.52
C ALA D 312 -25.68 5.46 -25.41
N MET D 313 -24.59 5.95 -24.82
CA MET D 313 -24.64 6.93 -23.73
C MET D 313 -25.46 6.42 -22.54
N VAL D 314 -25.28 5.14 -22.21
CA VAL D 314 -25.87 4.55 -21.02
C VAL D 314 -24.76 3.83 -20.27
N ALA D 315 -24.69 4.10 -18.96
CA ALA D 315 -23.59 3.64 -18.13
C ALA D 315 -23.87 2.23 -17.64
N ASN D 316 -22.83 1.39 -17.67
CA ASN D 316 -22.90 0.03 -17.16
C ASN D 316 -22.56 0.08 -15.68
N ILE D 317 -23.59 0.27 -14.85
CA ILE D 317 -23.37 0.46 -13.41
C ILE D 317 -22.83 -0.79 -12.74
N SER D 318 -23.30 -1.97 -13.13
CA SER D 318 -22.97 -3.21 -12.45
C SER D 318 -21.63 -3.80 -12.88
N ASP D 319 -20.85 -3.07 -13.69
CA ASP D 319 -19.56 -3.59 -14.14
C ASP D 319 -18.60 -3.70 -12.96
N GLU D 320 -17.75 -4.73 -13.01
CA GLU D 320 -16.74 -4.90 -11.97
C GLU D 320 -15.64 -3.83 -12.05
N SER D 321 -15.41 -3.26 -13.22
CA SER D 321 -14.44 -2.19 -13.40
C SER D 321 -15.03 -0.81 -13.17
N PHE D 322 -16.25 -0.74 -12.66
CA PHE D 322 -16.89 0.54 -12.40
C PHE D 322 -16.19 1.26 -11.25
N GLY D 323 -16.53 2.54 -11.06
CA GLY D 323 -15.86 3.37 -10.07
C GLY D 323 -15.83 2.76 -8.68
N SER D 324 -14.68 2.85 -8.02
CA SER D 324 -14.47 2.20 -6.73
C SER D 324 -13.94 3.20 -5.71
N SER D 325 -14.60 3.27 -4.55
CA SER D 325 -14.10 3.99 -3.37
C SER D 325 -13.81 5.46 -3.68
N SER D 326 -14.86 6.20 -4.04
CA SER D 326 -14.73 7.63 -4.30
C SER D 326 -16.10 8.28 -4.22
N GLY D 327 -16.16 9.45 -3.59
CA GLY D 327 -17.42 10.17 -3.50
C GLY D 327 -17.83 10.79 -4.81
N VAL D 328 -16.88 11.40 -5.52
CA VAL D 328 -17.23 12.21 -6.70
C VAL D 328 -16.96 11.43 -7.99
N ALA D 329 -15.95 10.55 -7.98
CA ALA D 329 -15.62 9.82 -9.20
C ALA D 329 -16.77 8.94 -9.66
N LEU D 330 -17.58 8.46 -8.72
CA LEU D 330 -18.77 7.70 -9.10
C LEU D 330 -19.81 8.59 -9.76
N ALA D 331 -19.93 9.83 -9.29
CA ALA D 331 -20.94 10.73 -9.86
C ALA D 331 -20.56 11.16 -11.28
N TYR D 332 -19.26 11.19 -11.58
CA TYR D 332 -18.83 11.61 -12.91
C TYR D 332 -19.26 10.62 -13.97
N LYS D 333 -19.19 9.32 -13.68
CA LYS D 333 -19.43 8.30 -14.69
C LYS D 333 -20.88 8.31 -15.17
N LEU D 334 -21.78 8.89 -14.39
CA LEU D 334 -23.19 8.97 -14.76
C LEU D 334 -23.55 10.23 -15.53
N GLN D 335 -22.55 11.06 -15.87
CA GLN D 335 -22.85 12.34 -16.51
C GLN D 335 -23.50 12.23 -17.88
N PRO D 336 -23.05 11.37 -18.81
CA PRO D 336 -23.72 11.32 -20.13
C PRO D 336 -25.19 10.98 -20.05
N MET D 337 -25.58 10.08 -19.14
CA MET D 337 -26.99 9.78 -18.96
C MET D 337 -27.76 11.01 -18.50
N SER D 338 -27.16 11.78 -17.59
CA SER D 338 -27.79 13.02 -17.16
C SER D 338 -27.93 14.01 -18.30
N ASN D 339 -26.92 14.08 -19.18
CA ASN D 339 -27.01 14.96 -20.34
C ASN D 339 -28.15 14.55 -21.27
N LEU D 340 -28.27 13.25 -21.53
CA LEU D 340 -29.36 12.77 -22.38
C LEU D 340 -30.72 13.05 -21.75
N ALA D 341 -30.83 12.84 -20.44
CA ALA D 341 -32.08 13.12 -19.75
C ALA D 341 -32.43 14.60 -19.83
N ALA D 342 -31.43 15.47 -19.66
CA ALA D 342 -31.67 16.90 -19.77
C ALA D 342 -32.11 17.28 -21.17
N ALA D 343 -31.52 16.64 -22.19
CA ALA D 343 -31.92 16.92 -23.56
C ALA D 343 -33.37 16.52 -23.81
N PHE D 344 -33.80 15.37 -23.29
CA PHE D 344 -35.17 14.94 -23.50
C PHE D 344 -36.16 15.76 -22.65
N GLU D 345 -35.69 16.28 -21.52
CA GLU D 345 -36.56 17.00 -20.61
C GLU D 345 -37.14 18.25 -21.26
N ARG D 346 -36.40 18.88 -22.16
CA ARG D 346 -36.90 20.08 -22.82
C ARG D 346 -38.17 19.78 -23.61
N LYS D 347 -38.13 18.77 -24.48
CA LYS D 347 -39.30 18.40 -25.26
C LYS D 347 -40.42 17.91 -24.36
N PHE D 348 -40.10 17.13 -23.33
CA PHE D 348 -41.14 16.63 -22.44
C PHE D 348 -41.86 17.79 -21.73
N GLN D 349 -41.10 18.77 -21.24
CA GLN D 349 -41.68 19.91 -20.55
C GLN D 349 -42.52 20.75 -21.49
N ALA D 350 -42.03 20.97 -22.72
CA ALA D 350 -42.82 21.74 -23.69
C ALA D 350 -44.15 21.06 -23.98
N ALA D 351 -44.13 19.73 -24.17
CA ALA D 351 -45.36 19.01 -24.42
C ALA D 351 -46.31 19.05 -23.22
N LEU D 352 -45.78 18.93 -22.01
CA LEU D 352 -46.63 19.01 -20.83
C LEU D 352 -47.25 20.40 -20.70
N THR D 353 -46.47 21.45 -21.02
CA THR D 353 -47.00 22.80 -21.00
C THR D 353 -48.13 22.96 -22.01
N GLN D 354 -47.96 22.39 -23.20
CA GLN D 354 -49.05 22.42 -24.18
C GLN D 354 -50.30 21.72 -23.66
N ARG D 355 -50.12 20.54 -23.04
CA ARG D 355 -51.27 19.80 -22.53
C ARG D 355 -52.01 20.60 -21.47
N TYR D 356 -51.27 21.20 -20.53
CA TYR D 356 -51.94 21.92 -19.45
C TYR D 356 -52.51 23.25 -19.94
N LYS D 357 -51.94 23.82 -21.00
CA LYS D 357 -52.58 24.94 -21.67
C LYS D 357 -53.93 24.54 -22.24
N MET D 358 -53.99 23.38 -22.88
CA MET D 358 -55.24 22.94 -23.51
C MET D 358 -56.27 22.52 -22.47
N PHE D 359 -55.81 22.06 -21.31
CA PHE D 359 -56.73 21.52 -20.31
C PHE D 359 -57.68 22.58 -19.77
N MET D 360 -57.18 23.80 -19.48
CA MET D 360 -58.00 24.79 -18.80
C MET D 360 -58.84 25.60 -19.78
N SER D 361 -58.84 25.23 -21.07
CA SER D 361 -59.65 25.96 -22.03
C SER D 361 -61.14 25.85 -21.70
N LEU D 362 -61.58 24.67 -21.29
CA LEU D 362 -63.00 24.46 -20.99
C LEU D 362 -63.42 25.25 -19.76
N LEU D 363 -64.65 25.76 -19.79
CA LEU D 363 -65.15 26.55 -18.67
C LEU D 363 -65.51 25.67 -17.48
N THR D 364 -65.76 24.37 -17.73
CA THR D 364 -66.11 23.47 -16.63
C THR D 364 -64.96 23.30 -15.65
N ASN D 365 -63.74 23.17 -16.16
CA ASN D 365 -62.59 22.94 -15.28
C ASN D 365 -62.31 24.14 -14.40
N VAL D 366 -62.20 25.33 -14.99
CA VAL D 366 -61.87 26.55 -14.26
C VAL D 366 -62.72 27.69 -14.81
N SER D 367 -62.76 28.78 -14.05
CA SER D 367 -63.51 29.96 -14.47
C SER D 367 -62.81 30.65 -15.64
N ALA D 368 -63.57 31.48 -16.36
CA ALA D 368 -63.03 32.14 -17.54
C ALA D 368 -61.93 33.14 -17.16
N ASN D 369 -61.95 33.63 -15.92
CA ASN D 369 -60.94 34.59 -15.49
C ASN D 369 -59.55 33.99 -15.48
N LEU D 370 -59.44 32.73 -15.06
CA LEU D 370 -58.15 32.07 -14.87
C LEU D 370 -57.69 31.27 -16.08
N SER D 371 -58.38 31.40 -17.22
CA SER D 371 -58.04 30.58 -18.38
C SER D 371 -56.63 30.86 -18.88
N ASN D 372 -56.22 32.13 -18.89
CA ASN D 372 -54.93 32.52 -19.44
C ASN D 372 -53.80 32.46 -18.41
N GLU D 373 -53.93 31.64 -17.38
CA GLU D 373 -52.95 31.57 -16.31
C GLU D 373 -52.04 30.34 -16.44
N TRP D 374 -52.06 29.66 -17.58
CA TRP D 374 -51.24 28.47 -17.75
C TRP D 374 -49.75 28.79 -17.71
N ARG D 375 -49.39 30.05 -17.91
CA ARG D 375 -47.98 30.43 -17.88
C ARG D 375 -47.35 30.30 -16.50
N GLY D 376 -48.17 30.24 -15.45
CA GLY D 376 -47.62 30.24 -14.10
C GLY D 376 -47.21 28.87 -13.61
N ILE D 377 -47.56 27.82 -14.37
CA ILE D 377 -47.23 26.46 -13.94
C ILE D 377 -45.72 26.25 -13.99
N GLU D 378 -45.18 25.67 -12.91
CA GLU D 378 -43.76 25.39 -12.80
C GLU D 378 -43.55 23.90 -12.63
N PHE D 379 -42.61 23.35 -13.39
CA PHE D 379 -42.32 21.92 -13.38
C PHE D 379 -40.96 21.68 -12.73
N ARG D 380 -40.88 20.67 -11.87
CA ARG D 380 -39.63 20.25 -11.24
C ARG D 380 -39.40 18.78 -11.52
N PHE D 381 -38.23 18.45 -12.06
CA PHE D 381 -37.84 17.08 -12.37
C PHE D 381 -36.63 16.69 -11.54
N THR D 382 -36.65 15.47 -11.00
CA THR D 382 -35.54 14.94 -10.21
C THR D 382 -35.16 13.57 -10.74
N ARG D 383 -33.87 13.27 -10.75
CA ARG D 383 -33.37 11.99 -11.23
C ARG D 383 -33.32 10.98 -10.10
N ASN D 384 -33.25 9.70 -10.47
CA ASN D 384 -33.23 8.60 -9.51
C ASN D 384 -31.78 8.19 -9.26
N ILE D 385 -31.19 8.72 -8.21
CA ILE D 385 -29.82 8.39 -7.82
C ILE D 385 -29.81 8.10 -6.32
N PRO D 386 -28.83 7.34 -5.84
CA PRO D 386 -28.75 7.09 -4.40
C PRO D 386 -28.60 8.40 -3.63
N LYS D 387 -29.28 8.47 -2.49
CA LYS D 387 -29.34 9.70 -1.69
C LYS D 387 -28.93 9.39 -0.26
N ASN D 388 -28.28 10.37 0.37
CA ASN D 388 -27.90 10.30 1.77
C ASN D 388 -28.80 11.23 2.56
N VAL D 389 -29.55 10.67 3.52
CA VAL D 389 -30.54 11.46 4.24
C VAL D 389 -29.86 12.44 5.18
N LEU D 390 -28.76 12.03 5.82
CA LEU D 390 -28.11 12.87 6.82
C LEU D 390 -27.57 14.15 6.19
N GLU D 391 -26.96 14.05 5.00
CA GLU D 391 -26.45 15.24 4.33
C GLU D 391 -27.59 16.19 3.97
N GLU D 392 -28.72 15.64 3.51
CA GLU D 392 -29.86 16.49 3.20
C GLU D 392 -30.40 17.19 4.44
N ALA D 393 -30.45 16.48 5.57
CA ALA D 393 -30.91 17.09 6.81
C ALA D 393 -29.97 18.21 7.25
N GLN D 394 -28.67 17.97 7.18
CA GLN D 394 -27.71 19.01 7.55
C GLN D 394 -27.81 20.21 6.62
N THR D 395 -28.00 19.95 5.32
CA THR D 395 -28.17 21.04 4.37
C THR D 395 -29.41 21.86 4.69
N ALA D 396 -30.52 21.20 5.03
CA ALA D 396 -31.72 21.92 5.40
C ALA D 396 -31.52 22.75 6.66
N VAL D 397 -30.82 22.19 7.65
CA VAL D 397 -30.55 22.92 8.88
C VAL D 397 -29.73 24.17 8.58
N GLN D 398 -28.69 24.05 7.75
CA GLN D 398 -27.88 25.20 7.40
C GLN D 398 -28.67 26.23 6.59
N LEU D 399 -29.53 25.76 5.68
CA LEU D 399 -30.24 26.68 4.81
C LEU D 399 -31.38 27.39 5.54
N ALA D 400 -31.84 26.82 6.64
CA ALA D 400 -32.92 27.45 7.40
C ALA D 400 -32.50 28.80 7.97
N THR D 401 -31.19 29.06 8.04
CA THR D 401 -30.72 30.33 8.61
C THR D 401 -30.93 31.49 7.64
N ILE D 402 -30.71 31.25 6.35
CA ILE D 402 -30.67 32.32 5.36
C ILE D 402 -31.86 32.26 4.39
N ALA D 403 -32.41 31.08 4.15
CA ALA D 403 -33.44 30.91 3.13
C ALA D 403 -34.80 30.83 3.79
N SER D 404 -35.84 30.85 2.95
CA SER D 404 -37.21 30.80 3.44
C SER D 404 -37.59 29.38 3.86
N GLN D 405 -38.82 29.23 4.35
CA GLN D 405 -39.28 27.94 4.82
C GLN D 405 -39.55 26.98 3.67
N GLU D 406 -40.15 27.50 2.59
CA GLU D 406 -40.47 26.64 1.45
C GLU D 406 -39.21 26.08 0.80
N THR D 407 -38.20 26.92 0.61
CA THR D 407 -36.94 26.46 0.03
C THR D 407 -36.25 25.46 0.95
N THR D 408 -36.30 25.72 2.26
CA THR D 408 -35.68 24.80 3.21
C THR D 408 -36.36 23.44 3.17
N LEU D 409 -37.69 23.41 3.10
CA LEU D 409 -38.39 22.14 3.08
C LEU D 409 -38.32 21.47 1.71
N SER D 410 -37.98 22.22 0.66
CA SER D 410 -37.89 21.63 -0.67
C SER D 410 -36.72 20.66 -0.77
N VAL D 411 -35.61 20.96 -0.09
CA VAL D 411 -34.41 20.12 -0.20
C VAL D 411 -34.65 18.75 0.40
N LEU D 412 -35.43 18.68 1.47
CA LEU D 412 -35.66 17.42 2.17
C LEU D 412 -36.40 16.43 1.26
N SER D 413 -35.75 15.29 0.99
CA SER D 413 -36.36 14.29 0.14
C SER D 413 -37.44 13.51 0.89
N VAL D 414 -37.40 13.54 2.22
CA VAL D 414 -38.40 12.84 3.02
C VAL D 414 -39.78 13.47 2.83
N VAL D 415 -39.81 14.79 2.63
CA VAL D 415 -41.06 15.52 2.49
C VAL D 415 -41.73 15.17 1.17
N PRO D 416 -42.94 14.59 1.19
CA PRO D 416 -43.67 14.39 -0.07
C PRO D 416 -44.26 15.67 -0.63
N ASP D 417 -44.89 16.49 0.22
CA ASP D 417 -45.51 17.74 -0.20
C ASP D 417 -45.14 18.84 0.78
N VAL D 418 -44.70 19.98 0.26
CA VAL D 418 -44.30 21.10 1.11
C VAL D 418 -45.51 21.72 1.79
N ARG D 419 -46.61 21.86 1.05
CA ARG D 419 -47.78 22.56 1.57
C ARG D 419 -48.39 21.82 2.76
N ALA D 420 -48.46 20.49 2.68
CA ALA D 420 -49.01 19.72 3.81
C ALA D 420 -48.14 19.87 5.05
N GLU D 421 -46.81 19.82 4.87
CA GLU D 421 -45.90 20.02 6.00
C GLU D 421 -46.07 21.40 6.62
N MET D 422 -46.18 22.44 5.79
CA MET D 422 -46.38 23.78 6.32
C MET D 422 -47.70 23.89 7.06
N ASP D 423 -48.75 23.26 6.52
CA ASP D 423 -50.05 23.29 7.18
C ASP D 423 -49.99 22.61 8.55
N ARG D 424 -49.32 21.45 8.63
CA ARG D 424 -49.26 20.75 9.91
C ARG D 424 -48.36 21.48 10.90
N ILE D 425 -47.29 22.11 10.43
CA ILE D 425 -46.45 22.92 11.32
C ILE D 425 -47.26 24.08 11.87
N HIS D 426 -48.04 24.75 11.02
CA HIS D 426 -48.89 25.84 11.50
C HIS D 426 -49.94 25.33 12.47
N SER D 427 -50.48 24.13 12.22
CA SER D 427 -51.46 23.55 13.13
C SER D 427 -50.85 23.27 14.50
N GLU D 428 -49.61 22.80 14.54
CA GLU D 428 -48.95 22.55 15.82
C GLU D 428 -48.79 23.84 16.61
N ARG D 429 -48.40 24.93 15.94
CA ARG D 429 -48.24 26.21 16.60
C ARG D 429 -48.53 27.36 15.64
N LEU E 4 -11.75 18.05 -50.67
CA LEU E 4 -12.63 19.11 -51.13
C LEU E 4 -12.35 20.42 -50.38
N GLU E 5 -13.43 21.09 -49.97
CA GLU E 5 -13.34 22.34 -49.24
C GLU E 5 -13.59 22.09 -47.76
N ILE E 6 -12.74 22.67 -46.92
CA ILE E 6 -12.83 22.47 -45.47
C ILE E 6 -13.30 23.73 -44.75
N GLY E 7 -13.87 24.69 -45.46
CA GLY E 7 -14.40 25.90 -44.83
C GLY E 7 -15.33 26.62 -45.77
N PHE E 8 -16.03 27.61 -45.23
CA PHE E 8 -16.97 28.42 -45.99
C PHE E 8 -16.53 29.87 -45.96
N GLU E 9 -16.53 30.52 -47.12
CA GLU E 9 -16.13 31.91 -47.26
C GLU E 9 -17.37 32.76 -47.51
N VAL E 10 -17.47 33.89 -46.80
CA VAL E 10 -18.66 34.73 -46.90
C VAL E 10 -18.71 35.43 -48.25
N PHE E 11 -19.92 35.62 -48.75
CA PHE E 11 -20.12 36.36 -49.98
C PHE E 11 -20.04 37.86 -49.70
N THR E 12 -19.46 38.61 -50.64
CA THR E 12 -19.34 40.04 -50.51
C THR E 12 -19.87 40.72 -51.77
N PHE E 13 -20.70 41.73 -51.60
CA PHE E 13 -21.27 42.48 -52.70
C PHE E 13 -21.15 43.98 -52.44
N PRO E 14 -20.87 44.76 -53.47
CA PRO E 14 -20.76 46.22 -53.27
C PRO E 14 -22.09 46.83 -52.87
N ARG E 15 -22.01 47.92 -52.09
CA ARG E 15 -23.19 48.47 -51.43
C ARG E 15 -24.12 49.19 -52.41
N GLU E 16 -23.54 49.99 -53.31
CA GLU E 16 -24.34 51.00 -54.01
C GLU E 16 -25.23 50.40 -55.08
N GLU E 17 -24.73 49.43 -55.83
CA GLU E 17 -25.46 48.92 -56.99
C GLU E 17 -26.74 48.20 -56.57
N GLU E 18 -27.73 48.24 -57.45
CA GLU E 18 -29.02 47.61 -57.18
C GLU E 18 -28.90 46.10 -57.18
N ILE E 19 -29.85 45.45 -56.50
CA ILE E 19 -29.89 43.99 -56.41
C ILE E 19 -30.81 43.49 -57.51
N THR E 20 -30.23 42.98 -58.59
CA THR E 20 -30.99 42.47 -59.72
C THR E 20 -31.09 40.94 -59.65
N ILE E 21 -31.89 40.39 -60.57
CA ILE E 21 -32.18 38.96 -60.54
C ILE E 21 -30.93 38.15 -60.90
N GLU E 22 -30.06 38.71 -61.73
CA GLU E 22 -28.88 37.97 -62.18
C GLU E 22 -27.91 37.72 -61.04
N VAL E 23 -27.71 38.71 -60.17
CA VAL E 23 -26.85 38.54 -59.01
C VAL E 23 -27.41 37.45 -58.09
N ILE E 24 -28.72 37.48 -57.86
CA ILE E 24 -29.36 36.47 -57.03
C ILE E 24 -29.16 35.09 -57.63
N GLU E 25 -29.35 34.95 -58.95
CA GLU E 25 -29.19 33.64 -59.59
C GLU E 25 -27.75 33.16 -59.51
N GLU E 26 -26.79 34.06 -59.66
CA GLU E 26 -25.38 33.69 -59.50
C GLU E 26 -25.11 33.18 -58.10
N PHE E 27 -25.69 33.82 -57.09
CA PHE E 27 -25.53 33.34 -55.72
C PHE E 27 -26.22 32.00 -55.52
N MET E 28 -27.35 31.77 -56.18
CA MET E 28 -27.98 30.45 -56.18
C MET E 28 -27.01 29.39 -56.69
N SER E 29 -26.35 29.68 -57.82
CA SER E 29 -25.38 28.73 -58.36
C SER E 29 -24.24 28.49 -57.38
N LEU E 30 -23.73 29.56 -56.76
CA LEU E 30 -22.63 29.40 -55.82
C LEU E 30 -23.01 28.54 -54.63
N HIS E 31 -24.23 28.74 -54.11
CA HIS E 31 -24.67 27.95 -52.95
C HIS E 31 -24.95 26.51 -53.33
N SER E 32 -25.50 26.29 -54.54
CA SER E 32 -25.73 24.93 -55.01
C SER E 32 -24.40 24.20 -55.19
N LYS E 33 -23.34 24.93 -55.51
CA LYS E 33 -22.01 24.33 -55.54
C LYS E 33 -21.59 23.84 -54.16
N GLN E 34 -21.93 24.58 -53.11
CA GLN E 34 -21.45 24.29 -51.76
C GLN E 34 -22.32 23.30 -51.01
N GLN E 35 -23.55 23.06 -51.45
CA GLN E 35 -24.45 22.15 -50.73
C GLN E 35 -23.88 20.76 -50.42
N PRO E 36 -23.13 20.09 -51.32
CA PRO E 36 -22.70 18.71 -51.00
C PRO E 36 -21.92 18.58 -49.69
N ARG E 37 -21.14 19.59 -49.30
CA ARG E 37 -20.43 19.50 -48.03
C ARG E 37 -21.41 19.41 -46.87
N TYR E 38 -22.45 20.24 -46.87
CA TYR E 38 -23.47 20.16 -45.85
C TYR E 38 -24.17 18.80 -45.87
N GLU E 39 -24.45 18.29 -47.07
CA GLU E 39 -25.10 16.99 -47.17
C GLU E 39 -24.25 15.90 -46.54
N ARG E 40 -22.94 15.89 -46.84
CA ARG E 40 -22.07 14.88 -46.26
C ARG E 40 -21.96 15.02 -44.75
N LEU E 41 -21.85 16.26 -44.26
CA LEU E 41 -21.74 16.47 -42.82
C LEU E 41 -22.99 16.00 -42.08
N MET E 42 -24.16 16.24 -42.66
CA MET E 42 -25.39 15.76 -42.03
C MET E 42 -25.49 14.25 -42.09
N LYS E 43 -25.13 13.66 -43.23
CA LYS E 43 -25.24 12.20 -43.38
C LYS E 43 -24.30 11.48 -42.43
N MET E 44 -23.11 12.04 -42.18
CA MET E 44 -22.20 11.41 -41.24
C MET E 44 -22.78 11.36 -39.83
N TYR E 45 -23.43 12.45 -39.40
CA TYR E 45 -24.03 12.49 -38.07
C TYR E 45 -25.23 11.56 -37.98
N LYS E 46 -26.09 11.55 -39.01
CA LYS E 46 -27.36 10.85 -38.91
C LYS E 46 -27.21 9.36 -38.66
N GLY E 47 -26.08 8.76 -39.02
CA GLY E 47 -25.87 7.34 -38.78
C GLY E 47 -25.26 6.60 -39.94
N ASP E 48 -25.55 7.04 -41.16
CA ASP E 48 -24.95 6.43 -42.34
C ASP E 48 -23.46 6.70 -42.37
N ALA E 49 -22.70 5.77 -42.92
CA ALA E 49 -21.25 5.87 -42.95
C ALA E 49 -20.75 5.53 -44.35
N ALA E 50 -19.49 5.87 -44.60
CA ALA E 50 -18.90 5.60 -45.91
C ALA E 50 -18.52 4.13 -46.07
N ILE E 51 -18.46 3.38 -44.97
CA ILE E 51 -18.09 1.97 -45.04
C ILE E 51 -19.16 1.18 -45.80
N PHE E 52 -20.41 1.61 -45.70
CA PHE E 52 -21.49 0.87 -46.35
C PHE E 52 -21.42 0.96 -47.87
N ALA E 53 -20.69 1.94 -48.40
CA ALA E 53 -20.62 2.16 -49.84
C ALA E 53 -19.45 1.45 -50.51
N ARG E 54 -18.69 0.65 -49.77
CA ARG E 54 -17.54 -0.04 -50.34
C ARG E 54 -17.99 -1.15 -51.27
N LYS E 55 -17.10 -1.49 -52.23
CA LYS E 55 -17.43 -2.51 -53.21
C LYS E 55 -17.51 -3.89 -52.57
N ALA E 56 -18.36 -4.74 -53.12
CA ALA E 56 -18.59 -6.06 -52.55
C ALA E 56 -17.40 -6.98 -52.80
N LYS E 57 -17.31 -8.02 -51.99
CA LYS E 57 -16.23 -9.00 -52.08
C LYS E 57 -16.66 -10.15 -53.00
N GLU E 58 -15.91 -11.24 -53.00
CA GLU E 58 -16.24 -12.41 -53.80
C GLU E 58 -17.52 -13.05 -53.27
N PRO E 59 -18.20 -13.85 -54.10
CA PRO E 59 -19.55 -14.34 -53.72
C PRO E 59 -19.59 -15.14 -52.43
N HIS E 60 -18.55 -15.91 -52.12
CA HIS E 60 -18.61 -16.86 -51.02
C HIS E 60 -17.68 -16.52 -49.86
N LYS E 61 -16.96 -15.41 -49.93
CA LYS E 61 -16.15 -15.00 -48.79
C LYS E 61 -16.98 -14.16 -47.82
N PRO E 62 -16.69 -14.25 -46.52
CA PRO E 62 -17.46 -13.46 -45.55
C PRO E 62 -17.21 -11.97 -45.71
N ASP E 63 -18.25 -11.19 -45.42
CA ASP E 63 -18.17 -9.73 -45.52
C ASP E 63 -19.00 -9.13 -44.40
N ASN E 64 -18.34 -8.43 -43.48
CA ASN E 64 -19.00 -7.80 -42.34
C ASN E 64 -18.71 -6.30 -42.38
N ARG E 65 -19.75 -5.50 -42.11
CA ARG E 65 -19.64 -4.05 -42.11
C ARG E 65 -20.10 -3.52 -40.77
N LEU E 66 -19.19 -2.92 -40.03
CA LEU E 66 -19.46 -2.36 -38.71
C LEU E 66 -19.16 -0.87 -38.71
N ASN E 67 -20.05 -0.09 -38.10
CA ASN E 67 -19.89 1.35 -37.99
C ASN E 67 -19.91 1.74 -36.53
N VAL E 68 -18.90 2.52 -36.11
CA VAL E 68 -18.84 3.07 -34.77
C VAL E 68 -19.04 4.58 -34.88
N ASN E 69 -20.11 5.08 -34.28
CA ASN E 69 -20.54 6.46 -34.47
C ASN E 69 -19.94 7.33 -33.37
N TYR E 70 -18.96 8.15 -33.73
CA TYR E 70 -18.37 9.10 -32.81
C TYR E 70 -18.95 10.51 -32.92
N ALA E 71 -19.42 10.88 -34.11
CA ALA E 71 -19.92 12.24 -34.31
C ALA E 71 -21.14 12.51 -33.44
N LYS E 72 -22.08 11.56 -33.37
CA LYS E 72 -23.26 11.74 -32.54
C LYS E 72 -22.87 11.85 -31.07
N TYR E 73 -21.95 11.00 -30.61
CA TYR E 73 -21.49 11.07 -29.24
C TYR E 73 -20.90 12.43 -28.91
N ILE E 74 -19.99 12.92 -29.76
CA ILE E 74 -19.34 14.20 -29.50
C ILE E 74 -20.36 15.33 -29.50
N THR E 75 -21.24 15.36 -30.50
CA THR E 75 -22.21 16.45 -30.60
C THR E 75 -23.16 16.45 -29.41
N ASP E 76 -23.68 15.28 -29.04
CA ASP E 76 -24.60 15.21 -27.92
C ASP E 76 -23.92 15.59 -26.61
N THR E 77 -22.69 15.11 -26.40
CA THR E 77 -21.99 15.46 -25.17
C THR E 77 -21.74 16.95 -25.06
N PHE E 78 -21.29 17.59 -26.16
CA PHE E 78 -21.04 19.02 -26.10
C PHE E 78 -22.33 19.82 -25.93
N SER E 79 -23.41 19.39 -26.61
CA SER E 79 -24.68 20.09 -26.46
C SER E 79 -25.21 19.98 -25.04
N GLY E 80 -25.07 18.81 -24.42
CA GLY E 80 -25.47 18.66 -23.03
C GLY E 80 -24.62 19.50 -22.09
N PHE E 81 -23.32 19.56 -22.35
CA PHE E 81 -22.43 20.34 -21.50
C PHE E 81 -22.77 21.82 -21.56
N PHE E 82 -22.91 22.37 -22.76
CA PHE E 82 -23.06 23.81 -22.90
C PHE E 82 -24.43 24.28 -22.45
N ASN E 83 -25.49 23.80 -23.10
CA ASN E 83 -26.84 24.25 -22.84
C ASN E 83 -27.62 23.30 -21.94
N GLY E 84 -26.96 22.62 -21.02
CA GLY E 84 -27.66 21.73 -20.11
C GLY E 84 -28.59 22.47 -19.17
N ILE E 85 -28.14 23.61 -18.66
CA ILE E 85 -28.93 24.48 -17.78
C ILE E 85 -29.28 25.73 -18.56
N PRO E 86 -30.56 26.11 -18.65
CA PRO E 86 -30.93 27.29 -19.43
C PRO E 86 -30.27 28.55 -18.89
N SER E 87 -29.97 29.47 -19.80
CA SER E 87 -29.31 30.72 -19.42
C SER E 87 -30.28 31.61 -18.64
N LYS E 88 -29.69 32.52 -17.87
CA LYS E 88 -30.45 33.44 -17.03
C LYS E 88 -30.25 34.87 -17.54
N LYS E 89 -31.35 35.59 -17.68
CA LYS E 89 -31.34 36.97 -18.17
C LYS E 89 -32.09 37.84 -17.17
N ASN E 90 -31.46 38.93 -16.74
CA ASN E 90 -32.02 39.79 -15.71
C ASN E 90 -31.62 41.24 -15.97
N HIS E 91 -32.34 42.16 -15.31
CA HIS E 91 -32.09 43.58 -15.46
C HIS E 91 -32.48 44.29 -14.16
N LYS E 92 -32.15 45.58 -14.10
CA LYS E 92 -32.48 46.39 -12.93
C LYS E 92 -33.92 46.90 -12.98
N ASN E 93 -34.28 47.55 -14.10
CA ASN E 93 -35.64 48.05 -14.24
C ASN E 93 -36.64 46.90 -14.25
N ASP E 94 -37.77 47.10 -13.58
CA ASP E 94 -38.76 46.03 -13.48
C ASP E 94 -39.48 45.81 -14.80
N VAL E 95 -39.79 46.87 -15.53
CA VAL E 95 -40.57 46.75 -16.77
C VAL E 95 -39.79 45.96 -17.81
N VAL E 96 -38.51 46.28 -18.00
CA VAL E 96 -37.71 45.61 -19.02
C VAL E 96 -37.57 44.12 -18.69
N SER E 97 -37.25 43.81 -17.43
CA SER E 97 -37.11 42.42 -17.03
C SER E 97 -38.41 41.65 -17.18
N ASP E 98 -39.52 42.28 -16.78
CA ASP E 98 -40.82 41.62 -16.91
C ASP E 98 -41.15 41.34 -18.37
N ALA E 99 -40.92 42.31 -19.25
CA ALA E 99 -41.21 42.11 -20.67
C ALA E 99 -40.32 41.02 -21.26
N ILE E 100 -39.03 41.02 -20.92
CA ILE E 100 -38.12 40.01 -21.47
C ILE E 100 -38.52 38.62 -20.99
N ASN E 101 -38.83 38.49 -19.70
CA ASN E 101 -39.21 37.18 -19.18
C ASN E 101 -40.53 36.69 -19.78
N ASN E 102 -41.49 37.60 -19.95
CA ASN E 102 -42.76 37.21 -20.57
C ASN E 102 -42.55 36.76 -22.00
N PHE E 103 -41.72 37.48 -22.76
CA PHE E 103 -41.44 37.09 -24.14
C PHE E 103 -40.75 35.73 -24.19
N ASP E 104 -39.78 35.50 -23.30
CA ASP E 104 -39.07 34.23 -23.28
C ASP E 104 -40.02 33.08 -22.95
N ASN E 105 -40.91 33.29 -21.96
CA ASN E 105 -41.87 32.25 -21.60
C ASN E 105 -42.83 31.98 -22.74
N GLU E 106 -43.26 33.03 -23.45
CA GLU E 106 -44.23 32.84 -24.52
C GLU E 106 -43.62 32.15 -25.73
N GLN E 107 -42.34 32.38 -25.99
CA GLN E 107 -41.72 31.88 -27.22
C GLN E 107 -40.78 30.70 -27.00
N ASP E 108 -40.67 30.18 -25.78
CA ASP E 108 -39.94 28.94 -25.50
C ASP E 108 -38.49 29.02 -25.97
N MET E 109 -37.71 29.89 -25.30
CA MET E 109 -36.34 30.12 -25.72
C MET E 109 -35.44 28.90 -25.52
N GLN E 110 -35.80 28.01 -24.59
CA GLN E 110 -34.91 26.88 -24.29
C GLN E 110 -34.75 25.96 -25.49
N ASP E 111 -35.87 25.53 -26.09
CA ASP E 111 -35.80 24.64 -27.23
C ASP E 111 -35.10 25.29 -28.42
N GLU E 112 -35.42 26.56 -28.68
CA GLU E 112 -34.80 27.26 -29.80
C GLU E 112 -33.29 27.37 -29.62
N GLU E 113 -32.85 27.74 -28.41
CA GLU E 113 -31.42 27.86 -28.15
C GLU E 113 -30.73 26.51 -28.27
N ALA E 114 -31.32 25.45 -27.73
CA ALA E 114 -30.70 24.13 -27.83
C ALA E 114 -30.58 23.69 -29.28
N GLU E 115 -31.64 23.88 -30.07
CA GLU E 115 -31.60 23.46 -31.47
C GLU E 115 -30.59 24.28 -32.26
N LEU E 116 -30.49 25.58 -31.98
CA LEU E 116 -29.51 26.41 -32.67
C LEU E 116 -28.09 25.99 -32.30
N VAL E 117 -27.84 25.65 -31.03
CA VAL E 117 -26.53 25.16 -30.64
C VAL E 117 -26.20 23.87 -31.38
N LYS E 118 -27.16 22.95 -31.46
CA LYS E 118 -26.90 21.69 -32.15
C LYS E 118 -26.62 21.92 -33.64
N LEU E 119 -27.40 22.78 -34.29
CA LEU E 119 -27.19 23.06 -35.70
C LEU E 119 -25.84 23.72 -35.94
N ALA E 120 -25.45 24.65 -35.06
CA ALA E 120 -24.13 25.27 -35.20
C ALA E 120 -23.02 24.26 -35.03
N CYS E 121 -23.19 23.32 -34.09
CA CYS E 121 -22.17 22.29 -33.89
C CYS E 121 -22.05 21.38 -35.10
N VAL E 122 -23.18 21.00 -35.70
CA VAL E 122 -23.13 20.00 -36.77
C VAL E 122 -22.64 20.63 -38.08
N TYR E 123 -23.39 21.58 -38.62
CA TYR E 123 -23.05 22.19 -39.91
C TYR E 123 -21.91 23.19 -39.83
N GLY E 124 -21.86 24.02 -38.79
CA GLY E 124 -20.86 25.06 -38.70
C GLY E 124 -21.46 26.41 -38.44
N HIS E 125 -22.64 26.68 -39.00
CA HIS E 125 -23.36 27.92 -38.79
C HIS E 125 -24.84 27.70 -39.05
N ALA E 126 -25.68 28.50 -38.38
CA ALA E 126 -27.12 28.37 -38.48
C ALA E 126 -27.75 29.76 -38.50
N PHE E 127 -28.97 29.83 -39.02
CA PHE E 127 -29.69 31.07 -39.18
C PHE E 127 -30.95 31.08 -38.33
N GLU E 128 -31.42 32.27 -37.99
CA GLU E 128 -32.64 32.47 -37.21
C GLU E 128 -33.50 33.52 -37.88
N LEU E 129 -34.80 33.24 -37.97
CA LEU E 129 -35.76 34.11 -38.63
C LEU E 129 -36.72 34.68 -37.59
N MET E 130 -36.99 35.98 -37.69
CA MET E 130 -37.91 36.68 -36.81
C MET E 130 -39.00 37.35 -37.63
N TYR E 131 -40.24 37.28 -37.16
CA TYR E 131 -41.37 37.81 -37.90
C TYR E 131 -42.50 38.15 -36.95
N GLN E 132 -43.46 38.91 -37.45
CA GLN E 132 -44.64 39.32 -36.69
C GLN E 132 -45.83 38.52 -37.16
N ASP E 133 -46.57 37.93 -36.21
CA ASP E 133 -47.73 37.12 -36.54
C ASP E 133 -48.97 37.99 -36.75
N GLU E 134 -50.14 37.36 -36.84
CA GLU E 134 -51.37 38.09 -37.14
C GLU E 134 -51.87 38.86 -35.92
N GLU E 135 -51.54 38.41 -34.71
CA GLU E 135 -52.04 39.02 -33.48
C GLU E 135 -51.03 39.96 -32.84
N THR E 136 -50.17 40.57 -33.66
CA THR E 136 -49.21 41.57 -33.21
C THR E 136 -48.32 41.02 -32.09
N LYS E 137 -47.65 39.90 -32.37
CA LYS E 137 -46.71 39.31 -31.45
C LYS E 137 -45.45 38.91 -32.21
N THR E 138 -44.34 38.85 -31.49
CA THR E 138 -43.04 38.57 -32.08
C THR E 138 -42.73 37.08 -31.94
N ASN E 139 -42.40 36.44 -33.06
CA ASN E 139 -42.07 35.02 -33.11
C ASN E 139 -40.70 34.84 -33.72
N VAL E 140 -40.05 33.73 -33.35
CA VAL E 140 -38.73 33.38 -33.86
C VAL E 140 -38.75 31.93 -34.33
N LYS E 141 -37.79 31.59 -35.19
CA LYS E 141 -37.65 30.25 -35.71
C LYS E 141 -36.20 30.01 -36.11
N HIS E 142 -35.85 28.74 -36.27
CA HIS E 142 -34.50 28.34 -36.62
C HIS E 142 -34.52 27.59 -37.94
N ASN E 143 -33.56 27.90 -38.82
CA ASN E 143 -33.46 27.27 -40.12
C ASN E 143 -32.06 26.68 -40.31
N SER E 144 -32.00 25.61 -41.08
CA SER E 144 -30.73 24.99 -41.45
C SER E 144 -30.07 25.78 -42.56
N PRO E 145 -28.75 25.73 -42.66
CA PRO E 145 -28.03 26.50 -43.70
C PRO E 145 -28.09 25.89 -45.10
N GLU E 146 -28.93 24.88 -45.33
CA GLU E 146 -29.04 24.31 -46.66
C GLU E 146 -29.84 25.19 -47.60
N ASP E 147 -30.80 25.95 -47.07
CA ASP E 147 -31.73 26.71 -47.88
C ASP E 147 -31.55 28.22 -47.78
N MET E 148 -30.62 28.70 -46.96
CA MET E 148 -30.46 30.12 -46.73
C MET E 148 -28.99 30.52 -46.79
N PHE E 149 -28.73 31.70 -47.35
CA PHE E 149 -27.42 32.32 -47.34
C PHE E 149 -27.56 33.81 -47.16
N ILE E 150 -26.52 34.44 -46.61
CA ILE E 150 -26.52 35.86 -46.31
C ILE E 150 -25.30 36.49 -46.96
N VAL E 151 -25.45 37.71 -47.47
CA VAL E 151 -24.39 38.41 -48.20
C VAL E 151 -24.07 39.70 -47.47
N TYR E 152 -22.78 39.93 -47.24
CA TYR E 152 -22.29 41.15 -46.62
C TYR E 152 -21.75 42.11 -47.65
N ASP E 153 -21.53 43.36 -47.23
CA ASP E 153 -20.90 44.35 -48.07
C ASP E 153 -19.38 44.20 -48.02
N ASP E 154 -18.68 44.97 -48.84
CA ASP E 154 -17.23 44.90 -48.91
C ASP E 154 -16.53 45.91 -48.01
N THR E 155 -17.27 46.68 -47.23
CA THR E 155 -16.66 47.62 -46.32
C THR E 155 -15.92 46.88 -45.20
N VAL E 156 -15.05 47.62 -44.51
CA VAL E 156 -14.27 47.01 -43.43
C VAL E 156 -15.18 46.57 -42.29
N SER E 157 -16.23 47.34 -42.03
CA SER E 157 -17.17 46.99 -40.96
C SER E 157 -17.91 45.69 -41.28
N GLN E 158 -18.15 45.43 -42.57
CA GLN E 158 -18.81 44.21 -43.03
C GLN E 158 -20.19 44.04 -42.40
N LYS E 159 -21.10 44.96 -42.68
CA LYS E 159 -22.44 44.82 -42.17
C LYS E 159 -23.30 43.99 -43.12
N PRO E 160 -24.27 43.24 -42.61
CA PRO E 160 -25.13 42.45 -43.48
C PRO E 160 -25.93 43.32 -44.43
N LEU E 161 -26.17 42.80 -45.63
CA LEU E 161 -26.86 43.56 -46.67
C LEU E 161 -28.19 42.93 -47.07
N PHE E 162 -28.20 41.64 -47.41
CA PHE E 162 -29.45 40.98 -47.75
C PHE E 162 -29.28 39.47 -47.57
N ALA E 163 -30.41 38.77 -47.49
CA ALA E 163 -30.42 37.32 -47.32
C ALA E 163 -31.51 36.73 -48.19
N VAL E 164 -31.33 35.45 -48.56
CA VAL E 164 -32.25 34.76 -49.45
C VAL E 164 -32.64 33.43 -48.84
N ARG E 165 -33.91 33.05 -49.05
CA ARG E 165 -34.42 31.73 -48.69
C ARG E 165 -35.28 31.23 -49.83
N TYR E 166 -35.12 29.96 -50.20
CA TYR E 166 -35.80 29.40 -51.36
C TYR E 166 -36.12 27.94 -51.12
N GLY E 167 -36.66 27.29 -52.16
CA GLY E 167 -37.02 25.88 -52.09
C GLY E 167 -38.10 25.51 -53.09
N LEU E 168 -38.08 24.26 -53.55
CA LEU E 168 -39.09 23.79 -54.49
C LEU E 168 -40.44 23.63 -53.81
N ASP E 169 -41.50 23.97 -54.53
CA ASP E 169 -42.85 23.83 -54.02
C ASP E 169 -43.41 22.44 -54.35
N ARG E 170 -44.71 22.25 -54.15
CA ARG E 170 -45.32 20.94 -54.37
C ARG E 170 -45.32 20.57 -55.84
N GLU E 171 -45.58 21.53 -56.73
CA GLU E 171 -45.73 21.26 -58.15
C GLU E 171 -44.39 21.25 -58.90
N GLY E 172 -43.31 21.69 -58.26
CA GLY E 172 -42.00 21.62 -58.86
C GLY E 172 -41.45 22.89 -59.45
N GLU E 173 -41.81 24.05 -58.93
CA GLU E 173 -41.27 25.33 -59.39
C GLU E 173 -40.72 26.11 -58.21
N LEU E 174 -39.71 26.93 -58.49
CA LEU E 174 -39.00 27.64 -57.43
C LEU E 174 -39.90 28.69 -56.77
N CYS E 175 -39.92 28.67 -55.44
CA CYS E 175 -40.62 29.70 -54.66
C CYS E 175 -39.69 30.11 -53.52
N GLY E 176 -39.55 31.43 -53.32
CA GLY E 176 -38.64 31.91 -52.30
C GLY E 176 -38.98 33.33 -51.87
N THR E 177 -38.27 33.77 -50.84
CA THR E 177 -38.47 35.09 -50.25
C THR E 177 -37.13 35.81 -50.17
N LEU E 178 -37.14 37.10 -50.47
CA LEU E 178 -35.96 37.94 -50.41
C LEU E 178 -36.12 38.94 -49.27
N TYR E 179 -35.14 38.99 -48.38
CA TYR E 179 -35.15 39.89 -47.24
C TYR E 179 -34.13 41.00 -47.45
N THR E 180 -34.58 42.25 -47.38
CA THR E 180 -33.70 43.40 -47.43
C THR E 180 -33.94 44.26 -46.20
N GLU E 181 -33.10 45.30 -46.05
CA GLU E 181 -33.21 46.18 -44.89
C GLU E 181 -34.54 46.94 -44.89
N ASP E 182 -34.99 47.37 -46.07
CA ASP E 182 -36.17 48.22 -46.15
C ASP E 182 -37.42 47.44 -46.55
N VAL E 183 -37.32 46.56 -47.54
CA VAL E 183 -38.49 45.88 -48.09
C VAL E 183 -38.27 44.38 -48.10
N ASP E 184 -39.37 43.64 -48.20
CA ASP E 184 -39.35 42.19 -48.34
C ASP E 184 -40.08 41.82 -49.62
N VAL E 185 -39.45 40.97 -50.43
CA VAL E 185 -39.97 40.63 -51.75
C VAL E 185 -40.16 39.13 -51.84
N THR E 186 -41.20 38.70 -52.56
CA THR E 186 -41.49 37.30 -52.78
C THR E 186 -41.04 36.92 -54.18
N LEU E 187 -40.28 35.84 -54.29
CA LEU E 187 -39.76 35.35 -55.57
C LEU E 187 -40.64 34.21 -56.06
N ILE E 188 -41.13 34.35 -57.30
CA ILE E 188 -42.00 33.35 -57.92
C ILE E 188 -41.50 33.08 -59.32
N GLY E 189 -41.57 31.82 -59.73
CA GLY E 189 -41.17 31.44 -61.09
C GLY E 189 -41.94 30.23 -61.56
N LYS E 190 -42.39 30.28 -62.81
CA LYS E 190 -43.18 29.20 -63.39
C LYS E 190 -42.47 28.53 -64.56
N ASN E 191 -42.05 29.29 -65.57
CA ASN E 191 -41.44 28.67 -66.75
C ASN E 191 -39.98 28.31 -66.49
N GLY E 192 -39.40 28.86 -65.44
CA GLY E 192 -38.01 28.59 -65.11
C GLY E 192 -37.26 29.83 -64.64
N THR E 193 -37.71 31.00 -65.09
CA THR E 193 -37.12 32.25 -64.66
C THR E 193 -37.70 32.67 -63.31
N MET E 194 -37.15 33.76 -62.77
CA MET E 194 -37.60 34.29 -61.50
C MET E 194 -38.01 35.75 -61.68
N ILE E 195 -39.19 36.09 -61.15
CA ILE E 195 -39.74 37.43 -61.26
C ILE E 195 -40.19 37.90 -59.88
N PHE E 196 -39.99 39.18 -59.59
CA PHE E 196 -40.41 39.72 -58.31
C PHE E 196 -41.94 39.82 -58.26
N GLY E 197 -42.52 39.34 -57.17
CA GLY E 197 -43.97 39.21 -57.09
C GLY E 197 -44.69 40.23 -56.27
N GLU E 198 -44.19 40.55 -55.07
CA GLU E 198 -44.91 41.40 -54.15
C GLU E 198 -43.92 41.98 -53.13
N GLU E 199 -44.24 43.16 -52.62
CA GLU E 199 -43.33 43.89 -51.73
C GLU E 199 -44.09 44.36 -50.50
N SER E 200 -43.48 44.13 -49.33
CA SER E 200 -44.08 44.53 -48.07
C SER E 200 -43.04 45.28 -47.24
N GLU E 201 -43.52 46.30 -46.52
CA GLU E 201 -42.64 47.12 -45.71
C GLU E 201 -42.09 46.32 -44.52
N ASN E 202 -40.88 46.68 -44.10
CA ASN E 202 -40.22 46.03 -42.97
C ASN E 202 -40.46 46.87 -41.73
N VAL E 203 -41.20 46.32 -40.76
CA VAL E 203 -41.44 47.03 -39.51
C VAL E 203 -40.15 47.17 -38.72
N TYR E 204 -39.28 46.17 -38.80
CA TYR E 204 -38.00 46.22 -38.09
C TYR E 204 -37.04 47.16 -38.80
N ASN E 205 -35.97 47.54 -38.09
CA ASN E 205 -34.99 48.48 -38.60
C ASN E 205 -33.78 47.81 -39.25
N ASP E 206 -33.68 46.49 -39.17
CA ASP E 206 -32.52 45.77 -39.70
C ASP E 206 -33.02 44.54 -40.44
N LEU E 207 -32.07 43.70 -40.86
CA LEU E 207 -32.42 42.44 -41.49
C LEU E 207 -33.04 41.49 -40.47
N ALA E 208 -34.06 40.76 -40.92
CA ALA E 208 -34.77 39.83 -40.06
C ALA E 208 -34.09 38.47 -39.94
N VAL E 209 -32.85 38.35 -40.42
CA VAL E 209 -32.12 37.09 -40.39
C VAL E 209 -30.81 37.32 -39.65
N THR E 210 -30.53 36.46 -38.68
CA THR E 210 -29.31 36.53 -37.88
C THR E 210 -28.52 35.25 -38.05
N GLU E 211 -27.19 35.39 -38.08
CA GLU E 211 -26.29 34.27 -38.31
C GLU E 211 -25.53 33.93 -37.04
N PHE E 212 -25.54 32.65 -36.68
CA PHE E 212 -24.77 32.14 -35.55
C PHE E 212 -23.61 31.32 -36.10
N ILE E 213 -22.40 31.56 -35.59
CA ILE E 213 -21.20 30.92 -36.11
C ILE E 213 -20.49 30.19 -34.97
N PHE E 214 -20.08 28.95 -35.24
CA PHE E 214 -19.26 28.22 -34.29
C PHE E 214 -17.86 28.81 -34.21
N ASN E 215 -17.23 29.04 -35.36
CA ASN E 215 -15.89 29.61 -35.43
C ASN E 215 -15.91 30.77 -36.41
N GLU E 216 -14.74 31.37 -36.62
CA GLU E 216 -14.61 32.38 -37.66
C GLU E 216 -14.38 31.78 -39.04
N GLU E 217 -13.97 30.51 -39.12
CA GLU E 217 -13.86 29.80 -40.38
C GLU E 217 -15.08 28.94 -40.67
N ARG E 218 -16.05 28.90 -39.77
CA ARG E 218 -17.30 28.16 -39.94
C ARG E 218 -17.02 26.67 -40.19
N MET E 219 -16.41 26.05 -39.17
CA MET E 219 -16.05 24.64 -39.21
C MET E 219 -16.81 23.88 -38.12
N GLY E 220 -17.14 22.63 -38.42
CA GLY E 220 -17.81 21.77 -37.46
C GLY E 220 -16.86 21.26 -36.39
N ILE E 221 -17.43 20.58 -35.40
CA ILE E 221 -16.62 20.04 -34.31
C ILE E 221 -15.75 18.89 -34.82
N TYR E 222 -16.32 17.99 -35.59
CA TYR E 222 -15.64 16.77 -36.01
C TYR E 222 -15.21 16.79 -37.47
N GLU E 223 -15.06 17.98 -38.06
CA GLU E 223 -14.68 18.05 -39.47
C GLU E 223 -13.23 17.59 -39.69
N THR E 224 -12.39 17.71 -38.67
CA THR E 224 -10.97 17.39 -38.83
C THR E 224 -10.61 15.97 -38.43
N VAL E 225 -11.58 15.15 -38.02
CA VAL E 225 -11.31 13.80 -37.56
C VAL E 225 -12.06 12.75 -38.38
N THR E 226 -12.32 13.02 -39.67
CA THR E 226 -13.04 12.06 -40.49
C THR E 226 -12.16 10.87 -40.87
N ALA E 227 -10.89 11.14 -41.22
CA ALA E 227 -10.01 10.08 -41.68
C ALA E 227 -9.77 9.03 -40.59
N LEU E 228 -9.56 9.48 -39.35
CA LEU E 228 -9.34 8.55 -38.26
C LEU E 228 -10.55 7.65 -38.02
N ILE E 229 -11.75 8.24 -38.07
CA ILE E 229 -12.97 7.45 -37.91
C ILE E 229 -13.09 6.41 -39.01
N ASP E 230 -12.85 6.82 -40.26
CA ASP E 230 -12.96 5.88 -41.37
C ASP E 230 -11.95 4.74 -41.24
N SER E 231 -10.71 5.08 -40.86
CA SER E 231 -9.69 4.05 -40.70
C SER E 231 -10.04 3.09 -39.56
N TYR E 232 -10.57 3.62 -38.46
CA TYR E 232 -10.96 2.76 -37.35
C TYR E 232 -12.07 1.80 -37.77
N ASP E 233 -13.08 2.30 -38.49
CA ASP E 233 -14.15 1.42 -38.96
C ASP E 233 -13.61 0.35 -39.90
N LYS E 234 -12.72 0.74 -40.82
CA LYS E 234 -12.16 -0.24 -41.75
C LYS E 234 -11.38 -1.31 -41.01
N ALA E 235 -10.55 -0.91 -40.04
CA ALA E 235 -9.74 -1.88 -39.32
C ALA E 235 -10.60 -2.84 -38.50
N ILE E 236 -11.62 -2.32 -37.81
CA ILE E 236 -12.46 -3.21 -36.99
C ILE E 236 -13.26 -4.15 -37.88
N SER E 237 -13.72 -3.67 -39.03
CA SER E 237 -14.43 -4.55 -39.96
C SER E 237 -13.50 -5.64 -40.50
N GLU E 238 -12.26 -5.29 -40.82
CA GLU E 238 -11.31 -6.29 -41.31
C GLU E 238 -11.03 -7.35 -40.25
N LYS E 239 -10.84 -6.93 -39.00
CA LYS E 239 -10.62 -7.90 -37.93
C LYS E 239 -11.82 -8.82 -37.77
N THR E 240 -13.03 -8.25 -37.79
CA THR E 240 -14.24 -9.06 -37.67
C THR E 240 -14.32 -10.08 -38.80
N ASN E 241 -13.97 -9.67 -40.02
CA ASN E 241 -13.94 -10.61 -41.13
C ASN E 241 -12.92 -11.72 -40.88
N ASP E 242 -11.73 -11.36 -40.38
CA ASP E 242 -10.68 -12.35 -40.20
C ASP E 242 -11.06 -13.37 -39.13
N VAL E 243 -11.83 -12.96 -38.13
CA VAL E 243 -12.18 -13.89 -37.05
C VAL E 243 -13.09 -15.02 -37.55
N ASP E 244 -13.92 -14.74 -38.55
CA ASP E 244 -15.00 -15.66 -38.91
C ASP E 244 -14.56 -16.81 -39.81
N TYR E 245 -13.50 -16.63 -40.60
CA TYR E 245 -13.23 -17.59 -41.67
C TYR E 245 -12.81 -18.95 -41.15
N PHE E 246 -11.90 -18.99 -40.19
CA PHE E 246 -11.26 -20.25 -39.78
C PHE E 246 -11.82 -20.73 -38.45
N SER E 247 -11.69 -22.03 -38.22
CA SER E 247 -12.09 -22.65 -36.98
C SER E 247 -10.97 -22.54 -35.94
N ASP E 248 -11.19 -23.15 -34.78
CA ASP E 248 -10.20 -23.08 -33.72
C ASP E 248 -9.14 -24.17 -33.88
N SER E 249 -9.58 -25.42 -34.04
CA SER E 249 -8.66 -26.54 -34.16
C SER E 249 -9.18 -27.52 -35.20
N TYR E 250 -8.26 -28.29 -35.77
CA TYR E 250 -8.59 -29.27 -36.80
C TYR E 250 -7.92 -30.60 -36.47
N LEU E 251 -8.44 -31.66 -37.06
CA LEU E 251 -7.88 -33.00 -36.91
C LEU E 251 -7.36 -33.48 -38.26
N LYS E 252 -6.13 -33.99 -38.27
CA LYS E 252 -5.46 -34.41 -39.50
C LYS E 252 -5.24 -35.91 -39.46
N VAL E 253 -5.76 -36.60 -40.47
CA VAL E 253 -5.56 -38.04 -40.64
C VAL E 253 -4.99 -38.27 -42.03
N VAL E 254 -3.76 -38.78 -42.11
CA VAL E 254 -3.07 -39.01 -43.37
C VAL E 254 -2.62 -40.46 -43.42
N GLY E 255 -2.96 -41.14 -44.51
CA GLY E 255 -2.56 -42.51 -44.72
C GLY E 255 -3.62 -43.54 -44.38
N ALA E 256 -4.75 -43.13 -43.81
CA ALA E 256 -5.81 -44.06 -43.44
C ALA E 256 -7.14 -43.54 -43.95
N MET E 257 -8.06 -44.47 -44.20
CA MET E 257 -9.37 -44.16 -44.75
C MET E 257 -10.35 -43.94 -43.60
N LEU E 258 -11.03 -42.80 -43.60
CA LEU E 258 -12.01 -42.46 -42.59
C LEU E 258 -13.34 -42.15 -43.28
N SER E 259 -14.41 -42.75 -42.79
CA SER E 259 -15.73 -42.61 -43.40
C SER E 259 -16.61 -41.69 -42.57
N PRO E 260 -17.57 -41.01 -43.20
CA PRO E 260 -18.45 -40.11 -42.44
C PRO E 260 -19.25 -40.81 -41.35
N GLU E 261 -19.56 -42.10 -41.53
CA GLU E 261 -20.35 -42.81 -40.53
C GLU E 261 -19.60 -42.94 -39.21
N MET E 262 -18.28 -43.11 -39.27
CA MET E 262 -17.51 -43.30 -38.04
C MET E 262 -17.47 -42.02 -37.21
N ILE E 263 -17.49 -40.85 -37.86
CA ILE E 263 -17.36 -39.59 -37.16
C ILE E 263 -18.74 -39.03 -36.83
N GLU E 264 -19.77 -39.87 -36.95
CA GLU E 264 -21.11 -39.44 -36.57
C GLU E 264 -21.18 -39.11 -35.08
N LYS E 265 -20.54 -39.92 -34.25
CA LYS E 265 -20.44 -39.68 -32.81
C LYS E 265 -18.97 -39.59 -32.45
N ILE E 266 -18.40 -38.38 -32.57
CA ILE E 266 -16.99 -38.19 -32.26
C ILE E 266 -16.83 -37.64 -30.84
N ARG E 267 -17.87 -37.04 -30.30
CA ARG E 267 -17.79 -36.50 -28.94
C ARG E 267 -17.82 -37.61 -27.90
N ASP E 268 -18.52 -38.70 -28.20
CA ASP E 268 -18.74 -39.77 -27.24
C ASP E 268 -17.70 -40.88 -27.30
N THR E 269 -16.86 -40.90 -28.34
CA THR E 269 -15.84 -41.93 -28.50
C THR E 269 -14.47 -41.29 -28.38
N ARG E 270 -13.65 -41.79 -27.45
CA ARG E 270 -12.37 -41.18 -27.14
C ARG E 270 -11.19 -42.11 -27.34
N VAL E 271 -11.34 -43.15 -28.17
CA VAL E 271 -10.27 -44.09 -28.47
C VAL E 271 -10.15 -44.21 -29.98
N ILE E 272 -8.96 -43.97 -30.50
CA ILE E 272 -8.66 -44.09 -31.93
C ILE E 272 -7.71 -45.27 -32.12
N ASN E 273 -8.06 -46.17 -33.03
CA ASN E 273 -7.31 -47.40 -33.22
C ASN E 273 -7.05 -47.63 -34.70
N VAL E 274 -5.81 -47.98 -35.03
CA VAL E 274 -5.43 -48.36 -36.39
C VAL E 274 -4.83 -49.76 -36.33
N PRO E 275 -5.60 -50.81 -36.64
CA PRO E 275 -5.09 -52.17 -36.41
C PRO E 275 -4.02 -52.61 -37.40
N GLU E 276 -4.21 -52.33 -38.69
CA GLU E 276 -3.29 -52.79 -39.73
C GLU E 276 -2.86 -51.61 -40.59
N PRO E 277 -1.76 -50.95 -40.26
CA PRO E 277 -1.30 -49.81 -41.07
C PRO E 277 -0.69 -50.28 -42.38
N PRO E 278 -0.73 -49.45 -43.42
CA PRO E 278 -0.10 -49.84 -44.69
C PRO E 278 1.41 -49.95 -44.54
N HIS E 279 2.00 -50.88 -45.29
CA HIS E 279 3.43 -51.15 -45.16
C HIS E 279 4.27 -50.05 -45.81
N ASP E 280 3.88 -49.61 -47.01
CA ASP E 280 4.75 -48.75 -47.81
C ASP E 280 4.78 -47.32 -47.30
N VAL E 281 3.64 -46.79 -46.87
CA VAL E 281 3.56 -45.38 -46.46
C VAL E 281 3.45 -45.28 -44.95
N SER E 282 3.57 -44.06 -44.42
CA SER E 282 3.55 -43.79 -43.00
C SER E 282 2.23 -43.16 -42.60
N VAL E 283 1.73 -43.52 -41.43
CA VAL E 283 0.47 -42.99 -40.91
C VAL E 283 0.77 -41.91 -39.88
N ASP E 284 0.17 -40.73 -40.06
CA ASP E 284 0.38 -39.60 -39.17
C ASP E 284 -0.96 -39.05 -38.73
N ILE E 285 -1.12 -38.86 -37.42
CA ILE E 285 -2.35 -38.33 -36.83
C ILE E 285 -1.96 -37.24 -35.84
N GLY E 286 -2.70 -36.14 -35.85
CA GLY E 286 -2.40 -35.05 -34.93
C GLY E 286 -3.43 -33.95 -35.05
N PHE E 287 -3.27 -32.94 -34.20
CA PHE E 287 -4.15 -31.78 -34.14
C PHE E 287 -3.45 -30.58 -34.74
N LEU E 288 -4.18 -29.80 -35.54
CA LEU E 288 -3.71 -28.53 -36.05
C LEU E 288 -4.46 -27.41 -35.33
N ASP E 289 -3.73 -26.40 -34.87
CA ASP E 289 -4.30 -25.29 -34.13
C ASP E 289 -4.20 -24.00 -34.93
N LYS E 290 -5.18 -23.12 -34.75
CA LYS E 290 -5.14 -21.83 -35.40
C LYS E 290 -4.30 -20.86 -34.57
N PRO E 291 -3.29 -20.22 -35.16
CA PRO E 291 -2.46 -19.30 -34.38
C PRO E 291 -3.21 -18.03 -34.03
N ASP E 292 -3.19 -17.68 -32.74
CA ASP E 292 -3.87 -16.50 -32.23
C ASP E 292 -2.84 -15.61 -31.52
N SER E 293 -2.24 -14.71 -32.29
CA SER E 293 -1.23 -13.78 -31.78
C SER E 293 -1.34 -12.48 -32.56
N ASP E 294 -2.01 -11.48 -31.98
CA ASP E 294 -2.18 -10.18 -32.60
C ASP E 294 -1.75 -9.11 -31.62
N SER E 295 -0.79 -8.29 -32.02
CA SER E 295 -0.30 -7.21 -31.17
C SER E 295 -0.24 -5.88 -31.90
N GLN E 296 -0.05 -5.89 -33.22
CA GLN E 296 0.05 -4.63 -33.96
C GLN E 296 -1.32 -3.97 -34.11
N THR E 297 -2.35 -4.76 -34.41
CA THR E 297 -3.69 -4.21 -34.60
C THR E 297 -4.20 -3.54 -33.32
N GLU E 298 -3.97 -4.18 -32.17
CA GLU E 298 -4.43 -3.61 -30.91
C GLU E 298 -3.77 -2.26 -30.64
N ASN E 299 -2.45 -2.17 -30.85
CA ASN E 299 -1.76 -0.91 -30.62
C ASN E 299 -2.25 0.18 -31.58
N LEU E 300 -2.43 -0.18 -32.86
CA LEU E 300 -2.91 0.81 -33.82
C LEU E 300 -4.30 1.31 -33.44
N LEU E 301 -5.20 0.40 -33.06
CA LEU E 301 -6.55 0.80 -32.68
C LEU E 301 -6.54 1.67 -31.43
N ASP E 302 -5.68 1.33 -30.46
CA ASP E 302 -5.61 2.14 -29.25
C ASP E 302 -5.13 3.55 -29.56
N ARG E 303 -4.09 3.68 -30.40
CA ARG E 303 -3.60 5.01 -30.75
C ARG E 303 -4.67 5.82 -31.47
N ILE E 304 -5.36 5.20 -32.42
CA ILE E 304 -6.40 5.92 -33.17
C ILE E 304 -7.52 6.36 -32.24
N ASP E 305 -7.96 5.46 -31.35
CA ASP E 305 -9.04 5.78 -30.44
C ASP E 305 -8.66 6.92 -29.50
N LYS E 306 -7.43 6.91 -28.99
CA LYS E 306 -6.99 8.02 -28.13
C LYS E 306 -6.94 9.32 -28.90
N HIS E 307 -6.42 9.29 -30.13
CA HIS E 307 -6.28 10.52 -30.91
C HIS E 307 -7.64 11.12 -31.26
N ILE E 308 -8.63 10.27 -31.57
CA ILE E 308 -9.94 10.81 -31.94
C ILE E 308 -10.52 11.64 -30.81
N TYR E 309 -10.40 11.17 -29.58
CA TYR E 309 -10.94 11.92 -28.44
C TYR E 309 -10.08 13.13 -28.11
N GLN E 310 -8.75 12.98 -28.19
CA GLN E 310 -7.89 14.09 -27.80
C GLN E 310 -8.00 15.27 -28.77
N ILE E 311 -7.93 14.99 -30.07
CA ILE E 311 -7.92 16.07 -31.06
C ILE E 311 -9.25 16.82 -31.08
N ALA E 312 -10.36 16.13 -30.85
CA ALA E 312 -11.68 16.75 -30.91
C ALA E 312 -11.98 17.61 -29.70
N MET E 313 -11.07 17.69 -28.73
CA MET E 313 -11.23 18.52 -27.53
C MET E 313 -12.50 18.15 -26.77
N VAL E 314 -12.79 16.85 -26.68
CA VAL E 314 -13.89 16.34 -25.90
C VAL E 314 -13.37 15.18 -25.04
N ALA E 315 -13.74 15.20 -23.78
CA ALA E 315 -13.22 14.26 -22.80
C ALA E 315 -14.04 12.98 -22.81
N ASN E 316 -13.36 11.85 -22.64
CA ASN E 316 -14.01 10.55 -22.55
C ASN E 316 -14.28 10.27 -21.08
N ILE E 317 -15.44 10.69 -20.60
CA ILE E 317 -15.76 10.58 -19.18
C ILE E 317 -15.86 9.14 -18.72
N SER E 318 -16.53 8.27 -19.47
CA SER E 318 -16.82 6.91 -19.04
C SER E 318 -15.64 5.96 -19.19
N ASP E 319 -14.46 6.47 -19.54
CA ASP E 319 -13.29 5.61 -19.71
C ASP E 319 -12.85 5.04 -18.36
N GLU E 320 -12.36 3.80 -18.39
CA GLU E 320 -11.91 3.15 -17.15
C GLU E 320 -10.61 3.75 -16.63
N SER E 321 -9.78 4.33 -17.48
CA SER E 321 -8.55 4.97 -17.06
C SER E 321 -8.75 6.45 -16.73
N PHE E 322 -10.00 6.90 -16.63
CA PHE E 322 -10.27 8.28 -16.27
C PHE E 322 -9.86 8.53 -14.82
N GLY E 323 -9.87 9.80 -14.43
CA GLY E 323 -9.42 10.20 -13.10
C GLY E 323 -10.08 9.43 -11.98
N SER E 324 -9.28 8.95 -11.02
CA SER E 324 -9.76 8.08 -9.96
C SER E 324 -9.32 8.64 -8.60
N SER E 325 -10.29 8.75 -7.68
CA SER E 325 -10.02 9.08 -6.27
C SER E 325 -9.24 10.39 -6.13
N SER E 326 -9.85 11.48 -6.57
CA SER E 326 -9.25 12.80 -6.46
C SER E 326 -10.32 13.85 -6.58
N GLY E 327 -10.10 14.99 -5.92
CA GLY E 327 -11.06 16.07 -5.99
C GLY E 327 -10.81 17.02 -7.16
N VAL E 328 -9.59 17.56 -7.23
CA VAL E 328 -9.29 18.57 -8.26
C VAL E 328 -8.76 17.92 -9.53
N ALA E 329 -8.12 16.77 -9.40
CA ALA E 329 -7.57 16.10 -10.58
C ALA E 329 -8.66 15.69 -11.55
N LEU E 330 -9.86 15.41 -11.03
CA LEU E 330 -10.99 15.12 -11.90
C LEU E 330 -11.46 16.38 -12.65
N ALA E 331 -11.38 17.53 -11.99
CA ALA E 331 -11.83 18.77 -12.62
C ALA E 331 -10.86 19.23 -13.71
N TYR E 332 -9.60 18.82 -13.61
CA TYR E 332 -8.60 19.23 -14.60
C TYR E 332 -8.89 18.60 -15.96
N LYS E 333 -9.33 17.35 -15.98
CA LYS E 333 -9.48 16.62 -17.24
C LYS E 333 -10.59 17.22 -18.10
N LEU E 334 -11.48 18.01 -17.51
CA LEU E 334 -12.57 18.63 -18.24
C LEU E 334 -12.23 20.04 -18.73
N GLN E 335 -10.98 20.48 -18.55
CA GLN E 335 -10.63 21.86 -18.91
C GLN E 335 -10.75 22.17 -20.40
N PRO E 336 -10.27 21.34 -21.33
CA PRO E 336 -10.42 21.71 -22.76
C PRO E 336 -11.85 21.91 -23.20
N MET E 337 -12.78 21.10 -22.67
CA MET E 337 -14.19 21.30 -23.01
C MET E 337 -14.68 22.64 -22.50
N SER E 338 -14.24 23.03 -21.29
CA SER E 338 -14.58 24.35 -20.78
C SER E 338 -14.01 25.46 -21.65
N ASN E 339 -12.79 25.28 -22.15
CA ASN E 339 -12.19 26.28 -23.03
C ASN E 339 -13.00 26.41 -24.32
N LEU E 340 -13.40 25.29 -24.91
CA LEU E 340 -14.20 25.34 -26.12
C LEU E 340 -15.56 26.00 -25.88
N ALA E 341 -16.19 25.68 -24.75
CA ALA E 341 -17.46 26.31 -24.41
C ALA E 341 -17.30 27.81 -24.22
N ALA E 342 -16.22 28.24 -23.56
CA ALA E 342 -15.97 29.66 -23.40
C ALA E 342 -15.74 30.34 -24.74
N ALA E 343 -15.05 29.67 -25.65
CA ALA E 343 -14.83 30.24 -26.98
C ALA E 343 -16.16 30.42 -27.73
N PHE E 344 -17.05 29.44 -27.63
CA PHE E 344 -18.33 29.55 -28.35
C PHE E 344 -19.26 30.57 -27.68
N GLU E 345 -19.14 30.72 -26.36
CA GLU E 345 -20.00 31.66 -25.64
C GLU E 345 -19.78 33.09 -26.12
N ARG E 346 -18.56 33.41 -26.57
CA ARG E 346 -18.27 34.76 -27.02
C ARG E 346 -19.15 35.14 -28.22
N LYS E 347 -19.32 34.24 -29.17
CA LYS E 347 -20.21 34.50 -30.29
C LYS E 347 -21.67 34.42 -29.88
N PHE E 348 -22.01 33.44 -29.03
CA PHE E 348 -23.41 33.24 -28.67
C PHE E 348 -23.98 34.45 -27.94
N GLN E 349 -23.20 35.02 -27.01
CA GLN E 349 -23.67 36.17 -26.25
C GLN E 349 -23.89 37.38 -27.15
N ALA E 350 -22.97 37.63 -28.09
CA ALA E 350 -23.14 38.75 -29.00
C ALA E 350 -24.36 38.56 -29.87
N ALA E 351 -24.61 37.33 -30.35
CA ALA E 351 -25.80 37.08 -31.14
C ALA E 351 -27.08 37.31 -30.34
N LEU E 352 -27.11 36.85 -29.08
CA LEU E 352 -28.28 37.08 -28.24
C LEU E 352 -28.49 38.57 -27.98
N THR E 353 -27.39 39.30 -27.77
CA THR E 353 -27.49 40.75 -27.58
C THR E 353 -28.07 41.42 -28.81
N GLN E 354 -27.65 41.00 -30.01
CA GLN E 354 -28.23 41.53 -31.24
C GLN E 354 -29.72 41.23 -31.31
N ARG E 355 -30.13 40.01 -30.96
CA ARG E 355 -31.54 39.67 -31.00
C ARG E 355 -32.35 40.55 -30.06
N TYR E 356 -31.86 40.74 -28.83
CA TYR E 356 -32.63 41.52 -27.87
C TYR E 356 -32.59 43.01 -28.19
N LYS E 357 -31.54 43.48 -28.86
CA LYS E 357 -31.55 44.82 -29.40
C LYS E 357 -32.64 44.97 -30.44
N MET E 358 -32.81 43.97 -31.30
CA MET E 358 -33.86 44.02 -32.30
C MET E 358 -35.25 43.94 -31.67
N PHE E 359 -35.38 43.24 -30.53
CA PHE E 359 -36.70 42.95 -29.99
C PHE E 359 -37.45 44.20 -29.56
N MET E 360 -36.80 45.09 -28.82
CA MET E 360 -37.54 46.22 -28.24
C MET E 360 -37.61 47.41 -29.18
N SER E 361 -37.21 47.23 -30.44
CA SER E 361 -37.30 48.33 -31.40
C SER E 361 -38.76 48.74 -31.61
N LEU E 362 -39.66 47.77 -31.69
CA LEU E 362 -41.08 48.07 -31.89
C LEU E 362 -41.66 48.79 -30.67
N LEU E 363 -42.60 49.69 -30.93
CA LEU E 363 -43.23 50.44 -29.85
C LEU E 363 -44.21 49.58 -29.07
N THR E 364 -44.71 48.50 -29.67
CA THR E 364 -45.68 47.65 -28.99
C THR E 364 -45.05 46.96 -27.78
N ASN E 365 -43.80 46.49 -27.92
CA ASN E 365 -43.18 45.74 -26.83
C ASN E 365 -42.91 46.64 -25.63
N VAL E 366 -42.27 47.79 -25.84
CA VAL E 366 -41.91 48.70 -24.75
C VAL E 366 -42.12 50.13 -25.22
N SER E 367 -42.10 51.06 -24.27
CA SER E 367 -42.25 52.47 -24.60
C SER E 367 -41.01 52.99 -25.31
N ALA E 368 -41.17 54.12 -25.99
CA ALA E 368 -40.06 54.70 -26.76
C ALA E 368 -38.94 55.16 -25.86
N ASN E 369 -39.24 55.45 -24.59
CA ASN E 369 -38.21 55.93 -23.67
C ASN E 369 -37.16 54.85 -23.40
N LEU E 370 -37.59 53.60 -23.27
CA LEU E 370 -36.72 52.50 -22.87
C LEU E 370 -36.10 51.75 -24.05
N SER E 371 -36.25 52.28 -25.28
CA SER E 371 -35.78 51.55 -26.45
C SER E 371 -34.26 51.36 -26.43
N ASN E 372 -33.52 52.38 -25.99
CA ASN E 372 -32.06 52.35 -26.02
C ASN E 372 -31.44 51.74 -24.77
N GLU E 373 -32.18 50.90 -24.06
CA GLU E 373 -31.70 50.33 -22.80
C GLU E 373 -31.20 48.89 -22.96
N TRP E 374 -31.00 48.43 -24.20
CA TRP E 374 -30.55 47.05 -24.40
C TRP E 374 -29.14 46.82 -23.87
N ARG E 375 -28.39 47.90 -23.62
CA ARG E 375 -27.03 47.76 -23.10
C ARG E 375 -27.01 47.22 -21.67
N GLY E 376 -28.13 47.30 -20.95
CA GLY E 376 -28.12 46.93 -19.55
C GLY E 376 -28.36 45.45 -19.30
N ILE E 377 -28.70 44.71 -20.36
CA ILE E 377 -29.00 43.29 -20.20
C ILE E 377 -27.74 42.53 -19.82
N GLU E 378 -27.87 41.64 -18.83
CA GLU E 378 -26.76 40.83 -18.34
C GLU E 378 -27.11 39.35 -18.49
N PHE E 379 -26.17 38.57 -19.02
CA PHE E 379 -26.37 37.15 -19.26
C PHE E 379 -25.47 36.34 -18.33
N ARG E 380 -26.00 35.23 -17.83
CA ARG E 380 -25.24 34.29 -17.01
C ARG E 380 -25.35 32.90 -17.62
N PHE E 381 -24.20 32.24 -17.78
CA PHE E 381 -24.14 30.89 -18.33
C PHE E 381 -23.53 29.96 -17.30
N THR E 382 -24.12 28.78 -17.15
CA THR E 382 -23.66 27.78 -16.19
C THR E 382 -23.46 26.45 -16.90
N ARG E 383 -22.30 25.83 -16.69
CA ARG E 383 -22.01 24.53 -17.27
C ARG E 383 -22.64 23.43 -16.44
N ASN E 384 -22.88 22.28 -17.08
CA ASN E 384 -23.53 21.15 -16.44
C ASN E 384 -22.45 20.22 -15.89
N ILE E 385 -22.15 20.33 -14.61
CA ILE E 385 -21.17 19.48 -13.94
C ILE E 385 -21.77 19.00 -12.63
N PRO E 386 -21.28 17.89 -12.09
CA PRO E 386 -21.76 17.43 -10.78
C PRO E 386 -21.51 18.49 -9.71
N LYS E 387 -22.49 18.64 -8.82
CA LYS E 387 -22.47 19.69 -7.81
C LYS E 387 -22.75 19.09 -6.44
N ASN E 388 -22.15 19.69 -5.41
CA ASN E 388 -22.35 19.30 -4.02
C ASN E 388 -23.17 20.38 -3.33
N VAL E 389 -24.33 20.00 -2.80
CA VAL E 389 -25.25 20.99 -2.23
C VAL E 389 -24.69 21.53 -0.92
N LEU E 390 -24.09 20.66 -0.10
CA LEU E 390 -23.61 21.09 1.21
C LEU E 390 -22.52 22.15 1.10
N GLU E 391 -21.60 21.97 0.15
CA GLU E 391 -20.53 22.96 -0.03
C GLU E 391 -21.11 24.31 -0.46
N GLU E 392 -22.10 24.30 -1.34
CA GLU E 392 -22.74 25.54 -1.75
C GLU E 392 -23.46 26.21 -0.58
N ALA E 393 -24.13 25.42 0.26
CA ALA E 393 -24.81 25.98 1.42
C ALA E 393 -23.82 26.62 2.38
N GLN E 394 -22.71 25.93 2.65
CA GLN E 394 -21.69 26.50 3.54
C GLN E 394 -21.09 27.77 2.93
N THR E 395 -20.86 27.77 1.62
CA THR E 395 -20.34 28.97 0.97
C THR E 395 -21.32 30.13 1.10
N ALA E 396 -22.61 29.87 0.91
CA ALA E 396 -23.61 30.93 1.07
C ALA E 396 -23.63 31.45 2.50
N VAL E 397 -23.54 30.55 3.49
CA VAL E 397 -23.54 30.96 4.88
C VAL E 397 -22.34 31.86 5.16
N GLN E 398 -21.17 31.50 4.65
CA GLN E 398 -19.98 32.30 4.87
C GLN E 398 -20.07 33.65 4.14
N LEU E 399 -20.64 33.66 2.93
CA LEU E 399 -20.70 34.90 2.16
C LEU E 399 -21.76 35.85 2.70
N ALA E 400 -22.74 35.33 3.43
CA ALA E 400 -23.78 36.19 3.98
C ALA E 400 -23.22 37.23 4.93
N THR E 401 -22.01 37.01 5.45
CA THR E 401 -21.42 37.95 6.40
C THR E 401 -20.94 39.22 5.73
N ILE E 402 -20.34 39.10 4.54
CA ILE E 402 -19.61 40.20 3.93
C ILE E 402 -20.20 40.61 2.58
N ALA E 403 -21.23 39.91 2.11
CA ALA E 403 -21.80 40.18 0.79
C ALA E 403 -23.29 40.47 0.93
N SER E 404 -23.86 41.01 -0.15
CA SER E 404 -25.26 41.38 -0.14
C SER E 404 -26.15 40.14 -0.26
N GLN E 405 -27.46 40.37 -0.12
CA GLN E 405 -28.40 39.26 -0.17
C GLN E 405 -28.50 38.66 -1.57
N GLU E 406 -28.46 39.50 -2.60
CA GLU E 406 -28.56 38.98 -3.96
C GLU E 406 -27.38 38.09 -4.31
N THR E 407 -26.16 38.52 -3.99
CA THR E 407 -24.98 37.71 -4.26
C THR E 407 -25.03 36.41 -3.46
N THR E 408 -25.44 36.48 -2.19
CA THR E 408 -25.52 35.28 -1.37
C THR E 408 -26.51 34.28 -1.94
N LEU E 409 -27.67 34.77 -2.42
CA LEU E 409 -28.67 33.86 -2.98
C LEU E 409 -28.31 33.40 -4.38
N SER E 410 -27.39 34.10 -5.05
CA SER E 410 -27.02 33.71 -6.40
C SER E 410 -26.22 32.40 -6.40
N VAL E 411 -25.40 32.18 -5.36
CA VAL E 411 -24.55 31.00 -5.32
C VAL E 411 -25.38 29.73 -5.18
N LEU E 412 -26.47 29.81 -4.42
CA LEU E 412 -27.30 28.63 -4.16
C LEU E 412 -27.92 28.12 -5.45
N SER E 413 -27.58 26.88 -5.82
CA SER E 413 -28.12 26.29 -7.05
C SER E 413 -29.58 25.87 -6.86
N VAL E 414 -30.00 25.66 -5.61
CA VAL E 414 -31.37 25.26 -5.36
C VAL E 414 -32.35 26.37 -5.76
N VAL E 415 -31.94 27.61 -5.56
CA VAL E 415 -32.79 28.77 -5.87
C VAL E 415 -32.99 28.90 -7.38
N PRO E 416 -34.22 28.81 -7.88
CA PRO E 416 -34.43 29.07 -9.31
C PRO E 416 -34.37 30.53 -9.68
N ASP E 417 -35.00 31.41 -8.89
CA ASP E 417 -35.02 32.84 -9.14
C ASP E 417 -34.76 33.58 -7.84
N VAL E 418 -33.81 34.51 -7.86
CA VAL E 418 -33.46 35.25 -6.65
C VAL E 418 -34.59 36.21 -6.26
N ARG E 419 -35.24 36.82 -7.26
CA ARG E 419 -36.27 37.82 -6.98
C ARG E 419 -37.46 37.21 -6.26
N ALA E 420 -37.89 36.02 -6.71
CA ALA E 420 -39.02 35.36 -6.05
C ALA E 420 -38.69 35.01 -4.60
N GLU E 421 -37.46 34.53 -4.37
CA GLU E 421 -37.06 34.19 -3.01
C GLU E 421 -36.99 35.42 -2.11
N MET E 422 -36.45 36.52 -2.63
CA MET E 422 -36.41 37.75 -1.84
C MET E 422 -37.82 38.25 -1.54
N ASP E 423 -38.73 38.15 -2.52
CA ASP E 423 -40.11 38.54 -2.28
C ASP E 423 -40.76 37.67 -1.21
N ARG E 424 -40.51 36.37 -1.25
CA ARG E 424 -41.08 35.48 -0.23
C ARG E 424 -40.50 35.77 1.15
N ILE E 425 -39.19 36.04 1.23
CA ILE E 425 -38.59 36.38 2.51
C ILE E 425 -39.18 37.67 3.06
N HIS E 426 -39.36 38.67 2.20
CA HIS E 426 -39.97 39.92 2.63
C HIS E 426 -41.41 39.71 3.09
N SER E 427 -42.14 38.83 2.39
CA SER E 427 -43.51 38.51 2.80
C SER E 427 -43.53 37.84 4.17
N GLU E 428 -42.58 36.95 4.43
CA GLU E 428 -42.52 36.29 5.73
C GLU E 428 -42.27 37.31 6.85
N ARG E 429 -41.38 38.26 6.62
CA ARG E 429 -41.08 39.30 7.60
C ARG E 429 -40.65 40.59 6.93
N LEU F 4 13.25 27.69 -45.76
CA LEU F 4 12.92 29.04 -46.19
C LEU F 4 13.23 30.06 -45.10
N GLU F 5 12.31 30.99 -44.87
CA GLU F 5 12.46 32.02 -43.85
C GLU F 5 11.61 31.67 -42.63
N ILE F 6 12.24 31.75 -41.46
CA ILE F 6 11.57 31.41 -40.20
C ILE F 6 11.28 32.63 -39.34
N GLY F 7 11.32 33.83 -39.93
CA GLY F 7 11.00 35.04 -39.18
C GLY F 7 10.73 36.18 -40.15
N PHE F 8 10.19 37.26 -39.60
CA PHE F 8 9.86 38.45 -40.37
C PHE F 8 10.67 39.64 -39.87
N GLU F 9 11.29 40.36 -40.79
CA GLU F 9 12.11 41.53 -40.47
C GLU F 9 11.35 42.79 -40.84
N VAL F 10 11.37 43.78 -39.94
CA VAL F 10 10.58 44.98 -40.14
C VAL F 10 11.22 45.86 -41.21
N PHE F 11 10.37 46.54 -41.99
CA PHE F 11 10.86 47.48 -42.98
C PHE F 11 11.27 48.78 -42.31
N THR F 12 12.35 49.38 -42.82
CA THR F 12 12.85 50.64 -42.29
C THR F 12 13.04 51.63 -43.42
N PHE F 13 12.57 52.86 -43.21
CA PHE F 13 12.66 53.91 -44.21
C PHE F 13 13.08 55.22 -43.55
N PRO F 14 13.95 55.98 -44.20
CA PRO F 14 14.37 57.27 -43.62
C PRO F 14 13.20 58.24 -43.53
N ARG F 15 13.27 59.12 -42.54
CA ARG F 15 12.12 59.96 -42.19
C ARG F 15 11.91 61.09 -43.21
N GLU F 16 12.99 61.72 -43.65
CA GLU F 16 12.88 63.04 -44.26
C GLU F 16 12.27 62.99 -45.66
N GLU F 17 12.71 62.07 -46.51
CA GLU F 17 12.34 62.15 -47.92
C GLU F 17 10.87 61.80 -48.12
N GLU F 18 10.32 62.28 -49.24
CA GLU F 18 8.90 62.11 -49.53
C GLU F 18 8.58 60.66 -49.88
N ILE F 19 7.31 60.31 -49.74
CA ILE F 19 6.82 58.95 -50.01
C ILE F 19 6.27 58.95 -51.43
N THR F 20 7.04 58.41 -52.37
CA THR F 20 6.63 58.32 -53.76
C THR F 20 6.03 56.96 -54.06
N ILE F 21 5.43 56.84 -55.25
CA ILE F 21 4.72 55.63 -55.62
C ILE F 21 5.69 54.47 -55.83
N GLU F 22 6.93 54.78 -56.23
CA GLU F 22 7.91 53.73 -56.46
C GLU F 22 8.28 53.00 -55.17
N VAL F 23 8.39 53.75 -54.07
CA VAL F 23 8.68 53.14 -52.77
C VAL F 23 7.55 52.19 -52.38
N ILE F 24 6.31 52.63 -52.57
CA ILE F 24 5.16 51.79 -52.24
C ILE F 24 5.15 50.54 -53.10
N GLU F 25 5.47 50.66 -54.40
CA GLU F 25 5.51 49.50 -55.27
C GLU F 25 6.60 48.52 -54.84
N GLU F 26 7.77 49.04 -54.46
CA GLU F 26 8.85 48.18 -54.01
C GLU F 26 8.45 47.43 -52.74
N PHE F 27 7.80 48.12 -51.81
CA PHE F 27 7.37 47.43 -50.59
C PHE F 27 6.28 46.42 -50.87
N MET F 28 5.40 46.70 -51.85
CA MET F 28 4.40 45.71 -52.24
C MET F 28 5.07 44.47 -52.81
N SER F 29 6.11 44.64 -53.63
CA SER F 29 6.85 43.48 -54.13
C SER F 29 7.48 42.70 -52.99
N LEU F 30 8.08 43.40 -52.03
CA LEU F 30 8.69 42.72 -50.89
C LEU F 30 7.67 41.92 -50.10
N HIS F 31 6.48 42.48 -49.89
CA HIS F 31 5.45 41.76 -49.14
C HIS F 31 4.91 40.57 -49.93
N SER F 32 4.76 40.74 -51.25
CA SER F 32 4.34 39.63 -52.09
C SER F 32 5.34 38.50 -52.06
N LYS F 33 6.62 38.84 -51.85
CA LYS F 33 7.63 37.80 -51.66
C LYS F 33 7.37 37.01 -50.39
N GLN F 34 6.96 37.68 -49.31
CA GLN F 34 6.79 37.05 -48.01
C GLN F 34 5.46 36.33 -47.84
N GLN F 35 4.48 36.61 -48.69
CA GLN F 35 3.16 36.01 -48.53
C GLN F 35 3.14 34.48 -48.43
N PRO F 36 3.93 33.71 -49.21
CA PRO F 36 3.80 32.24 -49.12
C PRO F 36 3.97 31.66 -47.72
N ARG F 37 4.80 32.27 -46.88
CA ARG F 37 4.93 31.76 -45.51
C ARG F 37 3.61 31.88 -44.76
N TYR F 38 2.93 33.01 -44.89
CA TYR F 38 1.62 33.16 -44.27
C TYR F 38 0.63 32.17 -44.83
N GLU F 39 0.67 31.95 -46.15
CA GLU F 39 -0.22 30.97 -46.76
C GLU F 39 -0.01 29.58 -46.17
N ARG F 40 1.24 29.16 -46.05
CA ARG F 40 1.53 27.83 -45.50
C ARG F 40 1.10 27.74 -44.05
N LEU F 41 1.38 28.79 -43.25
CA LEU F 41 1.02 28.75 -41.84
C LEU F 41 -0.49 28.65 -41.65
N MET F 42 -1.26 29.38 -42.45
CA MET F 42 -2.71 29.28 -42.32
C MET F 42 -3.22 27.93 -42.82
N LYS F 43 -2.65 27.42 -43.91
CA LYS F 43 -3.11 26.14 -44.45
C LYS F 43 -2.84 25.01 -43.47
N MET F 44 -1.73 25.07 -42.74
CA MET F 44 -1.44 24.04 -41.75
C MET F 44 -2.50 24.03 -40.65
N TYR F 45 -2.91 25.21 -40.19
CA TYR F 45 -3.91 25.28 -39.12
C TYR F 45 -5.28 24.84 -39.61
N LYS F 46 -5.67 25.27 -40.82
CA LYS F 46 -7.04 25.07 -41.27
C LYS F 46 -7.44 23.60 -41.37
N GLY F 47 -6.48 22.69 -41.51
CA GLY F 47 -6.80 21.27 -41.58
C GLY F 47 -6.04 20.52 -42.64
N ASP F 48 -5.72 21.19 -43.74
CA ASP F 48 -4.94 20.56 -44.80
C ASP F 48 -3.52 20.29 -44.31
N ALA F 49 -2.92 19.23 -44.84
CA ALA F 49 -1.59 18.82 -44.42
C ALA F 49 -0.75 18.50 -45.64
N ALA F 50 0.55 18.35 -45.43
CA ALA F 50 1.47 18.06 -46.53
C ALA F 50 1.44 16.59 -46.91
N ILE F 51 0.86 15.74 -46.06
CA ILE F 51 0.81 14.31 -46.35
C ILE F 51 -0.05 14.04 -47.58
N PHE F 52 -1.04 14.91 -47.83
CA PHE F 52 -1.95 14.69 -48.94
C PHE F 52 -1.27 14.95 -50.28
N ALA F 53 -0.12 15.62 -50.28
CA ALA F 53 0.57 16.00 -51.50
C ALA F 53 1.63 15.01 -51.96
N ARG F 54 1.80 13.90 -51.25
CA ARG F 54 2.82 12.93 -51.63
C ARG F 54 2.40 12.18 -52.89
N LYS F 55 3.40 11.64 -53.59
CA LYS F 55 3.15 10.95 -54.86
C LYS F 55 2.41 9.64 -54.63
N ALA F 56 1.50 9.33 -55.55
CA ALA F 56 0.70 8.13 -55.43
C ALA F 56 1.54 6.88 -55.68
N LYS F 57 1.03 5.75 -55.20
CA LYS F 57 1.74 4.49 -55.27
C LYS F 57 1.34 3.75 -56.55
N GLU F 58 1.79 2.52 -56.72
CA GLU F 58 1.38 1.69 -57.84
C GLU F 58 -0.05 1.22 -57.63
N PRO F 59 -0.74 0.84 -58.71
CA PRO F 59 -2.22 0.81 -58.66
C PRO F 59 -2.84 -0.08 -57.59
N HIS F 60 -2.29 -1.26 -57.30
CA HIS F 60 -3.00 -2.22 -56.47
C HIS F 60 -2.44 -2.37 -55.07
N LYS F 61 -1.42 -1.61 -54.71
CA LYS F 61 -1.02 -1.63 -53.31
C LYS F 61 -1.85 -0.62 -52.52
N PRO F 62 -2.19 -0.94 -51.27
CA PRO F 62 -3.02 -0.03 -50.48
C PRO F 62 -2.28 1.26 -50.16
N ASP F 63 -3.04 2.35 -50.08
CA ASP F 63 -2.48 3.67 -49.79
C ASP F 63 -3.44 4.39 -48.85
N ASN F 64 -2.98 4.66 -47.64
CA ASN F 64 -3.78 5.32 -46.61
C ASN F 64 -3.09 6.60 -46.19
N ARG F 65 -3.87 7.68 -46.07
CA ARG F 65 -3.37 8.99 -45.70
C ARG F 65 -4.11 9.47 -44.48
N LEU F 66 -3.40 9.56 -43.35
CA LEU F 66 -3.96 10.00 -42.08
C LEU F 66 -3.27 11.27 -41.63
N ASN F 67 -4.05 12.24 -41.15
CA ASN F 67 -3.52 13.51 -40.65
C ASN F 67 -3.95 13.68 -39.20
N VAL F 68 -2.98 13.95 -38.34
CA VAL F 68 -3.23 14.25 -36.93
C VAL F 68 -2.91 15.72 -36.72
N ASN F 69 -3.91 16.48 -36.29
CA ASN F 69 -3.82 17.94 -36.24
C ASN F 69 -3.42 18.37 -34.83
N TYR F 70 -2.19 18.86 -34.69
CA TYR F 70 -1.72 19.41 -33.42
C TYR F 70 -1.79 20.92 -33.37
N ALA F 71 -1.67 21.60 -34.50
CA ALA F 71 -1.65 23.06 -34.50
C ALA F 71 -2.96 23.64 -33.99
N LYS F 72 -4.09 23.08 -34.44
CA LYS F 72 -5.39 23.56 -33.98
C LYS F 72 -5.56 23.33 -32.49
N TYR F 73 -5.15 22.15 -32.01
CA TYR F 73 -5.25 21.85 -30.58
C TYR F 73 -4.42 22.84 -29.76
N ILE F 74 -3.18 23.08 -30.15
CA ILE F 74 -2.33 23.99 -29.40
C ILE F 74 -2.90 25.41 -29.41
N THR F 75 -3.30 25.89 -30.59
CA THR F 75 -3.82 27.26 -30.69
C THR F 75 -5.08 27.42 -29.86
N ASP F 76 -6.01 26.47 -29.96
CA ASP F 76 -7.25 26.57 -29.21
C ASP F 76 -6.99 26.51 -27.71
N THR F 77 -6.11 25.62 -27.26
CA THR F 77 -5.82 25.52 -25.84
C THR F 77 -5.21 26.81 -25.32
N PHE F 78 -4.25 27.39 -26.04
CA PHE F 78 -3.63 28.62 -25.58
C PHE F 78 -4.62 29.78 -25.59
N SER F 79 -5.45 29.86 -26.62
CA SER F 79 -6.44 30.94 -26.69
C SER F 79 -7.45 30.83 -25.56
N GLY F 80 -7.87 29.60 -25.23
CA GLY F 80 -8.77 29.42 -24.10
C GLY F 80 -8.12 29.76 -22.77
N PHE F 81 -6.84 29.41 -22.62
CA PHE F 81 -6.13 29.69 -21.37
C PHE F 81 -5.98 31.19 -21.16
N PHE F 82 -5.52 31.91 -22.19
CA PHE F 82 -5.18 33.31 -22.00
C PHE F 82 -6.43 34.18 -21.87
N ASN F 83 -7.28 34.19 -22.90
CA ASN F 83 -8.44 35.07 -22.94
C ASN F 83 -9.73 34.34 -22.60
N GLY F 84 -9.68 33.35 -21.71
CA GLY F 84 -10.90 32.66 -21.31
C GLY F 84 -11.85 33.56 -20.54
N ILE F 85 -11.31 34.40 -19.67
CA ILE F 85 -12.10 35.35 -18.88
C ILE F 85 -11.79 36.75 -19.40
N PRO F 86 -12.79 37.55 -19.75
CA PRO F 86 -12.51 38.88 -20.27
C PRO F 86 -11.76 39.75 -19.26
N SER F 87 -10.93 40.64 -19.79
CA SER F 87 -10.11 41.49 -18.95
C SER F 87 -10.97 42.52 -18.22
N LYS F 88 -10.44 43.01 -17.10
CA LYS F 88 -11.10 44.01 -16.28
C LYS F 88 -10.29 45.30 -16.32
N LYS F 89 -10.97 46.41 -16.61
CA LYS F 89 -10.34 47.73 -16.70
C LYS F 89 -11.13 48.71 -15.85
N ASN F 90 -10.42 49.42 -14.97
CA ASN F 90 -11.06 50.31 -14.01
C ASN F 90 -10.19 51.54 -13.77
N HIS F 91 -10.79 52.56 -13.17
CA HIS F 91 -10.10 53.81 -12.89
C HIS F 91 -10.70 54.42 -11.63
N LYS F 92 -10.06 55.49 -11.15
CA LYS F 92 -10.53 56.21 -9.97
C LYS F 92 -11.62 57.21 -10.31
N ASN F 93 -11.35 58.09 -11.28
CA ASN F 93 -12.33 59.08 -11.70
C ASN F 93 -13.56 58.39 -12.28
N ASP F 94 -14.74 58.91 -11.93
CA ASP F 94 -15.98 58.28 -12.38
C ASP F 94 -16.17 58.47 -13.87
N VAL F 95 -15.90 59.67 -14.39
CA VAL F 95 -16.20 59.99 -15.78
C VAL F 95 -15.36 59.13 -16.73
N VAL F 96 -14.06 59.01 -16.45
CA VAL F 96 -13.18 58.26 -17.34
C VAL F 96 -13.58 56.78 -17.36
N SER F 97 -13.82 56.20 -16.18
CA SER F 97 -14.20 54.80 -16.12
C SER F 97 -15.54 54.56 -16.81
N ASP F 98 -16.50 55.47 -16.60
CA ASP F 98 -17.80 55.33 -17.26
C ASP F 98 -17.66 55.39 -18.77
N ALA F 99 -16.87 56.33 -19.28
CA ALA F 99 -16.68 56.44 -20.73
C ALA F 99 -16.01 55.20 -21.29
N ILE F 100 -14.98 54.70 -20.62
CA ILE F 100 -14.28 53.52 -21.10
C ILE F 100 -15.20 52.31 -21.12
N ASN F 101 -15.98 52.12 -20.05
CA ASN F 101 -16.88 50.98 -19.98
C ASN F 101 -17.97 51.09 -21.04
N ASN F 102 -18.51 52.29 -21.25
CA ASN F 102 -19.52 52.47 -22.28
C ASN F 102 -18.97 52.17 -23.67
N PHE F 103 -17.74 52.63 -23.94
CA PHE F 103 -17.12 52.35 -25.23
C PHE F 103 -16.91 50.85 -25.44
N ASP F 104 -16.40 50.17 -24.41
CA ASP F 104 -16.19 48.73 -24.51
C ASP F 104 -17.50 47.98 -24.73
N ASN F 105 -18.55 48.38 -23.99
CA ASN F 105 -19.85 47.74 -24.15
C ASN F 105 -20.40 47.97 -25.55
N GLU F 106 -20.23 49.17 -26.08
CA GLU F 106 -20.78 49.48 -27.40
C GLU F 106 -20.03 48.75 -28.51
N GLN F 107 -18.72 48.53 -28.34
CA GLN F 107 -17.92 47.98 -29.41
C GLN F 107 -17.72 46.46 -29.31
N ASP F 108 -18.26 45.82 -28.27
CA ASP F 108 -18.15 44.36 -28.11
C ASP F 108 -16.69 43.92 -28.17
N MET F 109 -15.90 44.38 -27.20
CA MET F 109 -14.44 44.32 -27.35
C MET F 109 -13.89 42.93 -27.07
N GLN F 110 -14.67 42.06 -26.41
CA GLN F 110 -14.17 40.72 -26.09
C GLN F 110 -13.90 39.91 -27.36
N ASP F 111 -14.82 39.95 -28.32
CA ASP F 111 -14.61 39.23 -29.58
C ASP F 111 -13.40 39.76 -30.32
N GLU F 112 -13.25 41.09 -30.35
CA GLU F 112 -12.10 41.68 -31.03
C GLU F 112 -10.80 41.23 -30.38
N GLU F 113 -10.74 41.25 -29.05
CA GLU F 113 -9.53 40.82 -28.35
C GLU F 113 -9.23 39.35 -28.62
N ALA F 114 -10.25 38.50 -28.59
CA ALA F 114 -10.05 37.08 -28.84
C ALA F 114 -9.53 36.83 -30.25
N GLU F 115 -10.12 37.49 -31.25
CA GLU F 115 -9.68 37.31 -32.63
C GLU F 115 -8.26 37.82 -32.81
N LEU F 116 -7.92 38.95 -32.19
CA LEU F 116 -6.57 39.46 -32.29
C LEU F 116 -5.56 38.50 -31.66
N VAL F 117 -5.91 37.91 -30.52
CA VAL F 117 -5.01 36.94 -29.89
C VAL F 117 -4.83 35.73 -30.80
N LYS F 118 -5.91 35.23 -31.38
CA LYS F 118 -5.80 34.07 -32.25
C LYS F 118 -4.94 34.37 -33.48
N LEU F 119 -5.16 35.54 -34.10
CA LEU F 119 -4.36 35.90 -35.27
C LEU F 119 -2.89 36.06 -34.90
N ALA F 120 -2.61 36.65 -33.73
CA ALA F 120 -1.22 36.78 -33.29
C ALA F 120 -0.59 35.41 -33.07
N CYS F 121 -1.35 34.47 -32.52
CA CYS F 121 -0.82 33.13 -32.29
C CYS F 121 -0.54 32.40 -33.60
N VAL F 122 -1.43 32.55 -34.58
CA VAL F 122 -1.30 31.76 -35.81
C VAL F 122 -0.20 32.31 -36.70
N TYR F 123 -0.37 33.54 -37.19
CA TYR F 123 0.60 34.14 -38.11
C TYR F 123 1.86 34.65 -37.43
N GLY F 124 1.75 35.25 -36.25
CA GLY F 124 2.89 35.84 -35.59
C GLY F 124 2.65 37.29 -35.20
N HIS F 125 1.91 38.02 -36.04
CA HIS F 125 1.56 39.40 -35.76
C HIS F 125 0.27 39.75 -36.48
N ALA F 126 -0.46 40.72 -35.94
CA ALA F 126 -1.75 41.13 -36.49
C ALA F 126 -1.90 42.64 -36.33
N PHE F 127 -2.79 43.20 -37.14
CA PHE F 127 -3.02 44.64 -37.18
C PHE F 127 -4.45 44.96 -36.75
N GLU F 128 -4.62 46.15 -36.20
CA GLU F 128 -5.92 46.66 -35.79
C GLU F 128 -6.11 48.05 -36.37
N LEU F 129 -7.32 48.32 -36.87
CA LEU F 129 -7.63 49.58 -37.55
C LEU F 129 -8.73 50.30 -36.79
N MET F 130 -8.58 51.62 -36.66
CA MET F 130 -9.55 52.47 -35.99
C MET F 130 -10.03 53.53 -36.96
N TYR F 131 -11.33 53.82 -36.94
CA TYR F 131 -11.93 54.78 -37.86
C TYR F 131 -13.16 55.40 -37.23
N GLN F 132 -13.61 56.50 -37.81
CA GLN F 132 -14.78 57.24 -37.36
C GLN F 132 -15.92 57.01 -38.33
N ASP F 133 -17.08 56.62 -37.80
CA ASP F 133 -18.25 56.34 -38.65
C ASP F 133 -19.02 57.62 -38.97
N GLU F 134 -20.22 57.47 -39.54
CA GLU F 134 -20.99 58.63 -39.97
C GLU F 134 -21.63 59.35 -38.79
N GLU F 135 -21.91 58.64 -37.70
CA GLU F 135 -22.61 59.22 -36.55
C GLU F 135 -21.66 59.66 -35.45
N THR F 136 -20.42 60.00 -35.82
CA THR F 136 -19.42 60.51 -34.89
C THR F 136 -19.20 59.56 -33.72
N LYS F 137 -18.81 58.33 -34.05
CA LYS F 137 -18.47 57.33 -33.06
C LYS F 137 -17.20 56.62 -33.47
N THR F 138 -16.50 56.06 -32.48
CA THR F 138 -15.22 55.41 -32.70
C THR F 138 -15.44 53.91 -32.82
N ASN F 139 -14.91 53.32 -33.90
CA ASN F 139 -15.04 51.90 -34.17
C ASN F 139 -13.65 51.29 -34.36
N VAL F 140 -13.56 49.98 -34.11
CA VAL F 140 -12.32 49.24 -34.26
C VAL F 140 -12.59 47.99 -35.08
N LYS F 141 -11.52 47.47 -35.70
CA LYS F 141 -11.61 46.25 -36.51
C LYS F 141 -10.25 45.58 -36.52
N HIS F 142 -10.24 44.30 -36.86
CA HIS F 142 -9.03 43.50 -36.89
C HIS F 142 -8.81 42.94 -38.29
N ASN F 143 -7.58 43.01 -38.77
CA ASN F 143 -7.22 42.54 -40.09
C ASN F 143 -6.09 41.51 -39.99
N SER F 144 -6.03 40.64 -40.99
CA SER F 144 -4.96 39.66 -41.11
C SER F 144 -3.72 40.31 -41.72
N PRO F 145 -2.54 39.79 -41.43
CA PRO F 145 -1.31 40.37 -41.97
C PRO F 145 -1.02 40.05 -43.43
N GLU F 146 -1.97 39.47 -44.15
CA GLU F 146 -1.74 39.16 -45.56
C GLU F 146 -1.86 40.41 -46.43
N ASP F 147 -2.74 41.33 -46.08
CA ASP F 147 -3.05 42.49 -46.92
C ASP F 147 -2.48 43.80 -46.38
N MET F 148 -1.80 43.78 -45.24
CA MET F 148 -1.32 45.01 -44.62
C MET F 148 0.12 44.85 -44.15
N PHE F 149 0.88 45.93 -44.28
CA PHE F 149 2.23 46.01 -43.73
C PHE F 149 2.49 47.43 -43.26
N ILE F 150 3.38 47.57 -42.28
CA ILE F 150 3.69 48.84 -41.64
C ILE F 150 5.19 49.06 -41.73
N VAL F 151 5.59 50.31 -41.99
CA VAL F 151 6.99 50.66 -42.17
C VAL F 151 7.38 51.64 -41.07
N TYR F 152 8.45 51.32 -40.35
CA TYR F 152 8.98 52.18 -39.30
C TYR F 152 10.04 53.12 -39.88
N ASP F 153 10.41 54.12 -39.09
CA ASP F 153 11.42 55.07 -39.51
C ASP F 153 12.82 54.49 -39.29
N ASP F 154 13.84 55.32 -39.51
CA ASP F 154 15.22 54.89 -39.44
C ASP F 154 15.87 55.23 -38.10
N THR F 155 15.22 56.05 -37.28
CA THR F 155 15.80 56.46 -36.01
C THR F 155 15.88 55.28 -35.04
N VAL F 156 16.61 55.48 -33.96
CA VAL F 156 16.78 54.42 -32.96
C VAL F 156 15.47 54.14 -32.24
N SER F 157 14.68 55.19 -31.99
CA SER F 157 13.41 55.01 -31.29
C SER F 157 12.45 54.14 -32.08
N GLN F 158 12.61 54.10 -33.41
CA GLN F 158 11.81 53.25 -34.28
C GLN F 158 10.32 53.53 -34.14
N LYS F 159 9.89 54.74 -34.48
CA LYS F 159 8.48 55.06 -34.43
C LYS F 159 7.82 54.73 -35.77
N PRO F 160 6.55 54.31 -35.74
CA PRO F 160 5.85 54.00 -37.00
C PRO F 160 5.74 55.23 -37.89
N LEU F 161 5.81 55.01 -39.20
CA LEU F 161 5.79 56.10 -40.17
C LEU F 161 4.57 56.06 -41.08
N PHE F 162 4.31 54.92 -41.72
CA PHE F 162 3.13 54.80 -42.57
C PHE F 162 2.78 53.32 -42.73
N ALA F 163 1.56 53.07 -43.21
CA ALA F 163 1.07 51.71 -43.44
C ALA F 163 0.27 51.68 -44.72
N VAL F 164 0.18 50.49 -45.32
CA VAL F 164 -0.50 50.30 -46.59
C VAL F 164 -1.46 49.13 -46.49
N ARG F 165 -2.58 49.23 -47.21
CA ARG F 165 -3.54 48.14 -47.35
C ARG F 165 -4.05 48.15 -48.78
N TYR F 166 -4.01 47.00 -49.44
CA TYR F 166 -4.38 46.89 -50.85
C TYR F 166 -5.19 45.62 -51.07
N GLY F 167 -5.57 45.40 -52.33
CA GLY F 167 -6.35 44.23 -52.70
C GLY F 167 -7.10 44.40 -54.00
N LEU F 168 -7.28 43.32 -54.74
CA LEU F 168 -8.00 43.37 -56.01
C LEU F 168 -9.48 43.59 -55.78
N ASP F 169 -10.09 44.38 -56.67
CA ASP F 169 -11.52 44.64 -56.59
C ASP F 169 -12.29 43.59 -57.40
N ARG F 170 -13.58 43.85 -57.61
CA ARG F 170 -14.42 42.89 -58.33
C ARG F 170 -14.01 42.77 -59.80
N GLU F 171 -13.66 43.88 -60.43
CA GLU F 171 -13.36 43.90 -61.86
C GLU F 171 -11.92 43.49 -62.16
N GLY F 172 -11.06 43.38 -61.16
CA GLY F 172 -9.71 42.92 -61.36
C GLY F 172 -8.63 43.97 -61.45
N GLU F 173 -8.80 45.12 -60.80
CA GLU F 173 -7.79 46.17 -60.78
C GLU F 173 -7.46 46.53 -59.34
N LEU F 174 -6.22 46.92 -59.10
CA LEU F 174 -5.74 47.18 -57.75
C LEU F 174 -6.44 48.41 -57.15
N CYS F 175 -6.92 48.26 -55.92
CA CYS F 175 -7.48 49.36 -55.14
C CYS F 175 -6.98 49.26 -53.72
N GLY F 176 -6.55 50.38 -53.16
CA GLY F 176 -5.99 50.36 -51.82
C GLY F 176 -6.04 51.71 -51.15
N THR F 177 -5.62 51.73 -49.89
CA THR F 177 -5.63 52.92 -49.06
C THR F 177 -4.26 53.10 -48.41
N LEU F 178 -3.82 54.34 -48.33
CA LEU F 178 -2.55 54.69 -47.71
C LEU F 178 -2.83 55.53 -46.46
N TYR F 179 -2.28 55.11 -45.33
CA TYR F 179 -2.46 55.81 -44.07
C TYR F 179 -1.14 56.46 -43.66
N THR F 180 -1.18 57.77 -43.42
CA THR F 180 -0.04 58.51 -42.91
C THR F 180 -0.46 59.23 -41.63
N GLU F 181 0.53 59.86 -40.98
CA GLU F 181 0.25 60.55 -39.73
C GLU F 181 -0.68 61.74 -39.94
N ASP F 182 -0.51 62.46 -41.06
CA ASP F 182 -1.27 63.68 -41.28
C ASP F 182 -2.46 63.46 -42.21
N VAL F 183 -2.26 62.73 -43.31
CA VAL F 183 -3.29 62.58 -44.33
C VAL F 183 -3.50 61.11 -44.64
N ASP F 184 -4.64 60.80 -45.24
CA ASP F 184 -4.96 59.47 -45.74
C ASP F 184 -5.29 59.57 -47.23
N VAL F 185 -4.67 58.72 -48.03
CA VAL F 185 -4.78 58.78 -49.48
C VAL F 185 -5.34 57.46 -49.99
N THR F 186 -6.17 57.53 -51.03
CA THR F 186 -6.76 56.37 -51.66
C THR F 186 -5.98 56.05 -52.94
N LEU F 187 -5.54 54.80 -53.06
CA LEU F 187 -4.77 54.35 -54.22
C LEU F 187 -5.71 53.66 -55.20
N ILE F 188 -5.72 54.15 -56.45
CA ILE F 188 -6.57 53.60 -57.49
C ILE F 188 -5.71 53.38 -58.74
N GLY F 189 -5.91 52.25 -59.39
CA GLY F 189 -5.21 51.96 -60.63
C GLY F 189 -6.08 51.14 -61.56
N LYS F 190 -6.07 51.52 -62.84
CA LYS F 190 -6.90 50.86 -63.84
C LYS F 190 -6.07 50.22 -64.96
N ASN F 191 -5.09 50.93 -65.51
CA ASN F 191 -4.29 50.36 -66.60
C ASN F 191 -3.20 49.44 -66.05
N GLY F 192 -2.90 49.56 -64.75
CA GLY F 192 -1.86 48.77 -64.15
C GLY F 192 -0.98 49.58 -63.22
N THR F 193 -0.89 50.89 -63.48
CA THR F 193 -0.12 51.78 -62.65
C THR F 193 -0.95 52.21 -61.43
N MET F 194 -0.32 52.98 -60.55
CA MET F 194 -0.94 53.47 -59.33
C MET F 194 -0.87 54.99 -59.30
N ILE F 195 -2.00 55.63 -59.03
CA ILE F 195 -2.09 57.08 -58.96
C ILE F 195 -2.89 57.46 -57.72
N PHE F 196 -2.45 58.53 -57.05
CA PHE F 196 -3.15 59.00 -55.86
C PHE F 196 -4.51 59.60 -56.24
N GLY F 197 -5.54 59.23 -55.49
CA GLY F 197 -6.90 59.60 -55.86
C GLY F 197 -7.51 60.73 -55.07
N GLU F 198 -7.36 60.71 -53.74
CA GLU F 198 -8.03 61.68 -52.88
C GLU F 198 -7.28 61.75 -51.56
N GLU F 199 -7.43 62.87 -50.86
CA GLU F 199 -6.78 63.09 -49.58
C GLU F 199 -7.81 63.53 -48.55
N SER F 200 -7.69 62.97 -47.34
CA SER F 200 -8.58 63.33 -46.25
C SER F 200 -7.76 63.55 -44.99
N GLU F 201 -8.21 64.52 -44.18
CA GLU F 201 -7.49 64.86 -42.97
C GLU F 201 -7.62 63.75 -41.92
N ASN F 202 -6.60 63.65 -41.06
CA ASN F 202 -6.56 62.66 -40.00
C ASN F 202 -6.98 63.34 -38.70
N VAL F 203 -8.16 62.95 -38.19
CA VAL F 203 -8.65 63.53 -36.94
C VAL F 203 -7.79 63.08 -35.76
N TYR F 204 -7.28 61.85 -35.80
CA TYR F 204 -6.47 61.34 -34.72
C TYR F 204 -5.09 61.97 -34.74
N ASN F 205 -4.35 61.76 -33.64
CA ASN F 205 -3.04 62.36 -33.46
C ASN F 205 -1.89 61.41 -33.80
N ASP F 206 -2.19 60.28 -34.42
CA ASP F 206 -1.15 59.30 -34.79
C ASP F 206 -1.68 58.47 -35.95
N LEU F 207 -0.95 57.39 -36.25
CA LEU F 207 -1.40 56.47 -37.29
C LEU F 207 -2.66 55.74 -36.86
N ALA F 208 -3.45 55.33 -37.84
CA ALA F 208 -4.71 54.63 -37.58
C ALA F 208 -4.54 53.12 -37.49
N VAL F 209 -3.31 52.62 -37.56
CA VAL F 209 -3.03 51.19 -37.57
C VAL F 209 -2.12 50.85 -36.40
N THR F 210 -2.50 49.83 -35.63
CA THR F 210 -1.72 49.38 -34.49
C THR F 210 -1.35 47.91 -34.70
N GLU F 211 -0.13 47.56 -34.31
CA GLU F 211 0.41 46.24 -34.56
C GLU F 211 0.58 45.48 -33.25
N PHE F 212 0.13 44.23 -33.24
CA PHE F 212 0.32 43.32 -32.11
C PHE F 212 1.32 42.26 -32.53
N ILE F 213 2.31 41.99 -31.68
CA ILE F 213 3.36 41.01 -31.99
C ILE F 213 3.37 39.94 -30.90
N PHE F 214 3.49 38.68 -31.32
CA PHE F 214 3.65 37.59 -30.37
C PHE F 214 5.02 37.62 -29.72
N ASN F 215 6.08 37.74 -30.52
CA ASN F 215 7.45 37.79 -30.04
C ASN F 215 8.15 38.98 -30.68
N GLU F 216 9.43 39.14 -30.37
CA GLU F 216 10.25 40.12 -31.05
C GLU F 216 10.82 39.59 -32.35
N GLU F 217 10.86 38.27 -32.54
CA GLU F 217 11.22 37.66 -33.82
C GLU F 217 10.00 37.36 -34.66
N ARG F 218 8.80 37.65 -34.15
CA ARG F 218 7.53 37.50 -34.88
C ARG F 218 7.38 36.08 -35.43
N MET F 219 7.32 35.13 -34.50
CA MET F 219 7.19 33.71 -34.82
C MET F 219 5.89 33.17 -34.22
N GLY F 220 5.32 32.18 -34.89
CA GLY F 220 4.12 31.53 -34.40
C GLY F 220 4.42 30.55 -33.29
N ILE F 221 3.35 30.01 -32.70
CA ILE F 221 3.51 29.06 -31.61
C ILE F 221 4.11 27.76 -32.12
N TYR F 222 3.59 27.23 -33.23
CA TYR F 222 3.97 25.92 -33.72
C TYR F 222 4.87 25.99 -34.96
N GLU F 223 5.58 27.10 -35.16
CA GLU F 223 6.44 27.23 -36.33
C GLU F 223 7.66 26.33 -36.23
N THR F 224 8.11 26.01 -35.02
CA THR F 224 9.34 25.24 -34.84
C THR F 224 9.10 23.74 -34.68
N VAL F 225 7.87 23.26 -34.78
CA VAL F 225 7.57 21.85 -34.59
C VAL F 225 6.89 21.24 -35.82
N THR F 226 7.19 21.75 -37.01
CA THR F 226 6.56 21.21 -38.21
C THR F 226 7.14 19.85 -38.59
N ALA F 227 8.46 19.69 -38.48
CA ALA F 227 9.11 18.46 -38.91
C ALA F 227 8.64 17.27 -38.09
N LEU F 228 8.50 17.44 -36.78
CA LEU F 228 8.04 16.35 -35.92
C LEU F 228 6.63 15.93 -36.28
N ILE F 229 5.75 16.90 -36.54
CA ILE F 229 4.37 16.59 -36.92
C ILE F 229 4.35 15.82 -38.24
N ASP F 230 5.14 16.28 -39.22
CA ASP F 230 5.15 15.59 -40.51
C ASP F 230 5.68 14.16 -40.37
N SER F 231 6.74 13.98 -39.58
CA SER F 231 7.28 12.64 -39.38
C SER F 231 6.28 11.74 -38.68
N TYR F 232 5.56 12.26 -37.67
CA TYR F 232 4.56 11.47 -36.99
C TYR F 232 3.45 11.03 -37.93
N ASP F 233 2.97 11.96 -38.77
CA ASP F 233 1.93 11.61 -39.72
C ASP F 233 2.41 10.54 -40.70
N LYS F 234 3.64 10.69 -41.21
CA LYS F 234 4.17 9.71 -42.15
C LYS F 234 4.31 8.34 -41.50
N ALA F 235 4.81 8.30 -40.27
CA ALA F 235 4.99 7.02 -39.59
C ALA F 235 3.66 6.32 -39.32
N ILE F 236 2.67 7.08 -38.85
CA ILE F 236 1.38 6.45 -38.56
C ILE F 236 0.71 5.97 -39.84
N SER F 237 0.85 6.74 -40.93
CA SER F 237 0.31 6.30 -42.21
C SER F 237 0.99 5.03 -42.70
N GLU F 238 2.32 4.95 -42.55
CA GLU F 238 3.04 3.76 -42.96
C GLU F 238 2.62 2.54 -42.16
N LYS F 239 2.44 2.70 -40.84
CA LYS F 239 1.96 1.58 -40.03
C LYS F 239 0.57 1.14 -40.45
N THR F 240 -0.32 2.11 -40.71
CA THR F 240 -1.67 1.77 -41.17
C THR F 240 -1.62 0.99 -42.48
N ASN F 241 -0.75 1.41 -43.40
CA ASN F 241 -0.58 0.66 -44.65
C ASN F 241 -0.08 -0.76 -44.38
N ASP F 242 0.89 -0.91 -43.48
CA ASP F 242 1.46 -2.22 -43.22
C ASP F 242 0.44 -3.18 -42.62
N VAL F 243 -0.43 -2.68 -41.73
CA VAL F 243 -1.39 -3.54 -41.07
C VAL F 243 -2.38 -4.14 -42.06
N ASP F 244 -2.64 -3.46 -43.18
CA ASP F 244 -3.77 -3.80 -44.03
C ASP F 244 -3.45 -4.93 -45.01
N TYR F 245 -2.21 -5.00 -45.51
CA TYR F 245 -1.93 -5.85 -46.68
C TYR F 245 -2.14 -7.33 -46.38
N PHE F 246 -1.61 -7.83 -45.28
CA PHE F 246 -1.57 -9.27 -45.04
C PHE F 246 -2.69 -9.70 -44.11
N SER F 247 -3.04 -10.98 -44.20
CA SER F 247 -4.03 -11.59 -43.32
C SER F 247 -3.38 -12.02 -42.01
N ASP F 248 -4.16 -12.72 -41.18
CA ASP F 248 -3.65 -13.16 -39.89
C ASP F 248 -2.98 -14.51 -40.00
N SER F 249 -3.67 -15.51 -40.57
CA SER F 249 -3.14 -16.86 -40.69
C SER F 249 -3.52 -17.45 -42.03
N TYR F 250 -2.69 -18.37 -42.51
CA TYR F 250 -2.88 -19.02 -43.79
C TYR F 250 -2.79 -20.53 -43.62
N LEU F 251 -3.38 -21.26 -44.55
CA LEU F 251 -3.32 -22.71 -44.59
C LEU F 251 -2.52 -23.16 -45.80
N LYS F 252 -1.56 -24.05 -45.57
CA LYS F 252 -0.64 -24.52 -46.61
C LYS F 252 -0.88 -26.00 -46.87
N VAL F 253 -1.17 -26.34 -48.13
CA VAL F 253 -1.34 -27.72 -48.57
C VAL F 253 -0.39 -27.94 -49.73
N VAL F 254 0.52 -28.90 -49.58
CA VAL F 254 1.52 -29.21 -50.59
C VAL F 254 1.47 -30.71 -50.89
N GLY F 255 1.35 -31.05 -52.18
CA GLY F 255 1.36 -32.43 -52.61
C GLY F 255 0.01 -33.02 -52.89
N ALA F 256 -1.08 -32.33 -52.57
CA ALA F 256 -2.42 -32.85 -52.78
C ALA F 256 -3.26 -31.79 -53.47
N MET F 257 -4.23 -32.26 -54.26
CA MET F 257 -5.11 -31.38 -55.03
C MET F 257 -6.31 -31.01 -54.17
N LEU F 258 -6.55 -29.71 -54.01
CA LEU F 258 -7.69 -29.19 -53.27
C LEU F 258 -8.53 -28.32 -54.20
N SER F 259 -9.81 -28.65 -54.33
CA SER F 259 -10.71 -27.98 -55.23
C SER F 259 -11.49 -26.88 -54.51
N PRO F 260 -11.90 -25.84 -55.22
CA PRO F 260 -12.68 -24.77 -54.56
C PRO F 260 -13.99 -25.26 -53.95
N GLU F 261 -14.56 -26.32 -54.49
CA GLU F 261 -15.83 -26.83 -53.96
C GLU F 261 -15.66 -27.39 -52.56
N MET F 262 -14.50 -27.98 -52.27
CA MET F 262 -14.27 -28.55 -50.95
C MET F 262 -14.19 -27.46 -49.87
N ILE F 263 -13.61 -26.31 -50.20
CA ILE F 263 -13.39 -25.25 -49.22
C ILE F 263 -14.61 -24.33 -49.18
N GLU F 264 -15.69 -24.74 -49.84
CA GLU F 264 -16.92 -23.96 -49.80
C GLU F 264 -17.45 -23.84 -48.37
N LYS F 265 -17.43 -24.94 -47.62
CA LYS F 265 -17.82 -24.96 -46.21
C LYS F 265 -16.62 -25.41 -45.39
N ILE F 266 -15.76 -24.46 -45.02
CA ILE F 266 -14.56 -24.80 -44.26
C ILE F 266 -14.80 -24.57 -42.76
N ARG F 267 -15.80 -23.77 -42.41
CA ARG F 267 -16.06 -23.48 -41.01
C ARG F 267 -16.77 -24.66 -40.34
N ASP F 268 -17.61 -25.37 -41.08
CA ASP F 268 -18.46 -26.41 -40.53
C ASP F 268 -17.82 -27.80 -40.58
N THR F 269 -16.68 -27.95 -41.25
CA THR F 269 -16.00 -29.23 -41.37
C THR F 269 -14.64 -29.13 -40.68
N ARG F 270 -14.39 -30.03 -39.74
CA ARG F 270 -13.19 -29.96 -38.91
C ARG F 270 -12.35 -31.23 -38.98
N VAL F 271 -12.50 -32.03 -40.03
CA VAL F 271 -11.70 -33.24 -40.21
C VAL F 271 -11.10 -33.21 -41.61
N ILE F 272 -9.78 -33.35 -41.69
CA ILE F 272 -9.05 -33.37 -42.95
C ILE F 272 -8.47 -34.77 -43.14
N ASN F 273 -8.71 -35.36 -44.31
CA ASN F 273 -8.32 -36.74 -44.57
C ASN F 273 -7.65 -36.84 -45.93
N VAL F 274 -6.52 -37.54 -45.98
CA VAL F 274 -5.83 -37.84 -47.23
C VAL F 274 -5.69 -39.36 -47.32
N PRO F 275 -6.57 -40.05 -48.06
CA PRO F 275 -6.55 -41.52 -48.01
C PRO F 275 -5.37 -42.15 -48.74
N GLU F 276 -5.03 -41.66 -49.93
CA GLU F 276 -3.96 -42.25 -50.74
C GLU F 276 -2.94 -41.19 -51.12
N PRO F 277 -1.87 -41.01 -50.36
CA PRO F 277 -0.87 -40.01 -50.71
C PRO F 277 0.01 -40.48 -51.85
N PRO F 278 0.59 -39.56 -52.61
CA PRO F 278 1.51 -39.97 -53.68
C PRO F 278 2.76 -40.63 -53.12
N HIS F 279 3.29 -41.60 -53.85
CA HIS F 279 4.42 -42.39 -53.37
C HIS F 279 5.73 -41.59 -53.45
N ASP F 280 5.94 -40.88 -54.56
CA ASP F 280 7.26 -40.32 -54.83
C ASP F 280 7.52 -39.06 -54.01
N VAL F 281 6.50 -38.22 -53.81
CA VAL F 281 6.70 -36.95 -53.11
C VAL F 281 6.08 -37.02 -51.72
N SER F 282 6.34 -36.00 -50.91
CA SER F 282 5.88 -35.94 -49.53
C SER F 282 4.76 -34.91 -49.41
N VAL F 283 3.81 -35.18 -48.51
CA VAL F 283 2.66 -34.30 -48.29
C VAL F 283 2.87 -33.57 -46.97
N ASP F 284 2.75 -32.25 -47.00
CA ASP F 284 2.92 -31.42 -45.82
C ASP F 284 1.72 -30.48 -45.68
N ILE F 285 1.14 -30.44 -44.49
CA ILE F 285 -0.01 -29.59 -44.19
C ILE F 285 0.26 -28.88 -42.87
N GLY F 286 -0.05 -27.58 -42.82
CA GLY F 286 0.17 -26.83 -41.62
C GLY F 286 -0.36 -25.41 -41.75
N PHE F 287 -0.21 -24.66 -40.67
CA PHE F 287 -0.66 -23.27 -40.60
C PHE F 287 0.54 -22.34 -40.62
N LEU F 288 0.39 -21.20 -41.30
CA LEU F 288 1.39 -20.14 -41.29
C LEU F 288 0.81 -18.92 -40.58
N ASP F 289 1.57 -18.33 -39.67
CA ASP F 289 1.12 -17.20 -38.88
C ASP F 289 1.90 -15.95 -39.26
N LYS F 290 1.19 -14.84 -39.39
CA LYS F 290 1.85 -13.57 -39.66
C LYS F 290 2.56 -13.08 -38.40
N PRO F 291 3.85 -12.76 -38.48
CA PRO F 291 4.58 -12.32 -37.28
C PRO F 291 4.15 -10.92 -36.85
N ASP F 292 3.81 -10.78 -35.58
CA ASP F 292 3.36 -9.51 -35.00
C ASP F 292 4.28 -9.16 -33.84
N SER F 293 5.37 -8.45 -34.15
CA SER F 293 6.34 -8.01 -33.15
C SER F 293 6.88 -6.65 -33.57
N ASP F 294 6.37 -5.58 -32.94
CA ASP F 294 6.79 -4.22 -33.23
C ASP F 294 7.17 -3.53 -31.93
N SER F 295 8.41 -3.09 -31.83
CA SER F 295 8.88 -2.39 -30.64
C SER F 295 9.59 -1.08 -30.96
N GLN F 296 10.22 -0.99 -32.13
CA GLN F 296 10.94 0.24 -32.48
C GLN F 296 9.98 1.36 -32.85
N THR F 297 8.92 1.02 -33.61
CA THR F 297 7.96 2.03 -34.05
C THR F 297 7.25 2.66 -32.86
N GLU F 298 6.86 1.85 -31.87
CA GLU F 298 6.17 2.39 -30.70
C GLU F 298 7.06 3.37 -29.94
N ASN F 299 8.33 3.01 -29.74
CA ASN F 299 9.25 3.90 -29.02
C ASN F 299 9.47 5.19 -29.79
N LEU F 300 9.66 5.10 -31.11
CA LEU F 300 9.84 6.31 -31.90
C LEU F 300 8.62 7.22 -31.82
N LEU F 301 7.42 6.64 -31.95
CA LEU F 301 6.21 7.44 -31.90
C LEU F 301 6.04 8.07 -30.53
N ASP F 302 6.34 7.34 -29.46
CA ASP F 302 6.22 7.90 -28.12
C ASP F 302 7.17 9.08 -27.93
N ARG F 303 8.43 8.93 -28.36
CA ARG F 303 9.37 10.03 -28.21
C ARG F 303 8.94 11.25 -29.00
N ILE F 304 8.49 11.05 -30.25
CA ILE F 304 8.06 12.19 -31.06
C ILE F 304 6.85 12.88 -30.42
N ASP F 305 5.89 12.09 -29.94
CA ASP F 305 4.69 12.66 -29.32
C ASP F 305 5.03 13.46 -28.07
N LYS F 306 5.94 12.93 -27.24
CA LYS F 306 6.33 13.67 -26.04
C LYS F 306 7.05 14.96 -26.40
N HIS F 307 7.96 14.91 -27.38
CA HIS F 307 8.73 16.09 -27.75
C HIS F 307 7.81 17.17 -28.34
N ILE F 308 6.80 16.77 -29.11
CA ILE F 308 5.92 17.75 -29.73
C ILE F 308 5.25 18.61 -28.67
N TYR F 309 4.77 17.99 -27.60
CA TYR F 309 4.10 18.74 -26.55
C TYR F 309 5.10 19.51 -25.69
N GLN F 310 6.25 18.90 -25.40
CA GLN F 310 7.20 19.57 -24.51
C GLN F 310 7.80 20.81 -25.15
N ILE F 311 8.25 20.70 -26.40
CA ILE F 311 8.95 21.83 -27.03
C ILE F 311 8.00 23.00 -27.26
N ALA F 312 6.74 22.73 -27.58
CA ALA F 312 5.77 23.79 -27.82
C ALA F 312 5.35 24.52 -26.56
N MET F 313 5.78 24.03 -25.38
CA MET F 313 5.44 24.64 -24.09
C MET F 313 3.92 24.73 -23.89
N VAL F 314 3.23 23.65 -24.24
CA VAL F 314 1.80 23.52 -23.99
C VAL F 314 1.55 22.17 -23.33
N ALA F 315 0.81 22.20 -22.23
CA ALA F 315 0.61 21.02 -21.39
C ALA F 315 -0.48 20.14 -21.98
N ASN F 316 -0.24 18.83 -21.91
CA ASN F 316 -1.23 17.83 -22.35
C ASN F 316 -2.04 17.44 -21.11
N ILE F 317 -3.16 18.13 -20.90
CA ILE F 317 -3.97 17.89 -19.71
C ILE F 317 -4.65 16.53 -19.77
N SER F 318 -5.14 16.11 -20.93
CA SER F 318 -5.94 14.90 -21.07
C SER F 318 -5.11 13.62 -20.97
N ASP F 319 -3.80 13.72 -20.78
CA ASP F 319 -2.97 12.52 -20.70
C ASP F 319 -3.33 11.70 -19.47
N GLU F 320 -3.27 10.38 -19.62
CA GLU F 320 -3.51 9.49 -18.48
C GLU F 320 -2.35 9.49 -17.49
N SER F 321 -1.16 9.87 -17.94
CA SER F 321 0.00 9.98 -17.07
C SER F 321 0.12 11.36 -16.43
N PHE F 322 -0.92 12.19 -16.55
CA PHE F 322 -0.89 13.53 -15.97
C PHE F 322 -0.96 13.42 -14.45
N GLY F 323 -0.73 14.55 -13.77
CA GLY F 323 -0.68 14.59 -12.33
C GLY F 323 -1.89 13.98 -11.65
N SER F 324 -1.65 13.14 -10.64
CA SER F 324 -2.72 12.38 -9.99
C SER F 324 -2.67 12.59 -8.49
N SER F 325 -3.82 12.97 -7.91
CA SER F 325 -4.01 13.00 -6.46
C SER F 325 -2.98 13.88 -5.74
N SER F 326 -3.00 15.17 -6.06
CA SER F 326 -2.12 16.13 -5.42
C SER F 326 -2.65 17.53 -5.62
N GLY F 327 -2.60 18.33 -4.55
CA GLY F 327 -3.07 19.71 -4.66
C GLY F 327 -2.12 20.60 -5.45
N VAL F 328 -0.82 20.45 -5.19
CA VAL F 328 0.15 21.40 -5.74
C VAL F 328 0.85 20.81 -6.96
N ALA F 329 1.02 19.49 -7.00
CA ALA F 329 1.74 18.88 -8.12
C ALA F 329 1.01 19.09 -9.44
N LEU F 330 -0.31 19.23 -9.39
CA LEU F 330 -1.06 19.56 -10.59
C LEU F 330 -0.80 20.99 -11.04
N ALA F 331 -0.61 21.90 -10.07
CA ALA F 331 -0.38 23.30 -10.41
C ALA F 331 1.00 23.50 -11.03
N TYR F 332 1.96 22.62 -10.71
CA TYR F 332 3.31 22.78 -11.24
C TYR F 332 3.36 22.47 -12.73
N LYS F 333 2.56 21.51 -13.20
CA LYS F 333 2.67 21.05 -14.57
C LYS F 333 2.19 22.11 -15.56
N LEU F 334 1.41 23.09 -15.07
CA LEU F 334 0.90 24.17 -15.92
C LEU F 334 1.80 25.39 -15.93
N GLN F 335 2.96 25.33 -15.29
CA GLN F 335 3.80 26.52 -15.16
C GLN F 335 4.34 27.05 -16.49
N PRO F 336 4.88 26.23 -17.42
CA PRO F 336 5.38 26.81 -18.67
C PRO F 336 4.33 27.56 -19.47
N MET F 337 3.09 27.06 -19.48
CA MET F 337 2.02 27.78 -20.17
C MET F 337 1.77 29.14 -19.52
N SER F 338 1.83 29.19 -18.19
CA SER F 338 1.70 30.46 -17.48
C SER F 338 2.84 31.40 -17.83
N ASN F 339 4.06 30.86 -17.96
CA ASN F 339 5.19 31.70 -18.35
C ASN F 339 4.99 32.29 -19.74
N LEU F 340 4.54 31.47 -20.69
CA LEU F 340 4.28 31.97 -22.04
C LEU F 340 3.18 33.03 -22.04
N ALA F 341 2.12 32.80 -21.26
CA ALA F 341 1.04 33.79 -21.17
C ALA F 341 1.55 35.09 -20.59
N ALA F 342 2.39 35.01 -19.55
CA ALA F 342 2.97 36.23 -18.97
C ALA F 342 3.85 36.95 -19.98
N ALA F 343 4.61 36.20 -20.78
CA ALA F 343 5.45 36.82 -21.79
C ALA F 343 4.61 37.58 -22.83
N PHE F 344 3.49 36.98 -23.25
CA PHE F 344 2.65 37.67 -24.24
C PHE F 344 1.89 38.84 -23.62
N GLU F 345 1.60 38.75 -22.32
CA GLU F 345 0.89 39.82 -21.62
C GLU F 345 1.64 41.14 -21.71
N ARG F 346 2.98 41.10 -21.71
CA ARG F 346 3.76 42.33 -21.72
C ARG F 346 3.50 43.14 -22.99
N LYS F 347 3.47 42.47 -24.15
CA LYS F 347 3.15 43.17 -25.39
C LYS F 347 1.69 43.55 -25.45
N PHE F 348 0.80 42.66 -25.02
CA PHE F 348 -0.63 42.94 -25.13
C PHE F 348 -1.03 44.16 -24.31
N GLN F 349 -0.51 44.27 -23.09
CA GLN F 349 -0.87 45.40 -22.22
C GLN F 349 -0.37 46.72 -22.82
N ALA F 350 0.86 46.73 -23.33
CA ALA F 350 1.39 47.95 -23.93
C ALA F 350 0.57 48.37 -25.15
N ALA F 351 0.18 47.41 -25.98
CA ALA F 351 -0.66 47.73 -27.13
C ALA F 351 -2.02 48.28 -26.71
N LEU F 352 -2.64 47.67 -25.68
CA LEU F 352 -3.91 48.18 -25.19
C LEU F 352 -3.76 49.59 -24.63
N THR F 353 -2.65 49.84 -23.93
CA THR F 353 -2.39 51.18 -23.40
C THR F 353 -2.26 52.19 -24.53
N GLN F 354 -1.57 51.83 -25.62
CA GLN F 354 -1.50 52.71 -26.77
C GLN F 354 -2.88 52.99 -27.35
N ARG F 355 -3.70 51.95 -27.48
CA ARG F 355 -5.04 52.15 -28.03
C ARG F 355 -5.87 53.10 -27.18
N TYR F 356 -5.84 52.91 -25.85
CA TYR F 356 -6.65 53.77 -24.99
C TYR F 356 -6.06 55.17 -24.86
N LYS F 357 -4.75 55.30 -25.06
CA LYS F 357 -4.15 56.62 -25.21
C LYS F 357 -4.71 57.33 -26.44
N MET F 358 -4.85 56.60 -27.54
CA MET F 358 -5.36 57.20 -28.77
C MET F 358 -6.84 57.52 -28.64
N PHE F 359 -7.59 56.74 -27.86
CA PHE F 359 -9.04 56.85 -27.86
C PHE F 359 -9.51 58.22 -27.36
N MET F 360 -8.95 58.71 -26.25
CA MET F 360 -9.50 59.92 -25.65
C MET F 360 -8.88 61.18 -26.23
N SER F 361 -8.12 61.06 -27.32
CA SER F 361 -7.55 62.26 -27.95
C SER F 361 -8.64 63.18 -28.46
N LEU F 362 -9.71 62.62 -29.03
CA LEU F 362 -10.79 63.43 -29.57
C LEU F 362 -11.55 64.14 -28.45
N LEU F 363 -12.03 65.35 -28.75
CA LEU F 363 -12.76 66.11 -27.75
C LEU F 363 -14.17 65.57 -27.54
N THR F 364 -14.69 64.82 -28.52
CA THR F 364 -16.05 64.29 -28.40
C THR F 364 -16.14 63.28 -27.27
N ASN F 365 -15.13 62.43 -27.12
CA ASN F 365 -15.19 61.37 -26.11
C ASN F 365 -15.15 61.95 -24.70
N VAL F 366 -14.18 62.82 -24.42
CA VAL F 366 -14.01 63.40 -23.08
C VAL F 366 -13.59 64.85 -23.23
N SER F 367 -13.63 65.57 -22.11
CA SER F 367 -13.21 66.96 -22.10
C SER F 367 -11.70 67.07 -22.26
N ALA F 368 -11.25 68.26 -22.66
CA ALA F 368 -9.83 68.48 -22.91
C ALA F 368 -9.02 68.37 -21.62
N ASN F 369 -9.66 68.58 -20.47
CA ASN F 369 -8.94 68.54 -19.21
C ASN F 369 -8.42 67.13 -18.92
N LEU F 370 -9.21 66.11 -19.22
CA LEU F 370 -8.90 64.73 -18.87
C LEU F 370 -8.13 63.98 -19.96
N SER F 371 -7.67 64.67 -21.01
CA SER F 371 -7.03 63.98 -22.12
C SER F 371 -5.76 63.27 -21.69
N ASN F 372 -4.95 63.90 -20.83
CA ASN F 372 -3.66 63.36 -20.44
C ASN F 372 -3.73 62.41 -19.25
N GLU F 373 -4.89 61.80 -19.01
CA GLU F 373 -5.09 60.95 -17.85
C GLU F 373 -4.99 59.46 -18.20
N TRP F 374 -4.48 59.14 -19.40
CA TRP F 374 -4.41 57.74 -19.81
C TRP F 374 -3.40 56.95 -19.00
N ARG F 375 -2.57 57.64 -18.21
CA ARG F 375 -1.63 56.96 -17.33
C ARG F 375 -2.33 56.23 -16.18
N GLY F 376 -3.56 56.63 -15.84
CA GLY F 376 -4.20 56.09 -14.66
C GLY F 376 -4.92 54.77 -14.91
N ILE F 377 -5.06 54.38 -16.17
CA ILE F 377 -5.78 53.15 -16.49
C ILE F 377 -5.01 51.95 -15.96
N GLU F 378 -5.73 51.03 -15.31
CA GLU F 378 -5.14 49.83 -14.74
C GLU F 378 -5.81 48.60 -15.35
N PHE F 379 -4.99 47.64 -15.77
CA PHE F 379 -5.47 46.42 -16.40
C PHE F 379 -5.24 45.24 -15.46
N ARG F 380 -6.22 44.34 -15.40
CA ARG F 380 -6.11 43.12 -14.62
C ARG F 380 -6.44 41.93 -15.51
N PHE F 381 -5.52 40.96 -15.58
CA PHE F 381 -5.69 39.76 -16.37
C PHE F 381 -5.71 38.55 -15.44
N THR F 382 -6.59 37.59 -15.73
CA THR F 382 -6.69 36.37 -14.96
C THR F 382 -6.74 35.17 -15.90
N ARG F 383 -6.16 34.06 -15.47
CA ARG F 383 -6.11 32.86 -16.29
C ARG F 383 -7.31 31.96 -16.00
N ASN F 384 -7.60 31.07 -16.94
CA ASN F 384 -8.74 30.16 -16.84
C ASN F 384 -8.25 28.83 -16.26
N ILE F 385 -8.40 28.68 -14.94
CA ILE F 385 -8.03 27.44 -14.25
C ILE F 385 -9.17 27.05 -13.33
N PRO F 386 -9.28 25.76 -12.99
CA PRO F 386 -10.32 25.35 -12.04
C PRO F 386 -10.16 26.07 -10.70
N LYS F 387 -11.30 26.46 -10.13
CA LYS F 387 -11.32 27.29 -8.94
C LYS F 387 -12.24 26.66 -7.90
N ASN F 388 -11.91 26.86 -6.63
CA ASN F 388 -12.70 26.39 -5.50
C ASN F 388 -13.36 27.59 -4.84
N VAL F 389 -14.69 27.60 -4.80
CA VAL F 389 -15.42 28.76 -4.29
C VAL F 389 -15.25 28.89 -2.78
N LEU F 390 -15.25 27.76 -2.06
CA LEU F 390 -15.17 27.79 -0.61
C LEU F 390 -13.85 28.40 -0.14
N GLU F 391 -12.75 28.04 -0.79
CA GLU F 391 -11.46 28.61 -0.42
C GLU F 391 -11.44 30.12 -0.64
N GLU F 392 -12.02 30.58 -1.75
CA GLU F 392 -12.07 32.02 -2.00
C GLU F 392 -12.94 32.72 -0.96
N ALA F 393 -14.06 32.11 -0.57
CA ALA F 393 -14.91 32.72 0.45
C ALA F 393 -14.19 32.82 1.79
N GLN F 394 -13.49 31.75 2.19
CA GLN F 394 -12.73 31.79 3.44
C GLN F 394 -11.61 32.84 3.37
N THR F 395 -10.95 32.93 2.22
CA THR F 395 -9.91 33.94 2.06
C THR F 395 -10.48 35.35 2.19
N ALA F 396 -11.65 35.60 1.59
CA ALA F 396 -12.27 36.91 1.71
C ALA F 396 -12.66 37.20 3.15
N VAL F 397 -13.19 36.20 3.86
CA VAL F 397 -13.56 36.40 5.26
C VAL F 397 -12.34 36.76 6.09
N GLN F 398 -11.22 36.06 5.86
CA GLN F 398 -10.01 36.37 6.62
C GLN F 398 -9.44 37.73 6.25
N LEU F 399 -9.54 38.11 4.96
CA LEU F 399 -8.95 39.36 4.51
C LEU F 399 -9.78 40.56 4.96
N ALA F 400 -11.07 40.37 5.20
CA ALA F 400 -11.92 41.47 5.61
C ALA F 400 -11.47 42.08 6.94
N THR F 401 -10.68 41.34 7.72
CA THR F 401 -10.24 41.85 9.01
C THR F 401 -9.17 42.93 8.87
N ILE F 402 -8.26 42.77 7.91
CA ILE F 402 -7.07 43.61 7.82
C ILE F 402 -7.08 44.48 6.58
N ALA F 403 -7.81 44.09 5.53
CA ALA F 403 -7.76 44.79 4.25
C ALA F 403 -9.05 45.58 4.05
N SER F 404 -9.04 46.43 3.03
CA SER F 404 -10.18 47.28 2.73
C SER F 404 -11.29 46.47 2.08
N GLN F 405 -12.42 47.15 1.85
CA GLN F 405 -13.58 46.48 1.27
C GLN F 405 -13.35 46.12 -0.19
N GLU F 406 -12.74 47.03 -0.96
CA GLU F 406 -12.50 46.78 -2.38
C GLU F 406 -11.58 45.59 -2.57
N THR F 407 -10.48 45.53 -1.81
CA THR F 407 -9.55 44.41 -1.92
C THR F 407 -10.23 43.10 -1.51
N THR F 408 -11.03 43.14 -0.45
CA THR F 408 -11.73 41.95 0.00
C THR F 408 -12.70 41.44 -1.07
N LEU F 409 -13.43 42.35 -1.72
CA LEU F 409 -14.38 41.94 -2.74
C LEU F 409 -13.68 41.57 -4.06
N SER F 410 -12.44 42.00 -4.24
CA SER F 410 -11.73 41.69 -5.47
C SER F 410 -11.43 40.19 -5.57
N VAL F 411 -11.11 39.56 -4.44
CA VAL F 411 -10.72 38.15 -4.46
C VAL F 411 -11.88 37.26 -4.89
N LEU F 412 -13.10 37.63 -4.50
CA LEU F 412 -14.27 36.80 -4.79
C LEU F 412 -14.51 36.72 -6.29
N SER F 413 -14.44 35.51 -6.84
CA SER F 413 -14.66 35.33 -8.27
C SER F 413 -16.13 35.45 -8.64
N VAL F 414 -17.02 35.24 -7.65
CA VAL F 414 -18.45 35.33 -7.92
C VAL F 414 -18.84 36.75 -8.28
N VAL F 415 -18.18 37.74 -7.67
CA VAL F 415 -18.48 39.15 -7.90
C VAL F 415 -18.05 39.55 -9.31
N PRO F 416 -18.97 39.97 -10.17
CA PRO F 416 -18.54 40.47 -11.49
C PRO F 416 -17.93 41.87 -11.44
N ASP F 417 -18.53 42.79 -10.68
CA ASP F 417 -18.05 44.15 -10.57
C ASP F 417 -18.10 44.59 -9.11
N VAL F 418 -17.00 45.13 -8.61
CA VAL F 418 -16.93 45.54 -7.21
C VAL F 418 -17.82 46.76 -6.96
N ARG F 419 -17.87 47.67 -7.94
CA ARG F 419 -18.61 48.92 -7.74
C ARG F 419 -20.11 48.67 -7.58
N ALA F 420 -20.67 47.77 -8.40
CA ALA F 420 -22.09 47.46 -8.29
C ALA F 420 -22.41 46.83 -6.94
N GLU F 421 -21.57 45.90 -6.48
CA GLU F 421 -21.79 45.27 -5.18
C GLU F 421 -21.68 46.28 -4.05
N MET F 422 -20.71 47.19 -4.11
CA MET F 422 -20.58 48.21 -3.09
C MET F 422 -21.80 49.13 -3.08
N ASP F 423 -22.30 49.50 -4.26
CA ASP F 423 -23.49 50.32 -4.34
C ASP F 423 -24.70 49.61 -3.75
N ARG F 424 -24.85 48.32 -4.05
CA ARG F 424 -25.97 47.55 -3.50
C ARG F 424 -25.86 47.43 -1.99
N ILE F 425 -24.65 47.21 -1.47
CA ILE F 425 -24.45 47.13 -0.02
C ILE F 425 -24.81 48.46 0.64
N HIS F 426 -24.38 49.57 0.05
CA HIS F 426 -24.71 50.87 0.59
C HIS F 426 -26.22 51.13 0.55
N SER F 427 -26.87 50.68 -0.52
CA SER F 427 -28.32 50.81 -0.62
C SER F 427 -29.02 50.01 0.47
N GLU F 428 -28.51 48.81 0.75
CA GLU F 428 -29.10 48.00 1.82
C GLU F 428 -28.99 48.70 3.18
N ARG F 429 -27.83 49.29 3.46
CA ARG F 429 -27.63 50.01 4.70
C ARG F 429 -26.61 51.13 4.53
N LEU G 4 36.27 26.97 -31.50
CA LEU G 4 36.56 28.39 -31.65
C LEU G 4 36.77 29.05 -30.28
N GLU G 5 36.15 30.21 -30.09
CA GLU G 5 36.24 30.96 -28.85
C GLU G 5 34.95 30.77 -28.06
N ILE G 6 35.09 30.47 -26.77
CA ILE G 6 33.95 30.21 -25.89
C ILE G 6 33.71 31.35 -24.91
N GLY G 7 34.34 32.51 -25.10
CA GLY G 7 34.12 33.64 -24.24
C GLY G 7 34.55 34.92 -24.93
N PHE G 8 34.23 36.04 -24.30
CA PHE G 8 34.57 37.36 -24.81
C PHE G 8 35.46 38.09 -23.82
N GLU G 9 36.54 38.68 -24.31
CA GLU G 9 37.49 39.42 -23.49
C GLU G 9 37.32 40.91 -23.73
N VAL G 10 37.25 41.68 -22.65
CA VAL G 10 36.99 43.10 -22.77
C VAL G 10 38.20 43.82 -23.35
N PHE G 11 37.95 44.85 -24.14
CA PHE G 11 39.02 45.68 -24.68
C PHE G 11 39.53 46.64 -23.62
N THR G 12 40.83 46.91 -23.65
CA THR G 12 41.46 47.82 -22.71
C THR G 12 42.31 48.82 -23.48
N PHE G 13 42.16 50.10 -23.13
CA PHE G 13 42.91 51.16 -23.77
C PHE G 13 43.43 52.14 -22.72
N PRO G 14 44.66 52.63 -22.88
CA PRO G 14 45.19 53.59 -21.90
C PRO G 14 44.41 54.89 -21.90
N ARG G 15 44.38 55.55 -20.74
CA ARG G 15 43.49 56.69 -20.54
C ARG G 15 44.01 57.94 -21.25
N GLU G 16 45.32 58.19 -21.19
CA GLU G 16 45.84 59.53 -21.45
C GLU G 16 45.78 59.90 -22.93
N GLU G 17 46.21 59.01 -23.82
CA GLU G 17 46.40 59.41 -25.22
C GLU G 17 45.05 59.63 -25.90
N GLU G 18 45.09 60.44 -26.96
CA GLU G 18 43.89 60.82 -27.68
C GLU G 18 43.31 59.64 -28.46
N ILE G 19 42.02 59.72 -28.75
CA ILE G 19 41.30 58.68 -29.49
C ILE G 19 41.32 59.08 -30.96
N THR G 20 42.16 58.40 -31.73
CA THR G 20 42.30 58.66 -33.16
C THR G 20 41.47 57.68 -33.98
N ILE G 21 41.39 57.95 -35.28
CA ILE G 21 40.55 57.14 -36.16
C ILE G 21 41.13 55.74 -36.33
N GLU G 22 42.47 55.62 -36.28
CA GLU G 22 43.10 54.31 -36.47
C GLU G 22 42.74 53.36 -35.34
N VAL G 23 42.68 53.87 -34.10
CA VAL G 23 42.29 53.03 -32.97
C VAL G 23 40.88 52.49 -33.15
N ILE G 24 39.96 53.37 -33.57
CA ILE G 24 38.58 52.96 -33.78
C ILE G 24 38.49 51.93 -34.91
N GLU G 25 39.25 52.14 -35.98
CA GLU G 25 39.24 51.18 -37.08
C GLU G 25 39.77 49.82 -36.63
N GLU G 26 40.83 49.81 -35.83
CA GLU G 26 41.38 48.56 -35.33
C GLU G 26 40.36 47.84 -34.44
N PHE G 27 39.67 48.58 -33.57
CA PHE G 27 38.67 47.95 -32.72
C PHE G 27 37.50 47.41 -33.53
N MET G 28 37.11 48.13 -34.60
CA MET G 28 36.07 47.61 -35.47
C MET G 28 36.50 46.33 -36.17
N SER G 29 37.76 46.26 -36.59
CA SER G 29 38.27 45.01 -37.15
C SER G 29 38.21 43.88 -36.13
N LEU G 30 38.61 44.17 -34.88
CA LEU G 30 38.56 43.15 -33.84
C LEU G 30 37.12 42.67 -33.60
N HIS G 31 36.16 43.59 -33.61
CA HIS G 31 34.76 43.19 -33.40
C HIS G 31 34.23 42.39 -34.58
N SER G 32 34.62 42.76 -35.80
CA SER G 32 34.23 41.99 -36.98
C SER G 32 34.82 40.59 -36.92
N LYS G 33 35.97 40.44 -36.27
CA LYS G 33 36.51 39.11 -36.04
C LYS G 33 35.60 38.28 -35.14
N GLN G 34 35.00 38.91 -34.13
CA GLN G 34 34.20 38.19 -33.12
C GLN G 34 32.75 37.99 -33.53
N GLN G 35 32.26 38.71 -34.54
CA GLN G 35 30.85 38.61 -34.92
C GLN G 35 30.36 37.18 -35.21
N PRO G 36 31.10 36.29 -35.87
CA PRO G 36 30.53 34.97 -36.20
C PRO G 36 30.00 34.19 -35.01
N ARG G 37 30.61 34.33 -33.82
CA ARG G 37 30.09 33.64 -32.66
C ARG G 37 28.69 34.12 -32.31
N TYR G 38 28.47 35.42 -32.33
CA TYR G 38 27.13 35.97 -32.10
C TYR G 38 26.16 35.49 -33.17
N GLU G 39 26.61 35.46 -34.42
CA GLU G 39 25.73 34.99 -35.49
C GLU G 39 25.30 33.55 -35.26
N ARG G 40 26.23 32.68 -34.90
CA ARG G 40 25.90 31.29 -34.66
C ARG G 40 24.97 31.14 -33.46
N LEU G 41 25.23 31.88 -32.38
CA LEU G 41 24.39 31.78 -31.20
C LEU G 41 22.97 32.23 -31.50
N MET G 42 22.80 33.29 -32.28
CA MET G 42 21.45 33.72 -32.64
C MET G 42 20.77 32.71 -33.56
N LYS G 43 21.51 32.17 -34.53
CA LYS G 43 20.91 31.23 -35.47
C LYS G 43 20.47 29.96 -34.77
N MET G 44 21.21 29.53 -33.75
CA MET G 44 20.81 28.33 -33.01
C MET G 44 19.47 28.53 -32.31
N TYR G 45 19.27 29.72 -31.72
CA TYR G 45 18.02 29.99 -31.02
C TYR G 45 16.86 30.16 -31.99
N LYS G 46 17.09 30.88 -33.10
CA LYS G 46 16.00 31.25 -33.98
C LYS G 46 15.25 30.07 -34.56
N GLY G 47 15.87 28.90 -34.65
CA GLY G 47 15.18 27.72 -35.16
C GLY G 47 16.02 26.87 -36.09
N ASP G 48 16.92 27.50 -36.85
CA ASP G 48 17.81 26.76 -37.73
C ASP G 48 18.79 25.92 -36.91
N ALA G 49 19.21 24.81 -37.49
CA ALA G 49 20.09 23.88 -36.80
C ALA G 49 21.20 23.44 -37.75
N ALA G 50 22.23 22.82 -37.17
CA ALA G 50 23.36 22.36 -37.98
C ALA G 50 23.05 21.07 -38.72
N ILE G 51 21.98 20.38 -38.32
CA ILE G 51 21.63 19.12 -38.98
C ILE G 51 21.24 19.37 -40.44
N PHE G 52 20.70 20.55 -40.73
CA PHE G 52 20.24 20.83 -42.09
C PHE G 52 21.40 21.01 -43.06
N ALA G 53 22.62 21.21 -42.55
CA ALA G 53 23.76 21.50 -43.39
C ALA G 53 24.56 20.26 -43.76
N ARG G 54 24.15 19.07 -43.33
CA ARG G 54 24.89 17.87 -43.64
C ARG G 54 24.73 17.48 -45.11
N LYS G 55 25.72 16.77 -45.63
CA LYS G 55 25.73 16.40 -47.04
C LYS G 55 24.63 15.40 -47.35
N ALA G 56 24.13 15.44 -48.58
CA ALA G 56 23.03 14.59 -48.98
C ALA G 56 23.47 13.15 -49.14
N LYS G 57 22.50 12.24 -49.07
CA LYS G 57 22.73 10.80 -49.20
C LYS G 57 22.60 10.39 -50.67
N GLU G 58 22.53 9.09 -50.91
CA GLU G 58 22.38 8.55 -52.25
C GLU G 58 21.02 8.95 -52.83
N PRO G 59 20.88 8.94 -54.16
CA PRO G 59 19.64 9.46 -54.76
C PRO G 59 18.36 8.76 -54.31
N HIS G 60 18.41 7.46 -54.03
CA HIS G 60 17.20 6.70 -53.76
C HIS G 60 17.11 6.19 -52.32
N LYS G 61 18.09 6.48 -51.48
CA LYS G 61 17.96 6.09 -50.08
C LYS G 61 17.19 7.16 -49.30
N PRO G 62 16.42 6.74 -48.29
CA PRO G 62 15.64 7.72 -47.52
C PRO G 62 16.53 8.64 -46.72
N ASP G 63 16.07 9.87 -46.53
CA ASP G 63 16.81 10.88 -45.78
C ASP G 63 15.82 11.74 -45.01
N ASN G 64 15.87 11.68 -43.68
CA ASN G 64 14.99 12.45 -42.81
C ASN G 64 15.83 13.34 -41.92
N ARG G 65 15.43 14.59 -41.77
CA ARG G 65 16.12 15.56 -40.95
C ARG G 65 15.16 16.11 -39.90
N LEU G 66 15.42 15.80 -38.64
CA LEU G 66 14.58 16.25 -37.52
C LEU G 66 15.41 17.11 -36.58
N ASN G 67 14.83 18.21 -36.12
CA ASN G 67 15.48 19.13 -35.19
C ASN G 67 14.62 19.24 -33.94
N VAL G 68 15.26 19.04 -32.78
CA VAL G 68 14.60 19.22 -31.49
C VAL G 68 15.24 20.44 -30.84
N ASN G 69 14.43 21.47 -30.62
CA ASN G 69 14.92 22.77 -30.18
C ASN G 69 14.88 22.83 -28.65
N TYR G 70 16.05 22.83 -28.03
CA TYR G 70 16.16 22.99 -26.59
C TYR G 70 16.53 24.40 -26.16
N ALA G 71 17.25 25.15 -27.00
CA ALA G 71 17.69 26.48 -26.63
C ALA G 71 16.51 27.41 -26.40
N LYS G 72 15.52 27.37 -27.28
CA LYS G 72 14.34 28.22 -27.10
C LYS G 72 13.59 27.86 -25.82
N TYR G 73 13.45 26.56 -25.56
CA TYR G 73 12.78 26.13 -24.33
C TYR G 73 13.50 26.65 -23.09
N ILE G 74 14.82 26.48 -23.04
CA ILE G 74 15.59 26.92 -21.89
C ILE G 74 15.49 28.42 -21.71
N THR G 75 15.70 29.18 -22.79
CA THR G 75 15.67 30.64 -22.69
C THR G 75 14.31 31.14 -22.26
N ASP G 76 13.23 30.61 -22.85
CA ASP G 76 11.90 31.06 -22.49
C ASP G 76 11.56 30.70 -21.05
N THR G 77 11.92 29.48 -20.61
CA THR G 77 11.64 29.11 -19.23
C THR G 77 12.37 30.00 -18.25
N PHE G 78 13.65 30.28 -18.49
CA PHE G 78 14.40 31.13 -17.58
C PHE G 78 13.87 32.56 -17.57
N SER G 79 13.54 33.08 -18.76
CA SER G 79 13.01 34.44 -18.84
C SER G 79 11.67 34.55 -18.10
N GLY G 80 10.82 33.54 -18.23
CA GLY G 80 9.56 33.55 -17.50
C GLY G 80 9.77 33.43 -16.01
N PHE G 81 10.73 32.61 -15.58
CA PHE G 81 11.00 32.44 -14.16
C PHE G 81 11.50 33.74 -13.54
N PHE G 82 12.47 34.39 -14.18
CA PHE G 82 13.10 35.56 -13.57
C PHE G 82 12.18 36.78 -13.60
N ASN G 83 11.82 37.23 -14.80
CA ASN G 83 11.06 38.46 -14.97
C ASN G 83 9.56 38.21 -15.18
N GLY G 84 9.01 37.16 -14.58
CA GLY G 84 7.59 36.91 -14.71
C GLY G 84 6.74 38.00 -14.08
N ILE G 85 7.14 38.45 -12.89
CA ILE G 85 6.45 39.52 -12.17
C ILE G 85 7.34 40.74 -12.20
N PRO G 86 6.83 41.90 -12.62
CA PRO G 86 7.69 43.10 -12.70
C PRO G 86 8.23 43.48 -11.32
N SER G 87 9.44 44.04 -11.33
CA SER G 87 10.09 44.44 -10.09
C SER G 87 9.39 45.65 -9.47
N LYS G 88 9.54 45.79 -8.16
CA LYS G 88 8.96 46.89 -7.42
C LYS G 88 10.07 47.77 -6.86
N LYS G 89 9.93 49.08 -7.04
CA LYS G 89 10.91 50.06 -6.58
C LYS G 89 10.18 51.13 -5.79
N ASN G 90 10.66 51.40 -4.58
CA ASN G 90 10.00 52.35 -3.68
C ASN G 90 11.05 53.14 -2.90
N HIS G 91 10.60 54.23 -2.30
CA HIS G 91 11.47 55.11 -1.52
C HIS G 91 10.67 55.74 -0.40
N LYS G 92 11.38 56.41 0.51
CA LYS G 92 10.76 57.08 1.65
C LYS G 92 10.20 58.44 1.25
N ASN G 93 11.03 59.28 0.64
CA ASN G 93 10.60 60.59 0.20
C ASN G 93 9.52 60.46 -0.86
N ASP G 94 8.51 61.32 -0.80
CA ASP G 94 7.37 61.21 -1.71
C ASP G 94 7.74 61.69 -3.11
N VAL G 95 8.51 62.78 -3.20
CA VAL G 95 8.82 63.36 -4.51
C VAL G 95 9.66 62.40 -5.35
N VAL G 96 10.67 61.78 -4.74
CA VAL G 96 11.53 60.86 -5.47
C VAL G 96 10.72 59.68 -5.98
N SER G 97 9.87 59.11 -5.13
CA SER G 97 9.03 57.98 -5.54
C SER G 97 8.08 58.38 -6.67
N ASP G 98 7.46 59.55 -6.56
CA ASP G 98 6.57 60.00 -7.62
C ASP G 98 7.30 60.15 -8.94
N ALA G 99 8.49 60.77 -8.91
CA ALA G 99 9.27 60.93 -10.14
C ALA G 99 9.66 59.59 -10.74
N ILE G 100 10.10 58.66 -9.90
CA ILE G 100 10.55 57.35 -10.39
C ILE G 100 9.39 56.59 -11.03
N ASN G 101 8.24 56.55 -10.34
CA ASN G 101 7.10 55.82 -10.89
C ASN G 101 6.56 56.49 -12.14
N ASN G 102 6.54 57.82 -12.18
CA ASN G 102 6.10 58.51 -13.38
C ASN G 102 7.01 58.20 -14.56
N PHE G 103 8.33 58.22 -14.34
CA PHE G 103 9.27 57.88 -15.40
C PHE G 103 9.08 56.45 -15.88
N ASP G 104 8.89 55.52 -14.93
CA ASP G 104 8.69 54.11 -15.28
C ASP G 104 7.43 53.94 -16.12
N ASN G 105 6.34 54.59 -15.72
CA ASN G 105 5.09 54.49 -16.46
C ASN G 105 5.22 55.10 -17.85
N GLU G 106 5.95 56.23 -17.95
CA GLU G 106 6.08 56.89 -19.23
C GLU G 106 6.93 56.09 -20.20
N GLN G 107 7.94 55.37 -19.69
CA GLN G 107 8.88 54.69 -20.57
C GLN G 107 8.63 53.19 -20.71
N ASP G 108 7.62 52.65 -20.02
CA ASP G 108 7.24 51.24 -20.16
C ASP G 108 8.42 50.31 -19.91
N MET G 109 8.93 50.32 -18.68
CA MET G 109 10.20 49.68 -18.40
C MET G 109 10.09 48.16 -18.32
N GLN G 110 8.87 47.63 -18.21
CA GLN G 110 8.71 46.17 -18.13
C GLN G 110 9.19 45.50 -19.42
N ASP G 111 8.74 46.01 -20.57
CA ASP G 111 9.16 45.43 -21.85
C ASP G 111 10.67 45.57 -22.04
N GLU G 112 11.22 46.74 -21.69
CA GLU G 112 12.65 46.94 -21.85
C GLU G 112 13.45 45.98 -20.98
N GLU G 113 13.04 45.80 -19.72
CA GLU G 113 13.74 44.88 -18.84
C GLU G 113 13.65 43.44 -19.34
N ALA G 114 12.46 43.03 -19.80
CA ALA G 114 12.31 41.68 -20.31
C ALA G 114 13.20 41.44 -21.53
N GLU G 115 13.21 42.40 -22.46
CA GLU G 115 14.02 42.25 -23.66
C GLU G 115 15.51 42.23 -23.32
N LEU G 116 15.93 43.07 -22.37
CA LEU G 116 17.33 43.08 -21.97
C LEU G 116 17.72 41.75 -21.33
N VAL G 117 16.84 41.18 -20.51
CA VAL G 117 17.12 39.88 -19.90
C VAL G 117 17.24 38.81 -20.98
N LYS G 118 16.34 38.81 -21.96
CA LYS G 118 16.41 37.83 -23.03
C LYS G 118 17.69 37.97 -23.85
N LEU G 119 18.06 39.20 -24.18
CA LEU G 119 19.30 39.41 -24.93
C LEU G 119 20.52 38.97 -24.14
N ALA G 120 20.55 39.26 -22.84
CA ALA G 120 21.66 38.81 -22.01
C ALA G 120 21.73 37.29 -21.95
N CYS G 121 20.58 36.63 -21.88
CA CYS G 121 20.57 35.18 -21.85
C CYS G 121 21.06 34.57 -23.17
N VAL G 122 20.68 35.17 -24.30
CA VAL G 122 21.00 34.56 -25.59
C VAL G 122 22.45 34.82 -25.96
N TYR G 123 22.83 36.09 -26.14
CA TYR G 123 24.17 36.42 -26.59
C TYR G 123 25.22 36.35 -25.48
N GLY G 124 24.88 36.75 -24.26
CA GLY G 124 25.86 36.79 -23.19
C GLY G 124 25.92 38.15 -22.52
N HIS G 125 25.76 39.21 -23.30
CA HIS G 125 25.74 40.57 -22.79
C HIS G 125 24.99 41.46 -23.75
N ALA G 126 24.42 42.55 -23.21
CA ALA G 126 23.61 43.47 -23.99
C ALA G 126 23.85 44.89 -23.52
N PHE G 127 23.52 45.85 -24.38
CA PHE G 127 23.75 47.26 -24.13
C PHE G 127 22.44 48.01 -24.05
N GLU G 128 22.46 49.14 -23.32
CA GLU G 128 21.32 50.03 -23.19
C GLU G 128 21.75 51.44 -23.54
N LEU G 129 20.90 52.15 -24.29
CA LEU G 129 21.19 53.50 -24.74
C LEU G 129 20.17 54.47 -24.15
N MET G 130 20.64 55.58 -23.61
CA MET G 130 19.80 56.62 -23.05
C MET G 130 20.06 57.93 -23.80
N TYR G 131 19.00 58.66 -24.08
CA TYR G 131 19.10 59.89 -24.86
C TYR G 131 17.97 60.83 -24.47
N GLN G 132 18.12 62.09 -24.87
CA GLN G 132 17.14 63.14 -24.61
C GLN G 132 16.43 63.50 -25.89
N ASP G 133 15.10 63.51 -25.85
CA ASP G 133 14.30 63.81 -27.04
C ASP G 133 14.12 65.32 -27.22
N GLU G 134 13.24 65.70 -28.15
CA GLU G 134 13.06 67.12 -28.45
C GLU G 134 12.25 67.84 -27.37
N GLU G 135 11.39 67.12 -26.65
CA GLU G 135 10.50 67.72 -25.66
C GLU G 135 11.06 67.64 -24.25
N THR G 136 12.39 67.58 -24.13
CA THR G 136 13.07 67.54 -22.83
C THR G 136 12.56 66.41 -21.96
N LYS G 137 12.66 65.19 -22.46
CA LYS G 137 12.30 63.99 -21.73
C LYS G 137 13.38 62.93 -21.92
N THR G 138 13.47 62.03 -20.96
CA THR G 138 14.50 60.99 -20.94
C THR G 138 13.92 59.70 -21.49
N ASN G 139 14.60 59.12 -22.49
CA ASN G 139 14.17 57.89 -23.12
C ASN G 139 15.30 56.87 -23.06
N VAL G 140 14.93 55.59 -23.10
CA VAL G 140 15.88 54.49 -23.06
C VAL G 140 15.57 53.54 -24.20
N LYS G 141 16.57 52.75 -24.59
CA LYS G 141 16.42 51.76 -25.65
C LYS G 141 17.46 50.66 -25.45
N HIS G 142 17.21 49.51 -26.08
CA HIS G 142 18.07 48.35 -25.96
C HIS G 142 18.62 47.97 -27.33
N ASN G 143 19.91 47.66 -27.38
CA ASN G 143 20.57 47.27 -28.62
C ASN G 143 21.26 45.92 -28.45
N SER G 144 21.35 45.19 -29.54
CA SER G 144 22.05 43.92 -29.58
C SER G 144 23.55 44.15 -29.61
N PRO G 145 24.34 43.21 -29.10
CA PRO G 145 25.80 43.38 -29.08
C PRO G 145 26.50 43.16 -30.42
N GLU G 146 25.76 43.06 -31.53
CA GLU G 146 26.39 42.89 -32.83
C GLU G 146 26.97 44.20 -33.35
N ASP G 147 26.31 45.32 -33.05
CA ASP G 147 26.69 46.60 -33.62
C ASP G 147 27.37 47.54 -32.63
N MET G 148 27.56 47.13 -31.38
CA MET G 148 28.12 48.02 -30.36
C MET G 148 29.18 47.29 -29.55
N PHE G 149 30.24 48.01 -29.22
CA PHE G 149 31.26 47.54 -28.30
C PHE G 149 31.72 48.69 -27.42
N ILE G 150 32.15 48.36 -26.20
CA ILE G 150 32.57 49.34 -25.22
C ILE G 150 34.00 49.01 -24.79
N VAL G 151 34.80 50.05 -24.58
CA VAL G 151 36.23 49.90 -24.27
C VAL G 151 36.48 50.52 -22.90
N TYR G 152 37.13 49.75 -22.04
CA TYR G 152 37.51 50.22 -20.71
C TYR G 152 38.96 50.67 -20.69
N ASP G 153 39.34 51.35 -19.61
CA ASP G 153 40.72 51.74 -19.41
C ASP G 153 41.51 50.58 -18.78
N ASP G 154 42.82 50.76 -18.65
CA ASP G 154 43.69 49.72 -18.13
C ASP G 154 43.95 49.85 -16.63
N THR G 155 43.31 50.81 -15.96
CA THR G 155 43.48 50.95 -14.53
C THR G 155 42.82 49.77 -13.79
N VAL G 156 43.15 49.65 -12.51
CA VAL G 156 42.58 48.56 -11.71
C VAL G 156 41.09 48.75 -11.52
N SER G 157 40.65 50.00 -11.40
CA SER G 157 39.22 50.27 -11.23
C SER G 157 38.43 49.88 -12.48
N GLN G 158 39.05 49.99 -13.65
CA GLN G 158 38.44 49.62 -14.92
C GLN G 158 37.15 50.36 -15.18
N LYS G 159 37.23 51.69 -15.29
CA LYS G 159 36.04 52.46 -15.60
C LYS G 159 35.84 52.55 -17.11
N PRO G 160 34.59 52.62 -17.58
CA PRO G 160 34.34 52.74 -19.01
C PRO G 160 34.93 54.03 -19.58
N LEU G 161 35.39 53.96 -20.83
CA LEU G 161 36.05 55.10 -21.46
C LEU G 161 35.28 55.61 -22.67
N PHE G 162 34.94 54.73 -23.63
CA PHE G 162 34.17 55.16 -24.79
C PHE G 162 33.49 53.94 -25.40
N ALA G 163 32.52 54.21 -26.26
CA ALA G 163 31.76 53.17 -26.95
C ALA G 163 31.47 53.60 -28.37
N VAL G 164 31.28 52.61 -29.25
CA VAL G 164 31.06 52.86 -30.67
C VAL G 164 29.84 52.10 -31.14
N ARG G 165 29.12 52.69 -32.10
CA ARG G 165 28.01 52.05 -32.79
C ARG G 165 28.09 52.42 -34.26
N TYR G 166 27.99 51.42 -35.14
CA TYR G 166 28.13 51.64 -36.58
C TYR G 166 27.11 50.79 -37.33
N GLY G 167 27.19 50.86 -38.66
CA GLY G 167 26.30 50.12 -39.53
C GLY G 167 26.17 50.73 -40.90
N LEU G 168 25.93 49.89 -41.91
CA LEU G 168 25.77 50.38 -43.27
C LEU G 168 24.45 51.12 -43.44
N ASP G 169 24.47 52.18 -44.25
CA ASP G 169 23.26 52.93 -44.53
C ASP G 169 22.58 52.37 -45.78
N ARG G 170 21.61 53.10 -46.33
CA ARG G 170 20.85 52.60 -47.47
C ARG G 170 21.71 52.52 -48.72
N GLU G 171 22.61 53.48 -48.92
CA GLU G 171 23.41 53.56 -50.14
C GLU G 171 24.67 52.71 -50.07
N GLY G 172 25.02 52.19 -48.90
CA GLY G 172 26.14 51.29 -48.78
C GLY G 172 27.45 51.89 -48.30
N GLU G 173 27.40 52.90 -47.45
CA GLU G 173 28.60 53.50 -46.87
C GLU G 173 28.45 53.55 -45.35
N LEU G 174 29.58 53.48 -44.65
CA LEU G 174 29.57 53.39 -43.20
C LEU G 174 29.04 54.67 -42.58
N CYS G 175 28.13 54.53 -41.61
CA CYS G 175 27.63 55.63 -40.81
C CYS G 175 27.54 55.18 -39.36
N GLY G 176 28.04 56.01 -38.44
CA GLY G 176 28.05 55.61 -37.04
C GLY G 176 28.20 56.80 -36.12
N THR G 177 28.09 56.52 -34.83
CA THR G 177 28.17 57.53 -33.79
C THR G 177 29.18 57.09 -32.73
N LEU G 178 29.96 58.05 -32.25
CA LEU G 178 30.96 57.81 -31.21
C LEU G 178 30.53 58.53 -29.95
N TYR G 179 30.46 57.78 -28.84
CA TYR G 179 30.07 58.34 -27.56
C TYR G 179 31.29 58.41 -26.64
N THR G 180 31.53 59.59 -26.08
CA THR G 180 32.58 59.79 -25.09
C THR G 180 31.97 60.41 -23.84
N GLU G 181 32.80 60.56 -22.81
CA GLU G 181 32.31 61.12 -21.55
C GLU G 181 31.90 62.59 -21.72
N ASP G 182 32.64 63.35 -22.52
CA ASP G 182 32.38 64.77 -22.65
C ASP G 182 31.60 65.13 -23.91
N VAL G 183 31.96 64.54 -25.05
CA VAL G 183 31.38 64.91 -26.33
C VAL G 183 30.89 63.67 -27.05
N ASP G 184 30.00 63.87 -28.02
CA ASP G 184 29.52 62.84 -28.92
C ASP G 184 29.79 63.26 -30.35
N VAL G 185 30.39 62.36 -31.13
CA VAL G 185 30.82 62.67 -32.50
C VAL G 185 30.12 61.70 -33.46
N THR G 186 29.80 62.20 -34.65
CA THR G 186 29.16 61.40 -35.69
C THR G 186 30.22 60.98 -36.71
N LEU G 187 30.30 59.69 -37.00
CA LEU G 187 31.25 59.13 -37.94
C LEU G 187 30.59 58.99 -39.30
N ILE G 188 31.20 59.57 -40.33
CA ILE G 188 30.68 59.53 -41.69
C ILE G 188 31.82 59.18 -42.64
N GLY G 189 31.54 58.35 -43.63
CA GLY G 189 32.52 58.00 -44.64
C GLY G 189 31.85 57.67 -45.96
N LYS G 190 32.45 58.18 -47.05
CA LYS G 190 31.88 58.00 -48.38
C LYS G 190 32.81 57.25 -49.32
N ASN G 191 34.10 57.62 -49.38
CA ASN G 191 35.02 56.94 -50.30
C ASN G 191 35.51 55.63 -49.72
N GLY G 192 35.38 55.46 -48.41
CA GLY G 192 35.87 54.27 -47.74
C GLY G 192 36.56 54.60 -46.43
N THR G 193 37.11 55.80 -46.35
CA THR G 193 37.72 56.28 -45.11
C THR G 193 36.65 56.84 -44.18
N MET G 194 37.07 57.22 -42.98
CA MET G 194 36.18 57.75 -41.96
C MET G 194 36.68 59.09 -41.47
N ILE G 195 35.76 60.06 -41.38
CA ILE G 195 36.08 61.41 -40.92
C ILE G 195 35.05 61.83 -39.89
N PHE G 196 35.51 62.57 -38.87
CA PHE G 196 34.60 63.09 -37.86
C PHE G 196 33.74 64.19 -38.46
N GLY G 197 32.44 64.13 -38.18
CA GLY G 197 31.50 65.03 -38.83
C GLY G 197 31.01 66.20 -38.00
N GLU G 198 30.64 65.96 -36.74
CA GLU G 198 30.03 67.00 -35.93
C GLU G 198 30.16 66.59 -34.46
N GLU G 199 30.08 67.57 -33.57
CA GLU G 199 30.27 67.34 -32.14
C GLU G 199 29.17 68.01 -31.35
N SER G 200 28.63 67.28 -30.36
CA SER G 200 27.57 67.81 -29.52
C SER G 200 27.91 67.52 -28.06
N GLU G 201 27.53 68.45 -27.19
CA GLU G 201 27.85 68.33 -25.77
C GLU G 201 27.02 67.21 -25.13
N ASN G 202 27.58 66.63 -24.08
CA ASN G 202 26.93 65.58 -23.31
C ASN G 202 26.31 66.19 -22.06
N VAL G 203 24.97 66.20 -22.01
CA VAL G 203 24.28 66.75 -20.85
C VAL G 203 24.52 65.89 -19.61
N TYR G 204 24.62 64.57 -19.81
CA TYR G 204 24.84 63.67 -18.69
C TYR G 204 26.28 63.78 -18.18
N ASN G 205 26.52 63.19 -17.01
CA ASN G 205 27.82 63.25 -16.37
C ASN G 205 28.66 62.00 -16.59
N ASP G 206 28.24 61.11 -17.50
CA ASP G 206 28.98 59.89 -17.79
C ASP G 206 28.62 59.43 -19.20
N LEU G 207 29.01 58.21 -19.53
CA LEU G 207 28.70 57.65 -20.83
C LEU G 207 27.21 57.38 -20.96
N ALA G 208 26.72 57.42 -22.20
CA ALA G 208 25.31 57.18 -22.48
C ALA G 208 25.01 55.71 -22.75
N VAL G 209 25.99 54.83 -22.62
CA VAL G 209 25.82 53.41 -22.91
C VAL G 209 26.15 52.61 -21.65
N THR G 210 25.24 51.72 -21.28
CA THR G 210 25.42 50.85 -20.12
C THR G 210 25.41 49.40 -20.58
N GLU G 211 26.23 48.58 -19.93
CA GLU G 211 26.43 47.19 -20.33
C GLU G 211 25.87 46.26 -19.27
N PHE G 212 25.09 45.28 -19.70
CA PHE G 212 24.55 44.24 -18.83
C PHE G 212 25.23 42.93 -19.19
N ILE G 213 25.76 42.23 -18.19
CA ILE G 213 26.51 40.99 -18.40
C ILE G 213 25.81 39.86 -17.66
N PHE G 214 25.70 38.71 -18.32
CA PHE G 214 25.15 37.52 -17.67
C PHE G 214 26.14 36.96 -16.66
N ASN G 215 27.40 36.82 -17.05
CA ASN G 215 28.45 36.28 -16.19
C ASN G 215 29.66 37.19 -16.28
N GLU G 216 30.73 36.80 -15.58
CA GLU G 216 32.00 37.49 -15.71
C GLU G 216 32.82 36.97 -16.89
N GLU G 217 32.59 35.74 -17.33
CA GLU G 217 33.17 35.23 -18.55
C GLU G 217 32.30 35.50 -19.77
N ARG G 218 31.12 36.08 -19.56
CA ARG G 218 30.22 36.52 -20.63
C ARG G 218 29.87 35.36 -21.56
N MET G 219 29.22 34.35 -20.99
CA MET G 219 28.79 33.16 -21.71
C MET G 219 27.28 33.04 -21.64
N GLY G 220 26.70 32.45 -22.68
CA GLY G 220 25.27 32.21 -22.72
C GLY G 220 24.86 31.06 -21.83
N ILE G 221 23.54 30.86 -21.73
CA ILE G 221 23.03 29.78 -20.90
C ILE G 221 23.36 28.43 -21.51
N TYR G 222 23.16 28.28 -22.81
CA TYR G 222 23.30 26.99 -23.49
C TYR G 222 24.56 26.90 -24.32
N GLU G 223 25.59 27.69 -24.02
CA GLU G 223 26.81 27.64 -24.81
C GLU G 223 27.59 26.35 -24.57
N THR G 224 27.42 25.72 -23.40
CA THR G 224 28.20 24.54 -23.06
C THR G 224 27.49 23.23 -23.38
N VAL G 225 26.30 23.27 -23.97
CA VAL G 225 25.54 22.06 -24.26
C VAL G 225 25.22 21.93 -25.76
N THR G 226 26.10 22.44 -26.62
CA THR G 226 25.84 22.35 -28.06
C THR G 226 26.09 20.94 -28.58
N ALA G 227 27.17 20.30 -28.12
CA ALA G 227 27.53 18.99 -28.63
C ALA G 227 26.46 17.94 -28.31
N LEU G 228 25.93 17.98 -27.09
CA LEU G 228 24.90 17.01 -26.72
C LEU G 228 23.64 17.18 -27.56
N ILE G 229 23.24 18.44 -27.80
CA ILE G 229 22.08 18.70 -28.63
C ILE G 229 22.28 18.18 -30.04
N ASP G 230 23.47 18.46 -30.62
CA ASP G 230 23.74 18.00 -31.97
C ASP G 230 23.73 16.47 -32.05
N SER G 231 24.35 15.80 -31.06
CA SER G 231 24.36 14.35 -31.07
C SER G 231 22.96 13.78 -30.93
N TYR G 232 22.13 14.37 -30.06
CA TYR G 232 20.76 13.89 -29.91
C TYR G 232 19.98 14.03 -31.21
N ASP G 233 20.11 15.19 -31.87
CA ASP G 233 19.42 15.39 -33.14
C ASP G 233 19.87 14.38 -34.19
N LYS G 234 21.18 14.17 -34.30
CA LYS G 234 21.70 13.22 -35.29
C LYS G 234 21.22 11.81 -35.00
N ALA G 235 21.23 11.40 -33.72
CA ALA G 235 20.80 10.05 -33.38
C ALA G 235 19.32 9.84 -33.67
N ILE G 236 18.47 10.81 -33.32
CA ILE G 236 17.04 10.63 -33.56
C ILE G 236 16.74 10.63 -35.05
N SER G 237 17.44 11.46 -35.82
CA SER G 237 17.26 11.45 -37.27
C SER G 237 17.70 10.12 -37.86
N GLU G 238 18.81 9.56 -37.39
CA GLU G 238 19.28 8.29 -37.90
C GLU G 238 18.30 7.17 -37.59
N LYS G 239 17.73 7.17 -36.38
CA LYS G 239 16.73 6.16 -36.04
C LYS G 239 15.50 6.30 -36.92
N THR G 240 15.05 7.54 -37.16
CA THR G 240 13.92 7.76 -38.04
C THR G 240 14.19 7.23 -39.44
N ASN G 241 15.42 7.44 -39.94
CA ASN G 241 15.80 6.87 -41.23
C ASN G 241 15.74 5.35 -41.19
N ASP G 242 16.24 4.73 -40.12
CA ASP G 242 16.28 3.29 -40.04
C ASP G 242 14.89 2.67 -40.03
N VAL G 243 13.93 3.33 -39.37
CA VAL G 243 12.59 2.76 -39.25
C VAL G 243 11.90 2.66 -40.60
N ASP G 244 12.20 3.60 -41.51
CA ASP G 244 11.40 3.75 -42.73
C ASP G 244 11.72 2.70 -43.79
N TYR G 245 12.97 2.24 -43.86
CA TYR G 245 13.41 1.51 -45.05
C TYR G 245 12.69 0.18 -45.23
N PHE G 246 12.62 -0.64 -44.18
CA PHE G 246 12.16 -2.02 -44.31
C PHE G 246 10.70 -2.14 -43.87
N SER G 247 10.04 -3.16 -44.40
CA SER G 247 8.68 -3.49 -44.02
C SER G 247 8.67 -4.31 -42.73
N ASP G 248 7.47 -4.76 -42.35
CA ASP G 248 7.34 -5.52 -41.10
C ASP G 248 7.56 -7.01 -41.35
N SER G 249 6.89 -7.57 -42.36
CA SER G 249 6.99 -8.99 -42.65
C SER G 249 6.99 -9.21 -44.15
N TYR G 250 7.59 -10.32 -44.57
CA TYR G 250 7.69 -10.67 -45.98
C TYR G 250 7.28 -12.13 -46.17
N LEU G 251 6.89 -12.45 -47.40
CA LEU G 251 6.52 -13.81 -47.78
C LEU G 251 7.55 -14.35 -48.77
N LYS G 252 8.03 -15.56 -48.52
CA LYS G 252 9.07 -16.18 -49.32
C LYS G 252 8.53 -17.42 -50.00
N VAL G 253 8.63 -17.46 -51.33
CA VAL G 253 8.24 -18.61 -52.13
C VAL G 253 9.44 -19.01 -52.98
N VAL G 254 9.94 -20.22 -52.77
CA VAL G 254 11.10 -20.74 -53.47
C VAL G 254 10.74 -22.06 -54.12
N GLY G 255 10.98 -22.18 -55.43
CA GLY G 255 10.74 -23.40 -56.16
C GLY G 255 9.45 -23.43 -56.95
N ALA G 256 8.62 -22.39 -56.85
CA ALA G 256 7.36 -22.35 -57.57
C ALA G 256 7.18 -20.97 -58.19
N MET G 257 6.40 -20.92 -59.27
CA MET G 257 6.17 -19.69 -60.01
C MET G 257 4.91 -19.01 -59.49
N LEU G 258 5.02 -17.74 -59.14
CA LEU G 258 3.90 -16.93 -58.70
C LEU G 258 3.73 -15.75 -59.64
N SER G 259 2.51 -15.55 -60.12
CA SER G 259 2.20 -14.50 -61.08
C SER G 259 1.53 -13.31 -60.40
N PRO G 260 1.74 -12.10 -60.92
CA PRO G 260 1.11 -10.93 -60.29
C PRO G 260 -0.41 -10.99 -60.27
N GLU G 261 -1.02 -11.71 -61.21
CA GLU G 261 -2.48 -11.79 -61.24
C GLU G 261 -3.01 -12.53 -60.02
N MET G 262 -2.31 -13.55 -59.56
CA MET G 262 -2.79 -14.33 -58.43
C MET G 262 -2.77 -13.52 -57.14
N ILE G 263 -1.77 -12.66 -56.96
CA ILE G 263 -1.60 -11.95 -55.71
C ILE G 263 -2.35 -10.62 -55.74
N GLU G 264 -3.21 -10.43 -56.75
CA GLU G 264 -4.03 -9.24 -56.79
C GLU G 264 -4.98 -9.18 -55.60
N LYS G 265 -5.57 -10.30 -55.24
CA LYS G 265 -6.43 -10.42 -54.06
C LYS G 265 -5.80 -11.42 -53.11
N ILE G 266 -4.91 -10.93 -52.24
CA ILE G 266 -4.24 -11.81 -51.29
C ILE G 266 -4.88 -11.68 -49.92
N ARG G 267 -5.60 -10.59 -49.67
CA ARG G 267 -6.25 -10.40 -48.38
C ARG G 267 -7.46 -11.30 -48.24
N ASP G 268 -8.14 -11.59 -49.34
CA ASP G 268 -9.39 -12.34 -49.33
C ASP G 268 -9.21 -13.84 -49.54
N THR G 269 -8.02 -14.29 -49.89
CA THR G 269 -7.76 -15.71 -50.13
C THR G 269 -6.78 -16.20 -49.08
N ARG G 270 -7.18 -17.24 -48.34
CA ARG G 270 -6.40 -17.74 -47.21
C ARG G 270 -6.01 -19.20 -47.35
N VAL G 271 -5.98 -19.74 -48.57
CA VAL G 271 -5.57 -21.12 -48.81
C VAL G 271 -4.51 -21.11 -49.90
N ILE G 272 -3.37 -21.75 -49.63
CA ILE G 272 -2.27 -21.86 -50.57
C ILE G 272 -2.10 -23.34 -50.92
N ASN G 273 -2.07 -23.64 -52.22
CA ASN G 273 -2.04 -25.02 -52.69
C ASN G 273 -0.98 -25.17 -53.77
N VAL G 274 -0.16 -26.22 -53.65
CA VAL G 274 0.81 -26.58 -54.68
C VAL G 274 0.52 -28.02 -55.11
N PRO G 275 -0.21 -28.24 -56.22
CA PRO G 275 -0.63 -29.61 -56.53
C PRO G 275 0.49 -30.51 -57.02
N GLU G 276 1.36 -30.02 -57.90
CA GLU G 276 2.42 -30.84 -58.49
C GLU G 276 3.78 -30.18 -58.27
N PRO G 277 4.48 -30.52 -57.19
CA PRO G 277 5.79 -29.91 -56.94
C PRO G 277 6.85 -30.54 -57.85
N PRO G 278 7.92 -29.78 -58.16
CA PRO G 278 9.00 -30.36 -58.98
C PRO G 278 9.70 -31.48 -58.25
N HIS G 279 10.15 -32.48 -59.01
CA HIS G 279 10.77 -33.66 -58.42
C HIS G 279 12.18 -33.38 -57.93
N ASP G 280 12.97 -32.65 -58.72
CA ASP G 280 14.40 -32.55 -58.45
C ASP G 280 14.70 -31.60 -57.29
N VAL G 281 13.98 -30.48 -57.21
CA VAL G 281 14.27 -29.47 -56.20
C VAL G 281 13.20 -29.48 -55.11
N SER G 282 13.44 -28.75 -54.03
CA SER G 282 12.55 -28.71 -52.88
C SER G 282 11.79 -27.39 -52.86
N VAL G 283 10.55 -27.43 -52.39
CA VAL G 283 9.68 -26.26 -52.31
C VAL G 283 9.66 -25.78 -50.88
N ASP G 284 9.94 -24.49 -50.67
CA ASP G 284 9.97 -23.88 -49.35
C ASP G 284 9.09 -22.65 -49.34
N ILE G 285 8.19 -22.58 -48.36
CA ILE G 285 7.28 -21.44 -48.19
C ILE G 285 7.28 -21.06 -46.72
N GLY G 286 7.34 -19.76 -46.45
CA GLY G 286 7.33 -19.30 -45.07
C GLY G 286 7.32 -17.78 -45.00
N PHE G 287 7.28 -17.29 -43.76
CA PHE G 287 7.27 -15.85 -43.48
C PHE G 287 8.61 -15.42 -42.92
N LEU G 288 9.06 -14.24 -43.31
CA LEU G 288 10.25 -13.61 -42.74
C LEU G 288 9.82 -12.38 -41.96
N ASP G 289 10.35 -12.24 -40.74
CA ASP G 289 9.99 -11.14 -39.85
C ASP G 289 11.18 -10.21 -39.66
N LYS G 290 10.90 -8.92 -39.64
CA LYS G 290 11.96 -7.94 -39.39
C LYS G 290 12.29 -7.91 -37.89
N PRO G 291 13.55 -8.07 -37.52
CA PRO G 291 13.90 -8.09 -36.09
C PRO G 291 13.79 -6.70 -35.49
N ASP G 292 13.03 -6.60 -34.39
CA ASP G 292 12.81 -5.33 -33.69
C ASP G 292 13.29 -5.49 -32.25
N SER G 293 14.56 -5.19 -32.03
CA SER G 293 15.18 -5.27 -30.70
C SER G 293 16.23 -4.18 -30.60
N ASP G 294 15.88 -3.07 -29.96
CA ASP G 294 16.80 -1.94 -29.76
C ASP G 294 16.83 -1.60 -28.28
N SER G 295 18.03 -1.62 -27.71
CA SER G 295 18.19 -1.29 -26.30
C SER G 295 19.32 -0.32 -26.05
N GLN G 296 20.34 -0.29 -26.91
CA GLN G 296 21.45 0.63 -26.72
C GLN G 296 21.07 2.06 -27.06
N THR G 297 20.31 2.24 -28.15
CA THR G 297 19.92 3.58 -28.58
C THR G 297 19.04 4.25 -27.53
N GLU G 298 18.10 3.50 -26.94
CA GLU G 298 17.23 4.08 -25.93
C GLU G 298 18.03 4.56 -24.72
N ASN G 299 18.98 3.75 -24.25
CA ASN G 299 19.79 4.15 -23.10
C ASN G 299 20.63 5.37 -23.43
N LEU G 300 21.25 5.40 -24.61
CA LEU G 300 22.06 6.55 -24.98
C LEU G 300 21.21 7.82 -25.04
N LEU G 301 20.04 7.74 -25.67
CA LEU G 301 19.17 8.91 -25.77
C LEU G 301 18.70 9.38 -24.39
N ASP G 302 18.38 8.44 -23.50
CA ASP G 302 17.95 8.81 -22.17
C ASP G 302 19.07 9.53 -21.41
N ARG G 303 20.29 9.01 -21.48
CA ARG G 303 21.40 9.67 -20.79
C ARG G 303 21.64 11.06 -21.35
N ILE G 304 21.63 11.20 -22.67
CA ILE G 304 21.87 12.52 -23.27
C ILE G 304 20.78 13.50 -22.88
N ASP G 305 19.51 13.06 -22.91
CA ASP G 305 18.41 13.94 -22.56
C ASP G 305 18.48 14.38 -21.11
N LYS G 306 18.83 13.46 -20.20
CA LYS G 306 18.96 13.85 -18.80
C LYS G 306 20.10 14.83 -18.61
N HIS G 307 21.24 14.59 -19.26
CA HIS G 307 22.40 15.45 -19.09
C HIS G 307 22.14 16.86 -19.61
N ILE G 308 21.42 16.97 -20.73
CA ILE G 308 21.16 18.31 -21.29
C ILE G 308 20.41 19.18 -20.28
N TYR G 309 19.40 18.61 -19.62
CA TYR G 309 18.64 19.39 -18.65
C TYR G 309 19.44 19.62 -17.37
N GLN G 310 20.19 18.61 -16.91
CA GLN G 310 20.89 18.76 -15.63
C GLN G 310 22.02 19.78 -15.73
N ILE G 311 22.82 19.72 -16.80
CA ILE G 311 23.99 20.59 -16.91
C ILE G 311 23.58 22.05 -17.07
N ALA G 312 22.50 22.31 -17.80
CA ALA G 312 22.05 23.68 -18.05
C ALA G 312 21.43 24.34 -16.82
N MET G 313 21.24 23.60 -15.74
CA MET G 313 20.65 24.11 -14.50
C MET G 313 19.26 24.70 -14.75
N VAL G 314 18.47 23.99 -15.57
CA VAL G 314 17.07 24.32 -15.78
C VAL G 314 16.25 23.05 -15.58
N ALA G 315 15.20 23.16 -14.78
CA ALA G 315 14.42 22.01 -14.35
C ALA G 315 13.37 21.68 -15.40
N ASN G 316 13.21 20.39 -15.67
CA ASN G 316 12.19 19.88 -16.58
C ASN G 316 10.92 19.67 -15.77
N ILE G 317 10.09 20.71 -15.69
CA ILE G 317 8.91 20.66 -14.83
C ILE G 317 7.88 19.67 -15.33
N SER G 318 7.69 19.57 -16.65
CA SER G 318 6.62 18.77 -17.23
C SER G 318 6.97 17.29 -17.34
N ASP G 319 8.11 16.86 -16.78
CA ASP G 319 8.49 15.47 -16.86
C ASP G 319 7.52 14.60 -16.06
N GLU G 320 7.28 13.38 -16.57
CA GLU G 320 6.41 12.45 -15.85
C GLU G 320 7.07 11.92 -14.57
N SER G 321 8.40 11.90 -14.52
CA SER G 321 9.13 11.47 -13.34
C SER G 321 9.40 12.61 -12.36
N PHE G 322 8.77 13.76 -12.57
CA PHE G 322 8.97 14.90 -11.69
C PHE G 322 8.32 14.63 -10.34
N GLY G 323 8.61 15.48 -9.36
CA GLY G 323 8.14 15.30 -8.00
C GLY G 323 6.65 15.08 -7.88
N SER G 324 6.25 14.10 -7.07
CA SER G 324 4.86 13.69 -6.96
C SER G 324 4.42 13.69 -5.51
N SER G 325 3.30 14.37 -5.23
CA SER G 325 2.60 14.29 -3.94
C SER G 325 3.52 14.64 -2.77
N SER G 326 3.97 15.89 -2.74
CA SER G 326 4.80 16.37 -1.64
C SER G 326 4.81 17.89 -1.64
N GLY G 327 4.69 18.48 -0.45
CA GLY G 327 4.71 19.93 -0.35
C GLY G 327 6.09 20.51 -0.57
N VAL G 328 7.11 19.88 0.02
CA VAL G 328 8.45 20.47 0.02
C VAL G 328 9.34 19.84 -1.05
N ALA G 329 9.13 18.56 -1.34
CA ALA G 329 9.99 17.88 -2.31
C ALA G 329 9.88 18.52 -3.70
N LEU G 330 8.72 19.10 -4.02
CA LEU G 330 8.58 19.82 -5.27
C LEU G 330 9.38 21.11 -5.26
N ALA G 331 9.44 21.78 -4.10
CA ALA G 331 10.17 23.04 -4.02
C ALA G 331 11.68 22.82 -4.13
N TYR G 332 12.16 21.66 -3.70
CA TYR G 332 13.59 21.38 -3.75
C TYR G 332 14.09 21.29 -5.18
N LYS G 333 13.31 20.69 -6.08
CA LYS G 333 13.78 20.42 -7.43
C LYS G 333 14.02 21.71 -8.21
N LEU G 334 13.41 22.81 -7.78
CA LEU G 334 13.57 24.10 -8.45
C LEU G 334 14.73 24.92 -7.90
N GLN G 335 15.50 24.37 -6.97
CA GLN G 335 16.55 25.16 -6.32
C GLN G 335 17.65 25.64 -7.27
N PRO G 336 18.22 24.81 -8.17
CA PRO G 336 19.28 25.34 -9.04
C PRO G 336 18.86 26.53 -9.89
N MET G 337 17.62 26.53 -10.38
CA MET G 337 17.14 27.69 -11.13
C MET G 337 17.08 28.93 -10.25
N SER G 338 16.67 28.76 -8.99
CA SER G 338 16.68 29.88 -8.05
C SER G 338 18.10 30.38 -7.82
N ASN G 339 19.07 29.47 -7.71
CA ASN G 339 20.46 29.88 -7.53
C ASN G 339 20.95 30.68 -8.72
N LEU G 340 20.65 30.22 -9.94
CA LEU G 340 21.07 30.95 -11.13
C LEU G 340 20.42 32.32 -11.19
N ALA G 341 19.13 32.40 -10.85
CA ALA G 341 18.44 33.68 -10.85
C ALA G 341 19.05 34.63 -9.82
N ALA G 342 19.39 34.11 -8.64
CA ALA G 342 20.03 34.94 -7.62
C ALA G 342 21.39 35.43 -8.09
N ALA G 343 22.14 34.58 -8.80
CA ALA G 343 23.44 34.99 -9.32
C ALA G 343 23.28 36.11 -10.34
N PHE G 344 22.30 36.01 -11.23
CA PHE G 344 22.10 37.06 -12.23
C PHE G 344 21.57 38.34 -11.61
N GLU G 345 20.77 38.22 -10.55
CA GLU G 345 20.20 39.40 -9.90
C GLU G 345 21.30 40.32 -9.36
N ARG G 346 22.44 39.75 -8.96
CA ARG G 346 23.51 40.57 -8.42
C ARG G 346 24.00 41.59 -9.44
N LYS G 347 24.17 41.18 -10.69
CA LYS G 347 24.58 42.12 -11.73
C LYS G 347 23.41 43.01 -12.15
N PHE G 348 22.20 42.45 -12.23
CA PHE G 348 21.06 43.22 -12.71
C PHE G 348 20.75 44.40 -11.77
N GLN G 349 20.80 44.16 -10.46
CA GLN G 349 20.50 45.21 -9.50
C GLN G 349 21.52 46.34 -9.57
N ALA G 350 22.80 45.98 -9.69
CA ALA G 350 23.84 47.01 -9.80
C ALA G 350 23.65 47.83 -11.07
N ALA G 351 23.32 47.18 -12.18
CA ALA G 351 23.07 47.92 -13.41
C ALA G 351 21.89 48.85 -13.28
N LEU G 352 20.80 48.40 -12.65
CA LEU G 352 19.64 49.27 -12.45
C LEU G 352 19.99 50.44 -11.54
N THR G 353 20.81 50.19 -10.51
CA THR G 353 21.25 51.26 -9.63
C THR G 353 22.04 52.30 -10.40
N GLN G 354 22.93 51.85 -11.28
CA GLN G 354 23.67 52.79 -12.13
C GLN G 354 22.73 53.61 -13.00
N ARG G 355 21.73 52.95 -13.61
CA ARG G 355 20.81 53.68 -14.47
C ARG G 355 20.06 54.76 -13.69
N TYR G 356 19.54 54.41 -12.51
CA TYR G 356 18.76 55.39 -11.75
C TYR G 356 19.64 56.46 -11.13
N LYS G 357 20.91 56.14 -10.85
CA LYS G 357 21.86 57.16 -10.47
C LYS G 357 22.07 58.18 -11.58
N MET G 358 22.19 57.69 -12.81
CA MET G 358 22.42 58.60 -13.93
C MET G 358 21.15 59.38 -14.26
N PHE G 359 19.98 58.82 -13.94
CA PHE G 359 18.72 59.46 -14.31
C PHE G 359 18.54 60.80 -13.62
N MET G 360 18.73 60.86 -12.30
CA MET G 360 18.33 62.05 -11.56
C MET G 360 19.41 63.12 -11.56
N SER G 361 20.49 62.93 -12.33
CA SER G 361 21.53 63.95 -12.40
C SER G 361 21.01 65.24 -12.98
N LEU G 362 20.15 65.15 -14.00
CA LEU G 362 19.61 66.34 -14.65
C LEU G 362 18.74 67.15 -13.68
N LEU G 363 18.81 68.47 -13.79
CA LEU G 363 18.02 69.33 -12.91
C LEU G 363 16.54 69.31 -13.29
N THR G 364 16.23 68.96 -14.53
CA THR G 364 14.83 68.95 -14.96
C THR G 364 14.04 67.87 -14.23
N ASN G 365 14.63 66.69 -14.04
CA ASN G 365 13.92 65.60 -13.40
C ASN G 365 13.64 65.90 -11.93
N VAL G 366 14.67 66.28 -11.17
CA VAL G 366 14.54 66.55 -9.75
C VAL G 366 15.38 67.77 -9.40
N SER G 367 15.13 68.32 -8.22
CA SER G 367 15.87 69.48 -7.76
C SER G 367 17.30 69.09 -7.41
N ALA G 368 18.17 70.11 -7.36
CA ALA G 368 19.59 69.86 -7.09
C ALA G 368 19.81 69.32 -5.68
N ASN G 369 18.88 69.60 -4.77
CA ASN G 369 19.04 69.13 -3.40
C ASN G 369 18.97 67.61 -3.32
N LEU G 370 18.09 66.99 -4.10
CA LEU G 370 17.83 65.56 -4.03
C LEU G 370 18.69 64.75 -5.00
N SER G 371 19.67 65.37 -5.66
CA SER G 371 20.44 64.67 -6.68
C SER G 371 21.21 63.49 -6.09
N ASN G 372 21.80 63.68 -4.91
CA ASN G 372 22.65 62.66 -4.29
C ASN G 372 21.86 61.65 -3.46
N GLU G 373 20.56 61.50 -3.72
CA GLU G 373 19.71 60.63 -2.93
C GLU G 373 19.43 59.30 -3.63
N TRP G 374 20.15 59.01 -4.72
CA TRP G 374 19.90 57.77 -5.46
C TRP G 374 20.25 56.54 -4.64
N ARG G 375 21.02 56.71 -3.57
CA ARG G 375 21.38 55.57 -2.73
C ARG G 375 20.20 55.01 -1.95
N GLY G 376 19.11 55.78 -1.84
CA GLY G 376 17.99 55.34 -1.01
C GLY G 376 17.05 54.39 -1.71
N ILE G 377 17.23 54.20 -3.02
CA ILE G 377 16.33 53.34 -3.77
C ILE G 377 16.51 51.89 -3.33
N GLU G 378 15.39 51.20 -3.12
CA GLU G 378 15.39 49.81 -2.70
C GLU G 378 14.66 48.98 -3.75
N PHE G 379 15.27 47.85 -4.14
CA PHE G 379 14.73 46.97 -5.16
C PHE G 379 14.25 45.67 -4.54
N ARG G 380 13.07 45.21 -4.96
CA ARG G 380 12.53 43.93 -4.51
C ARG G 380 12.22 43.08 -5.72
N PHE G 381 12.73 41.85 -5.74
CA PHE G 381 12.54 40.90 -6.82
C PHE G 381 11.80 39.69 -6.29
N THR G 382 10.83 39.19 -7.06
CA THR G 382 10.08 38.00 -6.70
C THR G 382 10.05 37.05 -7.90
N ARG G 383 10.12 35.75 -7.61
CA ARG G 383 10.11 34.73 -8.65
C ARG G 383 8.68 34.29 -8.97
N ASN G 384 8.52 33.68 -10.13
CA ASN G 384 7.22 33.23 -10.60
C ASN G 384 7.04 31.76 -10.24
N ILE G 385 6.38 31.50 -9.11
CA ILE G 385 6.10 30.14 -8.67
C ILE G 385 4.63 30.08 -8.25
N PRO G 386 4.03 28.89 -8.27
CA PRO G 386 2.63 28.77 -7.81
C PRO G 386 2.48 29.25 -6.37
N LYS G 387 1.38 29.94 -6.10
CA LYS G 387 1.15 30.57 -4.81
C LYS G 387 -0.21 30.14 -4.27
N ASN G 388 -0.29 30.00 -2.95
CA ASN G 388 -1.53 29.67 -2.26
C ASN G 388 -2.01 30.92 -1.53
N VAL G 389 -3.20 31.40 -1.89
CA VAL G 389 -3.69 32.66 -1.35
C VAL G 389 -4.06 32.52 0.12
N LEU G 390 -4.66 31.38 0.49
CA LEU G 390 -5.11 31.20 1.87
C LEU G 390 -3.94 31.21 2.85
N GLU G 391 -2.83 30.56 2.50
CA GLU G 391 -1.67 30.57 3.37
C GLU G 391 -1.11 31.98 3.54
N GLU G 392 -1.07 32.75 2.46
CA GLU G 392 -0.62 34.14 2.56
C GLU G 392 -1.53 34.97 3.44
N ALA G 393 -2.84 34.77 3.31
CA ALA G 393 -3.79 35.50 4.15
C ALA G 393 -3.62 35.16 5.62
N GLN G 394 -3.45 33.87 5.93
CA GLN G 394 -3.23 33.47 7.32
C GLN G 394 -1.91 34.04 7.84
N THR G 395 -0.87 34.04 7.01
CA THR G 395 0.41 34.61 7.42
C THR G 395 0.26 36.10 7.71
N ALA G 396 -0.47 36.83 6.88
CA ALA G 396 -0.68 38.25 7.12
C ALA G 396 -1.47 38.48 8.41
N VAL G 397 -2.49 37.65 8.66
CA VAL G 397 -3.27 37.78 9.88
C VAL G 397 -2.38 37.57 11.10
N GLN G 398 -1.52 36.53 11.07
CA GLN G 398 -0.63 36.28 12.19
C GLN G 398 0.40 37.40 12.35
N LEU G 399 0.90 37.94 11.24
CA LEU G 399 1.97 38.94 11.32
C LEU G 399 1.41 40.29 11.76
N ALA G 400 0.11 40.52 11.58
CA ALA G 400 -0.47 41.80 11.97
C ALA G 400 -0.36 42.03 13.47
N THR G 401 -0.13 40.97 14.25
CA THR G 401 -0.07 41.11 15.70
C THR G 401 1.24 41.76 16.15
N ILE G 402 2.34 41.44 15.47
CA ILE G 402 3.68 41.80 15.93
C ILE G 402 4.35 42.80 14.99
N ALA G 403 4.02 42.77 13.71
CA ALA G 403 4.72 43.58 12.72
C ALA G 403 3.89 44.81 12.38
N SER G 404 4.50 45.72 11.62
CA SER G 404 3.85 46.95 11.23
C SER G 404 2.83 46.69 10.11
N GLN G 405 2.15 47.77 9.70
CA GLN G 405 1.13 47.64 8.67
C GLN G 405 1.76 47.43 7.29
N GLU G 406 2.85 48.15 7.00
CA GLU G 406 3.48 48.00 5.69
C GLU G 406 4.02 46.59 5.47
N THR G 407 4.70 46.05 6.49
CA THR G 407 5.21 44.68 6.38
C THR G 407 4.07 43.67 6.25
N THR G 408 2.99 43.88 7.00
CA THR G 408 1.85 42.97 6.90
C THR G 408 1.23 43.00 5.51
N LEU G 409 1.11 44.18 4.91
CA LEU G 409 0.51 44.28 3.58
C LEU G 409 1.50 43.85 2.50
N SER G 410 2.79 43.82 2.80
CA SER G 410 3.78 43.42 1.80
C SER G 410 3.65 41.95 1.44
N VAL G 411 3.32 41.11 2.43
CA VAL G 411 3.25 39.67 2.20
C VAL G 411 2.12 39.32 1.25
N LEU G 412 1.01 40.05 1.33
CA LEU G 412 -0.16 39.76 0.51
C LEU G 412 0.16 39.95 -0.97
N SER G 413 0.03 38.88 -1.75
CA SER G 413 0.31 38.97 -3.18
C SER G 413 -0.83 39.67 -3.92
N VAL G 414 -2.02 39.68 -3.33
CA VAL G 414 -3.16 40.33 -3.97
C VAL G 414 -2.95 41.83 -4.08
N VAL G 415 -2.29 42.42 -3.08
CA VAL G 415 -2.05 43.86 -3.04
C VAL G 415 -1.07 44.25 -4.13
N PRO G 416 -1.46 45.11 -5.08
CA PRO G 416 -0.48 45.59 -6.06
C PRO G 416 0.45 46.64 -5.51
N ASP G 417 -0.07 47.61 -4.75
CA ASP G 417 0.73 48.69 -4.17
C ASP G 417 0.30 48.91 -2.73
N VAL G 418 1.26 48.96 -1.82
CA VAL G 418 0.96 49.13 -0.40
C VAL G 418 0.44 50.54 -0.12
N ARG G 419 1.01 51.54 -0.80
CA ARG G 419 0.64 52.92 -0.52
C ARG G 419 -0.82 53.19 -0.85
N ALA G 420 -1.29 52.69 -2.00
CA ALA G 420 -2.69 52.90 -2.37
C ALA G 420 -3.63 52.24 -1.38
N GLU G 421 -3.29 51.02 -0.95
CA GLU G 421 -4.14 50.33 0.03
C GLU G 421 -4.17 51.07 1.37
N MET G 422 -3.02 51.55 1.83
CA MET G 422 -3.00 52.31 3.08
C MET G 422 -3.81 53.60 2.95
N ASP G 423 -3.70 54.27 1.79
CA ASP G 423 -4.49 55.48 1.57
C ASP G 423 -5.99 55.17 1.59
N ARG G 424 -6.40 54.07 0.95
CA ARG G 424 -7.81 53.70 0.96
C ARG G 424 -8.30 53.34 2.36
N ILE G 425 -7.48 52.62 3.12
CA ILE G 425 -7.85 52.29 4.49
C ILE G 425 -8.00 53.55 5.33
N HIS G 426 -7.08 54.50 5.18
CA HIS G 426 -7.19 55.76 5.90
C HIS G 426 -8.43 56.54 5.48
N SER G 427 -8.75 56.50 4.18
CA SER G 427 -9.96 57.16 3.69
C SER G 427 -11.21 56.55 4.31
N GLU G 428 -11.25 55.22 4.43
CA GLU G 428 -12.39 54.57 5.06
C GLU G 428 -12.55 55.00 6.51
N ARG G 429 -11.46 55.09 7.25
CA ARG G 429 -11.50 55.52 8.64
C ARG G 429 -10.20 56.22 9.04
N LEU H 4 51.34 16.05 -11.70
CA LEU H 4 52.06 17.27 -11.40
C LEU H 4 51.95 17.62 -9.92
N GLU H 5 51.69 18.89 -9.63
CA GLU H 5 51.55 19.39 -8.28
C GLU H 5 50.08 19.59 -7.95
N ILE H 6 49.67 19.09 -6.78
CA ILE H 6 48.28 19.17 -6.35
C ILE H 6 48.06 20.16 -5.22
N GLY H 7 49.01 21.05 -4.98
CA GLY H 7 48.86 22.06 -3.95
C GLY H 7 49.87 23.17 -4.14
N PHE H 8 49.67 24.25 -3.40
CA PHE H 8 50.54 25.42 -3.45
C PHE H 8 51.15 25.66 -2.07
N GLU H 9 52.46 25.87 -2.05
CA GLU H 9 53.20 26.10 -0.81
C GLU H 9 53.60 27.57 -0.73
N VAL H 10 53.38 28.18 0.44
CA VAL H 10 53.64 29.61 0.59
C VAL H 10 55.13 29.89 0.58
N PHE H 11 55.50 31.03 0.00
CA PHE H 11 56.88 31.48 0.02
C PHE H 11 57.23 32.05 1.40
N THR H 12 58.46 31.81 1.84
CA THR H 12 58.93 32.32 3.12
C THR H 12 60.26 33.03 2.93
N PHE H 13 60.38 34.22 3.52
CA PHE H 13 61.59 35.01 3.43
C PHE H 13 61.96 35.55 4.81
N PRO H 14 63.25 35.63 5.11
CA PRO H 14 63.66 36.18 6.41
C PRO H 14 63.30 37.66 6.53
N ARG H 15 63.06 38.09 7.77
CA ARG H 15 62.53 39.44 8.00
C ARG H 15 63.61 40.50 7.82
N GLU H 16 64.82 40.23 8.29
CA GLU H 16 65.80 41.30 8.47
C GLU H 16 66.39 41.78 7.15
N GLU H 17 66.72 40.86 6.25
CA GLU H 17 67.43 41.23 5.03
C GLU H 17 66.56 42.09 4.12
N GLU H 18 67.24 42.96 3.36
CA GLU H 18 66.56 43.90 2.48
C GLU H 18 65.97 43.18 1.27
N ILE H 19 64.97 43.80 0.66
CA ILE H 19 64.30 43.24 -0.52
C ILE H 19 64.97 43.83 -1.76
N THR H 20 65.79 43.03 -2.41
CA THR H 20 66.51 43.46 -3.61
C THR H 20 65.82 42.91 -4.86
N ILE H 21 66.32 43.35 -6.02
CA ILE H 21 65.69 43.00 -7.28
C ILE H 21 65.88 41.52 -7.60
N GLU H 22 66.98 40.94 -7.14
CA GLU H 22 67.26 39.54 -7.45
C GLU H 22 66.27 38.60 -6.76
N VAL H 23 65.91 38.89 -5.52
CA VAL H 23 64.92 38.08 -4.81
C VAL H 23 63.57 38.17 -5.53
N ILE H 24 63.19 39.37 -5.95
CA ILE H 24 61.94 39.55 -6.67
C ILE H 24 61.95 38.76 -7.96
N GLU H 25 63.06 38.81 -8.71
CA GLU H 25 63.15 38.07 -9.97
C GLU H 25 63.08 36.57 -9.75
N GLU H 26 63.73 36.08 -8.68
CA GLU H 26 63.64 34.66 -8.36
C GLU H 26 62.20 34.26 -8.06
N PHE H 27 61.46 35.11 -7.35
CA PHE H 27 60.05 34.81 -7.08
C PHE H 27 59.22 34.87 -8.37
N MET H 28 59.58 35.77 -9.29
CA MET H 28 58.94 35.76 -10.61
C MET H 28 59.13 34.41 -11.29
N SER H 29 60.36 33.88 -11.27
CA SER H 29 60.61 32.58 -11.86
C SER H 29 59.80 31.49 -11.18
N LEU H 30 59.74 31.51 -9.84
CA LEU H 30 58.99 30.50 -9.12
C LEU H 30 57.50 30.54 -9.47
N HIS H 31 56.93 31.74 -9.59
CA HIS H 31 55.51 31.85 -9.92
C HIS H 31 55.24 31.46 -11.36
N SER H 32 56.16 31.79 -12.27
CA SER H 32 56.01 31.37 -13.65
C SER H 32 56.08 29.85 -13.76
N LYS H 33 56.81 29.22 -12.85
CA LYS H 33 56.81 27.76 -12.80
C LYS H 33 55.43 27.21 -12.43
N GLN H 34 54.69 27.93 -11.60
CA GLN H 34 53.42 27.45 -11.05
C GLN H 34 52.21 27.83 -11.90
N GLN H 35 52.34 28.81 -12.78
CA GLN H 35 51.19 29.25 -13.58
C GLN H 35 50.44 28.16 -14.34
N PRO H 36 51.08 27.16 -14.96
CA PRO H 36 50.32 26.19 -15.76
C PRO H 36 49.19 25.50 -15.01
N ARG H 37 49.35 25.24 -13.70
CA ARG H 37 48.26 24.62 -12.95
C ARG H 37 47.03 25.52 -12.93
N TYR H 38 47.22 26.82 -12.68
CA TYR H 38 46.11 27.75 -12.73
C TYR H 38 45.49 27.80 -14.12
N GLU H 39 46.33 27.77 -15.16
CA GLU H 39 45.81 27.80 -16.52
C GLU H 39 44.93 26.59 -16.79
N ARG H 40 45.38 25.39 -16.39
CA ARG H 40 44.58 24.19 -16.60
C ARG H 40 43.29 24.23 -15.80
N LEU H 41 43.36 24.71 -14.56
CA LEU H 41 42.16 24.76 -13.73
C LEU H 41 41.12 25.70 -14.32
N MET H 42 41.55 26.85 -14.85
CA MET H 42 40.60 27.75 -15.49
C MET H 42 40.06 27.17 -16.79
N LYS H 43 40.92 26.53 -17.59
CA LYS H 43 40.47 25.99 -18.87
C LYS H 43 39.45 24.88 -18.66
N MET H 44 39.61 24.09 -17.60
CA MET H 44 38.64 23.03 -17.33
C MET H 44 37.27 23.61 -17.01
N TYR H 45 37.23 24.71 -16.24
CA TYR H 45 35.94 25.31 -15.88
C TYR H 45 35.30 26.00 -17.08
N LYS H 46 36.09 26.73 -17.87
CA LYS H 46 35.53 27.57 -18.91
C LYS H 46 34.74 26.80 -19.96
N GLY H 47 35.00 25.50 -20.12
CA GLY H 47 34.24 24.71 -21.07
C GLY H 47 35.10 23.77 -21.91
N ASP H 48 36.33 24.18 -22.20
CA ASP H 48 37.24 23.32 -22.94
C ASP H 48 37.61 22.10 -22.11
N ALA H 49 37.83 20.98 -22.79
CA ALA H 49 38.13 19.72 -22.12
C ALA H 49 39.31 19.06 -22.80
N ALA H 50 39.86 18.04 -22.13
CA ALA H 50 41.01 17.33 -22.68
C ALA H 50 40.62 16.36 -23.77
N ILE H 51 39.32 16.05 -23.88
CA ILE H 51 38.87 15.11 -24.90
C ILE H 51 39.08 15.69 -26.30
N PHE H 52 38.99 17.02 -26.43
CA PHE H 52 39.12 17.65 -27.73
C PHE H 52 40.55 17.55 -28.27
N ALA H 53 41.52 17.28 -27.42
CA ALA H 53 42.93 17.26 -27.82
C ALA H 53 43.41 15.86 -28.20
N ARG H 54 42.53 14.87 -28.22
CA ARG H 54 42.94 13.51 -28.55
C ARG H 54 43.28 13.39 -30.04
N LYS H 55 44.13 12.42 -30.36
CA LYS H 55 44.56 12.22 -31.73
C LYS H 55 43.41 11.72 -32.60
N ALA H 56 43.43 12.12 -33.87
CA ALA H 56 42.36 11.77 -34.79
C ALA H 56 42.41 10.29 -35.15
N LYS H 57 41.26 9.79 -35.62
CA LYS H 57 41.10 8.40 -36.01
C LYS H 57 41.40 8.26 -37.51
N GLU H 58 41.09 7.11 -38.08
CA GLU H 58 41.28 6.87 -39.50
C GLU H 58 40.37 7.77 -40.31
N PRO H 59 40.70 8.00 -41.59
CA PRO H 59 39.96 9.02 -42.37
C PRO H 59 38.47 8.77 -42.49
N HIS H 60 38.04 7.52 -42.56
CA HIS H 60 36.64 7.22 -42.88
C HIS H 60 35.87 6.58 -41.74
N LYS H 61 36.48 6.40 -40.57
CA LYS H 61 35.73 5.90 -39.43
C LYS H 61 35.07 7.05 -38.68
N PRO H 62 33.91 6.81 -38.08
CA PRO H 62 33.23 7.89 -37.34
C PRO H 62 34.02 8.30 -36.10
N ASP H 63 33.91 9.59 -35.77
CA ASP H 63 34.60 10.14 -34.60
C ASP H 63 33.71 11.19 -33.97
N ASN H 64 33.24 10.94 -32.75
CA ASN H 64 32.37 11.85 -32.02
C ASN H 64 33.04 12.23 -30.72
N ARG H 65 32.99 13.52 -30.38
CA ARG H 65 33.60 14.05 -29.16
C ARG H 65 32.53 14.75 -28.35
N LEU H 66 32.22 14.21 -27.17
CA LEU H 66 31.21 14.76 -26.27
C LEU H 66 31.86 15.13 -24.95
N ASN H 67 31.50 16.30 -24.43
CA ASN H 67 32.02 16.79 -23.16
C ASN H 67 30.84 17.04 -22.21
N VAL H 68 30.92 16.47 -21.01
CA VAL H 68 29.94 16.71 -19.96
C VAL H 68 30.63 17.53 -18.88
N ASN H 69 30.12 18.74 -18.64
CA ASN H 69 30.78 19.71 -17.78
C ASN H 69 30.22 19.59 -16.37
N TYR H 70 31.02 19.04 -15.45
CA TYR H 70 30.64 18.96 -14.05
C TYR H 70 31.22 20.10 -13.21
N ALA H 71 32.38 20.64 -13.59
CA ALA H 71 33.03 21.67 -12.79
C ALA H 71 32.17 22.92 -12.70
N LYS H 72 31.60 23.36 -13.82
CA LYS H 72 30.74 24.54 -13.80
C LYS H 72 29.51 24.30 -12.93
N TYR H 73 28.89 23.12 -13.04
CA TYR H 73 27.74 22.81 -12.22
C TYR H 73 28.08 22.87 -10.74
N ILE H 74 29.18 22.22 -10.34
CA ILE H 74 29.56 22.20 -8.93
C ILE H 74 29.86 23.61 -8.43
N THR H 75 30.65 24.37 -9.18
CA THR H 75 31.04 25.70 -8.75
C THR H 75 29.83 26.61 -8.62
N ASP H 76 28.94 26.59 -9.61
CA ASP H 76 27.77 27.46 -9.57
C ASP H 76 26.83 27.06 -8.44
N THR H 77 26.63 25.75 -8.22
CA THR H 77 25.76 25.32 -7.14
C THR H 77 26.31 25.75 -5.78
N PHE H 78 27.61 25.57 -5.56
CA PHE H 78 28.18 25.95 -4.26
C PHE H 78 28.15 27.47 -4.08
N SER H 79 28.44 28.22 -5.15
CA SER H 79 28.41 29.68 -5.03
C SER H 79 27.00 30.18 -4.74
N GLY H 80 25.99 29.57 -5.36
CA GLY H 80 24.62 29.95 -5.05
C GLY H 80 24.22 29.58 -3.64
N PHE H 81 24.67 28.41 -3.16
CA PHE H 81 24.34 27.99 -1.81
C PHE H 81 24.94 28.93 -0.77
N PHE H 82 26.24 29.22 -0.89
CA PHE H 82 26.92 29.96 0.16
C PHE H 82 26.49 31.43 0.17
N ASN H 83 26.74 32.15 -0.93
CA ASN H 83 26.48 33.58 -1.00
C ASN H 83 25.17 33.91 -1.71
N GLY H 84 24.16 33.05 -1.58
CA GLY H 84 22.88 33.35 -2.20
C GLY H 84 22.20 34.56 -1.58
N ILE H 85 22.26 34.67 -0.26
CA ILE H 85 21.70 35.80 0.48
C ILE H 85 22.86 36.62 1.03
N PRO H 86 22.90 37.93 0.78
CA PRO H 86 24.03 38.74 1.25
C PRO H 86 24.14 38.70 2.77
N SER H 87 25.38 38.79 3.25
CA SER H 87 25.63 38.76 4.68
C SER H 87 25.14 40.04 5.35
N LYS H 88 24.91 39.95 6.66
CA LYS H 88 24.41 41.06 7.45
C LYS H 88 25.47 41.47 8.46
N LYS H 89 25.73 42.78 8.55
CA LYS H 89 26.73 43.33 9.45
C LYS H 89 26.08 44.43 10.28
N ASN H 90 26.22 44.35 11.59
CA ASN H 90 25.58 45.29 12.50
C ASN H 90 26.42 45.47 13.76
N HIS H 91 26.11 46.54 14.50
CA HIS H 91 26.80 46.85 15.73
C HIS H 91 25.88 47.66 16.64
N LYS H 92 26.35 47.90 17.86
CA LYS H 92 25.57 48.64 18.85
C LYS H 92 25.63 50.15 18.62
N ASN H 93 26.84 50.70 18.54
CA ASN H 93 27.01 52.13 18.32
C ASN H 93 26.41 52.53 16.97
N ASP H 94 25.74 53.67 16.94
CA ASP H 94 25.07 54.10 15.72
C ASP H 94 26.07 54.61 14.69
N VAL H 95 27.12 55.32 15.13
CA VAL H 95 28.03 55.95 14.18
C VAL H 95 28.79 54.91 13.37
N VAL H 96 29.34 53.89 14.04
CA VAL H 96 30.13 52.89 13.34
C VAL H 96 29.24 52.08 12.39
N SER H 97 28.03 51.73 12.84
CA SER H 97 27.11 50.99 11.98
C SER H 97 26.73 51.80 10.76
N ASP H 98 26.43 53.09 10.96
CA ASP H 98 26.09 53.96 9.82
C ASP H 98 27.24 54.06 8.85
N ALA H 99 28.47 54.24 9.35
CA ALA H 99 29.62 54.34 8.47
C ALA H 99 29.84 53.06 7.69
N ILE H 100 29.73 51.90 8.36
CA ILE H 100 29.94 50.63 7.69
C ILE H 100 28.89 50.40 6.61
N ASN H 101 27.63 50.69 6.94
CA ASN H 101 26.55 50.49 5.96
C ASN H 101 26.72 51.43 4.77
N ASN H 102 27.09 52.68 5.03
CA ASN H 102 27.30 53.62 3.93
C ASN H 102 28.45 53.17 3.04
N PHE H 103 29.55 52.70 3.65
CA PHE H 103 30.68 52.21 2.86
C PHE H 103 30.28 51.00 2.02
N ASP H 104 29.53 50.07 2.61
CA ASP H 104 29.09 48.89 1.87
C ASP H 104 28.20 49.27 0.70
N ASN H 105 27.27 50.19 0.93
CA ASN H 105 26.39 50.63 -0.15
C ASN H 105 27.16 51.33 -1.24
N GLU H 106 28.18 52.13 -0.88
CA GLU H 106 28.92 52.87 -1.87
C GLU H 106 29.83 51.97 -2.70
N GLN H 107 30.34 50.89 -2.10
CA GLN H 107 31.34 50.08 -2.77
C GLN H 107 30.81 48.73 -3.25
N ASP H 108 29.50 48.46 -3.11
CA ASP H 108 28.87 47.28 -3.70
C ASP H 108 29.53 45.98 -3.24
N MET H 109 29.40 45.69 -1.95
CA MET H 109 30.07 44.53 -1.37
C MET H 109 29.52 43.21 -1.90
N GLN H 110 28.27 43.18 -2.35
CA GLN H 110 27.66 41.91 -2.77
C GLN H 110 28.40 41.30 -3.96
N ASP H 111 28.59 42.09 -5.03
CA ASP H 111 29.27 41.57 -6.21
C ASP H 111 30.71 41.20 -5.91
N GLU H 112 31.41 42.02 -5.13
CA GLU H 112 32.79 41.73 -4.80
C GLU H 112 32.91 40.43 -4.01
N GLU H 113 32.04 40.24 -3.02
CA GLU H 113 32.08 39.02 -2.23
C GLU H 113 31.75 37.80 -3.09
N ALA H 114 30.75 37.92 -3.97
CA ALA H 114 30.41 36.79 -4.83
C ALA H 114 31.56 36.42 -5.75
N GLU H 115 32.21 37.42 -6.35
CA GLU H 115 33.33 37.15 -7.24
C GLU H 115 34.50 36.54 -6.48
N LEU H 116 34.77 37.04 -5.27
CA LEU H 116 35.85 36.47 -4.47
C LEU H 116 35.57 35.03 -4.11
N VAL H 117 34.32 34.71 -3.75
CA VAL H 117 33.96 33.32 -3.45
C VAL H 117 34.17 32.45 -4.68
N LYS H 118 33.73 32.91 -5.85
CA LYS H 118 33.90 32.11 -7.06
C LYS H 118 35.37 31.88 -7.38
N LEU H 119 36.19 32.94 -7.27
CA LEU H 119 37.62 32.78 -7.54
C LEU H 119 38.28 31.83 -6.55
N ALA H 120 37.91 31.92 -5.27
CA ALA H 120 38.46 31.00 -4.29
C ALA H 120 38.05 29.57 -4.59
N CYS H 121 36.82 29.35 -5.03
CA CYS H 121 36.37 28.01 -5.37
C CYS H 121 37.10 27.46 -6.58
N VAL H 122 37.36 28.29 -7.59
CA VAL H 122 37.93 27.78 -8.83
C VAL H 122 39.44 27.55 -8.68
N TYR H 123 40.20 28.61 -8.46
CA TYR H 123 41.66 28.49 -8.38
C TYR H 123 42.15 27.90 -7.06
N GLY H 124 41.54 28.26 -5.94
CA GLY H 124 42.02 27.81 -4.64
C GLY H 124 42.24 28.96 -3.68
N HIS H 125 42.70 30.09 -4.19
CA HIS H 125 42.90 31.29 -3.39
C HIS H 125 42.81 32.52 -4.29
N ALA H 126 42.43 33.64 -3.69
CA ALA H 126 42.25 34.88 -4.42
C ALA H 126 42.73 36.05 -3.57
N PHE H 127 43.04 37.16 -4.23
CA PHE H 127 43.58 38.35 -3.58
C PHE H 127 42.62 39.51 -3.73
N GLU H 128 42.73 40.47 -2.81
CA GLU H 128 41.92 41.68 -2.83
C GLU H 128 42.82 42.89 -2.61
N LEU H 129 42.60 43.94 -3.39
CA LEU H 129 43.42 45.14 -3.36
C LEU H 129 42.58 46.29 -2.84
N MET H 130 43.15 47.10 -1.95
CA MET H 130 42.48 48.27 -1.39
C MET H 130 43.35 49.50 -1.64
N TYR H 131 42.71 50.61 -2.00
CA TYR H 131 43.43 51.83 -2.36
C TYR H 131 42.54 53.04 -2.13
N GLN H 132 43.17 54.21 -2.12
CA GLN H 132 42.49 55.49 -1.95
C GLN H 132 42.40 56.20 -3.29
N ASP H 133 41.20 56.66 -3.65
CA ASP H 133 41.00 57.33 -4.93
C ASP H 133 41.36 58.82 -4.81
N GLU H 134 41.01 59.59 -5.84
CA GLU H 134 41.38 61.00 -5.86
C GLU H 134 40.51 61.85 -4.93
N GLU H 135 39.27 61.42 -4.69
CA GLU H 135 38.33 62.18 -3.89
C GLU H 135 38.28 61.72 -2.44
N THR H 136 39.40 61.21 -1.93
CA THR H 136 39.52 60.76 -0.54
C THR H 136 38.41 59.79 -0.15
N LYS H 137 38.36 58.66 -0.86
CA LYS H 137 37.42 57.59 -0.56
C LYS H 137 38.14 56.26 -0.69
N THR H 138 37.61 55.25 0.00
CA THR H 138 38.21 53.93 0.05
C THR H 138 37.55 53.01 -0.95
N ASN H 139 38.35 52.42 -1.82
CA ASN H 139 37.88 51.50 -2.86
C ASN H 139 38.56 50.15 -2.71
N VAL H 140 37.88 49.11 -3.19
CA VAL H 140 38.40 47.75 -3.15
C VAL H 140 38.23 47.12 -4.52
N LYS H 141 39.00 46.06 -4.76
CA LYS H 141 38.95 45.32 -6.01
C LYS H 141 39.43 43.90 -5.77
N HIS H 142 39.12 43.01 -6.72
CA HIS H 142 39.48 41.61 -6.65
C HIS H 142 40.36 41.24 -7.83
N ASN H 143 41.41 40.48 -7.58
CA ASN H 143 42.35 40.05 -8.60
C ASN H 143 42.49 38.53 -8.58
N SER H 144 42.77 37.97 -9.75
CA SER H 144 43.04 36.55 -9.88
C SER H 144 44.47 36.25 -9.45
N PRO H 145 44.74 35.03 -8.99
CA PRO H 145 46.09 34.68 -8.53
C PRO H 145 47.09 34.41 -9.64
N GLU H 146 46.76 34.72 -10.90
CA GLU H 146 47.73 34.53 -11.98
C GLU H 146 48.80 35.61 -11.99
N ASP H 147 48.46 36.82 -11.54
CA ASP H 147 49.36 37.95 -11.65
C ASP H 147 49.89 38.45 -10.30
N MET H 148 49.47 37.85 -9.19
CA MET H 148 49.87 38.32 -7.87
C MET H 148 50.30 37.16 -7.00
N PHE H 149 51.34 37.39 -6.20
CA PHE H 149 51.77 36.46 -5.17
C PHE H 149 52.20 37.24 -3.94
N ILE H 150 52.07 36.60 -2.77
CA ILE H 150 52.36 37.23 -1.49
C ILE H 150 53.39 36.37 -0.76
N VAL H 151 54.33 37.01 -0.09
CA VAL H 151 55.42 36.33 0.61
C VAL H 151 55.32 36.64 2.09
N TYR H 152 55.33 35.59 2.91
CA TYR H 152 55.29 35.73 4.36
C TYR H 152 56.71 35.72 4.93
N ASP H 153 56.82 36.10 6.20
CA ASP H 153 58.10 36.11 6.87
C ASP H 153 58.48 34.71 7.32
N ASP H 154 59.56 34.61 8.10
CA ASP H 154 60.10 33.33 8.54
C ASP H 154 59.69 32.98 9.97
N THR H 155 59.10 33.92 10.71
CA THR H 155 58.72 33.67 12.09
C THR H 155 57.60 32.65 12.16
N VAL H 156 57.35 32.15 13.38
CA VAL H 156 56.29 31.17 13.58
C VAL H 156 54.93 31.79 13.35
N SER H 157 54.76 33.06 13.74
CA SER H 157 53.47 33.72 13.58
C SER H 157 53.09 33.86 12.11
N GLN H 158 54.09 33.89 11.23
CA GLN H 158 53.88 33.94 9.78
C GLN H 158 53.05 35.14 9.37
N LYS H 159 53.57 36.35 9.62
CA LYS H 159 52.85 37.54 9.18
C LYS H 159 53.25 37.92 7.76
N PRO H 160 52.33 38.50 6.99
CA PRO H 160 52.69 38.91 5.62
C PRO H 160 53.79 39.96 5.61
N LEU H 161 54.64 39.90 4.58
CA LEU H 161 55.78 40.80 4.48
C LEU H 161 55.70 41.71 3.27
N PHE H 162 55.49 41.16 2.07
CA PHE H 162 55.34 41.98 0.88
C PHE H 162 54.61 41.19 -0.19
N ALA H 163 54.08 41.90 -1.18
CA ALA H 163 53.34 41.31 -2.29
C ALA H 163 53.74 41.99 -3.59
N VAL H 164 53.59 41.26 -4.69
CA VAL H 164 53.97 41.75 -6.01
C VAL H 164 52.83 41.57 -6.99
N ARG H 165 52.66 42.54 -7.87
CA ARG H 165 51.72 42.46 -8.99
C ARG H 165 52.44 42.97 -10.23
N TYR H 166 52.31 42.24 -11.34
CA TYR H 166 53.04 42.56 -12.56
C TYR H 166 52.18 42.25 -13.78
N GLY H 167 52.78 42.44 -14.95
CA GLY H 167 52.09 42.19 -16.21
C GLY H 167 52.72 42.93 -17.37
N LEU H 168 52.59 42.39 -18.58
CA LEU H 168 53.14 43.04 -19.76
C LEU H 168 52.33 44.27 -20.13
N ASP H 169 53.03 45.31 -20.59
CA ASP H 169 52.38 46.54 -21.03
C ASP H 169 51.95 46.38 -22.49
N ARG H 170 51.55 47.49 -23.12
CA ARG H 170 51.07 47.43 -24.50
C ARG H 170 52.20 47.15 -25.47
N GLU H 171 53.39 47.69 -25.20
CA GLU H 171 54.53 47.57 -26.11
C GLU H 171 55.40 46.35 -25.83
N GLY H 172 55.13 45.62 -24.76
CA GLY H 172 55.88 44.42 -24.45
C GLY H 172 56.96 44.56 -23.40
N GLU H 173 56.73 45.34 -22.35
CA GLU H 173 57.70 45.52 -21.27
C GLU H 173 57.02 45.30 -19.93
N LEU H 174 57.80 44.83 -18.95
CA LEU H 174 57.25 44.54 -17.64
C LEU H 174 56.89 45.83 -16.90
N CYS H 175 55.63 45.93 -16.48
CA CYS H 175 55.17 47.03 -15.64
C CYS H 175 54.47 46.44 -14.44
N GLY H 176 54.89 46.85 -13.24
CA GLY H 176 54.32 46.28 -12.03
C GLY H 176 54.50 47.18 -10.84
N THR H 177 53.86 46.80 -9.75
CA THR H 177 53.89 47.55 -8.51
C THR H 177 54.30 46.64 -7.36
N LEU H 178 55.13 47.16 -6.48
CA LEU H 178 55.60 46.44 -5.30
C LEU H 178 54.95 47.06 -4.07
N TYR H 179 54.29 46.22 -3.27
CA TYR H 179 53.61 46.68 -2.05
C TYR H 179 54.39 46.22 -0.82
N THR H 180 54.78 47.17 0.01
CA THR H 180 55.43 46.87 1.29
C THR H 180 54.62 47.51 2.40
N GLU H 181 55.02 47.22 3.64
CA GLU H 181 54.31 47.75 4.79
C GLU H 181 54.42 49.27 4.87
N ASP H 182 55.59 49.81 4.52
CA ASP H 182 55.84 51.24 4.69
C ASP H 182 55.70 52.01 3.38
N VAL H 183 56.25 51.49 2.29
CA VAL H 183 56.32 52.23 1.03
C VAL H 183 55.75 51.38 -0.10
N ASP H 184 55.39 52.05 -1.19
CA ASP H 184 54.93 51.40 -2.41
C ASP H 184 55.82 51.84 -3.56
N VAL H 185 56.32 50.88 -4.33
CA VAL H 185 57.30 51.14 -5.38
C VAL H 185 56.74 50.66 -6.71
N THR H 186 57.07 51.38 -7.78
CA THR H 186 56.67 51.04 -9.14
C THR H 186 57.84 50.41 -9.86
N LEU H 187 57.62 49.26 -10.47
CA LEU H 187 58.65 48.51 -11.19
C LEU H 187 58.52 48.80 -12.68
N ILE H 188 59.62 49.24 -13.29
CA ILE H 188 59.65 49.57 -14.72
C ILE H 188 60.89 48.94 -15.33
N GLY H 189 60.76 48.44 -16.54
CA GLY H 189 61.88 47.85 -17.26
C GLY H 189 61.71 47.97 -18.75
N LYS H 190 62.79 48.37 -19.43
CA LYS H 190 62.77 48.59 -20.87
C LYS H 190 63.65 47.61 -21.62
N ASN H 191 64.94 47.52 -21.27
CA ASN H 191 65.85 46.66 -22.02
C ASN H 191 65.69 45.20 -21.61
N GLY H 192 65.04 44.95 -20.47
CA GLY H 192 64.84 43.60 -20.01
C GLY H 192 65.02 43.47 -18.51
N THR H 193 65.82 44.36 -17.93
CA THR H 193 66.02 44.37 -16.49
C THR H 193 64.89 45.14 -15.81
N MET H 194 64.91 45.15 -14.48
CA MET H 194 63.91 45.83 -13.68
C MET H 194 64.61 46.82 -12.75
N ILE H 195 64.09 48.05 -12.72
CA ILE H 195 64.64 49.13 -11.90
C ILE H 195 63.51 49.79 -11.14
N PHE H 196 63.80 50.19 -9.89
CA PHE H 196 62.79 50.86 -9.09
C PHE H 196 62.57 52.28 -9.60
N GLY H 197 61.30 52.65 -9.77
CA GLY H 197 60.98 53.90 -10.42
C GLY H 197 60.53 55.04 -9.54
N GLU H 198 59.65 54.77 -8.58
CA GLU H 198 59.04 55.83 -7.78
C GLU H 198 58.50 55.22 -6.49
N GLU H 199 58.47 56.04 -5.44
CA GLU H 199 58.09 55.58 -4.11
C GLU H 199 57.06 56.51 -3.51
N SER H 200 56.01 55.93 -2.94
CA SER H 200 54.94 56.70 -2.32
C SER H 200 54.63 56.13 -0.95
N GLU H 201 54.32 57.01 -0.01
CA GLU H 201 54.05 56.61 1.36
C GLU H 201 52.73 55.83 1.44
N ASN H 202 52.66 54.91 2.39
CA ASN H 202 51.48 54.09 2.62
C ASN H 202 50.66 54.72 3.74
N VAL H 203 49.46 55.20 3.38
CA VAL H 203 48.58 55.78 4.40
C VAL H 203 48.10 54.71 5.36
N TYR H 204 47.89 53.49 4.87
CA TYR H 204 47.47 52.40 5.74
C TYR H 204 48.64 51.89 6.58
N ASN H 205 48.31 51.12 7.61
CA ASN H 205 49.28 50.60 8.55
C ASN H 205 49.77 49.20 8.22
N ASP H 206 49.18 48.54 7.22
CA ASP H 206 49.53 47.17 6.88
C ASP H 206 49.64 47.05 5.37
N LEU H 207 49.81 45.82 4.90
CA LEU H 207 49.83 45.55 3.47
C LEU H 207 48.45 45.76 2.86
N ALA H 208 48.42 46.31 1.65
CA ALA H 208 47.16 46.60 0.96
C ALA H 208 46.61 45.40 0.22
N VAL H 209 47.19 44.21 0.39
CA VAL H 209 46.75 43.00 -0.28
C VAL H 209 46.37 41.97 0.76
N THR H 210 45.17 41.41 0.62
CA THR H 210 44.67 40.39 1.53
C THR H 210 44.40 39.11 0.75
N GLU H 211 44.69 37.98 1.38
CA GLU H 211 44.58 36.67 0.75
C GLU H 211 43.39 35.91 1.33
N PHE H 212 42.56 35.37 0.44
CA PHE H 212 41.44 34.51 0.83
C PHE H 212 41.79 33.09 0.40
N ILE H 213 41.59 32.13 1.31
CA ILE H 213 41.99 30.74 1.06
C ILE H 213 40.78 29.85 1.24
N PHE H 214 40.59 28.93 0.29
CA PHE H 214 39.56 27.91 0.44
C PHE H 214 39.93 26.90 1.53
N ASN H 215 41.17 26.43 1.52
CA ASN H 215 41.66 25.48 2.51
C ASN H 215 43.03 25.94 2.98
N GLU H 216 43.63 25.14 3.86
CA GLU H 216 45.01 25.39 4.27
C GLU H 216 46.03 24.85 3.28
N GLU H 217 45.61 23.95 2.38
CA GLU H 217 46.47 23.47 1.31
C GLU H 217 46.20 24.18 -0.01
N ARG H 218 45.23 25.09 -0.04
CA ARG H 218 44.91 25.89 -1.23
C ARG H 218 44.56 24.98 -2.42
N MET H 219 43.49 24.22 -2.25
CA MET H 219 43.01 23.28 -3.25
C MET H 219 41.62 23.69 -3.71
N GLY H 220 41.32 23.43 -4.98
CA GLY H 220 40.02 23.70 -5.53
C GLY H 220 38.98 22.69 -5.11
N ILE H 221 37.73 22.95 -5.48
CA ILE H 221 36.65 22.04 -5.13
C ILE H 221 36.78 20.73 -5.91
N TYR H 222 37.02 20.82 -7.22
CA TYR H 222 37.01 19.66 -8.11
C TYR H 222 38.41 19.23 -8.52
N GLU H 223 39.44 19.57 -7.76
CA GLU H 223 40.79 19.19 -8.14
C GLU H 223 41.02 17.69 -8.02
N THR H 224 40.28 17.01 -7.15
CA THR H 224 40.50 15.59 -6.90
C THR H 224 39.62 14.67 -7.73
N VAL H 225 38.78 15.22 -8.61
CA VAL H 225 37.85 14.41 -9.40
C VAL H 225 38.07 14.61 -10.91
N THR H 226 39.29 14.89 -11.33
CA THR H 226 39.56 15.09 -12.75
C THR H 226 39.55 13.77 -13.51
N ALA H 227 40.14 12.72 -12.94
CA ALA H 227 40.27 11.45 -13.64
C ALA H 227 38.90 10.84 -13.91
N LEU H 228 37.98 10.91 -12.94
CA LEU H 228 36.66 10.35 -13.14
C LEU H 228 35.92 11.07 -14.26
N ILE H 229 36.01 12.40 -14.30
CA ILE H 229 35.38 13.17 -15.36
C ILE H 229 35.94 12.78 -16.71
N ASP H 230 37.26 12.68 -16.82
CA ASP H 230 37.88 12.32 -18.09
C ASP H 230 37.44 10.93 -18.54
N SER H 231 37.42 9.98 -17.62
CA SER H 231 37.01 8.62 -17.97
C SER H 231 35.55 8.58 -18.39
N TYR H 232 34.68 9.33 -17.71
CA TYR H 232 33.28 9.37 -18.09
C TYR H 232 33.10 9.94 -19.50
N ASP H 233 33.82 11.03 -19.81
CA ASP H 233 33.73 11.59 -21.15
C ASP H 233 34.23 10.60 -22.20
N LYS H 234 35.35 9.93 -21.93
CA LYS H 234 35.88 8.96 -22.88
C LYS H 234 34.89 7.83 -23.12
N ALA H 235 34.29 7.30 -22.05
CA ALA H 235 33.36 6.18 -22.19
C ALA H 235 32.12 6.58 -22.97
N ILE H 236 31.55 7.76 -22.67
CA ILE H 236 30.34 8.16 -23.37
C ILE H 236 30.65 8.45 -24.84
N SER H 237 31.82 9.02 -25.13
CA SER H 237 32.20 9.22 -26.53
C SER H 237 32.38 7.91 -27.26
N GLU H 238 32.99 6.92 -26.60
CA GLU H 238 33.17 5.61 -27.23
C GLU H 238 31.83 4.95 -27.53
N LYS H 239 30.90 5.03 -26.58
CA LYS H 239 29.57 4.45 -26.83
C LYS H 239 28.87 5.16 -27.98
N THR H 240 28.95 6.49 -28.03
CA THR H 240 28.34 7.23 -29.12
C THR H 240 28.94 6.82 -30.47
N ASN H 241 30.26 6.63 -30.51
CA ASN H 241 30.89 6.13 -31.73
C ASN H 241 30.37 4.75 -32.10
N ASP H 242 30.23 3.86 -31.12
CA ASP H 242 29.82 2.49 -31.42
C ASP H 242 28.39 2.45 -31.94
N VAL H 243 27.53 3.36 -31.49
CA VAL H 243 26.13 3.33 -31.93
C VAL H 243 26.01 3.64 -33.42
N ASP H 244 26.91 4.47 -33.97
CA ASP H 244 26.70 5.03 -35.29
C ASP H 244 27.12 4.11 -36.43
N TYR H 245 28.06 3.18 -36.19
CA TYR H 245 28.68 2.47 -37.31
C TYR H 245 27.72 1.54 -38.02
N PHE H 246 26.96 0.73 -37.27
CA PHE H 246 26.19 -0.35 -37.86
C PHE H 246 24.71 0.00 -37.91
N SER H 247 24.00 -0.66 -38.82
CA SER H 247 22.56 -0.52 -38.95
C SER H 247 21.85 -1.43 -37.96
N ASP H 248 20.51 -1.43 -38.04
CA ASP H 248 19.72 -2.25 -37.13
C ASP H 248 19.59 -3.68 -37.66
N SER H 249 19.17 -3.83 -38.91
CA SER H 249 18.96 -5.14 -39.50
C SER H 249 19.43 -5.14 -40.94
N TYR H 250 19.77 -6.33 -41.44
CA TYR H 250 20.26 -6.50 -42.80
C TYR H 250 19.53 -7.66 -43.46
N LEU H 251 19.55 -7.67 -44.79
CA LEU H 251 18.97 -8.75 -45.57
C LEU H 251 20.07 -9.48 -46.32
N LYS H 252 20.05 -10.80 -46.24
CA LYS H 252 21.09 -11.65 -46.82
C LYS H 252 20.49 -12.49 -47.94
N VAL H 253 21.05 -12.37 -49.14
CA VAL H 253 20.65 -13.18 -50.29
C VAL H 253 21.90 -13.85 -50.84
N VAL H 254 21.94 -15.18 -50.78
CA VAL H 254 23.09 -15.96 -51.21
C VAL H 254 22.62 -17.01 -52.22
N GLY H 255 23.27 -17.04 -53.38
CA GLY H 255 22.95 -18.00 -54.41
C GLY H 255 22.09 -17.48 -55.54
N ALA H 256 21.58 -16.25 -55.44
CA ALA H 256 20.74 -15.68 -56.48
C ALA H 256 21.22 -14.27 -56.78
N MET H 257 20.98 -13.84 -58.02
CA MET H 257 21.41 -12.53 -58.50
C MET H 257 20.30 -11.51 -58.25
N LEU H 258 20.65 -10.40 -57.61
CA LEU H 258 19.72 -9.32 -57.33
C LEU H 258 20.27 -8.02 -57.90
N SER H 259 19.42 -7.29 -58.61
CA SER H 259 19.81 -6.07 -59.30
C SER H 259 19.31 -4.85 -58.55
N PRO H 260 20.00 -3.71 -58.68
CA PRO H 260 19.55 -2.50 -57.99
C PRO H 260 18.15 -2.04 -58.40
N GLU H 261 17.74 -2.33 -59.64
CA GLU H 261 16.43 -1.90 -60.10
C GLU H 261 15.31 -2.60 -59.32
N MET H 262 15.52 -3.85 -58.93
CA MET H 262 14.51 -4.58 -58.20
C MET H 262 14.27 -3.99 -56.81
N ILE H 263 15.34 -3.54 -56.15
CA ILE H 263 15.24 -3.05 -54.78
C ILE H 263 14.92 -1.56 -54.76
N GLU H 264 14.57 -1.01 -55.93
CA GLU H 264 14.18 0.39 -55.99
C GLU H 264 12.94 0.66 -55.14
N LYS H 265 11.96 -0.24 -55.22
CA LYS H 265 10.76 -0.16 -54.39
C LYS H 265 10.68 -1.43 -53.54
N ILE H 266 11.34 -1.40 -52.37
CA ILE H 266 11.34 -2.58 -51.51
C ILE H 266 10.31 -2.42 -50.39
N ARG H 267 9.91 -1.19 -50.09
CA ARG H 267 8.91 -0.96 -49.05
C ARG H 267 7.52 -1.35 -49.53
N ASP H 268 7.25 -1.21 -50.82
CA ASP H 268 5.93 -1.41 -51.37
C ASP H 268 5.69 -2.83 -51.86
N THR H 269 6.73 -3.65 -51.98
CA THR H 269 6.61 -5.02 -52.47
C THR H 269 6.96 -5.97 -51.34
N ARG H 270 6.04 -6.89 -51.02
CA ARG H 270 6.19 -7.76 -49.86
C ARG H 270 6.17 -9.24 -50.23
N VAL H 271 6.47 -9.59 -51.49
CA VAL H 271 6.53 -10.98 -51.93
C VAL H 271 7.86 -11.20 -52.63
N ILE H 272 8.60 -12.21 -52.18
CA ILE H 272 9.88 -12.58 -52.75
C ILE H 272 9.73 -13.95 -53.40
N ASN H 273 10.13 -14.06 -54.66
CA ASN H 273 9.92 -15.29 -55.42
C ASN H 273 11.21 -15.69 -56.13
N VAL H 274 11.55 -16.97 -56.05
CA VAL H 274 12.68 -17.54 -56.79
C VAL H 274 12.16 -18.68 -57.66
N PRO H 275 11.89 -18.45 -58.94
CA PRO H 275 11.21 -19.49 -59.73
C PRO H 275 12.10 -20.68 -60.07
N GLU H 276 13.35 -20.44 -60.48
CA GLU H 276 14.23 -21.52 -60.91
C GLU H 276 15.55 -21.44 -60.15
N PRO H 277 15.68 -22.14 -59.02
CA PRO H 277 16.93 -22.09 -58.26
C PRO H 277 18.02 -22.91 -58.95
N PRO H 278 19.29 -22.55 -58.73
CA PRO H 278 20.38 -23.34 -59.32
C PRO H 278 20.41 -24.75 -58.74
N HIS H 279 20.82 -25.71 -59.58
CA HIS H 279 20.80 -27.11 -59.17
C HIS H 279 21.95 -27.43 -58.22
N ASP H 280 23.15 -26.93 -58.51
CA ASP H 280 24.34 -27.39 -57.81
C ASP H 280 24.45 -26.78 -56.41
N VAL H 281 24.12 -25.50 -56.26
CA VAL H 281 24.30 -24.82 -54.99
C VAL H 281 22.95 -24.59 -54.32
N SER H 282 22.98 -24.16 -53.06
CA SER H 282 21.79 -23.97 -52.25
C SER H 282 21.50 -22.48 -52.11
N VAL H 283 20.22 -22.12 -52.10
CA VAL H 283 19.78 -20.75 -51.97
C VAL H 283 19.34 -20.51 -50.53
N ASP H 284 19.88 -19.47 -49.90
CA ASP H 284 19.56 -19.14 -48.52
C ASP H 284 19.18 -17.67 -48.44
N ILE H 285 18.05 -17.39 -47.79
CA ILE H 285 17.55 -16.03 -47.60
C ILE H 285 17.15 -15.86 -46.15
N GLY H 286 17.49 -14.73 -45.56
CA GLY H 286 17.14 -14.48 -44.17
C GLY H 286 17.55 -13.09 -43.75
N PHE H 287 17.20 -12.76 -42.51
CA PHE H 287 17.50 -11.47 -41.91
C PHE H 287 18.63 -11.62 -40.90
N LEU H 288 19.55 -10.65 -40.91
CA LEU H 288 20.60 -10.55 -39.90
C LEU H 288 20.29 -9.37 -39.00
N ASP H 289 20.38 -9.57 -37.69
CA ASP H 289 20.06 -8.54 -36.71
C ASP H 289 21.32 -8.12 -35.97
N LYS H 290 21.37 -6.85 -35.58
CA LYS H 290 22.49 -6.36 -34.79
C LYS H 290 22.25 -6.66 -33.31
N PRO H 291 23.19 -7.31 -32.63
CA PRO H 291 22.97 -7.64 -31.22
C PRO H 291 23.05 -6.38 -30.35
N ASP H 292 22.03 -6.19 -29.52
CA ASP H 292 21.94 -5.04 -28.62
C ASP H 292 21.82 -5.55 -27.18
N SER H 293 22.96 -5.74 -26.54
CA SER H 293 23.02 -6.21 -25.15
C SER H 293 24.23 -5.57 -24.50
N ASP H 294 23.99 -4.55 -23.67
CA ASP H 294 25.04 -3.83 -22.96
C ASP H 294 24.65 -3.74 -21.48
N SER H 295 25.49 -4.29 -20.62
CA SER H 295 25.24 -4.24 -19.18
C SER H 295 26.45 -3.77 -18.39
N GLN H 296 27.66 -4.00 -18.90
CA GLN H 296 28.85 -3.59 -18.17
C GLN H 296 29.05 -2.07 -18.24
N THR H 297 28.85 -1.50 -19.43
CA THR H 297 29.05 -0.07 -19.60
C THR H 297 28.08 0.74 -18.73
N GLU H 298 26.82 0.31 -18.65
CA GLU H 298 25.85 1.03 -17.85
C GLU H 298 26.24 1.02 -16.37
N ASN H 299 26.66 -0.13 -15.85
CA ASN H 299 27.07 -0.20 -14.45
C ASN H 299 28.30 0.66 -14.19
N LEU H 300 29.29 0.61 -15.09
CA LEU H 300 30.48 1.43 -14.90
C LEU H 300 30.13 2.92 -14.89
N LEU H 301 29.29 3.35 -15.83
CA LEU H 301 28.91 4.76 -15.91
C LEU H 301 28.14 5.18 -14.66
N ASP H 302 27.23 4.31 -14.18
CA ASP H 302 26.49 4.64 -12.98
C ASP H 302 27.40 4.80 -11.77
N ARG H 303 28.36 3.88 -11.60
CA ARG H 303 29.29 4.00 -10.47
C ARG H 303 30.11 5.28 -10.56
N ILE H 304 30.62 5.59 -11.75
CA ILE H 304 31.44 6.80 -11.91
C ILE H 304 30.61 8.04 -11.62
N ASP H 305 29.38 8.09 -12.14
CA ASP H 305 28.53 9.25 -11.93
C ASP H 305 28.19 9.44 -10.46
N LYS H 306 27.90 8.34 -9.75
CA LYS H 306 27.63 8.47 -8.31
C LYS H 306 28.86 8.95 -7.55
N HIS H 307 30.04 8.40 -7.90
CA HIS H 307 31.25 8.77 -7.17
C HIS H 307 31.61 10.24 -7.39
N ILE H 308 31.41 10.75 -8.61
CA ILE H 308 31.76 12.15 -8.87
C ILE H 308 30.99 13.08 -7.94
N TYR H 309 29.70 12.83 -7.76
CA TYR H 309 28.91 13.69 -6.90
C TYR H 309 29.22 13.45 -5.42
N GLN H 310 29.43 12.20 -5.04
CA GLN H 310 29.65 11.89 -3.62
C GLN H 310 30.98 12.45 -3.13
N ILE H 311 32.06 12.22 -3.88
CA ILE H 311 33.39 12.63 -3.42
C ILE H 311 33.51 14.15 -3.36
N ALA H 312 32.86 14.86 -4.28
CA ALA H 312 32.97 16.32 -4.33
C ALA H 312 32.19 17.02 -3.24
N MET H 313 31.48 16.27 -2.39
CA MET H 313 30.69 16.83 -1.28
C MET H 313 29.67 17.85 -1.78
N VAL H 314 29.03 17.54 -2.90
CA VAL H 314 27.95 18.37 -3.44
C VAL H 314 26.79 17.44 -3.80
N ALA H 315 25.60 17.84 -3.40
CA ALA H 315 24.42 17.01 -3.53
C ALA H 315 23.79 17.20 -4.90
N ASN H 316 23.29 16.11 -5.47
CA ASN H 316 22.59 16.13 -6.75
C ASN H 316 21.10 16.33 -6.46
N ILE H 317 20.67 17.58 -6.39
CA ILE H 317 19.31 17.89 -6.00
C ILE H 317 18.29 17.37 -7.01
N SER H 318 18.52 17.58 -8.31
CA SER H 318 17.55 17.27 -9.34
C SER H 318 17.46 15.79 -9.69
N ASP H 319 18.17 14.93 -8.96
CA ASP H 319 18.14 13.51 -9.24
C ASP H 319 16.75 12.92 -8.95
N GLU H 320 16.35 11.95 -9.76
CA GLU H 320 15.03 11.32 -9.58
C GLU H 320 14.99 10.43 -8.34
N SER H 321 16.12 9.89 -7.90
CA SER H 321 16.18 9.07 -6.71
C SER H 321 16.44 9.90 -5.45
N PHE H 322 16.35 11.22 -5.55
CA PHE H 322 16.54 12.08 -4.39
C PHE H 322 15.39 11.89 -3.40
N GLY H 323 15.54 12.46 -2.21
CA GLY H 323 14.57 12.29 -1.14
C GLY H 323 13.14 12.60 -1.56
N SER H 324 12.21 11.71 -1.21
CA SER H 324 10.83 11.82 -1.65
C SER H 324 9.89 11.73 -0.45
N SER H 325 8.96 12.69 -0.37
CA SER H 325 7.86 12.65 0.60
C SER H 325 8.37 12.52 2.04
N SER H 326 9.12 13.53 2.49
CA SER H 326 9.63 13.54 3.85
C SER H 326 10.01 14.97 4.21
N GLY H 327 9.91 15.29 5.50
CA GLY H 327 10.27 16.62 5.96
C GLY H 327 11.74 16.73 6.33
N VAL H 328 12.20 15.87 7.23
CA VAL H 328 13.57 15.99 7.74
C VAL H 328 14.54 15.18 6.89
N ALA H 329 14.05 14.09 6.27
CA ALA H 329 14.93 13.26 5.46
C ALA H 329 15.48 14.02 4.26
N LEU H 330 14.73 15.01 3.77
CA LEU H 330 15.23 15.87 2.70
C LEU H 330 16.35 16.79 3.21
N ALA H 331 16.23 17.25 4.45
CA ALA H 331 17.23 18.16 5.01
C ALA H 331 18.54 17.43 5.31
N TYR H 332 18.46 16.12 5.54
CA TYR H 332 19.67 15.35 5.85
C TYR H 332 20.61 15.29 4.65
N LYS H 333 20.05 15.14 3.45
CA LYS H 333 20.88 14.91 2.26
C LYS H 333 21.74 16.12 1.93
N LEU H 334 21.40 17.29 2.46
CA LEU H 334 22.15 18.51 2.21
C LEU H 334 23.21 18.78 3.27
N GLN H 335 23.40 17.87 4.22
CA GLN H 335 24.32 18.12 5.32
C GLN H 335 25.78 18.29 4.89
N PRO H 336 26.36 17.45 4.02
CA PRO H 336 27.78 17.68 3.65
C PRO H 336 28.05 19.04 3.04
N MET H 337 27.12 19.56 2.24
CA MET H 337 27.29 20.90 1.68
C MET H 337 27.30 21.94 2.78
N SER H 338 26.43 21.76 3.79
CA SER H 338 26.44 22.67 4.94
C SER H 338 27.77 22.59 5.69
N ASN H 339 28.31 21.38 5.83
CA ASN H 339 29.61 21.23 6.51
C ASN H 339 30.71 21.96 5.74
N LEU H 340 30.73 21.81 4.42
CA LEU H 340 31.73 22.51 3.61
C LEU H 340 31.57 24.02 3.71
N ALA H 341 30.34 24.50 3.68
CA ALA H 341 30.09 25.94 3.81
C ALA H 341 30.55 26.45 5.16
N ALA H 342 30.28 25.69 6.23
CA ALA H 342 30.74 26.08 7.56
C ALA H 342 32.27 26.11 7.62
N ALA H 343 32.92 25.15 6.98
CA ALA H 343 34.38 25.13 6.96
C ALA H 343 34.94 26.37 6.25
N PHE H 344 34.33 26.76 5.13
CA PHE H 344 34.83 27.94 4.40
C PHE H 344 34.50 29.24 5.13
N GLU H 345 33.39 29.26 5.87
CA GLU H 345 32.99 30.47 6.58
C GLU H 345 34.03 30.86 7.62
N ARG H 346 34.74 29.89 8.19
CA ARG H 346 35.73 30.18 9.20
C ARG H 346 36.84 31.08 8.65
N LYS H 347 37.31 30.80 7.44
CA LYS H 347 38.30 31.66 6.82
C LYS H 347 37.68 32.96 6.33
N PHE H 348 36.48 32.89 5.76
CA PHE H 348 35.87 34.09 5.19
C PHE H 348 35.61 35.15 6.26
N GLN H 349 35.12 34.74 7.43
CA GLN H 349 34.81 35.69 8.49
C GLN H 349 36.08 36.37 8.99
N ALA H 350 37.16 35.61 9.17
CA ALA H 350 38.42 36.19 9.61
C ALA H 350 38.95 37.18 8.58
N ALA H 351 38.86 36.85 7.30
CA ALA H 351 39.30 37.78 6.26
C ALA H 351 38.48 39.06 6.28
N LEU H 352 37.15 38.95 6.43
CA LEU H 352 36.31 40.15 6.49
C LEU H 352 36.64 40.98 7.72
N THR H 353 36.92 40.33 8.85
CA THR H 353 37.30 41.04 10.06
C THR H 353 38.61 41.80 9.84
N GLN H 354 39.57 41.18 9.16
CA GLN H 354 40.82 41.88 8.83
C GLN H 354 40.55 43.10 7.96
N ARG H 355 39.68 42.94 6.94
CA ARG H 355 39.38 44.08 6.07
C ARG H 355 38.75 45.22 6.86
N TYR H 356 37.80 44.93 7.74
CA TYR H 356 37.12 46.00 8.46
C TYR H 356 38.02 46.59 9.54
N LYS H 357 38.96 45.81 10.07
CA LYS H 357 40.00 46.38 10.92
C LYS H 357 40.84 47.39 10.15
N MET H 358 41.18 47.06 8.91
CA MET H 358 41.96 47.98 8.08
C MET H 358 41.16 49.23 7.73
N PHE H 359 39.83 49.09 7.59
CA PHE H 359 39.03 50.18 7.05
C PHE H 359 39.03 51.41 7.95
N MET H 360 38.83 51.22 9.26
CA MET H 360 38.64 52.38 10.13
C MET H 360 39.95 52.94 10.65
N SER H 361 41.09 52.45 10.14
CA SER H 361 42.38 52.98 10.57
C SER H 361 42.51 54.46 10.23
N LEU H 362 42.05 54.86 9.04
CA LEU H 362 42.15 56.25 8.63
C LEU H 362 41.26 57.13 9.49
N LEU H 363 41.71 58.36 9.72
CA LEU H 363 40.95 59.30 10.54
C LEU H 363 39.75 59.86 9.77
N THR H 364 39.80 59.81 8.44
CA THR H 364 38.70 60.34 7.63
C THR H 364 37.42 59.54 7.84
N ASN H 365 37.54 58.21 7.92
CA ASN H 365 36.35 57.38 8.05
C ASN H 365 35.65 57.61 9.39
N VAL H 366 36.39 57.54 10.49
CA VAL H 366 35.82 57.68 11.83
C VAL H 366 36.81 58.42 12.71
N SER H 367 36.33 58.85 13.88
CA SER H 367 37.18 59.56 14.82
C SER H 367 38.20 58.61 15.44
N ALA H 368 39.27 59.20 16.01
CA ALA H 368 40.34 58.40 16.58
C ALA H 368 39.86 57.61 17.80
N ASN H 369 38.80 58.07 18.45
CA ASN H 369 38.30 57.39 19.64
C ASN H 369 37.78 56.00 19.31
N LEU H 370 37.09 55.85 18.18
CA LEU H 370 36.42 54.62 17.81
C LEU H 370 37.27 53.69 16.96
N SER H 371 38.57 53.98 16.79
CA SER H 371 39.40 53.19 15.90
C SER H 371 39.51 51.74 16.37
N ASN H 372 39.64 51.51 17.67
CA ASN H 372 39.89 50.19 18.22
C ASN H 372 38.62 49.41 18.51
N GLU H 373 37.52 49.72 17.82
CA GLU H 373 36.22 49.12 18.09
C GLU H 373 35.86 48.02 17.10
N TRP H 374 36.83 47.57 16.27
CA TRP H 374 36.52 46.55 15.27
C TRP H 374 36.15 45.22 15.91
N ARG H 375 36.50 45.02 17.18
CA ARG H 375 36.19 43.76 17.85
C ARG H 375 34.69 43.54 18.04
N GLY H 376 33.89 44.59 17.93
CA GLY H 376 32.47 44.46 18.25
C GLY H 376 31.62 44.07 17.05
N ILE H 377 32.20 44.09 15.85
CA ILE H 377 31.43 43.79 14.65
C ILE H 377 30.96 42.35 14.67
N GLU H 378 29.69 42.14 14.33
CA GLU H 378 29.07 40.82 14.33
C GLU H 378 28.57 40.50 12.93
N PHE H 379 28.87 39.29 12.47
CA PHE H 379 28.50 38.84 11.13
C PHE H 379 27.47 37.72 11.23
N ARG H 380 26.48 37.76 10.34
CA ARG H 380 25.47 36.70 10.24
C ARG H 380 25.45 36.17 8.81
N PHE H 381 25.48 34.85 8.67
CA PHE H 381 25.45 34.20 7.36
C PHE H 381 24.23 33.29 7.30
N THR H 382 23.53 33.33 6.17
CA THR H 382 22.33 32.53 5.96
C THR H 382 22.47 31.75 4.66
N ARG H 383 22.21 30.44 4.73
CA ARG H 383 22.26 29.60 3.54
C ARG H 383 20.96 29.72 2.74
N ASN H 384 21.07 29.43 1.44
CA ASN H 384 19.93 29.55 0.53
C ASN H 384 19.22 28.20 0.46
N ILE H 385 18.15 28.05 1.23
CA ILE H 385 17.35 26.83 1.24
C ILE H 385 15.89 27.23 1.16
N PRO H 386 15.02 26.32 0.68
CA PRO H 386 13.59 26.63 0.68
C PRO H 386 13.08 26.91 2.08
N LYS H 387 12.18 27.90 2.18
CA LYS H 387 11.70 28.37 3.47
C LYS H 387 10.18 28.42 3.46
N ASN H 388 9.58 28.19 4.63
CA ASN H 388 8.13 28.27 4.81
C ASN H 388 7.82 29.50 5.65
N VAL H 389 7.03 30.41 5.09
CA VAL H 389 6.77 31.68 5.76
C VAL H 389 5.88 31.48 6.99
N LEU H 390 4.89 30.60 6.87
CA LEU H 390 3.94 30.40 7.97
C LEU H 390 4.62 29.88 9.22
N GLU H 391 5.54 28.93 9.06
CA GLU H 391 6.26 28.39 10.20
C GLU H 391 7.10 29.46 10.89
N GLU H 392 7.75 30.31 10.09
CA GLU H 392 8.53 31.40 10.67
C GLU H 392 7.64 32.39 11.41
N ALA H 393 6.46 32.70 10.86
CA ALA H 393 5.54 33.60 11.52
C ALA H 393 5.07 33.03 12.85
N GLN H 394 4.72 31.74 12.87
CA GLN H 394 4.29 31.11 14.11
C GLN H 394 5.43 31.08 15.12
N THR H 395 6.65 30.81 14.67
CA THR H 395 7.80 30.83 15.57
C THR H 395 8.00 32.21 16.17
N ALA H 396 7.88 33.27 15.36
CA ALA H 396 8.02 34.63 15.87
C ALA H 396 6.93 34.93 16.89
N VAL H 397 5.69 34.52 16.61
CA VAL H 397 4.60 34.75 17.55
C VAL H 397 4.88 34.07 18.89
N GLN H 398 5.37 32.83 18.84
CA GLN H 398 5.66 32.12 20.08
C GLN H 398 6.84 32.74 20.81
N LEU H 399 7.86 33.21 20.07
CA LEU H 399 9.05 33.76 20.72
C LEU H 399 8.79 35.15 21.29
N ALA H 400 7.78 35.84 20.78
CA ALA H 400 7.48 37.18 21.29
C ALA H 400 7.12 37.16 22.77
N THR H 401 6.74 36.00 23.30
CA THR H 401 6.34 35.92 24.71
C THR H 401 7.53 35.99 25.64
N ILE H 402 8.64 35.34 25.29
CA ILE H 402 9.74 35.13 26.21
C ILE H 402 11.04 35.78 25.73
N ALA H 403 11.03 36.39 24.54
CA ALA H 403 12.25 36.95 23.97
C ALA H 403 12.02 38.43 23.66
N SER H 404 13.13 39.13 23.41
CA SER H 404 13.08 40.55 23.14
C SER H 404 12.56 40.82 21.72
N GLN H 405 12.33 42.10 21.43
CA GLN H 405 11.78 42.47 20.13
C GLN H 405 12.79 42.23 19.01
N GLU H 406 14.08 42.51 19.27
CA GLU H 406 15.09 42.32 18.24
C GLU H 406 15.22 40.86 17.84
N THR H 407 15.28 39.97 18.83
CA THR H 407 15.36 38.54 18.54
C THR H 407 14.12 38.05 17.81
N THR H 408 12.95 38.52 18.23
CA THR H 408 11.71 38.11 17.58
C THR H 408 11.67 38.55 16.12
N LEU H 409 12.12 39.78 15.84
CA LEU H 409 12.11 40.26 14.46
C LEU H 409 13.25 39.67 13.65
N SER H 410 14.28 39.12 14.30
CA SER H 410 15.40 38.54 13.57
C SER H 410 14.97 37.27 12.82
N VAL H 411 14.08 36.48 13.41
CA VAL H 411 13.69 35.21 12.81
C VAL H 411 12.92 35.44 11.52
N LEU H 412 12.11 36.50 11.47
CA LEU H 412 11.27 36.76 10.30
C LEU H 412 12.14 37.05 9.08
N SER H 413 12.05 36.20 8.06
CA SER H 413 12.85 36.39 6.86
C SER H 413 12.30 37.51 6.01
N VAL H 414 11.03 37.85 6.18
CA VAL H 414 10.41 38.93 5.40
C VAL H 414 11.06 40.26 5.72
N VAL H 415 11.44 40.45 6.98
CA VAL H 415 12.04 41.71 7.43
C VAL H 415 13.44 41.86 6.84
N PRO H 416 13.68 42.91 6.06
CA PRO H 416 15.06 43.12 5.56
C PRO H 416 15.99 43.68 6.62
N ASP H 417 15.54 44.66 7.41
CA ASP H 417 16.35 45.28 8.45
C ASP H 417 15.52 45.43 9.70
N VAL H 418 16.05 44.98 10.84
CA VAL H 418 15.31 45.04 12.09
C VAL H 418 15.18 46.48 12.58
N ARG H 419 16.24 47.28 12.38
CA ARG H 419 16.23 48.65 12.90
C ARG H 419 15.16 49.49 12.22
N ALA H 420 15.02 49.36 10.90
CA ALA H 420 14.00 50.11 10.19
C ALA H 420 12.60 49.72 10.65
N GLU H 421 12.37 48.41 10.86
CA GLU H 421 11.07 47.97 11.33
C GLU H 421 10.76 48.48 12.73
N MET H 422 11.76 48.46 13.62
CA MET H 422 11.53 48.99 14.97
C MET H 422 11.25 50.49 14.92
N ASP H 423 11.97 51.22 14.05
CA ASP H 423 11.71 52.65 13.90
C ASP H 423 10.29 52.89 13.40
N ARG H 424 9.84 52.10 12.42
CA ARG H 424 8.49 52.27 11.91
C ARG H 424 7.44 51.94 12.97
N ILE H 425 7.67 50.89 13.75
CA ILE H 425 6.74 50.55 14.83
C ILE H 425 6.67 51.66 15.86
N HIS H 426 7.82 52.23 16.22
CA HIS H 426 7.83 53.33 17.17
C HIS H 426 7.12 54.55 16.59
N SER H 427 7.29 54.80 15.29
CA SER H 427 6.61 55.92 14.66
C SER H 427 5.09 55.71 14.68
N GLU H 428 4.64 54.47 14.46
CA GLU H 428 3.20 54.19 14.52
C GLU H 428 2.64 54.46 15.92
N ARG H 429 3.37 54.05 16.95
CA ARG H 429 2.93 54.27 18.33
C ARG H 429 4.14 54.40 19.26
N LEU I 4 54.43 -2.14 8.35
CA LEU I 4 55.30 -1.28 9.13
C LEU I 4 54.78 -1.08 10.54
N GLU I 5 54.81 0.17 11.00
CA GLU I 5 54.34 0.52 12.33
C GLU I 5 52.97 1.19 12.23
N ILE I 6 52.02 0.73 13.04
CA ILE I 6 50.66 1.23 13.03
C ILE I 6 50.33 2.07 14.25
N GLY I 7 51.33 2.49 15.02
CA GLY I 7 51.11 3.34 16.17
C GLY I 7 52.40 4.02 16.58
N PHE I 8 52.25 5.01 17.45
CA PHE I 8 53.38 5.78 17.95
C PHE I 8 53.52 5.57 19.45
N GLU I 9 54.74 5.29 19.90
CA GLU I 9 55.04 5.06 21.30
C GLU I 9 55.77 6.27 21.86
N VAL I 10 55.34 6.72 23.04
CA VAL I 10 55.89 7.95 23.61
C VAL I 10 57.30 7.70 24.13
N PHE I 11 58.15 8.71 24.01
CA PHE I 11 59.51 8.65 24.55
C PHE I 11 59.48 8.85 26.06
N THR I 12 60.33 8.11 26.76
CA THR I 12 60.44 8.22 28.21
C THR I 12 61.89 8.42 28.60
N PHE I 13 62.13 9.38 29.49
CA PHE I 13 63.47 9.71 29.95
C PHE I 13 63.46 9.92 31.45
N PRO I 14 64.48 9.42 32.15
CA PRO I 14 64.54 9.63 33.60
C PRO I 14 64.68 11.10 33.95
N ARG I 15 64.15 11.46 35.13
CA ARG I 15 64.00 12.87 35.48
C ARG I 15 65.33 13.50 35.87
N GLU I 16 66.16 12.78 36.63
CA GLU I 16 67.23 13.42 37.39
C GLU I 16 68.38 13.90 36.50
N GLU I 17 68.85 13.06 35.58
CA GLU I 17 70.09 13.37 34.88
C GLU I 17 69.91 14.54 33.92
N GLU I 18 71.03 15.20 33.61
CA GLU I 18 71.02 16.39 32.78
C GLU I 18 70.71 16.05 31.33
N ILE I 19 70.26 17.06 30.59
CA ILE I 19 69.89 16.91 29.18
C ILE I 19 71.10 17.34 28.34
N THR I 20 71.83 16.37 27.81
CA THR I 20 73.00 16.63 26.99
C THR I 20 72.65 16.55 25.51
N ILE I 21 73.60 16.97 24.67
CA ILE I 21 73.35 17.04 23.23
C ILE I 21 73.22 15.64 22.64
N GLU I 22 73.86 14.64 23.24
CA GLU I 22 73.78 13.28 22.72
C GLU I 22 72.37 12.72 22.84
N VAL I 23 71.68 13.01 23.94
CA VAL I 23 70.31 12.56 24.11
C VAL I 23 69.41 13.20 23.05
N ILE I 24 69.59 14.49 22.81
CA ILE I 24 68.80 15.19 21.80
C ILE I 24 69.05 14.60 20.42
N GLU I 25 70.32 14.32 20.11
CA GLU I 25 70.65 13.73 18.80
C GLU I 25 70.02 12.35 18.65
N GLU I 26 70.07 11.54 19.71
CA GLU I 26 69.45 10.21 19.65
C GLU I 26 67.95 10.31 19.41
N PHE I 27 67.28 11.22 20.11
CA PHE I 27 65.85 11.36 19.91
C PHE I 27 65.53 11.92 18.52
N MET I 28 66.38 12.79 18.00
CA MET I 28 66.20 13.27 16.64
C MET I 28 66.31 12.14 15.63
N SER I 29 67.27 11.24 15.83
CA SER I 29 67.38 10.06 14.96
C SER I 29 66.14 9.19 15.07
N LEU I 30 65.64 8.99 16.28
CA LEU I 30 64.43 8.18 16.47
C LEU I 30 63.24 8.80 15.73
N HIS I 31 63.10 10.13 15.80
CA HIS I 31 61.98 10.78 15.12
C HIS I 31 62.15 10.74 13.61
N SER I 32 63.38 10.87 13.13
CA SER I 32 63.63 10.76 11.69
C SER I 32 63.32 9.37 11.20
N LYS I 33 63.44 8.36 12.07
CA LYS I 33 63.01 7.02 11.72
C LYS I 33 61.49 6.96 11.52
N GLN I 34 60.74 7.67 12.36
CA GLN I 34 59.28 7.60 12.33
C GLN I 34 58.64 8.52 11.28
N GLN I 35 59.38 9.48 10.74
CA GLN I 35 58.80 10.42 9.78
C GLN I 35 58.10 9.78 8.58
N PRO I 36 58.59 8.70 7.96
CA PRO I 36 57.92 8.18 6.75
C PRO I 36 56.45 7.85 6.94
N ARG I 37 56.04 7.39 8.13
CA ARG I 37 54.62 7.12 8.36
C ARG I 37 53.80 8.39 8.23
N TYR I 38 54.27 9.49 8.82
CA TYR I 38 53.58 10.77 8.68
C TYR I 38 53.55 11.21 7.22
N GLU I 39 54.66 11.01 6.50
CA GLU I 39 54.68 11.38 5.09
C GLU I 39 53.62 10.61 4.30
N ARG I 40 53.53 9.31 4.52
CA ARG I 40 52.54 8.50 3.80
C ARG I 40 51.12 8.91 4.17
N LEU I 41 50.87 9.15 5.47
CA LEU I 41 49.52 9.51 5.89
C LEU I 41 49.09 10.85 5.28
N MET I 42 49.99 11.83 5.22
CA MET I 42 49.63 13.09 4.60
C MET I 42 49.46 12.95 3.09
N LYS I 43 50.33 12.17 2.44
CA LYS I 43 50.24 12.01 0.99
C LYS I 43 48.94 11.32 0.60
N MET I 44 48.46 10.38 1.41
CA MET I 44 47.20 9.72 1.12
C MET I 44 46.04 10.72 1.15
N TYR I 45 46.03 11.62 2.13
CA TYR I 45 44.96 12.60 2.24
C TYR I 45 45.02 13.63 1.11
N LYS I 46 46.23 14.11 0.79
CA LYS I 46 46.36 15.23 -0.13
C LYS I 46 45.80 14.96 -1.52
N GLY I 47 45.70 13.70 -1.92
CA GLY I 47 45.15 13.38 -3.22
C GLY I 47 45.91 12.32 -3.98
N ASP I 48 47.23 12.27 -3.78
CA ASP I 48 48.04 11.24 -4.41
C ASP I 48 47.70 9.87 -3.84
N ALA I 49 47.84 8.85 -4.69
CA ALA I 49 47.49 7.50 -4.30
C ALA I 49 48.59 6.54 -4.74
N ALA I 50 48.52 5.32 -4.23
CA ALA I 50 49.53 4.31 -4.57
C ALA I 50 49.28 3.69 -5.93
N ILE I 51 48.09 3.88 -6.48
CA ILE I 51 47.77 3.31 -7.79
C ILE I 51 48.65 3.91 -8.88
N PHE I 52 49.08 5.16 -8.69
CA PHE I 52 49.86 5.84 -9.71
C PHE I 52 51.28 5.27 -9.79
N ALA I 53 51.71 4.52 -8.78
CA ALA I 53 53.08 4.01 -8.71
C ALA I 53 53.24 2.61 -9.27
N ARG I 54 52.18 2.01 -9.80
CA ARG I 54 52.28 0.66 -10.33
C ARG I 54 53.06 0.65 -11.65
N LYS I 55 53.62 -0.51 -11.98
CA LYS I 55 54.46 -0.64 -13.16
C LYS I 55 53.62 -0.52 -14.43
N ALA I 56 54.19 0.12 -15.45
CA ALA I 56 53.48 0.33 -16.69
C ALA I 56 53.33 -0.97 -17.47
N LYS I 57 52.36 -0.98 -18.38
CA LYS I 57 52.03 -2.16 -19.15
C LYS I 57 52.84 -2.17 -20.44
N GLU I 58 52.55 -3.12 -21.33
CA GLU I 58 53.17 -3.16 -22.65
C GLU I 58 52.59 -2.06 -23.52
N PRO I 59 53.31 -1.64 -24.57
CA PRO I 59 53.04 -0.33 -25.17
C PRO I 59 51.62 -0.10 -25.69
N HIS I 60 50.97 -1.09 -26.30
CA HIS I 60 49.73 -0.82 -27.01
C HIS I 60 48.48 -1.32 -26.31
N LYS I 61 48.61 -1.91 -25.13
CA LYS I 61 47.40 -2.20 -24.39
C LYS I 61 46.97 -0.99 -23.57
N PRO I 62 45.66 -0.76 -23.44
CA PRO I 62 45.19 0.41 -22.70
C PRO I 62 45.53 0.31 -21.22
N ASP I 63 45.77 1.47 -20.62
CA ASP I 63 46.13 1.55 -19.20
C ASP I 63 45.42 2.76 -18.61
N ASN I 64 44.50 2.52 -17.69
CA ASN I 64 43.72 3.57 -17.04
C ASN I 64 43.97 3.53 -15.55
N ARG I 65 44.17 4.69 -14.94
CA ARG I 65 44.44 4.81 -13.52
C ARG I 65 43.42 5.75 -12.91
N LEU I 66 42.54 5.20 -12.07
CA LEU I 66 41.49 5.95 -11.40
C LEU I 66 41.69 5.89 -9.90
N ASN I 67 41.54 7.03 -9.23
CA ASN I 67 41.66 7.12 -7.78
C ASN I 67 40.36 7.65 -7.20
N VAL I 68 39.83 6.93 -6.22
CA VAL I 68 38.64 7.35 -5.48
C VAL I 68 39.09 7.71 -4.07
N ASN I 69 38.86 8.95 -3.68
CA ASN I 69 39.42 9.50 -2.45
C ASN I 69 38.37 9.39 -1.34
N TYR I 70 38.62 8.50 -0.38
CA TYR I 70 37.76 8.36 0.80
C TYR I 70 38.31 9.08 2.02
N ALA I 71 39.63 9.21 2.14
CA ALA I 71 40.21 9.82 3.32
C ALA I 71 39.79 11.28 3.47
N LYS I 72 39.82 12.04 2.37
CA LYS I 72 39.41 13.43 2.43
C LYS I 72 37.94 13.55 2.80
N TYR I 73 37.09 12.70 2.22
CA TYR I 73 35.67 12.72 2.55
C TYR I 73 35.44 12.44 4.03
N ILE I 74 36.07 11.41 4.57
CA ILE I 74 35.88 11.06 5.97
C ILE I 74 36.38 12.18 6.87
N THR I 75 37.58 12.70 6.60
CA THR I 75 38.14 13.74 7.45
C THR I 75 37.28 15.00 7.42
N ASP I 76 36.85 15.42 6.23
CA ASP I 76 36.03 16.62 6.13
C ASP I 76 34.68 16.43 6.82
N THR I 77 34.05 15.27 6.65
CA THR I 77 32.77 15.03 7.29
C THR I 77 32.90 15.06 8.81
N PHE I 78 33.94 14.40 9.36
CA PHE I 78 34.10 14.40 10.80
C PHE I 78 34.43 15.79 11.34
N SER I 79 35.27 16.53 10.62
CA SER I 79 35.62 17.88 11.06
C SER I 79 34.40 18.80 11.04
N GLY I 80 33.55 18.66 10.02
CA GLY I 80 32.33 19.44 9.99
C GLY I 80 31.36 19.06 11.09
N PHE I 81 31.27 17.77 11.39
CA PHE I 81 30.36 17.31 12.44
C PHE I 81 30.79 17.83 13.81
N PHE I 82 32.07 17.66 14.15
CA PHE I 82 32.52 17.97 15.50
C PHE I 82 32.56 19.47 15.74
N ASN I 83 33.37 20.20 14.97
CA ASN I 83 33.59 21.62 15.18
C ASN I 83 32.80 22.49 14.21
N GLY I 84 31.61 22.05 13.81
CA GLY I 84 30.80 22.87 12.93
C GLY I 84 30.33 24.17 13.60
N ILE I 85 29.94 24.07 14.86
CA ILE I 85 29.51 25.22 15.66
C ILE I 85 30.59 25.50 16.69
N PRO I 86 31.10 26.72 16.80
CA PRO I 86 32.14 27.01 17.79
C PRO I 86 31.68 26.74 19.21
N SER I 87 32.61 26.32 20.04
CA SER I 87 32.29 25.99 21.43
C SER I 87 31.95 27.25 22.22
N LYS I 88 31.22 27.06 23.30
CA LYS I 88 30.79 28.13 24.18
C LYS I 88 31.46 27.97 25.53
N LYS I 89 32.06 29.05 26.03
CA LYS I 89 32.78 29.05 27.30
C LYS I 89 32.27 30.22 28.13
N ASN I 90 31.88 29.94 29.38
CA ASN I 90 31.28 30.95 30.24
C ASN I 90 31.67 30.69 31.69
N HIS I 91 31.45 31.71 32.52
CA HIS I 91 31.80 31.63 33.94
C HIS I 91 30.82 32.50 34.72
N LYS I 92 30.91 32.40 36.05
CA LYS I 92 30.06 33.19 36.94
C LYS I 92 30.62 34.58 37.17
N ASN I 93 31.89 34.67 37.58
CA ASN I 93 32.51 35.96 37.80
C ASN I 93 32.59 36.75 36.50
N ASP I 94 32.30 38.05 36.58
CA ASP I 94 32.28 38.88 35.38
C ASP I 94 33.68 39.07 34.82
N VAL I 95 34.67 39.31 35.69
CA VAL I 95 36.01 39.64 35.22
C VAL I 95 36.64 38.48 34.47
N VAL I 96 36.53 37.27 35.03
CA VAL I 96 37.16 36.11 34.40
C VAL I 96 36.54 35.84 33.03
N SER I 97 35.21 35.85 32.96
CA SER I 97 34.52 35.60 31.70
C SER I 97 34.86 36.68 30.67
N ASP I 98 34.90 37.94 31.10
CA ASP I 98 35.24 39.02 30.19
C ASP I 98 36.66 38.86 29.64
N ALA I 99 37.61 38.53 30.52
CA ALA I 99 38.99 38.34 30.07
C ALA I 99 39.10 37.18 29.10
N ILE I 100 38.44 36.06 29.40
CA ILE I 100 38.50 34.88 28.52
C ILE I 100 37.90 35.21 27.16
N ASN I 101 36.74 35.87 27.15
CA ASN I 101 36.10 36.20 25.88
C ASN I 101 36.93 37.19 25.08
N ASN I 102 37.53 38.18 25.74
CA ASN I 102 38.39 39.12 25.03
C ASN I 102 39.60 38.42 24.43
N PHE I 103 40.21 37.51 25.18
CA PHE I 103 41.36 36.76 24.66
C PHE I 103 40.97 35.93 23.45
N ASP I 104 39.83 35.23 23.54
CA ASP I 104 39.38 34.41 22.41
C ASP I 104 39.08 35.27 21.19
N ASN I 105 38.43 36.41 21.40
CA ASN I 105 38.12 37.30 20.28
C ASN I 105 39.40 37.84 19.64
N GLU I 106 40.39 38.18 20.47
CA GLU I 106 41.62 38.74 19.93
C GLU I 106 42.44 37.70 19.17
N GLN I 107 42.40 36.44 19.60
CA GLN I 107 43.26 35.43 19.02
C GLN I 107 42.58 34.60 17.92
N ASP I 108 41.31 34.86 17.62
CA ASP I 108 40.59 34.14 16.56
C ASP I 108 40.68 32.63 16.77
N MET I 109 40.11 32.16 17.87
CA MET I 109 40.43 30.82 18.35
C MET I 109 39.70 29.73 17.57
N GLN I 110 38.64 30.09 16.83
CA GLN I 110 37.88 29.09 16.09
C GLN I 110 38.74 28.44 15.01
N ASP I 111 39.49 29.24 14.25
CA ASP I 111 40.37 28.68 13.22
C ASP I 111 41.44 27.78 13.83
N GLU I 112 42.02 28.21 14.95
CA GLU I 112 43.04 27.40 15.61
C GLU I 112 42.46 26.06 16.05
N GLU I 113 41.27 26.08 16.66
CA GLU I 113 40.65 24.83 17.10
C GLU I 113 40.34 23.93 15.91
N ALA I 114 39.82 24.49 14.81
CA ALA I 114 39.51 23.67 13.65
C ALA I 114 40.75 23.03 13.06
N GLU I 115 41.84 23.81 12.93
CA GLU I 115 43.07 23.27 12.37
C GLU I 115 43.66 22.20 13.28
N LEU I 116 43.59 22.41 14.60
CA LEU I 116 44.09 21.40 15.52
C LEU I 116 43.28 20.11 15.42
N VAL I 117 41.96 20.22 15.29
CA VAL I 117 41.13 19.02 15.14
C VAL I 117 41.49 18.30 13.85
N LYS I 118 41.66 19.04 12.75
CA LYS I 118 42.00 18.40 11.49
C LYS I 118 43.36 17.69 11.56
N LEU I 119 44.35 18.36 12.15
CA LEU I 119 45.67 17.74 12.29
C LEU I 119 45.62 16.50 13.16
N ALA I 120 44.84 16.55 14.25
CA ALA I 120 44.70 15.38 15.10
C ALA I 120 44.04 14.23 14.35
N CYS I 121 43.04 14.53 13.52
CA CYS I 121 42.37 13.49 12.75
C CYS I 121 43.31 12.88 11.70
N VAL I 122 44.13 13.69 11.05
CA VAL I 122 44.94 13.18 9.94
C VAL I 122 46.13 12.39 10.45
N TYR I 123 47.04 13.03 11.18
CA TYR I 123 48.25 12.38 11.67
C TYR I 123 48.02 11.49 12.88
N GLY I 124 47.18 11.91 13.82
CA GLY I 124 46.99 11.17 15.05
C GLY I 124 47.19 12.02 16.29
N HIS I 125 48.13 12.96 16.21
CA HIS I 125 48.38 13.89 17.31
C HIS I 125 48.99 15.17 16.76
N ALA I 126 48.79 16.26 17.48
CA ALA I 126 49.27 17.57 17.06
C ALA I 126 49.70 18.38 18.27
N PHE I 127 50.54 19.38 18.03
CA PHE I 127 51.11 20.21 19.08
C PHE I 127 50.63 21.65 18.95
N GLU I 128 50.58 22.34 20.07
CA GLU I 128 50.22 23.75 20.13
C GLU I 128 51.29 24.50 20.93
N LEU I 129 51.68 25.67 20.43
CA LEU I 129 52.75 26.46 21.03
C LEU I 129 52.20 27.79 21.50
N MET I 130 52.63 28.23 22.67
CA MET I 130 52.23 29.51 23.26
C MET I 130 53.47 30.35 23.50
N TYR I 131 53.37 31.65 23.22
CA TYR I 131 54.50 32.56 23.36
C TYR I 131 53.99 33.96 23.64
N GLN I 132 54.91 34.81 24.10
CA GLN I 132 54.62 36.21 24.41
C GLN I 132 55.24 37.10 23.34
N ASP I 133 54.44 38.00 22.79
CA ASP I 133 54.91 38.89 21.73
C ASP I 133 55.61 40.12 22.31
N GLU I 134 55.89 41.11 21.47
CA GLU I 134 56.63 42.29 21.90
C GLU I 134 55.76 43.23 22.73
N GLU I 135 54.45 43.23 22.50
CA GLU I 135 53.54 44.16 23.16
C GLU I 135 52.87 43.54 24.39
N THR I 136 53.52 42.56 25.01
CA THR I 136 53.03 41.91 26.23
C THR I 136 51.62 41.35 26.04
N LYS I 137 51.48 40.46 25.06
CA LYS I 137 50.23 39.78 24.80
C LYS I 137 50.50 38.30 24.57
N THR I 138 49.49 37.48 24.84
CA THR I 138 49.60 36.03 24.73
C THR I 138 49.07 35.57 23.38
N ASN I 139 49.89 34.81 22.66
CA ASN I 139 49.54 34.29 21.35
C ASN I 139 49.68 32.78 21.33
N VAL I 140 48.94 32.14 20.42
CA VAL I 140 48.96 30.70 20.26
C VAL I 140 49.16 30.37 18.79
N LYS I 141 49.67 29.16 18.54
CA LYS I 141 49.90 28.67 17.18
C LYS I 141 49.84 27.15 17.18
N HIS I 142 49.62 26.58 16.01
CA HIS I 142 49.51 25.14 15.84
C HIS I 142 50.58 24.64 14.88
N ASN I 143 51.22 23.53 15.23
CA ASN I 143 52.28 22.94 14.44
C ASN I 143 51.95 21.49 14.11
N SER I 144 52.51 21.03 13.00
CA SER I 144 52.38 19.63 12.59
C SER I 144 53.36 18.77 13.37
N PRO I 145 53.06 17.49 13.55
CA PRO I 145 53.96 16.60 14.30
C PRO I 145 55.19 16.14 13.53
N GLU I 146 55.48 16.71 12.36
CA GLU I 146 56.67 16.32 11.62
C GLU I 146 57.94 16.91 12.22
N ASP I 147 57.86 18.13 12.76
CA ASP I 147 59.04 18.85 13.22
C ASP I 147 59.15 18.93 14.73
N MET I 148 58.22 18.36 15.48
CA MET I 148 58.21 18.49 16.93
C MET I 148 57.94 17.14 17.59
N PHE I 149 58.63 16.89 18.69
CA PHE I 149 58.37 15.74 19.54
C PHE I 149 58.55 16.14 20.99
N ILE I 150 57.83 15.45 21.87
CA ILE I 150 57.81 15.75 23.31
C ILE I 150 58.19 14.49 24.06
N VAL I 151 58.98 14.65 25.12
CA VAL I 151 59.50 13.54 25.90
C VAL I 151 58.95 13.65 27.32
N TYR I 152 58.32 12.58 27.80
CA TYR I 152 57.80 12.52 29.15
C TYR I 152 58.84 11.93 30.09
N ASP I 153 58.60 12.08 31.40
CA ASP I 153 59.51 11.55 32.40
C ASP I 153 59.28 10.05 32.59
N ASP I 154 59.97 9.48 33.57
CA ASP I 154 59.93 8.04 33.82
C ASP I 154 58.94 7.68 34.92
N THR I 155 58.44 8.65 35.68
CA THR I 155 57.54 8.37 36.78
C THR I 155 56.20 7.84 36.27
N VAL I 156 55.41 7.31 37.19
CA VAL I 156 54.11 6.74 36.84
C VAL I 156 53.15 7.84 36.38
N SER I 157 53.24 9.01 37.01
CA SER I 157 52.34 10.12 36.65
C SER I 157 52.57 10.57 35.21
N GLN I 158 53.78 10.35 34.68
CA GLN I 158 54.11 10.67 33.30
C GLN I 158 53.88 12.14 32.98
N LYS I 159 54.61 13.02 33.65
CA LYS I 159 54.47 14.43 33.33
C LYS I 159 55.45 14.83 32.23
N PRO I 160 55.09 15.80 31.40
CA PRO I 160 56.00 16.24 30.32
C PRO I 160 57.28 16.82 30.90
N LEU I 161 58.38 16.61 30.19
CA LEU I 161 59.70 17.05 30.66
C LEU I 161 60.32 18.08 29.73
N PHE I 162 60.41 17.80 28.43
CA PHE I 162 60.96 18.77 27.49
C PHE I 162 60.47 18.44 26.10
N ALA I 163 60.61 19.41 25.19
CA ALA I 163 60.20 19.26 23.80
C ALA I 163 61.24 19.92 22.89
N VAL I 164 61.29 19.46 21.65
CA VAL I 164 62.27 19.93 20.67
C VAL I 164 61.56 20.30 19.38
N ARG I 165 62.07 21.33 18.71
CA ARG I 165 61.64 21.71 17.38
C ARG I 165 62.86 22.12 16.56
N TYR I 166 62.99 21.55 15.38
CA TYR I 166 64.17 21.77 14.54
C TYR I 166 63.74 21.94 13.09
N GLY I 167 64.74 22.13 12.21
CA GLY I 167 64.50 22.32 10.79
C GLY I 167 65.64 23.02 10.09
N LEU I 168 65.88 22.67 8.83
CA LEU I 168 66.94 23.30 8.06
C LEU I 168 66.59 24.74 7.72
N ASP I 169 67.61 25.60 7.73
CA ASP I 169 67.42 27.01 7.39
C ASP I 169 67.63 27.21 5.88
N ARG I 170 67.73 28.47 5.47
CA ARG I 170 67.86 28.78 4.04
C ARG I 170 69.19 28.27 3.49
N GLU I 171 70.27 28.41 4.26
CA GLU I 171 71.61 28.08 3.79
C GLU I 171 71.94 26.60 3.91
N GLY I 172 71.11 25.83 4.61
CA GLY I 172 71.29 24.40 4.70
C GLY I 172 71.96 23.88 5.95
N GLU I 173 71.82 24.56 7.09
CA GLU I 173 72.37 24.11 8.35
C GLU I 173 71.25 24.03 9.39
N LEU I 174 71.40 23.08 10.32
CA LEU I 174 70.35 22.83 11.30
C LEU I 174 70.20 24.00 12.27
N CYS I 175 68.96 24.42 12.47
CA CYS I 175 68.61 25.44 13.45
C CYS I 175 67.36 25.01 14.18
N GLY I 176 67.35 25.13 15.51
CA GLY I 176 66.21 24.67 16.28
C GLY I 176 66.15 25.33 17.64
N THR I 177 65.07 25.02 18.35
CA THR I 177 64.80 25.58 19.67
C THR I 177 64.48 24.44 20.64
N LEU I 178 64.98 24.58 21.87
CA LEU I 178 64.73 23.61 22.93
C LEU I 178 63.90 24.28 24.01
N TYR I 179 62.78 23.64 24.36
CA TYR I 179 61.88 24.15 25.39
C TYR I 179 61.97 23.28 26.63
N THR I 180 62.28 23.90 27.77
CA THR I 180 62.29 23.22 29.06
C THR I 180 61.37 23.96 30.02
N GLU I 181 61.17 23.37 31.20
CA GLU I 181 60.28 23.98 32.18
C GLU I 181 60.82 25.32 32.67
N ASP I 182 62.14 25.42 32.85
CA ASP I 182 62.73 26.61 33.44
C ASP I 182 63.33 27.55 32.39
N VAL I 183 64.07 27.00 31.42
CA VAL I 183 64.83 27.81 30.48
C VAL I 183 64.50 27.39 29.05
N ASP I 184 64.80 28.28 28.11
CA ASP I 184 64.64 28.00 26.68
C ASP I 184 65.99 28.19 26.01
N VAL I 185 66.40 27.20 25.22
CA VAL I 185 67.72 27.18 24.59
C VAL I 185 67.54 27.16 23.08
N THR I 186 68.41 27.89 22.38
CA THR I 186 68.42 27.93 20.92
C THR I 186 69.54 27.04 20.41
N LEU I 187 69.20 26.10 19.53
CA LEU I 187 70.15 25.15 18.97
C LEU I 187 70.63 25.66 17.62
N ILE I 188 71.94 25.83 17.48
CA ILE I 188 72.55 26.31 16.24
C ILE I 188 73.72 25.40 15.89
N GLY I 189 73.82 25.06 14.61
CA GLY I 189 74.92 24.24 14.13
C GLY I 189 75.32 24.65 12.73
N LYS I 190 76.63 24.74 12.50
CA LYS I 190 77.16 25.15 11.21
C LYS I 190 78.02 24.09 10.55
N ASN I 191 78.96 23.48 11.29
CA ASN I 191 79.81 22.46 10.70
C ASN I 191 79.10 21.11 10.64
N GLY I 192 78.03 20.96 11.41
CA GLY I 192 77.29 19.70 11.46
C GLY I 192 76.92 19.31 12.88
N THR I 193 77.70 19.78 13.84
CA THR I 193 77.42 19.52 15.25
C THR I 193 76.38 20.51 15.78
N MET I 194 76.02 20.33 17.05
CA MET I 194 75.03 21.17 17.71
C MET I 194 75.65 21.77 18.97
N ILE I 195 75.44 23.08 19.15
CA ILE I 195 75.94 23.80 20.31
C ILE I 195 74.86 24.74 20.82
N PHE I 196 74.75 24.86 22.14
CA PHE I 196 73.78 25.77 22.73
C PHE I 196 74.16 27.22 22.43
N GLY I 197 73.17 28.01 22.03
CA GLY I 197 73.43 29.38 21.61
C GLY I 197 73.07 30.45 22.62
N GLU I 198 71.90 30.32 23.25
CA GLU I 198 71.41 31.37 24.13
C GLU I 198 70.36 30.76 25.06
N GLU I 199 70.17 31.40 26.21
CA GLU I 199 69.20 30.97 27.20
C GLU I 199 68.29 32.12 27.58
N SER I 200 67.00 31.84 27.69
CA SER I 200 66.01 32.84 28.08
C SER I 200 65.09 32.25 29.14
N GLU I 201 64.68 33.10 30.08
CA GLU I 201 63.82 32.66 31.17
C GLU I 201 62.42 32.36 30.65
N ASN I 202 61.74 31.43 31.36
CA ASN I 202 60.38 31.03 31.03
C ASN I 202 59.42 31.76 31.96
N VAL I 203 58.63 32.66 31.38
CA VAL I 203 57.66 33.41 32.17
C VAL I 203 56.56 32.49 32.69
N TYR I 204 56.18 31.49 31.90
CA TYR I 204 55.15 30.55 32.31
C TYR I 204 55.67 29.57 33.35
N ASN I 205 54.75 28.87 33.99
CA ASN I 205 55.09 27.93 35.05
C ASN I 205 55.17 26.48 34.57
N ASP I 206 55.14 26.25 33.27
CA ASP I 206 55.20 24.90 32.73
C ASP I 206 55.80 24.97 31.32
N LEU I 207 55.75 23.85 30.61
CA LEU I 207 56.23 23.81 29.24
C LEU I 207 55.34 24.67 28.34
N ALA I 208 55.94 25.17 27.26
CA ALA I 208 55.23 26.02 26.32
C ALA I 208 54.57 25.22 25.19
N VAL I 209 54.61 23.89 25.25
CA VAL I 209 54.08 23.03 24.20
C VAL I 209 53.04 22.11 24.80
N THR I 210 51.87 22.05 24.16
CA THR I 210 50.77 21.20 24.59
C THR I 210 50.43 20.24 23.47
N GLU I 211 50.11 18.99 23.84
CA GLU I 211 49.89 17.92 22.88
C GLU I 211 48.43 17.50 22.89
N PHE I 212 47.85 17.38 21.70
CA PHE I 212 46.50 16.88 21.52
C PHE I 212 46.59 15.50 20.88
N ILE I 213 45.86 14.53 21.42
CA ILE I 213 45.89 13.16 20.94
C ILE I 213 44.49 12.73 20.53
N PHE I 214 44.39 12.04 19.40
CA PHE I 214 43.11 11.49 18.98
C PHE I 214 42.72 10.30 19.84
N ASN I 215 43.67 9.38 20.07
CA ASN I 215 43.43 8.20 20.88
C ASN I 215 44.62 7.99 21.81
N GLU I 216 44.55 6.93 22.61
CA GLU I 216 45.69 6.56 23.43
C GLU I 216 46.72 5.75 22.67
N GLU I 217 46.35 5.15 21.54
CA GLU I 217 47.31 4.52 20.65
C GLU I 217 47.78 5.45 19.54
N ARG I 218 47.26 6.69 19.51
CA ARG I 218 47.69 7.72 18.58
C ARG I 218 47.59 7.23 17.13
N MET I 219 46.36 6.91 16.74
CA MET I 219 46.06 6.42 15.40
C MET I 219 45.12 7.38 14.69
N GLY I 220 45.24 7.45 13.37
CA GLY I 220 44.36 8.26 12.55
C GLY I 220 43.00 7.63 12.36
N ILE I 221 42.10 8.38 11.74
CA ILE I 221 40.76 7.88 11.50
C ILE I 221 40.78 6.75 10.47
N TYR I 222 41.49 6.95 9.36
CA TYR I 222 41.48 6.01 8.25
C TYR I 222 42.74 5.18 8.16
N GLU I 223 43.49 5.02 9.25
CA GLU I 223 44.72 4.25 9.20
C GLU I 223 44.45 2.76 9.01
N THR I 224 43.29 2.27 9.44
CA THR I 224 42.99 0.84 9.41
C THR I 224 42.22 0.42 8.17
N VAL I 225 41.94 1.32 7.24
CA VAL I 225 41.14 0.99 6.06
C VAL I 225 41.92 1.28 4.76
N THR I 226 43.24 1.17 4.79
CA THR I 226 44.03 1.45 3.59
C THR I 226 43.91 0.33 2.56
N ALA I 227 43.93 -0.93 3.02
CA ALA I 227 43.92 -2.05 2.10
C ALA I 227 42.63 -2.11 1.30
N LEU I 228 41.49 -1.85 1.94
CA LEU I 228 40.22 -1.87 1.23
C LEU I 228 40.17 -0.78 0.17
N ILE I 229 40.66 0.41 0.48
CA ILE I 229 40.68 1.50 -0.49
C ILE I 229 41.56 1.13 -1.69
N ASP I 230 42.75 0.57 -1.41
CA ASP I 230 43.64 0.20 -2.50
C ASP I 230 43.02 -0.88 -3.39
N SER I 231 42.38 -1.88 -2.77
CA SER I 231 41.74 -2.93 -3.55
C SER I 231 40.60 -2.38 -4.39
N TYR I 232 39.80 -1.47 -3.83
CA TYR I 232 38.71 -0.87 -4.58
C TYR I 232 39.23 -0.10 -5.79
N ASP I 233 40.29 0.70 -5.59
CA ASP I 233 40.85 1.44 -6.71
C ASP I 233 41.38 0.50 -7.79
N LYS I 234 42.08 -0.57 -7.38
CA LYS I 234 42.62 -1.51 -8.36
C LYS I 234 41.50 -2.19 -9.14
N ALA I 235 40.44 -2.61 -8.44
CA ALA I 235 39.34 -3.29 -9.11
C ALA I 235 38.62 -2.38 -10.10
N ILE I 236 38.35 -1.14 -9.70
CA ILE I 236 37.64 -0.23 -10.61
C ILE I 236 38.52 0.11 -11.81
N SER I 237 39.84 0.26 -11.60
CA SER I 237 40.73 0.50 -12.72
C SER I 237 40.77 -0.68 -13.67
N GLU I 238 40.79 -1.90 -13.13
CA GLU I 238 40.79 -3.09 -13.98
C GLU I 238 39.51 -3.19 -14.79
N LYS I 239 38.37 -2.90 -14.18
CA LYS I 239 37.11 -2.92 -14.93
C LYS I 239 37.11 -1.86 -16.03
N THR I 240 37.60 -0.66 -15.72
CA THR I 240 37.69 0.39 -16.74
C THR I 240 38.57 -0.05 -17.90
N ASN I 241 39.69 -0.70 -17.60
CA ASN I 241 40.54 -1.23 -18.67
C ASN I 241 39.81 -2.27 -19.50
N ASP I 242 39.07 -3.17 -18.84
CA ASP I 242 38.39 -4.25 -19.56
C ASP I 242 37.32 -3.71 -20.49
N VAL I 243 36.61 -2.66 -20.07
CA VAL I 243 35.51 -2.13 -20.88
C VAL I 243 36.03 -1.54 -22.19
N ASP I 244 37.26 -1.04 -22.20
CA ASP I 244 37.74 -0.21 -23.30
C ASP I 244 38.21 -1.04 -24.50
N TYR I 245 38.80 -2.21 -24.28
CA TYR I 245 39.55 -2.88 -25.33
C TYR I 245 38.66 -3.32 -26.50
N PHE I 246 37.56 -3.99 -26.22
CA PHE I 246 36.77 -4.63 -27.26
C PHE I 246 35.59 -3.76 -27.68
N SER I 247 35.10 -4.00 -28.90
CA SER I 247 33.93 -3.32 -29.42
C SER I 247 32.67 -4.04 -28.95
N ASP I 248 31.53 -3.58 -29.48
CA ASP I 248 30.26 -4.17 -29.07
C ASP I 248 29.90 -5.37 -29.95
N SER I 249 29.93 -5.20 -31.27
CA SER I 249 29.56 -6.26 -32.19
C SER I 249 30.48 -6.24 -33.40
N TYR I 250 30.67 -7.41 -34.01
CA TYR I 250 31.54 -7.56 -35.17
C TYR I 250 30.78 -8.29 -36.27
N LEU I 251 31.25 -8.11 -37.50
CA LEU I 251 30.71 -8.79 -38.66
C LEU I 251 31.73 -9.77 -39.21
N LYS I 252 31.31 -11.01 -39.45
CA LYS I 252 32.19 -12.07 -39.89
C LYS I 252 31.80 -12.51 -41.30
N VAL I 253 32.76 -12.44 -42.21
CA VAL I 253 32.58 -12.90 -43.59
C VAL I 253 33.68 -13.92 -43.89
N VAL I 254 33.29 -15.15 -44.23
CA VAL I 254 34.23 -16.22 -44.50
C VAL I 254 33.88 -16.83 -45.86
N GLY I 255 34.90 -16.93 -46.73
CA GLY I 255 34.73 -17.55 -48.02
C GLY I 255 34.55 -16.60 -49.18
N ALA I 256 34.38 -15.31 -48.92
CA ALA I 256 34.17 -14.34 -49.98
C ALA I 256 35.10 -13.15 -49.75
N MET I 257 35.48 -12.51 -50.86
CA MET I 257 36.40 -11.38 -50.84
C MET I 257 35.60 -10.10 -50.66
N LEU I 258 35.95 -9.32 -49.64
CA LEU I 258 35.32 -8.03 -49.37
C LEU I 258 36.38 -6.94 -49.40
N SER I 259 36.18 -5.94 -50.25
CA SER I 259 37.14 -4.88 -50.45
C SER I 259 36.81 -3.67 -49.57
N PRO I 260 37.81 -2.88 -49.20
CA PRO I 260 37.53 -1.69 -48.37
C PRO I 260 36.59 -0.69 -49.04
N GLU I 261 36.57 -0.66 -50.36
CA GLU I 261 35.70 0.30 -51.06
C GLU I 261 34.24 -0.03 -50.85
N MET I 262 33.90 -1.32 -50.73
CA MET I 262 32.51 -1.72 -50.54
C MET I 262 31.99 -1.28 -49.17
N ILE I 263 32.83 -1.32 -48.14
CA ILE I 263 32.41 -1.01 -46.78
C ILE I 263 32.56 0.48 -46.52
N GLU I 264 32.84 1.26 -47.57
CA GLU I 264 32.93 2.70 -47.41
C GLU I 264 31.61 3.29 -46.93
N LYS I 265 30.50 2.84 -47.49
CA LYS I 265 29.17 3.24 -47.06
C LYS I 265 28.41 2.00 -46.60
N ILE I 266 28.59 1.66 -45.32
CA ILE I 266 27.93 0.47 -44.78
C ILE I 266 26.63 0.84 -44.06
N ARG I 267 26.50 2.11 -43.66
CA ARG I 267 25.30 2.53 -42.95
C ARG I 267 24.13 2.70 -43.90
N ASP I 268 24.39 3.12 -45.13
CA ASP I 268 23.34 3.45 -46.08
C ASP I 268 22.93 2.28 -46.97
N THR I 269 23.65 1.16 -46.91
CA THR I 269 23.33 -0.01 -47.73
C THR I 269 22.95 -1.16 -46.80
N ARG I 270 21.76 -1.73 -47.02
CA ARG I 270 21.22 -2.74 -46.13
C ARG I 270 20.90 -4.05 -46.84
N VAL I 271 21.50 -4.31 -47.99
CA VAL I 271 21.30 -5.56 -48.73
C VAL I 271 22.67 -6.15 -49.05
N ILE I 272 22.87 -7.40 -48.67
CA ILE I 272 24.11 -8.13 -48.91
C ILE I 272 23.80 -9.26 -49.89
N ASN I 273 24.59 -9.35 -50.97
CA ASN I 273 24.33 -10.31 -52.03
C ASN I 273 25.61 -11.01 -52.42
N VAL I 274 25.55 -12.34 -52.54
CA VAL I 274 26.65 -13.15 -53.05
C VAL I 274 26.15 -13.93 -54.25
N PRO I 275 26.41 -13.46 -55.48
CA PRO I 275 25.78 -14.11 -56.64
C PRO I 275 26.35 -15.48 -56.98
N GLU I 276 27.67 -15.63 -56.96
CA GLU I 276 28.32 -16.89 -57.34
C GLU I 276 29.25 -17.36 -56.23
N PRO I 277 28.79 -18.22 -55.33
CA PRO I 277 29.65 -18.71 -54.26
C PRO I 277 30.62 -19.76 -54.77
N PRO I 278 31.76 -19.92 -54.11
CA PRO I 278 32.70 -20.98 -54.52
C PRO I 278 32.11 -22.36 -54.30
N HIS I 279 32.45 -23.29 -55.19
CA HIS I 279 31.87 -24.63 -55.16
C HIS I 279 32.45 -25.46 -54.02
N ASP I 280 33.77 -25.40 -53.83
CA ASP I 280 34.43 -26.36 -52.95
C ASP I 280 34.23 -26.01 -51.47
N VAL I 281 34.24 -24.73 -51.13
CA VAL I 281 34.15 -24.34 -49.73
C VAL I 281 32.78 -23.74 -49.44
N SER I 282 32.49 -23.50 -48.17
CA SER I 282 31.20 -22.99 -47.72
C SER I 282 31.34 -21.53 -47.29
N VAL I 283 30.29 -20.76 -47.51
CA VAL I 283 30.26 -19.33 -47.18
C VAL I 283 29.39 -19.15 -45.94
N ASP I 284 29.93 -18.48 -44.94
CA ASP I 284 29.23 -18.21 -43.68
C ASP I 284 29.31 -16.73 -43.36
N ILE I 285 28.16 -16.13 -43.05
CA ILE I 285 28.06 -14.71 -42.71
C ILE I 285 27.20 -14.59 -41.47
N GLY I 286 27.63 -13.75 -40.53
CA GLY I 286 26.87 -13.57 -39.30
C GLY I 286 27.49 -12.50 -38.43
N PHE I 287 26.84 -12.25 -37.29
CA PHE I 287 27.27 -11.25 -36.34
C PHE I 287 27.84 -11.92 -35.09
N LEU I 288 28.89 -11.34 -34.53
CA LEU I 288 29.47 -11.77 -33.28
C LEU I 288 29.22 -10.69 -32.22
N ASP I 289 28.75 -11.10 -31.06
CA ASP I 289 28.41 -10.17 -29.98
C ASP I 289 29.36 -10.36 -28.81
N LYS I 290 29.85 -9.25 -28.26
CA LYS I 290 30.68 -9.32 -27.08
C LYS I 290 29.84 -9.69 -25.87
N PRO I 291 30.24 -10.71 -25.11
CA PRO I 291 29.42 -11.11 -23.95
C PRO I 291 29.54 -10.11 -22.82
N ASP I 292 28.39 -9.70 -22.28
CA ASP I 292 28.30 -8.73 -21.20
C ASP I 292 27.53 -9.36 -20.04
N SER I 293 28.26 -10.02 -19.14
CA SER I 293 27.68 -10.67 -17.97
C SER I 293 28.69 -10.59 -16.84
N ASP I 294 28.47 -9.64 -15.92
CA ASP I 294 29.34 -9.45 -14.76
C ASP I 294 28.49 -9.44 -13.51
N SER I 295 28.77 -10.36 -12.60
CA SER I 295 28.04 -10.44 -11.34
C SER I 295 28.96 -10.52 -10.13
N GLN I 296 30.15 -11.11 -10.29
CA GLN I 296 31.05 -11.24 -9.15
C GLN I 296 31.70 -9.91 -8.81
N THR I 297 32.10 -9.14 -9.82
CA THR I 297 32.75 -7.86 -9.59
C THR I 297 31.83 -6.90 -8.86
N GLU I 298 30.56 -6.84 -9.26
CA GLU I 298 29.62 -5.94 -8.60
C GLU I 298 29.46 -6.29 -7.13
N ASN I 299 29.31 -7.58 -6.81
CA ASN I 299 29.15 -7.98 -5.42
C ASN I 299 30.39 -7.66 -4.61
N LEU I 300 31.58 -7.94 -5.17
CA LEU I 300 32.81 -7.63 -4.44
C LEU I 300 32.93 -6.13 -4.17
N LEU I 301 32.64 -5.30 -5.18
CA LEU I 301 32.74 -3.86 -5.01
C LEU I 301 31.73 -3.37 -3.98
N ASP I 302 30.51 -3.91 -4.00
CA ASP I 302 29.50 -3.49 -3.03
C ASP I 302 29.94 -3.84 -1.61
N ARG I 303 30.46 -5.06 -1.40
CA ARG I 303 30.90 -5.43 -0.07
C ARG I 303 32.04 -4.55 0.41
N ILE I 304 33.02 -4.29 -0.46
CA ILE I 304 34.15 -3.45 -0.06
C ILE I 304 33.67 -2.04 0.28
N ASP I 305 32.78 -1.48 -0.55
CA ASP I 305 32.28 -0.13 -0.31
C ASP I 305 31.52 -0.04 1.00
N LYS I 306 30.69 -1.04 1.30
CA LYS I 306 29.96 -1.03 2.57
C LYS I 306 30.90 -1.14 3.75
N HIS I 307 31.89 -2.03 3.66
CA HIS I 307 32.82 -2.22 4.78
C HIS I 307 33.66 -0.96 5.02
N ILE I 308 34.05 -0.26 3.96
CA ILE I 308 34.87 0.93 4.13
C ILE I 308 34.16 1.96 5.00
N TYR I 309 32.86 2.18 4.76
CA TYR I 309 32.12 3.15 5.54
C TYR I 309 31.79 2.61 6.93
N GLN I 310 31.46 1.33 7.04
CA GLN I 310 31.06 0.79 8.33
C GLN I 310 32.22 0.76 9.32
N ILE I 311 33.38 0.25 8.89
CA ILE I 311 34.50 0.07 9.80
C ILE I 311 35.05 1.42 10.27
N ALA I 312 35.05 2.43 9.41
CA ALA I 312 35.55 3.75 9.77
C ALA I 312 34.63 4.49 10.73
N MET I 313 33.44 3.96 11.00
CA MET I 313 32.47 4.58 11.90
C MET I 313 32.10 5.99 11.44
N VAL I 314 31.89 6.14 10.14
CA VAL I 314 31.40 7.39 9.56
C VAL I 314 30.22 7.05 8.65
N ALA I 315 29.13 7.79 8.84
CA ALA I 315 27.88 7.50 8.16
C ALA I 315 27.89 8.08 6.76
N ASN I 316 27.33 7.31 5.82
CA ASN I 316 27.18 7.75 4.43
C ASN I 316 25.80 8.37 4.31
N ILE I 317 25.72 9.69 4.50
CA ILE I 317 24.43 10.36 4.48
C ILE I 317 23.83 10.40 3.08
N SER I 318 24.65 10.61 2.05
CA SER I 318 24.16 10.81 0.69
C SER I 318 23.69 9.53 0.02
N ASP I 319 23.71 8.39 0.73
CA ASP I 319 23.30 7.13 0.13
C ASP I 319 21.81 7.15 -0.18
N GLU I 320 21.43 6.50 -1.29
CA GLU I 320 20.02 6.37 -1.62
C GLU I 320 19.30 5.39 -0.72
N SER I 321 20.02 4.45 -0.12
CA SER I 321 19.44 3.49 0.82
C SER I 321 19.44 4.00 2.25
N PHE I 322 19.75 5.28 2.45
CA PHE I 322 19.76 5.86 3.78
C PHE I 322 18.33 5.96 4.31
N GLY I 323 18.21 6.26 5.61
CA GLY I 323 16.91 6.29 6.27
C GLY I 323 15.89 7.16 5.57
N SER I 324 14.67 6.64 5.43
CA SER I 324 13.62 7.30 4.65
C SER I 324 12.35 7.42 5.49
N SER I 325 11.83 8.65 5.58
CA SER I 325 10.50 8.93 6.13
C SER I 325 10.36 8.40 7.56
N SER I 326 11.16 8.95 8.47
CA SER I 326 11.07 8.59 9.87
C SER I 326 11.74 9.66 10.72
N GLY I 327 11.10 10.01 11.83
CA GLY I 327 11.68 11.01 12.71
C GLY I 327 12.89 10.50 13.47
N VAL I 328 12.79 9.28 14.01
CA VAL I 328 13.83 8.80 14.93
C VAL I 328 14.78 7.85 14.22
N ALA I 329 14.31 7.13 13.20
CA ALA I 329 15.17 6.17 12.53
C ALA I 329 16.35 6.85 11.84
N LEU I 330 16.17 8.10 11.43
CA LEU I 330 17.28 8.87 10.88
C LEU I 330 18.29 9.23 11.95
N ALA I 331 17.82 9.49 13.17
CA ALA I 331 18.71 9.87 14.25
C ALA I 331 19.57 8.69 14.71
N TYR I 332 19.05 7.47 14.54
CA TYR I 332 19.79 6.29 14.98
C TYR I 332 21.03 6.04 14.13
N LYS I 333 20.94 6.33 12.83
CA LYS I 333 22.03 5.98 11.92
C LYS I 333 23.27 6.83 12.16
N LEU I 334 23.11 7.96 12.84
CA LEU I 334 24.23 8.85 13.15
C LEU I 334 24.87 8.56 14.49
N GLN I 335 24.43 7.51 15.20
CA GLN I 335 24.92 7.28 16.55
C GLN I 335 26.41 6.96 16.64
N PRO I 336 26.99 6.08 15.81
CA PRO I 336 28.44 5.81 15.94
C PRO I 336 29.31 7.05 15.79
N MET I 337 28.95 7.96 14.88
CA MET I 337 29.70 9.19 14.74
C MET I 337 29.61 10.03 16.00
N SER I 338 28.44 10.07 16.63
CA SER I 338 28.29 10.76 17.91
C SER I 338 29.15 10.11 18.98
N ASN I 339 29.23 8.78 18.99
CA ASN I 339 30.07 8.09 19.96
C ASN I 339 31.55 8.47 19.77
N LEU I 340 32.00 8.50 18.52
CA LEU I 340 33.39 8.88 18.25
C LEU I 340 33.66 10.33 18.66
N ALA I 341 32.71 11.22 18.37
CA ALA I 341 32.87 12.62 18.78
C ALA I 341 32.94 12.74 20.29
N ALA I 342 32.08 12.00 21.01
CA ALA I 342 32.12 12.03 22.47
C ALA I 342 33.45 11.49 23.00
N ALA I 343 33.99 10.45 22.35
CA ALA I 343 35.28 9.92 22.77
C ALA I 343 36.39 10.95 22.59
N PHE I 344 36.38 11.68 21.47
CA PHE I 344 37.43 12.67 21.25
C PHE I 344 37.26 13.90 22.14
N GLU I 345 36.01 14.22 22.49
CA GLU I 345 35.75 15.40 23.32
C GLU I 345 36.41 15.26 24.68
N ARG I 346 36.55 14.04 25.19
CA ARG I 346 37.17 13.84 26.50
C ARG I 346 38.60 14.33 26.53
N LYS I 347 39.38 14.02 25.49
CA LYS I 347 40.74 14.54 25.42
C LYS I 347 40.76 16.02 25.10
N PHE I 348 39.88 16.46 24.20
CA PHE I 348 39.89 17.87 23.80
C PHE I 348 39.59 18.80 24.96
N GLN I 349 38.60 18.45 25.78
CA GLN I 349 38.23 19.29 26.92
C GLN I 349 39.36 19.37 27.94
N ALA I 350 40.01 18.24 28.23
CA ALA I 350 41.12 18.25 29.18
C ALA I 350 42.27 19.12 28.67
N ALA I 351 42.58 19.02 27.37
CA ALA I 351 43.62 19.86 26.81
C ALA I 351 43.26 21.34 26.88
N LEU I 352 42.01 21.69 26.58
CA LEU I 352 41.58 23.08 26.68
C LEU I 352 41.66 23.57 28.12
N THR I 353 41.28 22.72 29.07
CA THR I 353 41.39 23.08 30.48
C THR I 353 42.83 23.35 30.88
N GLN I 354 43.76 22.51 30.40
CA GLN I 354 45.17 22.78 30.65
C GLN I 354 45.61 24.11 30.07
N ARG I 355 45.18 24.41 28.84
CA ARG I 355 45.57 25.67 28.22
C ARG I 355 45.06 26.87 29.02
N TYR I 356 43.79 26.83 29.43
CA TYR I 356 43.24 27.97 30.17
C TYR I 356 43.77 28.04 31.60
N LYS I 357 44.19 26.91 32.15
CA LYS I 357 44.94 26.93 33.40
C LYS I 357 46.26 27.67 33.22
N MET I 358 46.94 27.42 32.11
CA MET I 358 48.22 28.10 31.87
C MET I 358 48.02 29.58 31.58
N PHE I 359 46.90 29.94 30.97
CA PHE I 359 46.73 31.31 30.47
C PHE I 359 46.75 32.35 31.60
N MET I 360 46.01 32.10 32.69
CA MET I 360 45.85 33.15 33.70
C MET I 360 46.98 33.11 34.72
N SER I 361 48.03 32.34 34.49
CA SER I 361 49.14 32.32 35.43
C SER I 361 49.83 33.67 35.51
N LEU I 362 49.98 34.34 34.37
CA LEU I 362 50.63 35.65 34.34
C LEU I 362 49.79 36.68 35.08
N LEU I 363 50.48 37.61 35.75
CA LEU I 363 49.77 38.66 36.49
C LEU I 363 49.17 39.70 35.56
N THR I 364 49.69 39.81 34.33
CA THR I 364 49.16 40.80 33.40
C THR I 364 47.73 40.51 33.01
N ASN I 365 47.39 39.23 32.81
CA ASN I 365 46.05 38.87 32.36
C ASN I 365 45.01 39.15 33.44
N VAL I 366 45.26 38.67 34.66
CA VAL I 366 44.31 38.82 35.76
C VAL I 366 45.08 39.05 37.05
N SER I 367 44.36 39.45 38.10
CA SER I 367 44.96 39.67 39.39
C SER I 367 45.38 38.35 40.03
N ALA I 368 46.29 38.44 41.01
CA ALA I 368 46.80 37.24 41.65
C ALA I 368 45.71 36.52 42.45
N ASN I 369 44.66 37.24 42.84
CA ASN I 369 43.60 36.62 43.63
C ASN I 369 42.84 35.57 42.83
N LEU I 370 42.60 35.83 41.55
CA LEU I 370 41.77 34.98 40.71
C LEU I 370 42.56 33.91 39.96
N SER I 371 43.86 33.74 40.26
CA SER I 371 44.68 32.82 39.49
C SER I 371 44.19 31.38 39.62
N ASN I 372 43.79 30.97 40.82
CA ASN I 372 43.41 29.59 41.08
C ASN I 372 41.94 29.30 40.78
N GLU I 373 41.32 30.10 39.92
CA GLU I 373 39.89 29.96 39.63
C GLU I 373 39.64 29.21 38.33
N TRP I 374 40.66 28.56 37.76
CA TRP I 374 40.49 27.88 36.48
C TRP I 374 39.58 26.66 36.60
N ARG I 375 39.26 26.25 37.83
CA ARG I 375 38.31 25.16 38.03
C ARG I 375 36.90 25.54 37.64
N GLY I 376 36.58 26.83 37.62
CA GLY I 376 35.19 27.24 37.42
C GLY I 376 34.76 27.29 35.97
N ILE I 377 35.72 27.17 35.04
CA ILE I 377 35.39 27.26 33.62
C ILE I 377 34.54 26.08 33.22
N GLU I 378 33.51 26.36 32.42
CA GLU I 378 32.58 25.34 31.93
C GLU I 378 32.53 25.38 30.41
N PHE I 379 32.67 24.21 29.79
CA PHE I 379 32.68 24.08 28.33
C PHE I 379 31.42 23.38 27.87
N ARG I 380 30.80 23.92 26.81
CA ARG I 380 29.62 23.33 26.20
C ARG I 380 29.89 23.06 24.73
N PHE I 381 29.69 21.82 24.31
CA PHE I 381 29.91 21.41 22.92
C PHE I 381 28.58 20.97 22.33
N THR I 382 28.34 21.37 21.08
CA THR I 382 27.14 20.99 20.35
C THR I 382 27.52 20.48 18.97
N ARG I 383 26.76 19.50 18.48
CA ARG I 383 27.03 18.91 17.18
C ARG I 383 26.24 19.61 16.09
N ASN I 384 26.68 19.43 14.85
CA ASN I 384 26.06 20.07 13.69
C ASN I 384 25.07 19.08 13.07
N ILE I 385 23.80 19.20 13.43
CA ILE I 385 22.74 18.37 12.88
C ILE I 385 21.59 19.28 12.49
N PRO I 386 20.74 18.84 11.55
CA PRO I 386 19.56 19.64 11.20
C PRO I 386 18.67 19.88 12.41
N LYS I 387 18.15 21.09 12.50
CA LYS I 387 17.39 21.52 13.67
C LYS I 387 16.06 22.13 13.23
N ASN I 388 15.05 21.97 14.07
CA ASN I 388 13.73 22.54 13.85
C ASN I 388 13.51 23.68 14.83
N VAL I 389 13.29 24.89 14.31
CA VAL I 389 13.19 26.07 15.17
C VAL I 389 11.90 26.04 15.98
N LEU I 390 10.80 25.59 15.37
CA LEU I 390 9.51 25.59 16.05
C LEU I 390 9.52 24.69 17.28
N GLU I 391 10.13 23.51 17.16
CA GLU I 391 10.20 22.60 18.30
C GLU I 391 11.01 23.22 19.44
N GLU I 392 12.12 23.89 19.11
CA GLU I 392 12.92 24.55 20.14
C GLU I 392 12.13 25.68 20.80
N ALA I 393 11.37 26.45 20.01
CA ALA I 393 10.57 27.52 20.60
C ALA I 393 9.50 26.97 21.53
N GLN I 394 8.81 25.90 21.13
CA GLN I 394 7.81 25.30 21.99
C GLN I 394 8.44 24.74 23.27
N THR I 395 9.62 24.12 23.14
CA THR I 395 10.33 23.62 24.30
C THR I 395 10.70 24.74 25.26
N ALA I 396 11.17 25.87 24.73
CA ALA I 396 11.49 27.00 25.59
C ALA I 396 10.25 27.54 26.28
N VAL I 397 9.13 27.62 25.56
CA VAL I 397 7.89 28.10 26.16
C VAL I 397 7.46 27.19 27.30
N GLN I 398 7.54 25.88 27.10
CA GLN I 398 7.16 24.95 28.16
C GLN I 398 8.13 25.00 29.33
N LEU I 399 9.43 25.20 29.05
CA LEU I 399 10.43 25.19 30.11
C LEU I 399 10.39 26.47 30.94
N ALA I 400 9.90 27.56 30.35
CA ALA I 400 9.85 28.82 31.08
C ALA I 400 8.96 28.73 32.32
N THR I 401 8.08 27.74 32.37
CA THR I 401 7.17 27.62 33.51
C THR I 401 7.89 27.12 34.76
N ILE I 402 8.83 26.18 34.59
CA ILE I 402 9.42 25.47 35.72
C ILE I 402 10.90 25.80 35.88
N ALA I 403 11.57 26.23 34.83
CA ALA I 403 13.02 26.43 34.87
C ALA I 403 13.33 27.92 34.91
N SER I 404 14.60 28.22 35.17
CA SER I 404 15.04 29.61 35.26
C SER I 404 15.14 30.24 33.87
N GLN I 405 15.47 31.54 33.86
CA GLN I 405 15.56 32.27 32.61
C GLN I 405 16.77 31.84 31.79
N GLU I 406 17.91 31.64 32.45
CA GLU I 406 19.13 31.25 31.74
C GLU I 406 18.96 29.88 31.08
N THR I 407 18.40 28.92 31.80
CA THR I 407 18.18 27.59 31.22
C THR I 407 17.19 27.65 30.07
N THR I 408 16.12 28.45 30.22
CA THR I 408 15.14 28.59 29.15
C THR I 408 15.77 29.19 27.90
N LEU I 409 16.62 30.21 28.06
CA LEU I 409 17.24 30.85 26.91
C LEU I 409 18.37 30.00 26.33
N SER I 410 18.90 29.05 27.11
CA SER I 410 19.99 28.23 26.61
C SER I 410 19.53 27.31 25.49
N VAL I 411 18.29 26.80 25.58
CA VAL I 411 17.80 25.85 24.59
C VAL I 411 17.66 26.50 23.23
N LEU I 412 17.27 27.77 23.19
CA LEU I 412 17.04 28.45 21.92
C LEU I 412 18.33 28.57 21.12
N SER I 413 18.34 27.96 19.93
CA SER I 413 19.54 28.01 19.10
C SER I 413 19.69 29.38 18.43
N VAL I 414 18.59 30.13 18.32
CA VAL I 414 18.66 31.46 17.69
C VAL I 414 19.50 32.40 18.54
N VAL I 415 19.45 32.25 19.86
CA VAL I 415 20.19 33.11 20.78
C VAL I 415 21.68 32.83 20.69
N PRO I 416 22.49 33.81 20.29
CA PRO I 416 23.95 33.57 20.30
C PRO I 416 24.56 33.62 21.70
N ASP I 417 24.16 34.59 22.52
CA ASP I 417 24.66 34.73 23.88
C ASP I 417 23.51 35.04 24.81
N VAL I 418 23.41 34.28 25.92
CA VAL I 418 22.31 34.46 26.86
C VAL I 418 22.46 35.78 27.61
N ARG I 419 23.69 36.16 27.94
CA ARG I 419 23.91 37.36 28.75
C ARG I 419 23.46 38.62 28.02
N ALA I 420 23.78 38.73 26.72
CA ALA I 420 23.36 39.88 25.95
C ALA I 420 21.85 39.97 25.87
N GLU I 421 21.18 38.83 25.66
CA GLU I 421 19.73 38.83 25.59
C GLU I 421 19.10 39.22 26.92
N MET I 422 19.64 38.72 28.03
CA MET I 422 19.12 39.11 29.33
C MET I 422 19.33 40.60 29.59
N ASP I 423 20.50 41.13 29.18
CA ASP I 423 20.74 42.56 29.33
C ASP I 423 19.75 43.38 28.51
N ARG I 424 19.48 42.95 27.28
CA ARG I 424 18.52 43.67 26.44
C ARG I 424 17.11 43.59 27.02
N ILE I 425 16.73 42.43 27.55
CA ILE I 425 15.42 42.29 28.16
C ILE I 425 15.29 43.21 29.37
N HIS I 426 16.33 43.26 30.20
CA HIS I 426 16.30 44.16 31.36
C HIS I 426 16.25 45.62 30.92
N SER I 427 16.96 45.96 29.84
CA SER I 427 16.89 47.32 29.31
C SER I 427 15.48 47.66 28.84
N GLU I 428 14.81 46.71 28.19
CA GLU I 428 13.43 46.95 27.75
C GLU I 428 12.52 47.20 28.93
N ARG I 429 12.66 46.43 30.01
CA ARG I 429 11.85 46.62 31.20
C ARG I 429 12.61 46.18 32.45
N LEU J 4 44.59 -22.59 23.18
CA LEU J 4 45.33 -22.24 24.39
C LEU J 4 44.39 -22.07 25.57
N GLU J 5 44.59 -21.01 26.35
CA GLU J 5 43.78 -20.71 27.52
C GLU J 5 42.81 -19.60 27.18
N ILE J 6 41.53 -19.81 27.55
CA ILE J 6 40.47 -18.85 27.26
C ILE J 6 40.01 -18.10 28.49
N GLY J 7 40.76 -18.15 29.59
CA GLY J 7 40.41 -17.42 30.78
C GLY J 7 41.62 -17.28 31.69
N PHE J 8 41.44 -16.50 32.74
CA PHE J 8 42.48 -16.26 33.73
C PHE J 8 41.99 -16.70 35.10
N GLU J 9 42.84 -17.45 35.81
CA GLU J 9 42.52 -17.95 37.14
C GLU J 9 43.33 -17.16 38.17
N VAL J 10 42.65 -16.73 39.24
CA VAL J 10 43.29 -15.89 40.23
C VAL J 10 44.29 -16.70 41.06
N PHE J 11 45.37 -16.06 41.45
CA PHE J 11 46.35 -16.70 42.32
C PHE J 11 45.84 -16.70 43.76
N THR J 12 46.17 -17.75 44.49
CA THR J 12 45.78 -17.89 45.89
C THR J 12 46.99 -18.26 46.72
N PHE J 13 47.17 -17.57 47.84
CA PHE J 13 48.29 -17.81 48.74
C PHE J 13 47.81 -17.81 50.18
N PRO J 14 48.34 -18.71 51.01
CA PRO J 14 47.91 -18.74 52.41
C PRO J 14 48.33 -17.48 53.15
N ARG J 15 47.53 -17.12 54.16
CA ARG J 15 47.67 -15.82 54.81
C ARG J 15 48.90 -15.77 55.73
N GLU J 16 49.13 -16.85 56.49
CA GLU J 16 49.98 -16.75 57.67
C GLU J 16 51.46 -16.61 57.32
N GLU J 17 51.98 -17.42 56.40
CA GLU J 17 53.42 -17.47 56.20
C GLU J 17 53.93 -16.20 55.55
N GLU J 18 55.22 -15.94 55.76
CA GLU J 18 55.85 -14.72 55.27
C GLU J 18 56.00 -14.74 53.76
N ILE J 19 56.10 -13.56 53.18
CA ILE J 19 56.24 -13.38 51.73
C ILE J 19 57.74 -13.31 51.43
N THR J 20 58.29 -14.40 50.90
CA THR J 20 59.71 -14.47 50.57
C THR J 20 59.93 -14.19 49.08
N ILE J 21 61.20 -14.06 48.72
CA ILE J 21 61.55 -13.68 47.35
C ILE J 21 61.23 -14.82 46.39
N GLU J 22 61.32 -16.07 46.85
CA GLU J 22 61.07 -17.20 45.97
C GLU J 22 59.61 -17.24 45.52
N VAL J 23 58.69 -16.91 46.43
CA VAL J 23 57.27 -16.88 46.08
C VAL J 23 57.02 -15.83 45.00
N ILE J 24 57.62 -14.65 45.16
CA ILE J 24 57.44 -13.59 44.17
C ILE J 24 58.03 -14.00 42.82
N GLU J 25 59.19 -14.64 42.84
CA GLU J 25 59.81 -15.10 41.60
C GLU J 25 58.93 -16.13 40.90
N GLU J 26 58.36 -17.07 41.67
CA GLU J 26 57.47 -18.07 41.09
C GLU J 26 56.24 -17.43 40.47
N PHE J 27 55.65 -16.44 41.16
CA PHE J 27 54.49 -15.76 40.59
C PHE J 27 54.85 -14.97 39.35
N MET J 28 56.05 -14.37 39.31
CA MET J 28 56.48 -13.70 38.09
C MET J 28 56.64 -14.68 36.94
N SER J 29 57.17 -15.87 37.21
CA SER J 29 57.25 -16.89 36.18
C SER J 29 55.85 -17.27 35.68
N LEU J 30 54.91 -17.43 36.60
CA LEU J 30 53.54 -17.78 36.21
C LEU J 30 52.93 -16.69 35.33
N HIS J 31 53.16 -15.41 35.68
CA HIS J 31 52.62 -14.32 34.88
C HIS J 31 53.29 -14.24 33.51
N SER J 32 54.59 -14.49 33.46
CA SER J 32 55.28 -14.52 32.17
C SER J 32 54.76 -15.64 31.30
N LYS J 33 54.27 -16.71 31.93
CA LYS J 33 53.61 -17.77 31.17
C LYS J 33 52.33 -17.26 30.51
N GLN J 34 51.58 -16.40 31.20
CA GLN J 34 50.27 -15.95 30.72
C GLN J 34 50.35 -14.75 29.80
N GLN J 35 51.47 -14.04 29.76
CA GLN J 35 51.57 -12.84 28.93
C GLN J 35 51.19 -13.01 27.46
N PRO J 36 51.54 -14.10 26.76
CA PRO J 36 51.22 -14.16 25.33
C PRO J 36 49.75 -13.96 24.98
N ARG J 37 48.83 -14.41 25.84
CA ARG J 37 47.42 -14.18 25.57
C ARG J 37 47.10 -12.69 25.53
N TYR J 38 47.61 -11.93 26.49
CA TYR J 38 47.42 -10.49 26.49
C TYR J 38 48.05 -9.86 25.25
N GLU J 39 49.24 -10.34 24.87
CA GLU J 39 49.89 -9.79 23.69
C GLU J 39 49.04 -10.01 22.44
N ARG J 40 48.50 -11.21 22.27
CA ARG J 40 47.68 -11.50 21.11
C ARG J 40 46.40 -10.67 21.12
N LEU J 41 45.76 -10.54 22.29
CA LEU J 41 44.53 -9.77 22.37
C LEU J 41 44.77 -8.30 22.02
N MET J 42 45.88 -7.74 22.49
CA MET J 42 46.18 -6.35 22.13
C MET J 42 46.51 -6.21 20.65
N LYS J 43 47.27 -7.16 20.10
CA LYS J 43 47.66 -7.06 18.69
C LYS J 43 46.45 -7.18 17.78
N MET J 44 45.46 -7.99 18.17
CA MET J 44 44.25 -8.11 17.35
C MET J 44 43.51 -6.78 17.27
N TYR J 45 43.42 -6.06 18.40
CA TYR J 45 42.71 -4.79 18.40
C TYR J 45 43.50 -3.71 17.66
N LYS J 46 44.82 -3.67 17.85
CA LYS J 46 45.62 -2.55 17.35
C LYS J 46 45.55 -2.41 15.84
N GLY J 47 45.25 -3.48 15.10
CA GLY J 47 45.14 -3.39 13.66
C GLY J 47 45.76 -4.56 12.91
N ASP J 48 46.82 -5.13 13.47
CA ASP J 48 47.45 -6.29 12.85
C ASP J 48 46.52 -7.49 12.92
N ALA J 49 46.66 -8.38 11.95
CA ALA J 49 45.79 -9.54 11.85
C ALA J 49 46.63 -10.77 11.54
N ALA J 50 46.01 -11.95 11.70
CA ALA J 50 46.72 -13.20 11.45
C ALA J 50 46.83 -13.50 9.97
N ILE J 51 46.04 -12.82 9.13
CA ILE J 51 46.07 -13.07 7.69
C ILE J 51 47.43 -12.68 7.12
N PHE J 52 48.10 -11.71 7.73
CA PHE J 52 49.37 -11.23 7.19
C PHE J 52 50.49 -12.24 7.39
N ALA J 53 50.29 -13.22 8.27
CA ALA J 53 51.34 -14.19 8.60
C ALA J 53 51.30 -15.46 7.76
N ARG J 54 50.37 -15.56 6.81
CA ARG J 54 50.27 -16.77 6.00
C ARG J 54 51.42 -16.85 5.00
N LYS J 55 51.76 -18.08 4.61
CA LYS J 55 52.88 -18.29 3.71
C LYS J 55 52.59 -17.75 2.32
N ALA J 56 53.64 -17.32 1.64
CA ALA J 56 53.50 -16.71 0.33
C ALA J 56 53.14 -17.74 -0.73
N LYS J 57 52.57 -17.25 -1.83
CA LYS J 57 52.14 -18.09 -2.94
C LYS J 57 53.28 -18.21 -3.97
N GLU J 58 52.96 -18.71 -5.15
CA GLU J 58 53.93 -18.87 -6.22
C GLU J 58 54.40 -17.50 -6.70
N PRO J 59 55.57 -17.43 -7.35
CA PRO J 59 56.15 -16.11 -7.68
C PRO J 59 55.25 -15.22 -8.53
N HIS J 60 54.49 -15.79 -9.47
CA HIS J 60 53.74 -14.98 -10.41
C HIS J 60 52.23 -15.07 -10.23
N LYS J 61 51.74 -15.89 -9.32
CA LYS J 61 50.32 -15.89 -9.06
C LYS J 61 49.93 -14.71 -8.18
N PRO J 62 48.74 -14.13 -8.39
CA PRO J 62 48.34 -12.97 -7.60
C PRO J 62 48.11 -13.34 -6.15
N ASP J 63 48.36 -12.38 -5.26
CA ASP J 63 48.19 -12.57 -3.82
C ASP J 63 47.68 -11.27 -3.22
N ASN J 64 46.48 -11.31 -2.65
CA ASN J 64 45.87 -10.16 -2.01
C ASN J 64 45.55 -10.49 -0.56
N ARG J 65 45.85 -9.56 0.33
CA ARG J 65 45.62 -9.73 1.76
C ARG J 65 44.76 -8.57 2.26
N LEU J 66 43.52 -8.88 2.66
CA LEU J 66 42.58 -7.89 3.14
C LEU J 66 42.19 -8.21 4.57
N ASN J 67 42.14 -7.19 5.42
CA ASN J 67 41.76 -7.34 6.82
C ASN J 67 40.55 -6.47 7.10
N VAL J 68 39.51 -7.05 7.67
CA VAL J 68 38.32 -6.34 8.10
C VAL J 68 38.30 -6.35 9.63
N ASN J 69 38.40 -5.17 10.23
CA ASN J 69 38.59 -5.04 11.66
C ASN J 69 37.24 -4.91 12.34
N TYR J 70 36.84 -5.95 13.08
CA TYR J 70 35.61 -5.92 13.87
C TYR J 70 35.86 -5.63 15.34
N ALA J 71 37.02 -6.00 15.87
CA ALA J 71 37.27 -5.80 17.30
C ALA J 71 37.27 -4.33 17.67
N LYS J 72 37.91 -3.49 16.85
CA LYS J 72 37.93 -2.06 17.14
C LYS J 72 36.52 -1.48 17.08
N TYR J 73 35.73 -1.89 16.09
CA TYR J 73 34.36 -1.41 15.99
C TYR J 73 33.55 -1.78 17.23
N ILE J 74 33.63 -3.05 17.65
CA ILE J 74 32.86 -3.49 18.80
C ILE J 74 33.30 -2.75 20.06
N THR J 75 34.61 -2.67 20.30
CA THR J 75 35.11 -2.02 21.51
C THR J 75 34.72 -0.55 21.55
N ASP J 76 34.88 0.16 20.42
CA ASP J 76 34.55 1.58 20.40
C ASP J 76 33.05 1.79 20.58
N THR J 77 32.22 0.97 19.94
CA THR J 77 30.78 1.12 20.09
C THR J 77 30.36 0.90 21.54
N PHE J 78 30.87 -0.16 22.17
CA PHE J 78 30.48 -0.42 23.56
C PHE J 78 30.99 0.67 24.50
N SER J 79 32.22 1.14 24.29
CA SER J 79 32.76 2.20 25.14
C SER J 79 31.95 3.49 25.00
N GLY J 80 31.54 3.81 23.77
CA GLY J 80 30.68 4.98 23.58
C GLY J 80 29.33 4.81 24.22
N PHE J 81 28.74 3.62 24.11
CA PHE J 81 27.43 3.37 24.70
C PHE J 81 27.47 3.50 26.21
N PHE J 82 28.45 2.88 26.86
CA PHE J 82 28.47 2.83 28.32
C PHE J 82 28.84 4.18 28.91
N ASN J 83 30.05 4.66 28.63
CA ASN J 83 30.58 5.87 29.23
C ASN J 83 30.46 7.09 28.33
N GLY J 84 29.41 7.18 27.52
CA GLY J 84 29.23 8.35 26.68
C GLY J 84 28.97 9.60 27.49
N ILE J 85 28.15 9.50 28.51
CA ILE J 85 27.82 10.61 29.42
C ILE J 85 28.47 10.33 30.76
N PRO J 86 29.23 11.27 31.31
CA PRO J 86 29.91 11.01 32.60
C PRO J 86 28.90 10.74 33.70
N SER J 87 29.31 9.89 34.65
CA SER J 87 28.44 9.53 35.75
C SER J 87 28.27 10.71 36.71
N LYS J 88 27.16 10.68 37.45
CA LYS J 88 26.85 11.72 38.41
C LYS J 88 26.86 11.13 39.82
N LYS J 89 27.53 11.80 40.75
CA LYS J 89 27.64 11.36 42.13
C LYS J 89 27.27 12.51 43.04
N ASN J 90 26.34 12.26 43.96
CA ASN J 90 25.82 13.30 44.83
C ASN J 90 25.57 12.74 46.22
N HIS J 91 25.40 13.64 47.19
CA HIS J 91 25.18 13.26 48.58
C HIS J 91 24.30 14.31 49.24
N LYS J 92 23.85 13.99 50.46
CA LYS J 92 23.01 14.91 51.22
C LYS J 92 23.85 15.96 51.94
N ASN J 93 24.85 15.53 52.70
CA ASN J 93 25.71 16.47 53.42
C ASN J 93 26.47 17.34 52.42
N ASP J 94 26.61 18.63 52.75
CA ASP J 94 27.23 19.56 51.82
C ASP J 94 28.74 19.36 51.76
N VAL J 95 29.38 19.12 52.90
CA VAL J 95 30.84 19.03 52.93
C VAL J 95 31.33 17.82 52.14
N VAL J 96 30.67 16.67 52.30
CA VAL J 96 31.08 15.47 51.58
C VAL J 96 30.94 15.67 50.08
N SER J 97 29.83 16.26 49.65
CA SER J 97 29.62 16.50 48.23
C SER J 97 30.66 17.48 47.68
N ASP J 98 30.95 18.55 48.42
CA ASP J 98 31.95 19.50 47.97
C ASP J 98 33.31 18.84 47.83
N ALA J 99 33.71 18.03 48.81
CA ALA J 99 34.99 17.35 48.74
C ALA J 99 35.05 16.39 47.56
N ILE J 100 33.98 15.62 47.34
CA ILE J 100 33.97 14.64 46.26
C ILE J 100 34.06 15.33 44.91
N ASN J 101 33.26 16.38 44.70
CA ASN J 101 33.29 17.07 43.42
C ASN J 101 34.62 17.79 43.20
N ASN J 102 35.19 18.37 44.26
CA ASN J 102 36.49 19.01 44.11
C ASN J 102 37.57 18.01 43.73
N PHE J 103 37.56 16.84 44.38
CA PHE J 103 38.53 15.80 44.04
C PHE J 103 38.35 15.33 42.59
N ASP J 104 37.10 15.14 42.17
CA ASP J 104 36.82 14.71 40.81
C ASP J 104 37.33 15.73 39.80
N ASN J 105 37.06 17.01 40.06
CA ASN J 105 37.51 18.06 39.14
C ASN J 105 39.03 18.14 39.11
N GLU J 106 39.67 17.96 40.26
CA GLU J 106 41.13 18.08 40.31
C GLU J 106 41.81 16.91 39.60
N GLN J 107 41.20 15.72 39.64
CA GLN J 107 41.86 14.54 39.10
C GLN J 107 41.35 14.12 37.73
N ASP J 108 40.37 14.83 37.17
CA ASP J 108 39.87 14.56 35.81
C ASP J 108 39.46 13.10 35.65
N MET J 109 38.42 12.70 36.38
CA MET J 109 38.10 11.28 36.49
C MET J 109 37.41 10.73 35.25
N GLN J 110 36.91 11.61 34.37
CA GLN J 110 36.25 11.13 33.17
C GLN J 110 37.21 10.35 32.27
N ASP J 111 38.38 10.91 32.00
CA ASP J 111 39.37 10.21 31.17
C ASP J 111 39.82 8.92 31.83
N GLU J 112 40.04 8.95 33.14
CA GLU J 112 40.47 7.75 33.85
C GLU J 112 39.43 6.65 33.74
N GLU J 113 38.16 7.00 33.96
CA GLU J 113 37.09 6.00 33.86
C GLU J 113 36.97 5.46 32.45
N ALA J 114 37.07 6.33 31.43
CA ALA J 114 36.98 5.85 30.06
C ALA J 114 38.11 4.89 29.72
N GLU J 115 39.34 5.23 30.12
CA GLU J 115 40.47 4.35 29.84
C GLU J 115 40.35 3.03 30.59
N LEU J 116 39.88 3.08 31.83
CA LEU J 116 39.68 1.83 32.58
C LEU J 116 38.63 0.95 31.93
N VAL J 117 37.54 1.54 31.45
CA VAL J 117 36.53 0.75 30.75
C VAL J 117 37.10 0.14 29.48
N LYS J 118 37.87 0.91 28.72
CA LYS J 118 38.44 0.37 27.48
C LYS J 118 39.41 -0.77 27.78
N LEU J 119 40.26 -0.61 28.80
CA LEU J 119 41.20 -1.67 29.14
C LEU J 119 40.47 -2.91 29.63
N ALA J 120 39.40 -2.74 30.41
CA ALA J 120 38.63 -3.89 30.86
C ALA J 120 37.98 -4.61 29.69
N CYS J 121 37.50 -3.85 28.69
CA CYS J 121 36.88 -4.47 27.52
C CYS J 121 37.90 -5.21 26.68
N VAL J 122 39.11 -4.67 26.53
CA VAL J 122 40.07 -5.28 25.62
C VAL J 122 40.74 -6.50 26.27
N TYR J 123 41.47 -6.30 27.36
CA TYR J 123 42.20 -7.38 28.01
C TYR J 123 41.32 -8.31 28.84
N GLY J 124 40.33 -7.77 29.54
CA GLY J 124 39.51 -8.58 30.42
C GLY J 124 39.46 -8.02 31.83
N HIS J 125 40.57 -7.46 32.29
CA HIS J 125 40.64 -6.82 33.60
C HIS J 125 41.76 -5.80 33.61
N ALA J 126 41.64 -4.80 34.48
CA ALA J 126 42.60 -3.72 34.57
C ALA J 126 42.77 -3.31 36.01
N PHE J 127 43.88 -2.63 36.29
CA PHE J 127 44.26 -2.22 37.64
C PHE J 127 44.30 -0.70 37.74
N GLU J 128 44.10 -0.22 38.96
CA GLU J 128 44.17 1.21 39.28
C GLU J 128 45.12 1.41 40.45
N LEU J 129 45.95 2.44 40.35
CA LEU J 129 46.95 2.74 41.37
C LEU J 129 46.65 4.11 41.99
N MET J 130 46.68 4.18 43.32
CA MET J 130 46.47 5.41 44.06
C MET J 130 47.71 5.70 44.90
N TYR J 131 48.11 6.96 44.94
CA TYR J 131 49.31 7.36 45.64
C TYR J 131 49.18 8.81 46.11
N GLN J 132 50.07 9.19 47.02
CA GLN J 132 50.10 10.54 47.59
C GLN J 132 51.31 11.28 47.03
N ASP J 133 51.09 12.48 46.52
CA ASP J 133 52.16 13.28 45.94
C ASP J 133 52.90 14.08 46.99
N GLU J 134 53.77 14.99 46.56
CA GLU J 134 54.59 15.76 47.50
C GLU J 134 53.78 16.84 48.22
N GLU J 135 52.73 17.34 47.58
CA GLU J 135 51.94 18.45 48.13
C GLU J 135 50.71 17.96 48.89
N THR J 136 50.76 16.75 49.43
CA THR J 136 49.68 16.18 50.24
C THR J 136 48.35 16.20 49.49
N LYS J 137 48.34 15.56 48.32
CA LYS J 137 47.14 15.41 47.52
C LYS J 137 47.04 13.97 47.03
N THR J 138 45.81 13.54 46.76
CA THR J 138 45.54 12.18 46.34
C THR J 138 45.43 12.11 44.82
N ASN J 139 46.20 11.22 44.21
CA ASN J 139 46.22 11.03 42.76
C ASN J 139 45.93 9.58 42.43
N VAL J 140 45.39 9.37 41.24
CA VAL J 140 45.07 8.04 40.74
C VAL J 140 45.67 7.86 39.36
N LYS J 141 45.84 6.60 38.96
CA LYS J 141 46.38 6.25 37.66
C LYS J 141 45.90 4.86 37.28
N HIS J 142 45.97 4.56 35.97
CA HIS J 142 45.51 3.29 35.44
C HIS J 142 46.67 2.58 34.76
N ASN J 143 46.79 1.28 35.00
CA ASN J 143 47.85 0.46 34.42
C ASN J 143 47.24 -0.73 33.68
N SER J 144 47.97 -1.18 32.67
CA SER J 144 47.59 -2.37 31.91
C SER J 144 47.92 -3.62 32.71
N PRO J 145 47.21 -4.72 32.48
CA PRO J 145 47.47 -5.96 33.22
C PRO J 145 48.70 -6.74 32.76
N GLU J 146 49.54 -6.17 31.91
CA GLU J 146 50.75 -6.87 31.48
C GLU J 146 51.83 -6.85 32.55
N ASP J 147 51.92 -5.76 33.32
CA ASP J 147 53.00 -5.57 34.26
C ASP J 147 52.58 -5.72 35.72
N MET J 148 51.33 -6.05 35.99
CA MET J 148 50.83 -6.13 37.36
C MET J 148 49.97 -7.36 37.55
N PHE J 149 50.11 -7.99 38.71
CA PHE J 149 49.23 -9.07 39.13
C PHE J 149 48.97 -8.95 40.63
N ILE J 150 47.80 -9.42 41.05
CA ILE J 150 47.36 -9.34 42.44
C ILE J 150 47.05 -10.75 42.94
N VAL J 151 47.40 -11.01 44.19
CA VAL J 151 47.27 -12.35 44.78
C VAL J 151 46.31 -12.25 45.96
N TYR J 152 45.31 -13.12 45.98
CA TYR J 152 44.36 -13.20 47.07
C TYR J 152 44.74 -14.31 48.04
N ASP J 153 44.08 -14.32 49.19
CA ASP J 153 44.26 -15.39 50.16
C ASP J 153 43.34 -16.56 49.82
N ASP J 154 43.49 -17.67 50.54
CA ASP J 154 42.73 -18.88 50.28
C ASP J 154 41.47 -18.99 51.13
N THR J 155 41.15 -17.97 51.93
CA THR J 155 39.93 -17.99 52.72
C THR J 155 38.70 -17.87 51.81
N VAL J 156 37.53 -18.17 52.39
CA VAL J 156 36.29 -18.09 51.62
C VAL J 156 35.98 -16.65 51.24
N SER J 157 36.31 -15.70 52.12
CA SER J 157 36.06 -14.30 51.84
C SER J 157 36.92 -13.81 50.67
N GLN J 158 38.11 -14.38 50.51
CA GLN J 158 39.02 -14.04 49.42
C GLN J 158 39.37 -12.56 49.39
N LYS J 159 40.01 -12.08 50.45
CA LYS J 159 40.42 -10.68 50.45
C LYS J 159 41.80 -10.53 49.80
N PRO J 160 42.06 -9.40 49.15
CA PRO J 160 43.38 -9.19 48.54
C PRO J 160 44.49 -9.18 49.59
N LEU J 161 45.65 -9.70 49.19
CA LEU J 161 46.79 -9.82 50.10
C LEU J 161 47.97 -8.97 49.69
N PHE J 162 48.44 -9.08 48.44
CA PHE J 162 49.54 -8.27 47.98
C PHE J 162 49.51 -8.20 46.45
N ALA J 163 50.26 -7.24 45.91
CA ALA J 163 50.33 -7.04 44.46
C ALA J 163 51.76 -6.65 44.09
N VAL J 164 52.13 -6.94 42.85
CA VAL J 164 53.49 -6.71 42.35
C VAL J 164 53.43 -5.95 41.05
N ARG J 165 54.43 -5.10 40.82
CA ARG J 165 54.63 -4.41 39.56
C ARG J 165 56.12 -4.38 39.27
N TYR J 166 56.50 -4.75 38.05
CA TYR J 166 57.90 -4.86 37.68
C TYR J 166 58.11 -4.35 36.26
N GLY J 167 59.35 -4.45 35.78
CA GLY J 167 59.70 -4.00 34.44
C GLY J 167 61.17 -3.68 34.29
N LEU J 168 61.71 -3.86 33.09
CA LEU J 168 63.11 -3.58 32.84
C LEU J 168 63.37 -2.07 32.83
N ASP J 169 64.53 -1.67 33.33
CA ASP J 169 64.92 -0.27 33.33
C ASP J 169 65.73 0.04 32.07
N ARG J 170 66.37 1.20 32.05
CA ARG J 170 67.09 1.63 30.84
C ARG J 170 68.32 0.76 30.60
N GLU J 171 69.02 0.36 31.67
CA GLU J 171 70.26 -0.39 31.53
C GLU J 171 70.05 -1.89 31.39
N GLY J 172 68.83 -2.38 31.60
CA GLY J 172 68.52 -3.77 31.39
C GLY J 172 68.51 -4.66 32.60
N GLU J 173 68.14 -4.15 33.77
CA GLU J 173 68.02 -4.95 34.98
C GLU J 173 66.66 -4.72 35.61
N LEU J 174 66.15 -5.74 36.30
CA LEU J 174 64.81 -5.70 36.84
C LEU J 174 64.68 -4.64 37.93
N CYS J 175 63.61 -3.85 37.85
CA CYS J 175 63.27 -2.89 38.89
C CYS J 175 61.76 -2.93 39.10
N GLY J 176 61.34 -2.98 40.36
CA GLY J 176 59.91 -3.10 40.64
C GLY J 176 59.58 -2.68 42.06
N THR J 177 58.28 -2.65 42.33
CA THR J 177 57.76 -2.24 43.63
C THR J 177 56.78 -3.28 44.13
N LEU J 178 56.84 -3.56 45.43
CA LEU J 178 55.95 -4.51 46.08
C LEU J 178 55.04 -3.76 47.03
N TYR J 179 53.73 -3.96 46.86
CA TYR J 179 52.73 -3.32 47.70
C TYR J 179 52.10 -4.35 48.65
N THR J 180 52.11 -4.04 49.94
CA THR J 180 51.45 -4.85 50.95
C THR J 180 50.49 -3.97 51.72
N GLU J 181 49.73 -4.61 52.63
CA GLU J 181 48.75 -3.87 53.43
C GLU J 181 49.42 -2.88 54.36
N ASP J 182 50.56 -3.26 54.93
CA ASP J 182 51.22 -2.42 55.94
C ASP J 182 52.37 -1.62 55.37
N VAL J 183 53.23 -2.25 54.55
CA VAL J 183 54.45 -1.61 54.06
C VAL J 183 54.53 -1.74 52.56
N ASP J 184 55.36 -0.90 51.95
CA ASP J 184 55.66 -0.96 50.52
C ASP J 184 57.17 -1.09 50.36
N VAL J 185 57.60 -2.04 49.55
CA VAL J 185 59.01 -2.37 49.38
C VAL J 185 59.39 -2.19 47.92
N THR J 186 60.62 -1.76 47.69
CA THR J 186 61.16 -1.56 46.35
C THR J 186 62.07 -2.74 46.01
N LEU J 187 61.83 -3.37 44.86
CA LEU J 187 62.61 -4.51 44.41
C LEU J 187 63.68 -4.04 43.44
N ILE J 188 64.92 -4.39 43.72
CA ILE J 188 66.06 -4.00 42.89
C ILE J 188 66.95 -5.22 42.68
N GLY J 189 67.48 -5.36 41.47
CA GLY J 189 68.39 -6.44 41.16
C GLY J 189 69.36 -6.04 40.07
N LYS J 190 70.62 -6.41 40.25
CA LYS J 190 71.68 -6.05 39.31
C LYS J 190 72.37 -7.25 38.69
N ASN J 191 72.75 -8.26 39.49
CA ASN J 191 73.44 -9.42 38.93
C ASN J 191 72.45 -10.40 38.31
N GLY J 192 71.18 -10.29 38.69
CA GLY J 192 70.16 -11.20 38.20
C GLY J 192 69.21 -11.62 39.30
N THR J 193 69.69 -11.60 40.54
CA THR J 193 68.86 -11.90 41.69
C THR J 193 68.08 -10.64 42.11
N MET J 194 67.21 -10.81 43.10
CA MET J 194 66.37 -9.74 43.59
C MET J 194 66.56 -9.59 45.10
N ILE J 195 66.73 -8.35 45.55
CA ILE J 195 66.94 -8.04 46.96
C ILE J 195 66.04 -6.86 47.34
N PHE J 196 65.47 -6.92 48.54
CA PHE J 196 64.63 -5.84 49.02
C PHE J 196 65.48 -4.61 49.32
N GLY J 197 65.03 -3.45 48.84
CA GLY J 197 65.84 -2.25 48.92
C GLY J 197 65.45 -1.24 49.98
N GLU J 198 64.15 -0.97 50.13
CA GLU J 198 63.71 0.07 51.03
C GLU J 198 62.26 -0.20 51.41
N GLU J 199 61.84 0.33 52.56
CA GLU J 199 60.50 0.14 53.07
C GLU J 199 59.91 1.48 53.48
N SER J 200 58.64 1.68 53.12
CA SER J 200 57.93 2.90 53.47
C SER J 200 56.55 2.54 54.03
N GLU J 201 56.10 3.33 54.99
CA GLU J 201 54.82 3.06 55.63
C GLU J 201 53.66 3.36 54.68
N ASN J 202 52.56 2.64 54.88
CA ASN J 202 51.35 2.82 54.09
C ASN J 202 50.38 3.69 54.86
N VAL J 203 50.13 4.90 54.35
CA VAL J 203 49.20 5.82 55.00
C VAL J 203 47.78 5.29 54.93
N TYR J 204 47.44 4.62 53.82
CA TYR J 204 46.10 4.09 53.66
C TYR J 204 45.90 2.86 54.55
N ASN J 205 44.64 2.45 54.67
CA ASN J 205 44.27 1.33 55.52
C ASN J 205 44.08 0.02 54.75
N ASP J 206 44.49 -0.02 53.49
CA ASP J 206 44.36 -1.22 52.67
C ASP J 206 45.40 -1.15 51.56
N LEU J 207 45.25 -2.05 50.58
CA LEU J 207 46.16 -2.07 49.44
C LEU J 207 45.95 -0.84 48.57
N ALA J 208 47.01 -0.44 47.86
CA ALA J 208 46.97 0.71 46.98
C ALA J 208 46.59 0.35 45.55
N VAL J 209 46.26 -0.91 45.29
CA VAL J 209 45.93 -1.39 43.95
C VAL J 209 44.53 -1.97 43.97
N THR J 210 43.69 -1.53 43.04
CA THR J 210 42.32 -2.00 42.91
C THR J 210 42.14 -2.63 41.53
N GLU J 211 41.38 -3.72 41.49
CA GLU J 211 41.20 -4.51 40.27
C GLU J 211 39.79 -4.35 39.75
N PHE J 212 39.67 -4.07 38.45
CA PHE J 212 38.38 -3.99 37.76
C PHE J 212 38.28 -5.18 36.82
N ILE J 213 37.17 -5.93 36.91
CA ILE J 213 36.98 -7.14 36.11
C ILE J 213 35.76 -6.95 35.23
N PHE J 214 35.87 -7.39 33.96
CA PHE J 214 34.72 -7.38 33.07
C PHE J 214 33.73 -8.46 33.45
N ASN J 215 34.21 -9.68 33.69
CA ASN J 215 33.37 -10.82 34.03
C ASN J 215 34.00 -11.54 35.22
N GLU J 216 33.34 -12.61 35.66
CA GLU J 216 33.92 -13.47 36.67
C GLU J 216 34.89 -14.49 36.08
N GLU J 217 34.76 -14.82 34.81
CA GLU J 217 35.74 -15.62 34.10
C GLU J 217 36.83 -14.78 33.44
N ARG J 218 36.70 -13.46 33.53
CA ARG J 218 37.71 -12.52 33.06
C ARG J 218 38.05 -12.74 31.59
N MET J 219 37.03 -12.56 30.76
CA MET J 219 37.13 -12.72 29.32
C MET J 219 36.80 -11.40 28.63
N GLY J 220 37.43 -11.17 27.48
CA GLY J 220 37.17 -9.99 26.69
C GLY J 220 35.84 -10.08 25.96
N ILE J 221 35.48 -8.96 25.31
CA ILE J 221 34.21 -8.93 24.57
C ILE J 221 34.27 -9.84 23.35
N TYR J 222 35.36 -9.77 22.59
CA TYR J 222 35.47 -10.49 21.32
C TYR J 222 36.37 -11.71 21.41
N GLU J 223 36.56 -12.28 22.59
CA GLU J 223 37.44 -13.44 22.71
C GLU J 223 36.82 -14.69 22.08
N THR J 224 35.50 -14.75 22.00
CA THR J 224 34.82 -15.94 21.50
C THR J 224 34.49 -15.88 20.02
N VAL J 225 34.86 -14.82 19.32
CA VAL J 225 34.52 -14.66 17.90
C VAL J 225 35.78 -14.50 17.04
N THR J 226 36.90 -15.10 17.44
CA THR J 226 38.11 -14.98 16.65
C THR J 226 38.05 -15.84 15.39
N ALA J 227 37.54 -17.06 15.51
CA ALA J 227 37.52 -17.98 14.38
C ALA J 227 36.67 -17.45 13.23
N LEU J 228 35.49 -16.89 13.55
CA LEU J 228 34.62 -16.37 12.51
C LEU J 228 35.27 -15.20 11.79
N ILE J 229 35.94 -14.31 12.53
CA ILE J 229 36.62 -13.18 11.91
C ILE J 229 37.72 -13.67 10.98
N ASP J 230 38.52 -14.64 11.44
CA ASP J 230 39.60 -15.16 10.61
C ASP J 230 39.05 -15.80 9.34
N SER J 231 37.98 -16.59 9.47
CA SER J 231 37.40 -17.23 8.30
C SER J 231 36.84 -16.20 7.32
N TYR J 232 36.18 -15.16 7.84
CA TYR J 232 35.66 -14.12 6.96
C TYR J 232 36.78 -13.42 6.19
N ASP J 233 37.87 -13.07 6.88
CA ASP J 233 38.99 -12.43 6.21
C ASP J 233 39.59 -13.33 5.15
N LYS J 234 39.78 -14.61 5.47
CA LYS J 234 40.36 -15.54 4.50
C LYS J 234 39.46 -15.71 3.28
N ALA J 235 38.15 -15.82 3.50
CA ALA J 235 37.23 -15.99 2.38
C ALA J 235 37.20 -14.77 1.48
N ILE J 236 37.15 -13.57 2.07
CA ILE J 236 37.11 -12.37 1.23
C ILE J 236 38.42 -12.20 0.48
N SER J 237 39.54 -12.55 1.11
CA SER J 237 40.82 -12.48 0.41
C SER J 237 40.87 -13.46 -0.76
N GLU J 238 40.36 -14.68 -0.56
CA GLU J 238 40.33 -15.65 -1.65
C GLU J 238 39.45 -15.17 -2.80
N LYS J 239 38.30 -14.58 -2.48
CA LYS J 239 37.44 -14.06 -3.55
C LYS J 239 38.14 -12.94 -4.31
N THR J 240 38.81 -12.04 -3.59
CA THR J 240 39.55 -10.97 -4.25
C THR J 240 40.63 -11.52 -5.17
N ASN J 241 41.33 -12.56 -4.72
CA ASN J 241 42.31 -13.21 -5.58
C ASN J 241 41.66 -13.80 -6.82
N ASP J 242 40.51 -14.45 -6.66
CA ASP J 242 39.86 -15.12 -7.79
C ASP J 242 39.38 -14.11 -8.83
N VAL J 243 38.92 -12.94 -8.39
CA VAL J 243 38.40 -11.96 -9.33
C VAL J 243 39.49 -11.44 -10.27
N ASP J 244 40.73 -11.38 -9.79
CA ASP J 244 41.76 -10.63 -10.50
C ASP J 244 42.37 -11.42 -11.68
N TYR J 245 42.44 -12.75 -11.57
CA TYR J 245 43.30 -13.52 -12.48
C TYR J 245 42.81 -13.45 -13.92
N PHE J 246 41.53 -13.68 -14.17
CA PHE J 246 41.01 -13.85 -15.52
C PHE J 246 40.36 -12.59 -16.02
N SER J 247 40.33 -12.44 -17.35
CA SER J 247 39.67 -11.33 -17.99
C SER J 247 38.17 -11.62 -18.12
N ASP J 248 37.46 -10.71 -18.80
CA ASP J 248 36.02 -10.86 -18.94
C ASP J 248 35.67 -11.71 -20.17
N SER J 249 36.26 -11.40 -21.32
CA SER J 249 35.96 -12.11 -22.56
C SER J 249 37.24 -12.27 -23.37
N TYR J 250 37.27 -13.31 -24.19
CA TYR J 250 38.41 -13.62 -25.04
C TYR J 250 37.93 -13.87 -26.46
N LEU J 251 38.86 -13.72 -27.41
CA LEU J 251 38.60 -13.99 -28.81
C LEU J 251 39.43 -15.19 -29.26
N LYS J 252 38.78 -16.13 -29.93
CA LYS J 252 39.41 -17.38 -30.35
C LYS J 252 39.45 -17.45 -31.86
N VAL J 253 40.65 -17.62 -32.42
CA VAL J 253 40.85 -17.81 -33.85
C VAL J 253 41.64 -19.08 -34.05
N VAL J 254 41.02 -20.06 -34.74
CA VAL J 254 41.63 -21.36 -34.98
C VAL J 254 41.63 -21.63 -36.47
N GLY J 255 42.80 -21.96 -37.02
CA GLY J 255 42.93 -22.29 -38.41
C GLY J 255 43.45 -21.18 -39.30
N ALA J 256 43.66 -19.99 -38.76
CA ALA J 256 44.15 -18.86 -39.54
C ALA J 256 45.23 -18.14 -38.76
N MET J 257 46.10 -17.46 -39.50
CA MET J 257 47.24 -16.75 -38.91
C MET J 257 46.86 -15.31 -38.66
N LEU J 258 47.08 -14.84 -37.43
CA LEU J 258 46.83 -13.47 -37.04
C LEU J 258 48.14 -12.84 -36.57
N SER J 259 48.46 -11.68 -37.10
CA SER J 259 49.71 -10.99 -36.79
C SER J 259 49.47 -9.85 -35.82
N PRO J 260 50.45 -9.54 -34.98
CA PRO J 260 50.27 -8.44 -34.01
C PRO J 260 49.99 -7.09 -34.66
N GLU J 261 50.48 -6.89 -35.90
CA GLU J 261 50.25 -5.62 -36.58
C GLU J 261 48.77 -5.38 -36.86
N MET J 262 48.03 -6.44 -37.19
CA MET J 262 46.62 -6.28 -37.53
C MET J 262 45.80 -5.90 -36.31
N ILE J 263 46.14 -6.43 -35.13
CA ILE J 263 45.33 -6.23 -33.93
C ILE J 263 45.78 -4.98 -33.20
N GLU J 264 46.63 -4.18 -33.82
CA GLU J 264 47.04 -2.92 -33.21
C GLU J 264 45.85 -1.98 -33.06
N LYS J 265 44.99 -1.91 -34.06
CA LYS J 265 43.76 -1.14 -34.01
C LYS J 265 42.58 -2.09 -34.16
N ILE J 266 42.12 -2.65 -33.03
CA ILE J 266 41.01 -3.59 -33.07
C ILE J 266 39.73 -2.89 -32.64
N ARG J 267 39.84 -1.76 -31.94
CA ARG J 267 38.65 -1.03 -31.51
C ARG J 267 37.98 -0.32 -32.68
N ASP J 268 38.76 0.11 -33.65
CA ASP J 268 38.27 0.93 -34.76
C ASP J 268 37.89 0.11 -35.99
N THR J 269 38.19 -1.18 -36.01
CA THR J 269 37.88 -2.04 -37.16
C THR J 269 36.87 -3.08 -36.71
N ARG J 270 35.73 -3.14 -37.40
CA ARG J 270 34.62 -4.00 -37.00
C ARG J 270 34.22 -4.98 -38.09
N VAL J 271 35.11 -5.30 -39.03
CA VAL J 271 34.83 -6.27 -40.08
C VAL J 271 35.98 -7.27 -40.12
N ILE J 272 35.65 -8.56 -40.04
CA ILE J 272 36.61 -9.64 -40.09
C ILE J 272 36.36 -10.45 -41.36
N ASN J 273 37.42 -10.67 -42.14
CA ASN J 273 37.29 -11.31 -43.45
C ASN J 273 38.36 -12.38 -43.60
N VAL J 274 37.95 -13.56 -44.07
CA VAL J 274 38.88 -14.64 -44.40
C VAL J 274 38.64 -15.01 -45.87
N PRO J 275 39.45 -14.51 -46.81
CA PRO J 275 39.13 -14.72 -48.22
C PRO J 275 39.37 -16.15 -48.70
N GLU J 276 40.48 -16.76 -48.33
CA GLU J 276 40.84 -18.10 -48.81
C GLU J 276 41.11 -19.03 -47.63
N PRO J 277 40.09 -19.76 -47.16
CA PRO J 277 40.31 -20.67 -46.03
C PRO J 277 41.03 -21.93 -46.49
N PRO J 278 41.77 -22.58 -45.59
CA PRO J 278 42.44 -23.84 -45.95
C PRO J 278 41.43 -24.92 -46.27
N HIS J 279 41.78 -25.79 -47.21
CA HIS J 279 40.86 -26.82 -47.67
C HIS J 279 40.74 -27.96 -46.65
N ASP J 280 41.87 -28.40 -46.08
CA ASP J 280 41.86 -29.63 -45.30
C ASP J 280 41.24 -29.44 -43.92
N VAL J 281 41.52 -28.31 -43.27
CA VAL J 281 41.05 -28.09 -41.91
C VAL J 281 39.91 -27.08 -41.89
N SER J 282 39.26 -26.94 -40.74
CA SER J 282 38.10 -26.06 -40.58
C SER J 282 38.50 -24.81 -39.81
N VAL J 283 37.87 -23.69 -40.15
CA VAL J 283 38.15 -22.40 -39.53
C VAL J 283 37.04 -22.11 -38.54
N ASP J 284 37.42 -21.79 -37.30
CA ASP J 284 36.47 -21.50 -36.23
C ASP J 284 36.83 -20.17 -35.59
N ILE J 285 35.84 -19.29 -35.47
CA ILE J 285 36.02 -17.97 -34.86
C ILE J 285 34.84 -17.74 -33.92
N GLY J 286 35.12 -17.22 -32.73
CA GLY J 286 34.06 -16.95 -31.78
C GLY J 286 34.61 -16.29 -30.53
N PHE J 287 33.68 -15.98 -29.62
CA PHE J 287 34.00 -15.35 -28.34
C PHE J 287 33.86 -16.35 -27.21
N LEU J 288 34.75 -16.26 -26.23
CA LEU J 288 34.67 -17.04 -25.00
C LEU J 288 34.39 -16.09 -23.85
N ASP J 289 33.42 -16.45 -23.00
CA ASP J 289 33.01 -15.62 -21.88
C ASP J 289 33.39 -16.28 -20.56
N LYS J 290 33.84 -15.46 -19.61
CA LYS J 290 34.16 -15.99 -18.30
C LYS J 290 32.87 -16.21 -17.50
N PRO J 291 32.65 -17.41 -16.96
CA PRO J 291 31.40 -17.66 -16.22
C PRO J 291 31.40 -16.94 -14.88
N ASP J 292 30.35 -16.15 -14.64
CA ASP J 292 30.19 -15.38 -13.41
C ASP J 292 28.89 -15.82 -12.74
N SER J 293 29.00 -16.82 -11.87
CA SER J 293 27.86 -17.36 -11.12
C SER J 293 28.37 -17.84 -9.77
N ASP J 294 28.17 -17.01 -8.74
CA ASP J 294 28.58 -17.34 -7.38
C ASP J 294 27.38 -17.17 -6.46
N SER J 295 27.02 -18.23 -5.76
CA SER J 295 25.90 -18.18 -4.82
C SER J 295 26.25 -18.75 -3.46
N GLN J 296 27.18 -19.69 -3.39
CA GLN J 296 27.53 -20.30 -2.12
C GLN J 296 28.36 -19.35 -1.27
N THR J 297 29.30 -18.65 -1.88
CA THR J 297 30.17 -17.73 -1.15
C THR J 297 29.37 -16.60 -0.51
N GLU J 298 28.39 -16.06 -1.25
CA GLU J 298 27.58 -14.97 -0.71
C GLU J 298 26.81 -15.43 0.52
N ASN J 299 26.19 -16.61 0.45
CA ASN J 299 25.43 -17.12 1.59
C ASN J 299 26.34 -17.38 2.79
N LEU J 300 27.51 -17.97 2.55
CA LEU J 300 28.43 -18.22 3.65
C LEU J 300 28.87 -16.92 4.32
N LEU J 301 29.23 -15.92 3.51
CA LEU J 301 29.66 -14.64 4.05
C LEU J 301 28.55 -13.95 4.83
N ASP J 302 27.32 -14.02 4.31
CA ASP J 302 26.20 -13.41 5.01
C ASP J 302 25.96 -14.08 6.37
N ARG J 303 26.00 -15.41 6.41
CA ARG J 303 25.80 -16.09 7.68
C ARG J 303 26.90 -15.74 8.68
N ILE J 304 28.15 -15.73 8.22
CA ILE J 304 29.25 -15.41 9.13
C ILE J 304 29.13 -13.98 9.65
N ASP J 305 28.80 -13.03 8.76
CA ASP J 305 28.68 -11.63 9.17
C ASP J 305 27.55 -11.46 10.17
N LYS J 306 26.41 -12.11 9.95
CA LYS J 306 25.32 -12.01 10.92
C LYS J 306 25.71 -12.61 12.26
N HIS J 307 26.37 -13.77 12.25
CA HIS J 307 26.73 -14.43 13.50
C HIS J 307 27.73 -13.62 14.31
N ILE J 308 28.68 -12.97 13.63
CA ILE J 308 29.69 -12.19 14.36
C ILE J 308 29.02 -11.09 15.19
N TYR J 309 28.04 -10.40 14.60
CA TYR J 309 27.36 -9.34 15.34
C TYR J 309 26.42 -9.89 16.39
N GLN J 310 25.71 -10.98 16.07
CA GLN J 310 24.72 -11.49 17.02
C GLN J 310 25.37 -12.08 18.27
N ILE J 311 26.43 -12.87 18.09
CA ILE J 311 27.05 -13.56 19.22
C ILE J 311 27.72 -12.57 20.17
N ALA J 312 28.33 -11.52 19.63
CA ALA J 312 29.05 -10.55 20.44
C ALA J 312 28.12 -9.65 21.25
N MET J 313 26.80 -9.74 21.03
CA MET J 313 25.80 -8.93 21.73
C MET J 313 26.06 -7.44 21.54
N VAL J 314 26.40 -7.06 20.30
CA VAL J 314 26.52 -5.67 19.90
C VAL J 314 25.72 -5.47 18.63
N ALA J 315 24.87 -4.44 18.64
CA ALA J 315 23.92 -4.20 17.57
C ALA J 315 24.58 -3.45 16.43
N ASN J 316 24.27 -3.88 15.21
CA ASN J 316 24.75 -3.21 13.99
C ASN J 316 23.74 -2.12 13.65
N ILE J 317 23.97 -0.92 14.19
CA ILE J 317 23.00 0.17 14.03
C ILE J 317 22.92 0.65 12.59
N SER J 318 24.04 0.71 11.88
CA SER J 318 24.08 1.31 10.56
C SER J 318 23.64 0.35 9.45
N ASP J 319 23.13 -0.84 9.81
CA ASP J 319 22.69 -1.78 8.80
C ASP J 319 21.48 -1.24 8.04
N GLU J 320 21.41 -1.57 6.74
CA GLU J 320 20.26 -1.17 5.94
C GLU J 320 18.99 -1.92 6.33
N SER J 321 19.13 -3.13 6.87
CA SER J 321 18.00 -3.92 7.32
C SER J 321 17.61 -3.62 8.76
N PHE J 322 18.17 -2.57 9.36
CA PHE J 322 17.86 -2.22 10.73
C PHE J 322 16.43 -1.70 10.82
N GLY J 323 15.94 -1.54 12.04
CA GLY J 323 14.57 -1.13 12.29
C GLY J 323 14.15 0.12 11.55
N SER J 324 12.97 0.10 10.93
CA SER J 324 12.50 1.18 10.07
C SER J 324 11.11 1.64 10.50
N SER J 325 10.96 2.95 10.69
CA SER J 325 9.66 3.59 10.88
C SER J 325 8.89 2.99 12.05
N SER J 326 9.45 3.14 13.25
CA SER J 326 8.79 2.65 14.46
C SER J 326 9.40 3.35 15.67
N GLY J 327 8.56 3.62 16.66
CA GLY J 327 9.05 4.24 17.88
C GLY J 327 9.67 3.24 18.84
N VAL J 328 9.00 2.10 19.02
CA VAL J 328 9.44 1.15 20.04
C VAL J 328 10.27 0.03 19.44
N ALA J 329 10.00 -0.33 18.18
CA ALA J 329 10.73 -1.44 17.56
C ALA J 329 12.21 -1.13 17.44
N LEU J 330 12.56 0.16 17.30
CA LEU J 330 13.96 0.53 17.29
C LEU J 330 14.60 0.37 18.66
N ALA J 331 13.83 0.65 19.72
CA ALA J 331 14.37 0.53 21.07
C ALA J 331 14.61 -0.92 21.46
N TYR J 332 13.82 -1.84 20.89
CA TYR J 332 13.97 -3.25 21.23
C TYR J 332 15.30 -3.81 20.75
N LYS J 333 15.74 -3.40 19.56
CA LYS J 333 16.93 -4.00 18.96
C LYS J 333 18.19 -3.69 19.77
N LEU J 334 18.15 -2.66 20.60
CA LEU J 334 19.29 -2.27 21.42
C LEU J 334 19.30 -2.94 22.79
N GLN J 335 18.35 -3.83 23.06
CA GLN J 335 18.23 -4.41 24.40
C GLN J 335 19.44 -5.24 24.82
N PRO J 336 20.00 -6.14 24.01
CA PRO J 336 21.16 -6.92 24.50
C PRO J 336 22.34 -6.06 24.92
N MET J 337 22.61 -4.97 24.22
CA MET J 337 23.68 -4.08 24.63
C MET J 337 23.38 -3.45 25.99
N SER J 338 22.11 -3.09 26.22
CA SER J 338 21.72 -2.58 27.53
C SER J 338 21.91 -3.63 28.61
N ASN J 339 21.59 -4.90 28.31
CA ASN J 339 21.78 -5.96 29.28
C ASN J 339 23.26 -6.12 29.63
N LEU J 340 24.13 -6.10 28.62
CA LEU J 340 25.56 -6.22 28.87
C LEU J 340 26.07 -5.04 29.69
N ALA J 341 25.61 -3.83 29.37
CA ALA J 341 26.03 -2.66 30.13
C ALA J 341 25.57 -2.75 31.58
N ALA J 342 24.34 -3.23 31.80
CA ALA J 342 23.85 -3.40 33.17
C ALA J 342 24.67 -4.45 33.92
N ALA J 343 25.07 -5.52 33.23
CA ALA J 343 25.90 -6.54 33.87
C ALA J 343 27.25 -5.96 34.28
N PHE J 344 27.87 -5.16 33.42
CA PHE J 344 29.17 -4.58 33.77
C PHE J 344 29.05 -3.52 34.85
N GLU J 345 27.91 -2.81 34.88
CA GLU J 345 27.72 -1.75 35.87
C GLU J 345 27.76 -2.31 37.29
N ARG J 346 27.34 -3.56 37.47
CA ARG J 346 27.34 -4.16 38.81
C ARG J 346 28.74 -4.21 39.40
N LYS J 347 29.73 -4.60 38.60
CA LYS J 347 31.11 -4.60 39.08
C LYS J 347 31.67 -3.19 39.15
N PHE J 348 31.35 -2.34 38.16
CA PHE J 348 31.92 -1.00 38.14
C PHE J 348 31.50 -0.18 39.34
N GLN J 349 30.22 -0.27 39.73
CA GLN J 349 29.73 0.50 40.87
C GLN J 349 30.40 0.06 42.16
N ALA J 350 30.55 -1.26 42.35
CA ALA J 350 31.21 -1.76 43.54
C ALA J 350 32.66 -1.30 43.61
N ALA J 351 33.36 -1.32 42.47
CA ALA J 351 34.74 -0.84 42.45
C ALA J 351 34.82 0.65 42.79
N LEU J 352 33.92 1.46 42.23
CA LEU J 352 33.91 2.89 42.55
C LEU J 352 33.60 3.12 44.03
N THR J 353 32.69 2.32 44.58
CA THR J 353 32.38 2.41 46.01
C THR J 353 33.60 2.11 46.85
N GLN J 354 34.36 1.07 46.48
CA GLN J 354 35.60 0.77 47.19
C GLN J 354 36.58 1.94 47.11
N ARG J 355 36.73 2.52 45.92
CA ARG J 355 37.66 3.64 45.77
C ARG J 355 37.27 4.82 46.66
N TYR J 356 35.99 5.18 46.67
CA TYR J 356 35.57 6.34 47.45
C TYR J 356 35.55 6.03 48.94
N LYS J 357 35.35 4.77 49.31
CA LYS J 357 35.54 4.37 50.70
C LYS J 357 36.98 4.57 51.13
N MET J 358 37.93 4.20 50.27
CA MET J 358 39.34 4.34 50.63
C MET J 358 39.76 5.81 50.63
N PHE J 359 39.09 6.64 49.82
CA PHE J 359 39.52 8.03 49.65
C PHE J 359 39.44 8.82 50.95
N MET J 360 38.35 8.69 51.70
CA MET J 360 38.16 9.57 52.84
C MET J 360 38.81 9.03 54.11
N SER J 361 39.59 7.95 53.99
CA SER J 361 40.26 7.40 55.17
C SER J 361 41.24 8.41 55.77
N LEU J 362 41.96 9.13 54.93
CA LEU J 362 42.91 10.12 55.42
C LEU J 362 42.19 11.27 56.10
N LEU J 363 42.82 11.79 57.16
CA LEU J 363 42.21 12.89 57.91
C LEU J 363 42.30 14.21 57.14
N THR J 364 43.24 14.31 56.20
CA THR J 364 43.40 15.55 55.46
C THR J 364 42.19 15.84 54.58
N ASN J 365 41.63 14.80 53.95
CA ASN J 365 40.51 15.02 53.04
C ASN J 365 39.26 15.47 53.79
N VAL J 366 38.88 14.75 54.85
CA VAL J 366 37.67 15.05 55.62
C VAL J 366 37.96 14.84 57.09
N SER J 367 37.07 15.35 57.93
CA SER J 367 37.22 15.19 59.37
C SER J 367 36.97 13.74 59.78
N ALA J 368 37.45 13.39 60.98
CA ALA J 368 37.32 12.02 61.45
C ALA J 368 35.87 11.64 61.70
N ASN J 369 35.01 12.63 61.93
CA ASN J 369 33.60 12.35 62.21
C ASN J 369 32.91 11.75 60.98
N LEU J 370 33.25 12.23 59.79
CA LEU J 370 32.57 11.84 58.56
C LEU J 370 33.25 10.68 57.83
N SER J 371 34.23 10.03 58.45
CA SER J 371 34.99 8.99 57.76
C SER J 371 34.10 7.82 57.35
N ASN J 372 33.17 7.43 58.22
CA ASN J 372 32.34 6.25 58.00
C ASN J 372 31.08 6.55 57.20
N GLU J 373 31.08 7.61 56.40
CA GLU J 373 29.89 8.04 55.68
C GLU J 373 29.92 7.65 54.21
N TRP J 374 30.86 6.77 53.81
CA TRP J 374 30.95 6.40 52.40
C TRP J 374 29.72 5.62 51.94
N ARG J 375 28.93 5.08 52.88
CA ARG J 375 27.73 4.34 52.51
C ARG J 375 26.65 5.25 51.92
N GLY J 376 26.75 6.56 52.12
CA GLY J 376 25.68 7.45 51.68
C GLY J 376 25.82 7.86 50.23
N ILE J 377 26.95 7.55 49.61
CA ILE J 377 27.17 7.96 48.22
C ILE J 377 26.23 7.21 47.30
N GLU J 378 25.61 7.93 46.36
CA GLU J 378 24.68 7.37 45.40
C GLU J 378 25.20 7.62 44.00
N PHE J 379 25.18 6.59 43.16
CA PHE J 379 25.67 6.65 41.80
C PHE J 379 24.51 6.56 40.82
N ARG J 380 24.55 7.39 39.78
CA ARG J 380 23.55 7.35 38.72
C ARG J 380 24.26 7.22 37.38
N PHE J 381 23.86 6.23 36.59
CA PHE J 381 24.43 5.97 35.28
C PHE J 381 23.35 6.13 34.23
N THR J 382 23.70 6.74 33.10
CA THR J 382 22.81 6.93 31.98
C THR J 382 23.48 6.49 30.69
N ARG J 383 22.72 5.88 29.80
CA ARG J 383 23.24 5.40 28.53
C ARG J 383 23.15 6.49 27.46
N ASN J 384 23.93 6.32 26.40
CA ASN J 384 23.98 7.28 25.31
C ASN J 384 23.04 6.83 24.20
N ILE J 385 21.82 7.36 24.20
CA ILE J 385 20.84 7.06 23.17
C ILE J 385 20.22 8.37 22.70
N PRO J 386 19.67 8.40 21.49
CA PRO J 386 19.02 9.62 21.02
C PRO J 386 17.87 10.02 21.94
N LYS J 387 17.75 11.33 22.18
CA LYS J 387 16.79 11.86 23.13
C LYS J 387 15.93 12.92 22.46
N ASN J 388 14.67 13.00 22.87
CA ASN J 388 13.74 14.02 22.41
C ASN J 388 13.52 15.01 23.53
N VAL J 389 13.85 16.28 23.28
CA VAL J 389 13.81 17.29 24.34
C VAL J 389 12.37 17.61 24.71
N LEU J 390 11.47 17.66 23.71
CA LEU J 390 10.09 18.07 23.96
C LEU J 390 9.38 17.08 24.87
N GLU J 391 9.59 15.78 24.66
CA GLU J 391 8.97 14.78 25.53
C GLU J 391 9.48 14.91 26.97
N GLU J 392 10.78 15.16 27.12
CA GLU J 392 11.33 15.34 28.47
C GLU J 392 10.74 16.58 29.14
N ALA J 393 10.57 17.67 28.39
CA ALA J 393 9.98 18.87 28.95
C ALA J 393 8.53 18.62 29.38
N GLN J 394 7.76 17.94 28.54
CA GLN J 394 6.37 17.63 28.90
C GLN J 394 6.31 16.72 30.10
N THR J 395 7.22 15.73 30.18
CA THR J 395 7.27 14.86 31.33
C THR J 395 7.58 15.63 32.61
N ALA J 396 8.53 16.57 32.53
CA ALA J 396 8.84 17.39 33.70
C ALA J 396 7.65 18.24 34.11
N VAL J 397 6.95 18.82 33.14
CA VAL J 397 5.77 19.63 33.45
C VAL J 397 4.71 18.79 34.15
N GLN J 398 4.46 17.59 33.65
CA GLN J 398 3.48 16.71 34.29
C GLN J 398 3.92 16.28 35.68
N LEU J 399 5.22 15.98 35.85
CA LEU J 399 5.71 15.47 37.12
C LEU J 399 5.78 16.57 38.18
N ALA J 400 5.85 17.82 37.75
CA ALA J 400 5.91 18.92 38.71
C ALA J 400 4.66 18.99 39.58
N THR J 401 3.57 18.37 39.14
CA THR J 401 2.32 18.45 39.90
C THR J 401 2.37 17.56 41.14
N ILE J 402 2.98 16.38 41.02
CA ILE J 402 2.91 15.36 42.06
C ILE J 402 4.26 15.14 42.75
N ALA J 403 5.36 15.38 42.05
CA ALA J 403 6.68 15.04 42.57
C ALA J 403 7.36 16.30 43.08
N SER J 404 8.50 16.10 43.74
CA SER J 404 9.26 17.21 44.31
C SER J 404 10.02 17.96 43.22
N GLN J 405 10.73 19.01 43.63
CA GLN J 405 11.47 19.83 42.68
C GLN J 405 12.71 19.11 42.18
N GLU J 406 13.42 18.42 43.08
CA GLU J 406 14.64 17.73 42.68
C GLU J 406 14.35 16.62 41.67
N THR J 407 13.31 15.82 41.93
CA THR J 407 12.93 14.77 40.98
C THR J 407 12.49 15.35 39.65
N THR J 408 11.73 16.45 39.69
CA THR J 408 11.28 17.09 38.45
C THR J 408 12.47 17.59 37.63
N LEU J 409 13.46 18.20 38.28
CA LEU J 409 14.61 18.71 37.55
C LEU J 409 15.57 17.60 37.16
N SER J 410 15.47 16.42 37.79
CA SER J 410 16.36 15.32 37.44
C SER J 410 16.07 14.79 36.04
N VAL J 411 14.80 14.78 35.64
CA VAL J 411 14.43 14.20 34.34
C VAL J 411 14.99 15.03 33.21
N LEU J 412 15.05 16.35 33.38
CA LEU J 412 15.49 17.24 32.31
C LEU J 412 16.96 16.97 31.97
N SER J 413 17.20 16.57 30.72
CA SER J 413 18.57 16.30 30.29
C SER J 413 19.35 17.59 30.05
N VAL J 414 18.63 18.71 29.84
CA VAL J 414 19.29 19.99 29.61
C VAL J 414 20.03 20.44 30.87
N VAL J 415 19.49 20.13 32.03
CA VAL J 415 20.07 20.54 33.30
C VAL J 415 21.37 19.77 33.56
N PRO J 416 22.51 20.46 33.66
CA PRO J 416 23.74 19.75 34.04
C PRO J 416 23.80 19.40 35.51
N ASP J 417 23.42 20.33 36.40
CA ASP J 417 23.45 20.11 37.83
C ASP J 417 22.15 20.60 38.44
N VAL J 418 21.54 19.77 39.28
CA VAL J 418 20.27 20.13 39.90
C VAL J 418 20.47 21.22 40.94
N ARG J 419 21.54 21.11 41.73
CA ARG J 419 21.74 22.05 42.83
C ARG J 419 21.98 23.47 42.32
N ALA J 420 22.76 23.62 41.25
CA ALA J 420 23.01 24.94 40.69
C ALA J 420 21.72 25.58 40.19
N GLU J 421 20.89 24.80 39.50
CA GLU J 421 19.62 25.33 39.02
C GLU J 421 18.70 25.71 40.17
N MET J 422 18.66 24.90 41.22
CA MET J 422 17.84 25.25 42.38
C MET J 422 18.35 26.53 43.04
N ASP J 423 19.66 26.68 43.13
CA ASP J 423 20.23 27.91 43.70
C ASP J 423 19.86 29.12 42.86
N ARG J 424 19.95 28.99 41.53
CA ARG J 424 19.60 30.11 40.67
C ARG J 424 18.11 30.46 40.76
N ILE J 425 17.25 29.44 40.83
CA ILE J 425 15.82 29.69 41.00
C ILE J 425 15.55 30.41 42.31
N HIS J 426 16.21 29.98 43.39
CA HIS J 426 16.04 30.65 44.67
C HIS J 426 16.56 32.08 44.61
N SER J 427 17.66 32.30 43.89
CA SER J 427 18.19 33.65 43.73
C SER J 427 17.21 34.55 42.99
N GLU J 428 16.55 34.02 41.96
CA GLU J 428 15.56 34.81 41.23
C GLU J 428 14.40 35.22 42.13
N ARG J 429 13.92 34.30 42.96
CA ARG J 429 12.83 34.60 43.89
C ARG J 429 12.95 33.75 45.15
N LEU K 4 24.50 -39.95 28.88
CA LEU K 4 24.82 -40.05 30.30
C LEU K 4 23.61 -39.74 31.17
N GLU K 5 23.82 -38.95 32.21
CA GLU K 5 22.78 -38.55 33.13
C GLU K 5 22.35 -37.11 32.83
N ILE K 6 21.03 -36.91 32.75
CA ILE K 6 20.47 -35.60 32.43
C ILE K 6 19.81 -34.92 33.62
N GLY K 7 20.10 -35.39 34.84
CA GLY K 7 19.55 -34.75 36.03
C GLY K 7 20.33 -35.20 37.25
N PHE K 8 20.05 -34.53 38.37
CA PHE K 8 20.69 -34.82 39.65
C PHE K 8 19.63 -35.21 40.67
N GLU K 9 19.88 -36.31 41.38
CA GLU K 9 18.96 -36.82 42.39
C GLU K 9 19.54 -36.53 43.77
N VAL K 10 18.70 -36.03 44.67
CA VAL K 10 19.17 -35.64 45.99
C VAL K 10 19.52 -36.86 46.82
N PHE K 11 20.55 -36.72 47.66
CA PHE K 11 20.91 -37.78 48.60
C PHE K 11 19.95 -37.77 49.78
N THR K 12 19.64 -38.97 50.28
CA THR K 12 18.75 -39.11 51.42
C THR K 12 19.40 -40.02 52.46
N PHE K 13 19.36 -39.59 53.71
CA PHE K 13 19.93 -40.36 54.82
C PHE K 13 18.96 -40.38 55.98
N PRO K 14 18.89 -41.50 56.70
CA PRO K 14 18.00 -41.58 57.86
C PRO K 14 18.43 -40.62 58.96
N ARG K 15 17.46 -40.16 59.74
CA ARG K 15 17.71 -39.10 60.71
C ARG K 15 18.47 -39.62 61.94
N GLU K 16 18.11 -40.81 62.41
CA GLU K 16 18.51 -41.22 63.76
C GLU K 16 19.99 -41.60 63.83
N GLU K 17 20.49 -42.35 62.84
CA GLU K 17 21.84 -42.87 62.92
C GLU K 17 22.89 -41.77 62.86
N GLU K 18 24.01 -42.03 63.53
CA GLU K 18 25.09 -41.06 63.62
C GLU K 18 25.81 -40.91 62.28
N ILE K 19 26.46 -39.76 62.12
CA ILE K 19 27.20 -39.44 60.90
C ILE K 19 28.66 -39.85 61.13
N THR K 20 29.05 -40.97 60.52
CA THR K 20 30.40 -41.49 60.65
C THR K 20 31.22 -41.16 59.40
N ILE K 21 32.52 -41.47 59.47
CA ILE K 21 33.43 -41.11 58.39
C ILE K 21 33.13 -41.93 57.14
N GLU K 22 32.64 -43.17 57.31
CA GLU K 22 32.40 -44.02 56.16
C GLU K 22 31.27 -43.50 55.29
N VAL K 23 30.19 -43.00 55.91
CA VAL K 23 29.10 -42.42 55.14
C VAL K 23 29.58 -41.21 54.36
N ILE K 24 30.39 -40.36 55.01
CA ILE K 24 30.93 -39.19 54.33
C ILE K 24 31.79 -39.60 53.14
N GLU K 25 32.64 -40.60 53.32
CA GLU K 25 33.50 -41.05 52.22
C GLU K 25 32.69 -41.64 51.07
N GLU K 26 31.62 -42.38 51.40
CA GLU K 26 30.74 -42.89 50.35
C GLU K 26 30.10 -41.75 49.57
N PHE K 27 29.69 -40.69 50.25
CA PHE K 27 29.13 -39.54 49.55
C PHE K 27 30.19 -38.83 48.72
N MET K 28 31.44 -38.81 49.20
CA MET K 28 32.54 -38.30 48.38
C MET K 28 32.65 -39.07 47.07
N SER K 29 32.59 -40.41 47.15
CA SER K 29 32.65 -41.21 45.94
C SER K 29 31.48 -40.91 45.02
N LEU K 30 30.27 -40.80 45.59
CA LEU K 30 29.10 -40.52 44.77
C LEU K 30 29.21 -39.19 44.04
N HIS K 31 29.72 -38.16 44.73
CA HIS K 31 29.84 -36.84 44.11
C HIS K 31 30.96 -36.82 43.07
N SER K 32 32.05 -37.55 43.34
CA SER K 32 33.12 -37.65 42.37
C SER K 32 32.65 -38.35 41.10
N LYS K 33 31.69 -39.26 41.25
CA LYS K 33 31.06 -39.87 40.08
C LYS K 33 30.32 -38.84 39.25
N GLN K 34 29.67 -37.87 39.89
CA GLN K 34 28.80 -36.91 39.20
C GLN K 34 29.54 -35.70 38.67
N GLN K 35 30.75 -35.43 39.14
CA GLN K 35 31.49 -34.24 38.71
C GLN K 35 31.62 -34.06 37.19
N PRO K 36 31.88 -35.11 36.38
CA PRO K 36 32.10 -34.86 34.94
C PRO K 36 30.97 -34.11 34.25
N ARG K 37 29.72 -34.31 34.66
CA ARG K 37 28.62 -33.56 34.04
C ARG K 37 28.77 -32.07 34.27
N TYR K 38 29.10 -31.67 35.50
CA TYR K 38 29.36 -30.27 35.79
C TYR K 38 30.54 -29.75 34.98
N GLU K 39 31.59 -30.56 34.86
CA GLU K 39 32.75 -30.14 34.09
C GLU K 39 32.38 -29.88 32.64
N ARG K 40 31.61 -30.78 32.03
CA ARG K 40 31.21 -30.58 30.64
C ARG K 40 30.31 -29.36 30.48
N LEU K 41 29.37 -29.17 31.41
CA LEU K 41 28.47 -28.03 31.32
C LEU K 41 29.22 -26.71 31.43
N MET K 42 30.22 -26.65 32.30
CA MET K 42 31.02 -25.43 32.41
C MET K 42 31.88 -25.22 31.18
N LYS K 43 32.48 -26.30 30.66
CA LYS K 43 33.37 -26.16 29.50
C LYS K 43 32.59 -25.71 28.27
N MET K 44 31.34 -26.17 28.12
CA MET K 44 30.54 -25.74 26.99
C MET K 44 30.28 -24.24 27.03
N TYR K 45 29.98 -23.70 28.22
CA TYR K 45 29.72 -22.27 28.34
C TYR K 45 31.00 -21.46 28.14
N LYS K 46 32.12 -21.91 28.71
CA LYS K 46 33.33 -21.09 28.73
C LYS K 46 33.84 -20.74 27.34
N GLY K 47 33.51 -21.53 26.32
CA GLY K 47 33.96 -21.22 24.97
C GLY K 47 34.47 -22.42 24.21
N ASP K 48 35.06 -23.38 24.91
CA ASP K 48 35.53 -24.60 24.27
C ASP K 48 34.35 -25.41 23.76
N ALA K 49 34.55 -26.13 22.67
CA ALA K 49 33.49 -26.90 22.04
C ALA K 49 34.00 -28.29 21.71
N ALA K 50 33.07 -29.19 21.41
CA ALA K 50 33.43 -30.56 21.09
C ALA K 50 33.98 -30.68 19.67
N ILE K 51 33.76 -29.67 18.83
CA ILE K 51 34.24 -29.71 17.45
C ILE K 51 35.77 -29.71 17.41
N PHE K 52 36.40 -29.07 18.39
CA PHE K 52 37.85 -28.98 18.40
C PHE K 52 38.51 -30.32 18.67
N ALA K 53 37.77 -31.28 19.22
CA ALA K 53 38.33 -32.57 19.59
C ALA K 53 38.19 -33.63 18.50
N ARG K 54 37.68 -33.26 17.33
CA ARG K 54 37.48 -34.23 16.26
C ARG K 54 38.83 -34.65 15.67
N LYS K 55 38.85 -35.86 15.08
CA LYS K 55 40.09 -36.39 14.52
C LYS K 55 40.51 -35.60 13.28
N ALA K 56 41.81 -35.52 13.07
CA ALA K 56 42.36 -34.75 11.97
C ALA K 56 42.09 -35.43 10.63
N LYS K 57 42.14 -34.63 9.57
CA LYS K 57 41.92 -35.10 8.21
C LYS K 57 43.25 -35.52 7.58
N GLU K 58 43.26 -35.74 6.28
CA GLU K 58 44.48 -36.09 5.56
C GLU K 58 45.45 -34.91 5.57
N PRO K 59 46.74 -35.17 5.35
CA PRO K 59 47.74 -34.11 5.55
C PRO K 59 47.53 -32.87 4.69
N HIS K 60 47.04 -33.01 3.47
CA HIS K 60 47.00 -31.90 2.52
C HIS K 60 45.60 -31.43 2.17
N LYS K 61 44.57 -32.00 2.78
CA LYS K 61 43.22 -31.49 2.55
C LYS K 61 42.91 -30.37 3.53
N PRO K 62 42.10 -29.39 3.12
CA PRO K 62 41.77 -28.29 4.03
C PRO K 62 40.93 -28.76 5.21
N ASP K 63 41.12 -28.10 6.35
CA ASP K 63 40.39 -28.43 7.57
C ASP K 63 40.12 -27.14 8.32
N ASN K 64 38.85 -26.79 8.45
CA ASN K 64 38.43 -25.57 9.15
C ASN K 64 37.50 -25.95 10.29
N ARG K 65 37.70 -25.33 11.45
CA ARG K 65 36.90 -25.59 12.64
C ARG K 65 36.29 -24.28 13.12
N LEU K 66 34.97 -24.19 13.06
CA LEU K 66 34.23 -23.00 13.48
C LEU K 66 33.27 -23.36 14.60
N ASN K 67 33.21 -22.51 15.62
CA ASN K 67 32.32 -22.70 16.76
C ASN K 67 31.41 -21.50 16.88
N VAL K 68 30.10 -21.75 16.98
CA VAL K 68 29.12 -20.71 17.22
C VAL K 68 28.56 -20.92 18.62
N ASN K 69 28.76 -19.94 19.49
CA ASN K 69 28.48 -20.09 20.91
C ASN K 69 27.07 -19.57 21.19
N TYR K 70 26.14 -20.49 21.46
CA TYR K 70 24.79 -20.13 21.84
C TYR K 70 24.56 -20.14 23.34
N ALA K 71 25.29 -20.97 24.08
CA ALA K 71 25.07 -21.07 25.52
C ALA K 71 25.37 -19.76 26.23
N LYS K 72 26.47 -19.10 25.88
CA LYS K 72 26.80 -17.82 26.49
C LYS K 72 25.74 -16.78 26.17
N TYR K 73 25.28 -16.73 24.91
CA TYR K 73 24.24 -15.79 24.54
C TYR K 73 22.98 -16.00 25.36
N ILE K 74 22.52 -17.25 25.44
CA ILE K 74 21.28 -17.53 26.19
C ILE K 74 21.44 -17.18 27.66
N THR K 75 22.54 -17.61 28.28
CA THR K 75 22.73 -17.36 29.70
C THR K 75 22.81 -15.87 29.99
N ASP K 76 23.58 -15.13 29.20
CA ASP K 76 23.71 -13.70 29.43
C ASP K 76 22.40 -12.97 29.22
N THR K 77 21.65 -13.34 28.17
CA THR K 77 20.37 -12.68 27.93
C THR K 77 19.41 -12.93 29.07
N PHE K 78 19.31 -14.18 29.55
CA PHE K 78 18.38 -14.46 30.64
C PHE K 78 18.81 -13.78 31.93
N SER K 79 20.12 -13.76 32.21
CA SER K 79 20.61 -13.11 33.42
C SER K 79 20.34 -11.61 33.38
N GLY K 80 20.51 -10.98 32.21
CA GLY K 80 20.19 -9.57 32.09
C GLY K 80 18.70 -9.31 32.23
N PHE K 81 17.86 -10.19 31.67
CA PHE K 81 16.42 -10.01 31.77
C PHE K 81 15.94 -10.10 33.21
N PHE K 82 16.35 -11.14 33.92
CA PHE K 82 15.81 -11.40 35.25
C PHE K 82 16.33 -10.38 36.27
N ASN K 83 17.64 -10.35 36.48
CA ASN K 83 18.25 -9.51 37.50
C ASN K 83 18.83 -8.21 36.94
N GLY K 84 18.22 -7.66 35.89
CA GLY K 84 18.72 -6.41 35.35
C GLY K 84 18.55 -5.25 36.32
N ILE K 85 17.40 -5.19 36.99
CA ILE K 85 17.10 -4.18 37.99
C ILE K 85 17.11 -4.84 39.35
N PRO K 86 17.87 -4.33 40.32
CA PRO K 86 17.92 -4.98 41.64
C PRO K 86 16.55 -5.02 42.30
N SER K 87 16.34 -6.08 43.07
CA SER K 87 15.07 -6.26 43.76
C SER K 87 14.91 -5.23 44.88
N LYS K 88 13.66 -5.00 45.27
CA LYS K 88 13.32 -4.04 46.31
C LYS K 88 12.72 -4.78 47.51
N LYS K 89 13.21 -4.46 48.70
CA LYS K 89 12.76 -5.08 49.93
C LYS K 89 12.36 -3.98 50.91
N ASN K 90 11.15 -4.09 51.46
CA ASN K 90 10.61 -3.05 52.34
C ASN K 90 9.67 -3.67 53.35
N HIS K 91 9.38 -2.91 54.41
CA HIS K 91 8.49 -3.36 55.47
C HIS K 91 7.85 -2.14 56.12
N LYS K 92 6.92 -2.41 57.03
CA LYS K 92 6.20 -1.35 57.74
C LYS K 92 7.02 -0.77 58.89
N ASN K 93 7.46 -1.63 59.80
CA ASN K 93 8.28 -1.17 60.92
C ASN K 93 9.57 -0.55 60.42
N ASP K 94 9.95 0.58 61.02
CA ASP K 94 11.12 1.32 60.55
C ASP K 94 12.42 0.61 60.95
N VAL K 95 12.45 0.01 62.14
CA VAL K 95 13.70 -0.57 62.64
C VAL K 95 14.15 -1.74 61.78
N VAL K 96 13.22 -2.66 61.48
CA VAL K 96 13.58 -3.84 60.69
C VAL K 96 13.98 -3.44 59.28
N SER K 97 13.25 -2.49 58.69
CA SER K 97 13.59 -2.03 57.34
C SER K 97 14.96 -1.37 57.31
N ASP K 98 15.26 -0.54 58.32
CA ASP K 98 16.57 0.09 58.39
C ASP K 98 17.67 -0.95 58.53
N ALA K 99 17.46 -1.94 59.40
CA ALA K 99 18.48 -2.98 59.59
C ALA K 99 18.70 -3.77 58.31
N ILE K 100 17.61 -4.13 57.62
CA ILE K 100 17.74 -4.91 56.39
C ILE K 100 18.47 -4.11 55.32
N ASN K 101 18.11 -2.83 55.16
CA ASN K 101 18.76 -2.01 54.16
C ASN K 101 20.23 -1.80 54.48
N ASN K 102 20.56 -1.57 55.75
CA ASN K 102 21.96 -1.42 56.13
C ASN K 102 22.75 -2.68 55.86
N PHE K 103 22.18 -3.84 56.18
CA PHE K 103 22.85 -5.11 55.92
C PHE K 103 23.07 -5.31 54.42
N ASP K 104 22.06 -5.02 53.61
CA ASP K 104 22.19 -5.16 52.16
C ASP K 104 23.27 -4.24 51.61
N ASN K 105 23.29 -2.99 52.08
CA ASN K 105 24.31 -2.06 51.62
C ASN K 105 25.70 -2.51 52.04
N GLU K 106 25.83 -3.06 53.24
CA GLU K 106 27.14 -3.46 53.73
C GLU K 106 27.66 -4.70 53.01
N GLN K 107 26.77 -5.60 52.61
CA GLN K 107 27.18 -6.89 52.07
C GLN K 107 27.00 -7.01 50.56
N ASP K 108 26.57 -5.94 49.88
CA ASP K 108 26.54 -5.90 48.41
C ASP K 108 25.69 -7.04 47.83
N MET K 109 24.39 -6.98 48.08
CA MET K 109 23.50 -8.07 47.66
C MET K 109 23.39 -8.17 46.14
N GLN K 110 23.61 -7.07 45.42
CA GLN K 110 23.39 -7.10 43.97
C GLN K 110 24.33 -8.08 43.28
N ASP K 111 25.64 -7.96 43.53
CA ASP K 111 26.61 -8.86 42.89
C ASP K 111 26.39 -10.30 43.31
N GLU K 112 26.12 -10.53 44.59
CA GLU K 112 25.88 -11.89 45.07
C GLU K 112 24.67 -12.51 44.39
N GLU K 113 23.57 -11.77 44.29
CA GLU K 113 22.38 -12.30 43.64
C GLU K 113 22.63 -12.56 42.16
N ALA K 114 23.35 -11.66 41.48
CA ALA K 114 23.63 -11.87 40.07
C ALA K 114 24.46 -13.13 39.85
N GLU K 115 25.51 -13.31 40.67
CA GLU K 115 26.35 -14.49 40.53
C GLU K 115 25.58 -15.76 40.84
N LEU K 116 24.72 -15.72 41.86
CA LEU K 116 23.92 -16.90 42.19
C LEU K 116 22.97 -17.25 41.05
N VAL K 117 22.35 -16.23 40.43
CA VAL K 117 21.48 -16.49 39.29
C VAL K 117 22.26 -17.12 38.15
N LYS K 118 23.45 -16.58 37.86
CA LYS K 118 24.25 -17.12 36.76
C LYS K 118 24.64 -18.57 37.04
N LEU K 119 25.09 -18.87 38.27
CA LEU K 119 25.48 -20.23 38.61
C LEU K 119 24.29 -21.18 38.54
N ALA K 120 23.11 -20.74 38.99
CA ALA K 120 21.93 -21.58 38.89
C ALA K 120 21.57 -21.85 37.43
N CYS K 121 21.72 -20.84 36.57
CA CYS K 121 21.41 -21.03 35.15
C CYS K 121 22.39 -21.99 34.50
N VAL K 122 23.68 -21.90 34.84
CA VAL K 122 24.68 -22.69 34.12
C VAL K 122 24.68 -24.15 34.61
N TYR K 123 25.00 -24.36 35.89
CA TYR K 123 25.10 -25.71 36.43
C TYR K 123 23.76 -26.36 36.71
N GLY K 124 22.78 -25.61 37.22
CA GLY K 124 21.50 -26.18 37.60
C GLY K 124 21.13 -25.84 39.02
N HIS K 125 22.11 -25.77 39.91
CA HIS K 125 21.89 -25.40 41.30
C HIS K 125 23.18 -24.84 41.89
N ALA K 126 23.03 -23.98 42.88
CA ALA K 126 24.17 -23.32 43.51
C ALA K 126 23.94 -23.22 45.01
N PHE K 127 25.02 -23.05 45.75
CA PHE K 127 24.99 -23.00 47.21
C PHE K 127 25.46 -21.65 47.70
N GLU K 128 25.03 -21.30 48.90
CA GLU K 128 25.41 -20.05 49.56
C GLU K 128 25.83 -20.33 50.98
N LEU K 129 26.93 -19.71 51.42
CA LEU K 129 27.51 -19.92 52.73
C LEU K 129 27.39 -18.64 53.54
N MET K 130 26.97 -18.76 54.79
CA MET K 130 26.83 -17.64 55.70
C MET K 130 27.65 -17.90 56.95
N TYR K 131 28.34 -16.87 57.44
CA TYR K 131 29.25 -17.01 58.57
C TYR K 131 29.40 -15.68 59.28
N GLN K 132 29.94 -15.74 60.49
CA GLN K 132 30.21 -14.57 61.32
C GLN K 132 31.69 -14.25 61.30
N ASP K 133 32.03 -12.99 61.02
CA ASP K 133 33.43 -12.60 60.96
C ASP K 133 33.97 -12.27 62.34
N GLU K 134 35.17 -11.68 62.40
CA GLU K 134 35.82 -11.41 63.67
C GLU K 134 35.19 -10.23 64.40
N GLU K 135 34.58 -9.30 63.67
CA GLU K 135 34.03 -8.08 64.25
C GLU K 135 32.51 -8.17 64.47
N THR K 136 32.00 -9.39 64.69
CA THR K 136 30.59 -9.62 64.98
C THR K 136 29.69 -9.03 63.91
N LYS K 137 29.92 -9.45 62.66
CA LYS K 137 29.09 -9.04 61.54
C LYS K 137 28.78 -10.27 60.69
N THR K 138 27.66 -10.19 59.97
CA THR K 138 27.17 -11.31 59.17
C THR K 138 27.63 -11.15 57.73
N ASN K 139 28.31 -12.16 57.21
CA ASN K 139 28.80 -12.16 55.84
C ASN K 139 28.22 -13.36 55.08
N VAL K 140 28.14 -13.21 53.76
CA VAL K 140 27.62 -14.25 52.89
C VAL K 140 28.58 -14.44 51.73
N LYS K 141 28.49 -15.61 51.08
CA LYS K 141 29.31 -15.93 49.93
C LYS K 141 28.59 -16.97 49.09
N HIS K 142 29.04 -17.12 47.84
CA HIS K 142 28.44 -18.04 46.89
C HIS K 142 29.50 -19.02 46.41
N ASN K 143 29.12 -20.30 46.34
CA ASN K 143 30.03 -21.36 45.92
C ASN K 143 29.42 -22.15 44.77
N SER K 144 30.29 -22.69 43.94
CA SER K 144 29.89 -23.56 42.84
C SER K 144 29.58 -24.95 43.37
N PRO K 145 28.72 -25.71 42.69
CA PRO K 145 28.37 -27.06 43.16
C PRO K 145 29.41 -28.13 42.87
N GLU K 146 30.62 -27.75 42.45
CA GLU K 146 31.66 -28.75 42.21
C GLU K 146 32.27 -29.27 43.51
N ASP K 147 32.31 -28.44 44.54
CA ASP K 147 32.99 -28.77 45.79
C ASP K 147 32.06 -28.98 46.97
N MET K 148 30.75 -28.81 46.78
CA MET K 148 29.81 -28.89 47.89
C MET K 148 28.60 -29.73 47.51
N PHE K 149 28.12 -30.53 48.46
CA PHE K 149 26.87 -31.26 48.33
C PHE K 149 26.14 -31.25 49.65
N ILE K 150 24.81 -31.35 49.59
CA ILE K 150 23.95 -31.29 50.76
C ILE K 150 23.10 -32.54 50.78
N VAL K 151 22.87 -33.10 51.97
CA VAL K 151 22.14 -34.34 52.15
C VAL K 151 20.90 -34.05 52.99
N TYR K 152 19.73 -34.45 52.48
CA TYR K 152 18.48 -34.30 53.19
C TYR K 152 18.16 -35.56 53.98
N ASP K 153 17.18 -35.45 54.87
CA ASP K 153 16.78 -36.58 55.69
C ASP K 153 15.86 -37.51 54.90
N ASP K 154 15.25 -38.45 55.61
CA ASP K 154 14.44 -39.50 54.99
C ASP K 154 12.95 -39.15 55.00
N THR K 155 12.47 -38.44 56.02
CA THR K 155 11.06 -38.17 56.19
C THR K 155 10.49 -37.41 54.99
N VAL K 156 9.14 -37.36 54.94
CA VAL K 156 8.46 -36.77 53.79
C VAL K 156 8.74 -35.28 53.70
N SER K 157 8.84 -34.61 54.85
CA SER K 157 9.08 -33.16 54.86
C SER K 157 10.40 -32.81 54.17
N GLN K 158 11.37 -33.72 54.21
CA GLN K 158 12.65 -33.56 53.54
C GLN K 158 13.38 -32.29 54.00
N LYS K 159 13.73 -32.23 55.27
CA LYS K 159 14.50 -31.09 55.76
C LYS K 159 15.99 -31.37 55.62
N PRO K 160 16.79 -30.33 55.40
CA PRO K 160 18.24 -30.52 55.28
C PRO K 160 18.83 -31.07 56.57
N LEU K 161 19.85 -31.92 56.43
CA LEU K 161 20.47 -32.57 57.59
C LEU K 161 21.93 -32.16 57.77
N PHE K 162 22.76 -32.27 56.73
CA PHE K 162 24.15 -31.84 56.83
C PHE K 162 24.69 -31.57 55.44
N ALA K 163 25.79 -30.82 55.38
CA ALA K 163 26.44 -30.47 54.13
C ALA K 163 27.95 -30.59 54.29
N VAL K 164 28.64 -30.81 53.17
CA VAL K 164 30.08 -31.01 53.16
C VAL K 164 30.72 -30.10 52.13
N ARG K 165 31.91 -29.60 52.47
CA ARG K 165 32.75 -28.84 51.55
C ARG K 165 34.18 -29.33 51.72
N TYR K 166 34.88 -29.56 50.61
CA TYR K 166 36.21 -30.13 50.64
C TYR K 166 37.06 -29.55 49.52
N GLY K 167 38.28 -30.07 49.39
CA GLY K 167 39.20 -29.63 48.37
C GLY K 167 40.65 -29.89 48.73
N LEU K 168 41.49 -30.11 47.72
CA LEU K 168 42.91 -30.36 47.96
C LEU K 168 43.61 -29.08 48.39
N ASP K 169 44.56 -29.21 49.32
CA ASP K 169 45.33 -28.08 49.79
C ASP K 169 46.57 -27.88 48.93
N ARG K 170 47.49 -27.04 49.39
CA ARG K 170 48.70 -26.74 48.61
C ARG K 170 49.61 -27.94 48.51
N GLU K 171 49.76 -28.70 49.59
CA GLU K 171 50.70 -29.81 49.65
C GLU K 171 50.13 -31.11 49.09
N GLY K 172 48.83 -31.17 48.83
CA GLY K 172 48.23 -32.33 48.20
C GLY K 172 47.50 -33.29 49.12
N GLU K 173 46.91 -32.83 50.20
CA GLU K 173 46.13 -33.67 51.09
C GLU K 173 44.75 -33.05 51.31
N LEU K 174 43.77 -33.90 51.55
CA LEU K 174 42.38 -33.45 51.65
C LEU K 174 42.17 -32.59 52.89
N CYS K 175 41.53 -31.44 52.69
CA CYS K 175 41.12 -30.57 53.80
C CYS K 175 39.70 -30.11 53.53
N GLY K 176 38.85 -30.20 54.55
CA GLY K 176 37.44 -29.86 54.36
C GLY K 176 36.77 -29.52 55.67
N THR K 177 35.53 -29.06 55.53
CA THR K 177 34.71 -28.64 56.67
C THR K 177 33.36 -29.34 56.60
N LEU K 178 32.87 -29.77 57.76
CA LEU K 178 31.57 -30.43 57.88
C LEU K 178 30.63 -29.51 58.64
N TYR K 179 29.46 -29.24 58.05
CA TYR K 179 28.46 -28.39 58.66
C TYR K 179 27.27 -29.23 59.11
N THR K 180 26.93 -29.13 60.39
CA THR K 180 25.75 -29.77 60.94
C THR K 180 24.87 -28.73 61.61
N GLU K 181 23.70 -29.16 62.07
CA GLU K 181 22.77 -28.24 62.70
C GLU K 181 23.33 -27.68 64.01
N ASP K 182 24.02 -28.52 64.78
CA ASP K 182 24.47 -28.13 66.10
C ASP K 182 25.94 -27.74 66.13
N VAL K 183 26.81 -28.50 65.46
CA VAL K 183 28.25 -28.30 65.57
C VAL K 183 28.85 -28.20 64.17
N ASP K 184 30.05 -27.63 64.10
CA ASP K 184 30.83 -27.55 62.88
C ASP K 184 32.18 -28.23 63.13
N VAL K 185 32.57 -29.11 62.22
CA VAL K 185 33.76 -29.94 62.38
C VAL K 185 34.70 -29.71 61.19
N THR K 186 36.00 -29.75 61.46
CA THR K 186 37.02 -29.60 60.44
C THR K 186 37.58 -30.98 60.09
N LEU K 187 37.64 -31.29 58.80
CA LEU K 187 38.14 -32.57 58.32
C LEU K 187 39.58 -32.40 57.86
N ILE K 188 40.48 -33.22 58.41
CA ILE K 188 41.90 -33.18 58.08
C ILE K 188 42.38 -34.59 57.81
N GLY K 189 43.26 -34.74 56.84
CA GLY K 189 43.84 -36.03 56.52
C GLY K 189 45.22 -35.89 55.93
N LYS K 190 46.15 -36.73 56.40
CA LYS K 190 47.54 -36.68 55.95
C LYS K 190 47.95 -37.94 55.20
N ASN K 191 47.77 -39.12 55.79
CA ASN K 191 48.24 -40.34 55.15
C ASN K 191 47.26 -40.81 54.07
N GLY K 192 46.04 -40.28 54.09
CA GLY K 192 45.03 -40.66 53.11
C GLY K 192 43.66 -40.81 53.72
N THR K 193 43.62 -41.13 55.01
CA THR K 193 42.35 -41.23 55.73
C THR K 193 41.89 -39.85 56.17
N MET K 194 40.69 -39.80 56.75
CA MET K 194 40.10 -38.57 57.23
C MET K 194 39.76 -38.72 58.71
N ILE K 195 40.18 -37.73 59.50
CA ILE K 195 39.96 -37.72 60.95
C ILE K 195 39.39 -36.37 61.34
N PHE K 196 38.45 -36.38 62.29
CA PHE K 196 37.85 -35.13 62.76
C PHE K 196 38.88 -34.33 63.55
N GLY K 197 38.94 -33.03 63.28
CA GLY K 197 39.98 -32.20 63.84
C GLY K 197 39.57 -31.33 65.03
N GLU K 198 38.42 -30.67 64.94
CA GLU K 198 37.97 -29.79 65.99
C GLU K 198 36.48 -29.55 65.85
N GLU K 199 35.88 -28.98 66.89
CA GLU K 199 34.45 -28.70 66.91
C GLU K 199 34.21 -27.27 67.37
N SER K 200 33.24 -26.61 66.74
CA SER K 200 32.86 -25.25 67.12
C SER K 200 31.34 -25.16 67.13
N GLU K 201 30.82 -24.44 68.11
CA GLU K 201 29.38 -24.32 68.27
C GLU K 201 28.79 -23.46 67.15
N ASN K 202 27.54 -23.77 66.79
CA ASN K 202 26.81 -23.07 65.75
C ASN K 202 25.94 -22.00 66.39
N VAL K 203 26.24 -20.73 66.12
CA VAL K 203 25.45 -19.64 66.66
C VAL K 203 24.06 -19.62 66.04
N TYR K 204 23.96 -19.99 64.76
CA TYR K 204 22.67 -20.01 64.09
C TYR K 204 21.85 -21.23 64.54
N ASN K 205 20.55 -21.18 64.27
CA ASN K 205 19.63 -22.22 64.67
C ASN K 205 19.45 -23.30 63.61
N ASP K 206 20.03 -23.12 62.42
CA ASP K 206 19.86 -24.07 61.32
C ASP K 206 21.23 -24.25 60.65
N LEU K 207 21.20 -24.90 59.49
CA LEU K 207 22.42 -25.05 58.70
C LEU K 207 22.87 -23.72 58.14
N ALA K 208 24.16 -23.59 57.90
CA ALA K 208 24.75 -22.39 57.33
C ALA K 208 24.82 -22.43 55.81
N VAL K 209 24.26 -23.46 55.18
CA VAL K 209 24.33 -23.64 53.73
C VAL K 209 22.91 -23.70 53.18
N THR K 210 22.65 -22.91 52.15
CA THR K 210 21.34 -22.87 51.50
C THR K 210 21.50 -23.22 50.03
N GLU K 211 20.53 -23.93 49.48
CA GLU K 211 20.56 -24.42 48.11
C GLU K 211 19.56 -23.67 47.26
N PHE K 212 20.02 -23.19 46.10
CA PHE K 212 19.16 -22.52 45.12
C PHE K 212 19.02 -23.46 43.93
N ILE K 213 17.79 -23.65 43.46
CA ILE K 213 17.52 -24.61 42.39
C ILE K 213 16.81 -23.90 41.25
N PHE K 214 17.28 -24.15 40.02
CA PHE K 214 16.59 -23.64 38.85
C PHE K 214 15.26 -24.36 38.64
N ASN K 215 15.27 -25.69 38.70
CA ASN K 215 14.07 -26.50 38.53
C ASN K 215 13.99 -27.49 39.68
N GLU K 216 12.97 -28.34 39.63
CA GLU K 216 12.89 -29.44 40.59
C GLU K 216 13.71 -30.65 40.17
N GLU K 217 14.11 -30.73 38.91
CA GLU K 217 15.01 -31.76 38.42
C GLU K 217 16.45 -31.28 38.34
N ARG K 218 16.70 -30.02 38.65
CA ARG K 218 18.05 -29.44 38.66
C ARG K 218 18.71 -29.58 37.29
N MET K 219 18.09 -28.93 36.30
CA MET K 219 18.56 -28.94 34.92
C MET K 219 18.93 -27.53 34.50
N GLY K 220 19.94 -27.43 33.63
CA GLY K 220 20.37 -26.16 33.09
C GLY K 220 19.42 -25.65 32.02
N ILE K 221 19.67 -24.42 31.57
CA ILE K 221 18.83 -23.83 30.54
C ILE K 221 19.03 -24.54 29.21
N TYR K 222 20.28 -24.78 28.84
CA TYR K 222 20.61 -25.31 27.52
C TYR K 222 21.02 -26.78 27.55
N GLU K 223 20.62 -27.52 28.57
CA GLU K 223 21.01 -28.92 28.64
C GLU K 223 20.33 -29.77 27.58
N THR K 224 19.16 -29.34 27.10
CA THR K 224 18.39 -30.14 26.15
C THR K 224 18.65 -29.77 24.70
N VAL K 225 19.54 -28.83 24.42
CA VAL K 225 19.80 -28.38 23.06
C VAL K 225 21.26 -28.56 22.66
N THR K 226 21.95 -29.57 23.21
CA THR K 226 23.35 -29.77 22.88
C THR K 226 23.51 -30.37 21.48
N ALA K 227 22.65 -31.34 21.12
CA ALA K 227 22.78 -32.02 19.85
C ALA K 227 22.60 -31.07 18.67
N LEU K 228 21.61 -30.17 18.77
CA LEU K 228 21.37 -29.22 17.69
C LEU K 228 22.57 -28.29 17.50
N ILE K 229 23.15 -27.81 18.60
CA ILE K 229 24.32 -26.94 18.51
C ILE K 229 25.48 -27.68 17.85
N ASP K 230 25.72 -28.93 18.27
CA ASP K 230 26.83 -29.69 17.68
C ASP K 230 26.61 -29.93 16.20
N SER K 231 25.38 -30.27 15.80
CA SER K 231 25.09 -30.50 14.39
C SER K 231 25.25 -29.22 13.58
N TYR K 232 24.81 -28.08 14.13
CA TYR K 232 24.97 -26.81 13.42
C TYR K 232 26.44 -26.48 13.22
N ASP K 233 27.27 -26.67 14.25
CA ASP K 233 28.69 -26.41 14.11
C ASP K 233 29.32 -27.33 13.07
N LYS K 234 28.96 -28.62 13.09
CA LYS K 234 29.51 -29.55 12.12
C LYS K 234 29.12 -29.17 10.70
N ALA K 235 27.86 -28.80 10.49
CA ALA K 235 27.40 -28.45 9.15
C ALA K 235 28.09 -27.19 8.63
N ILE K 236 28.20 -26.16 9.48
CA ILE K 236 28.84 -24.92 9.01
C ILE K 236 30.32 -25.15 8.74
N SER K 237 30.98 -25.97 9.56
CA SER K 237 32.38 -26.29 9.29
C SER K 237 32.53 -27.05 7.98
N GLU K 238 31.64 -27.99 7.71
CA GLU K 238 31.71 -28.75 6.46
C GLU K 238 31.51 -27.84 5.26
N LYS K 239 30.55 -26.92 5.33
CA LYS K 239 30.35 -25.98 4.23
C LYS K 239 31.58 -25.11 4.02
N THR K 240 32.16 -24.60 5.11
CA THR K 240 33.36 -23.79 5.00
C THR K 240 34.49 -24.57 4.34
N ASN K 241 34.65 -25.84 4.70
CA ASN K 241 35.65 -26.68 4.04
C ASN K 241 35.36 -26.82 2.56
N ASP K 242 34.09 -27.04 2.20
CA ASP K 242 33.74 -27.26 0.80
C ASP K 242 33.99 -26.02 -0.05
N VAL K 243 33.84 -24.83 0.54
CA VAL K 243 34.01 -23.60 -0.24
C VAL K 243 35.46 -23.43 -0.69
N ASP K 244 36.42 -23.91 0.11
CA ASP K 244 37.82 -23.54 -0.11
C ASP K 244 38.52 -24.37 -1.17
N TYR K 245 38.09 -25.62 -1.39
CA TYR K 245 38.92 -26.54 -2.18
C TYR K 245 39.04 -26.10 -3.64
N PHE K 246 37.95 -25.70 -4.26
CA PHE K 246 37.90 -25.48 -5.70
C PHE K 246 37.88 -24.01 -6.03
N SER K 247 38.37 -23.68 -7.23
CA SER K 247 38.34 -22.33 -7.75
C SER K 247 36.97 -22.02 -8.35
N ASP K 248 36.86 -20.85 -8.97
CA ASP K 248 35.58 -20.45 -9.56
C ASP K 248 35.45 -20.97 -10.99
N SER K 249 36.46 -20.71 -11.82
CA SER K 249 36.43 -21.12 -13.22
C SER K 249 37.80 -21.60 -13.65
N TYR K 250 37.82 -22.44 -14.68
CA TYR K 250 39.05 -23.01 -15.20
C TYR K 250 39.06 -22.88 -16.72
N LEU K 251 40.26 -22.98 -17.29
CA LEU K 251 40.45 -22.95 -18.73
C LEU K 251 41.00 -24.29 -19.19
N LYS K 252 40.39 -24.84 -20.24
CA LYS K 252 40.73 -26.16 -20.75
C LYS K 252 41.31 -26.03 -22.15
N VAL K 253 42.53 -26.55 -22.33
CA VAL K 253 43.19 -26.59 -23.64
C VAL K 253 43.59 -28.03 -23.90
N VAL K 254 43.01 -28.62 -24.93
CA VAL K 254 43.26 -30.02 -25.28
C VAL K 254 43.69 -30.08 -26.74
N GLY K 255 44.82 -30.75 -26.99
CA GLY K 255 45.33 -30.92 -28.33
C GLY K 255 46.42 -29.96 -28.73
N ALA K 256 46.73 -28.97 -27.91
CA ALA K 256 47.77 -27.99 -28.23
C ALA K 256 48.70 -27.83 -27.04
N MET K 257 49.94 -27.47 -27.34
CA MET K 257 50.99 -27.32 -26.34
C MET K 257 51.01 -25.88 -25.84
N LEU K 258 50.91 -25.70 -24.53
CA LEU K 258 50.94 -24.39 -23.90
C LEU K 258 52.07 -24.36 -22.87
N SER K 259 52.89 -23.32 -22.93
CA SER K 259 54.05 -23.20 -22.06
C SER K 259 53.80 -22.18 -20.96
N PRO K 260 54.46 -22.34 -19.81
CA PRO K 260 54.25 -21.37 -18.71
C PRO K 260 54.62 -19.95 -19.08
N GLU K 261 55.58 -19.76 -20.00
CA GLU K 261 56.00 -18.42 -20.36
C GLU K 261 54.88 -17.64 -21.04
N MET K 262 54.06 -18.33 -21.84
CA MET K 262 52.98 -17.65 -22.57
C MET K 262 51.91 -17.13 -21.62
N ILE K 263 51.66 -17.84 -20.52
CA ILE K 263 50.59 -17.48 -19.60
C ILE K 263 51.12 -16.59 -18.49
N GLU K 264 52.34 -16.06 -18.68
CA GLU K 264 52.89 -15.12 -17.70
C GLU K 264 52.03 -13.87 -17.61
N LYS K 265 51.56 -13.36 -18.75
CA LYS K 265 50.66 -12.22 -18.80
C LYS K 265 49.39 -12.66 -19.51
N ILE K 266 48.44 -13.21 -18.75
CA ILE K 266 47.19 -13.68 -19.33
C ILE K 266 46.10 -12.63 -19.15
N ARG K 267 46.26 -11.72 -18.20
CA ARG K 267 45.26 -10.68 -17.98
C ARG K 267 45.32 -9.62 -19.08
N ASP K 268 46.52 -9.36 -19.61
CA ASP K 268 46.73 -8.29 -20.57
C ASP K 268 46.57 -8.71 -22.02
N THR K 269 46.50 -10.01 -22.30
CA THR K 269 46.38 -10.51 -23.66
C THR K 269 45.03 -11.18 -23.81
N ARG K 270 44.24 -10.73 -24.79
CA ARG K 270 42.87 -11.19 -24.95
C ARG K 270 42.60 -11.83 -26.31
N VAL K 271 43.63 -12.31 -26.99
CA VAL K 271 43.49 -12.97 -28.29
C VAL K 271 44.23 -14.30 -28.22
N ILE K 272 43.52 -15.38 -28.55
CA ILE K 272 44.08 -16.72 -28.57
C ILE K 272 44.09 -17.20 -30.02
N ASN K 273 45.24 -17.67 -30.48
CA ASN K 273 45.41 -18.04 -31.88
C ASN K 273 46.08 -19.41 -31.98
N VAL K 274 45.54 -20.26 -32.84
CA VAL K 274 46.14 -21.56 -33.16
C VAL K 274 46.39 -21.61 -34.66
N PRO K 275 47.60 -21.33 -35.13
CA PRO K 275 47.80 -21.21 -36.58
C PRO K 275 47.77 -22.52 -37.33
N GLU K 276 48.41 -23.57 -36.80
CA GLU K 276 48.50 -24.86 -37.50
C GLU K 276 48.03 -25.97 -36.58
N PRO K 277 46.76 -26.34 -36.60
CA PRO K 277 46.27 -27.42 -35.74
C PRO K 277 46.72 -28.77 -36.25
N PRO K 278 46.85 -29.76 -35.36
CA PRO K 278 47.22 -31.11 -35.81
C PRO K 278 46.14 -31.71 -36.68
N HIS K 279 46.56 -32.53 -37.66
CA HIS K 279 45.62 -33.09 -38.62
C HIS K 279 44.80 -34.22 -38.00
N ASP K 280 45.45 -35.11 -37.25
CA ASP K 280 44.80 -36.35 -36.83
C ASP K 280 43.80 -36.13 -35.70
N VAL K 281 44.14 -35.26 -34.74
CA VAL K 281 43.29 -35.08 -33.56
C VAL K 281 42.56 -33.75 -33.65
N SER K 282 41.61 -33.53 -32.74
CA SER K 282 40.78 -32.34 -32.72
C SER K 282 41.20 -31.43 -31.58
N VAL K 283 41.15 -30.12 -31.82
CA VAL K 283 41.53 -29.13 -30.82
C VAL K 283 40.26 -28.55 -30.20
N ASP K 284 40.19 -28.57 -28.87
CA ASP K 284 39.02 -28.08 -28.14
C ASP K 284 39.48 -27.10 -27.07
N ILE K 285 38.85 -25.93 -27.02
CA ILE K 285 39.16 -24.88 -26.05
C ILE K 285 37.84 -24.39 -25.46
N GLY K 286 37.83 -24.18 -24.15
CA GLY K 286 36.61 -23.70 -23.50
C GLY K 286 36.85 -23.45 -22.04
N PHE K 287 35.81 -22.94 -21.38
CA PHE K 287 35.82 -22.61 -19.96
C PHE K 287 35.02 -23.65 -19.19
N LEU K 288 35.55 -24.07 -18.04
CA LEU K 288 34.84 -24.93 -17.11
C LEU K 288 34.44 -24.09 -15.89
N ASP K 289 33.19 -24.20 -15.47
CA ASP K 289 32.68 -23.44 -14.34
C ASP K 289 32.35 -24.36 -13.17
N LYS K 290 32.52 -23.84 -11.96
CA LYS K 290 32.17 -24.60 -10.78
C LYS K 290 30.69 -24.44 -10.48
N PRO K 291 29.94 -25.54 -10.35
CA PRO K 291 28.50 -25.42 -10.10
C PRO K 291 28.23 -24.92 -8.70
N ASP K 292 27.39 -23.88 -8.60
CA ASP K 292 27.03 -23.27 -7.33
C ASP K 292 25.50 -23.31 -7.19
N SER K 293 25.00 -24.40 -6.60
CA SER K 293 23.57 -24.59 -6.38
C SER K 293 23.39 -25.39 -5.10
N ASP K 294 23.08 -24.70 -4.00
CA ASP K 294 22.86 -25.33 -2.71
C ASP K 294 21.52 -24.85 -2.17
N SER K 295 20.64 -25.79 -1.88
CA SER K 295 19.32 -25.47 -1.33
C SER K 295 18.98 -26.31 -0.11
N GLN K 296 19.51 -27.53 -0.01
CA GLN K 296 19.18 -28.39 1.12
C GLN K 296 19.89 -27.92 2.39
N THR K 297 21.16 -27.55 2.27
CA THR K 297 21.93 -27.12 3.44
C THR K 297 21.32 -25.87 4.07
N GLU K 298 20.91 -24.90 3.23
CA GLU K 298 20.32 -23.68 3.76
C GLU K 298 19.04 -23.97 4.55
N ASN K 299 18.17 -24.82 4.00
CA ASN K 299 16.93 -25.15 4.70
C ASN K 299 17.21 -25.88 6.01
N LEU K 300 18.16 -26.84 5.99
CA LEU K 300 18.48 -27.55 7.22
C LEU K 300 19.02 -26.60 8.29
N LEU K 301 19.93 -25.70 7.90
CA LEU K 301 20.50 -24.76 8.85
C LEU K 301 19.43 -23.82 9.40
N ASP K 302 18.52 -23.36 8.54
CA ASP K 302 17.45 -22.48 9.01
C ASP K 302 16.56 -23.19 10.03
N ARG K 303 16.18 -24.45 9.75
CA ARG K 303 15.34 -25.17 10.69
C ARG K 303 16.05 -25.37 12.03
N ILE K 304 17.33 -25.75 11.98
CA ILE K 304 18.07 -25.98 13.22
C ILE K 304 18.19 -24.68 14.01
N ASP K 305 18.50 -23.58 13.33
CA ASP K 305 18.66 -22.29 14.01
C ASP K 305 17.35 -21.85 14.65
N LYS K 306 16.23 -22.02 13.95
CA LYS K 306 14.94 -21.65 14.55
C LYS K 306 14.63 -22.53 15.76
N HIS K 307 14.89 -23.84 15.66
CA HIS K 307 14.56 -24.74 16.75
C HIS K 307 15.40 -24.45 17.99
N ILE K 308 16.67 -24.10 17.81
CA ILE K 308 17.52 -23.83 18.97
C ILE K 308 16.95 -22.70 19.81
N TYR K 309 16.49 -21.63 19.15
CA TYR K 309 15.94 -20.50 19.90
C TYR K 309 14.55 -20.82 20.45
N GLN K 310 13.73 -21.53 19.68
CA GLN K 310 12.37 -21.79 20.13
C GLN K 310 12.34 -22.73 21.35
N ILE K 311 13.08 -23.83 21.28
CA ILE K 311 13.02 -24.83 22.34
C ILE K 311 13.60 -24.30 23.64
N ALA K 312 14.62 -23.45 23.57
CA ALA K 312 15.27 -22.93 24.76
C ALA K 312 14.46 -21.86 25.47
N MET K 313 13.29 -21.51 24.94
CA MET K 313 12.39 -20.51 25.55
C MET K 313 13.10 -19.17 25.75
N VAL K 314 13.91 -18.78 24.76
CA VAL K 314 14.56 -17.48 24.76
C VAL K 314 14.34 -16.85 23.39
N ALA K 315 13.96 -15.58 23.39
CA ALA K 315 13.58 -14.88 22.18
C ALA K 315 14.81 -14.29 21.50
N ASN K 316 14.81 -14.34 20.17
CA ASN K 316 15.87 -13.75 19.36
C ASN K 316 15.47 -12.32 19.03
N ILE K 317 15.85 -11.38 19.91
CA ILE K 317 15.42 -10.00 19.77
C ILE K 317 15.98 -9.35 18.51
N SER K 318 17.27 -9.53 18.22
CA SER K 318 17.94 -8.83 17.13
C SER K 318 17.64 -9.41 15.75
N ASP K 319 16.73 -10.38 15.65
CA ASP K 319 16.42 -10.98 14.37
C ASP K 319 15.73 -9.97 13.46
N GLU K 320 16.01 -10.07 12.16
CA GLU K 320 15.39 -9.15 11.20
C GLU K 320 13.92 -9.42 10.99
N SER K 321 13.46 -10.65 11.19
CA SER K 321 12.06 -11.00 11.06
C SER K 321 11.30 -10.83 12.37
N PHE K 322 11.90 -10.18 13.37
CA PHE K 322 11.23 -9.93 14.63
C PHE K 322 10.10 -8.93 14.42
N GLY K 323 9.27 -8.77 15.45
CA GLY K 323 8.09 -7.92 15.37
C GLY K 323 8.39 -6.52 14.87
N SER K 324 7.59 -6.04 13.92
CA SER K 324 7.83 -4.77 13.26
C SER K 324 6.57 -3.89 13.31
N SER K 325 6.74 -2.64 13.75
CA SER K 325 5.69 -1.62 13.69
C SER K 325 4.42 -2.07 14.40
N SER K 326 4.52 -2.31 15.70
CA SER K 326 3.37 -2.69 16.50
C SER K 326 3.66 -2.41 17.97
N GLY K 327 2.60 -2.12 18.72
CA GLY K 327 2.79 -1.85 20.15
C GLY K 327 2.71 -3.11 20.99
N VAL K 328 1.61 -3.86 20.86
CA VAL K 328 1.40 -5.02 21.73
C VAL K 328 1.98 -6.28 21.10
N ALA K 329 2.05 -6.33 19.77
CA ALA K 329 2.58 -7.53 19.10
C ALA K 329 4.04 -7.74 19.45
N LEU K 330 4.77 -6.66 19.73
CA LEU K 330 6.16 -6.80 20.18
C LEU K 330 6.22 -7.39 21.59
N ALA K 331 5.26 -7.02 22.44
CA ALA K 331 5.28 -7.52 23.82
C ALA K 331 4.90 -8.99 23.89
N TYR K 332 4.16 -9.48 22.90
CA TYR K 332 3.74 -10.88 22.90
C TYR K 332 4.94 -11.81 22.71
N LYS K 333 5.89 -11.43 21.87
CA LYS K 333 6.98 -12.33 21.51
C LYS K 333 7.89 -12.60 22.70
N LEU K 334 7.84 -11.76 23.73
CA LEU K 334 8.66 -11.92 24.91
C LEU K 334 7.97 -12.71 26.02
N GLN K 335 6.77 -13.24 25.76
CA GLN K 335 6.01 -13.91 26.80
C GLN K 335 6.68 -15.17 27.35
N PRO K 336 7.23 -16.10 26.55
CA PRO K 336 7.84 -17.29 27.15
C PRO K 336 8.98 -16.98 28.10
N MET K 337 9.78 -15.95 27.79
CA MET K 337 10.85 -15.56 28.71
C MET K 337 10.27 -15.07 30.03
N SER K 338 9.16 -14.32 29.96
CA SER K 338 8.49 -13.89 31.18
C SER K 338 7.97 -15.08 31.98
N ASN K 339 7.44 -16.09 31.28
CA ASN K 339 6.96 -17.29 31.97
C ASN K 339 8.10 -18.00 32.69
N LEU K 340 9.24 -18.14 32.01
CA LEU K 340 10.40 -18.79 32.65
C LEU K 340 10.90 -17.99 33.84
N ALA K 341 10.95 -16.66 33.72
CA ALA K 341 11.38 -15.83 34.83
C ALA K 341 10.41 -15.96 36.01
N ALA K 342 9.11 -15.99 35.74
CA ALA K 342 8.12 -16.17 36.80
C ALA K 342 8.29 -17.52 37.47
N ALA K 343 8.58 -18.57 36.69
CA ALA K 343 8.81 -19.89 37.27
C ALA K 343 10.02 -19.89 38.20
N PHE K 344 11.10 -19.23 37.80
CA PHE K 344 12.30 -19.22 38.64
C PHE K 344 12.11 -18.33 39.86
N GLU K 345 11.30 -17.28 39.74
CA GLU K 345 11.08 -16.36 40.85
C GLU K 345 10.47 -17.07 42.05
N ARG K 346 9.66 -18.10 41.80
CA ARG K 346 9.02 -18.81 42.91
C ARG K 346 10.04 -19.45 43.83
N LYS K 347 11.09 -20.07 43.26
CA LYS K 347 12.15 -20.63 44.09
C LYS K 347 13.03 -19.54 44.68
N PHE K 348 13.34 -18.51 43.89
CA PHE K 348 14.24 -17.46 44.36
C PHE K 348 13.68 -16.72 45.57
N GLN K 349 12.38 -16.40 45.54
CA GLN K 349 11.76 -15.68 46.64
C GLN K 349 11.77 -16.51 47.92
N ALA K 350 11.45 -17.80 47.81
CA ALA K 350 11.47 -18.67 48.98
C ALA K 350 12.87 -18.77 49.57
N ALA K 351 13.88 -18.88 48.71
CA ALA K 351 15.25 -18.92 49.20
C ALA K 351 15.65 -17.64 49.91
N LEU K 352 15.28 -16.49 49.35
CA LEU K 352 15.59 -15.22 50.00
C LEU K 352 14.86 -15.09 51.33
N THR K 353 13.61 -15.57 51.39
CA THR K 353 12.86 -15.57 52.64
C THR K 353 13.54 -16.42 53.69
N GLN K 354 14.05 -17.59 53.30
CA GLN K 354 14.80 -18.43 54.24
C GLN K 354 16.05 -17.71 54.74
N ARG K 355 16.78 -17.04 53.83
CA ARG K 355 17.97 -16.32 54.25
C ARG K 355 17.64 -15.24 55.27
N TYR K 356 16.59 -14.45 55.01
CA TYR K 356 16.26 -13.37 55.92
C TYR K 356 15.65 -13.89 57.22
N LYS K 357 15.03 -15.07 57.17
CA LYS K 357 14.63 -15.74 58.40
C LYS K 357 15.85 -16.08 59.25
N MET K 358 16.90 -16.58 58.62
CA MET K 358 18.12 -16.90 59.35
C MET K 358 18.81 -15.64 59.87
N PHE K 359 18.66 -14.52 59.15
CA PHE K 359 19.47 -13.34 59.45
C PHE K 359 19.16 -12.76 60.83
N MET K 360 17.88 -12.60 61.17
CA MET K 360 17.56 -11.88 62.40
C MET K 360 17.50 -12.81 63.61
N SER K 361 17.90 -14.07 63.45
CA SER K 361 17.89 -14.99 64.59
C SER K 361 18.84 -14.51 65.69
N LEU K 362 20.00 -13.99 65.32
CA LEU K 362 20.95 -13.48 66.30
C LEU K 362 20.39 -12.25 67.01
N LEU K 363 20.74 -12.12 68.29
CA LEU K 363 20.26 -10.98 69.08
C LEU K 363 20.99 -9.70 68.70
N THR K 364 22.19 -9.82 68.12
CA THR K 364 22.96 -8.63 67.77
C THR K 364 22.26 -7.82 66.68
N ASN K 365 21.69 -8.49 65.68
CA ASN K 365 21.07 -7.77 64.57
C ASN K 365 19.83 -7.01 65.03
N VAL K 366 18.91 -7.68 65.72
CA VAL K 366 17.65 -7.07 66.15
C VAL K 366 17.33 -7.57 67.55
N SER K 367 16.39 -6.89 68.20
CA SER K 367 15.95 -7.29 69.53
C SER K 367 15.16 -8.60 69.46
N ALA K 368 15.04 -9.26 70.61
CA ALA K 368 14.35 -10.54 70.66
C ALA K 368 12.87 -10.39 70.36
N ASN K 369 12.31 -9.20 70.58
CA ASN K 369 10.89 -8.98 70.34
C ASN K 369 10.54 -9.12 68.86
N LEU K 370 11.41 -8.62 67.98
CA LEU K 370 11.14 -8.55 66.56
C LEU K 370 11.65 -9.76 65.79
N SER K 371 12.09 -10.81 66.48
CA SER K 371 12.71 -11.95 65.79
C SER K 371 11.72 -12.65 64.87
N ASN K 372 10.48 -12.81 65.31
CA ASN K 372 9.47 -13.58 64.58
C ASN K 372 8.70 -12.75 63.56
N GLU K 373 9.26 -11.65 63.09
CA GLU K 373 8.56 -10.74 62.20
C GLU K 373 8.96 -10.92 60.73
N TRP K 374 9.66 -12.02 60.40
CA TRP K 374 10.11 -12.21 59.02
C TRP K 374 8.96 -12.50 58.08
N ARG K 375 7.76 -12.75 58.61
CA ARG K 375 6.59 -12.98 57.76
C ARG K 375 6.22 -11.74 56.94
N GLY K 376 6.54 -10.55 57.43
CA GLY K 376 6.00 -9.33 56.82
C GLY K 376 6.86 -8.81 55.68
N ILE K 377 8.02 -9.41 55.45
CA ILE K 377 8.91 -8.91 54.41
C ILE K 377 8.28 -9.10 53.04
N GLU K 378 8.31 -8.05 52.23
CA GLU K 378 7.70 -8.05 50.90
C GLU K 378 8.76 -7.80 49.85
N PHE K 379 8.74 -8.60 48.79
CA PHE K 379 9.71 -8.52 47.71
C PHE K 379 9.02 -8.06 46.43
N ARG K 380 9.68 -7.19 45.68
CA ARG K 380 9.21 -6.73 44.37
C ARG K 380 10.28 -7.01 43.33
N PHE K 381 9.88 -7.62 42.23
CA PHE K 381 10.78 -7.94 41.12
C PHE K 381 10.30 -7.24 39.86
N THR K 382 11.23 -6.63 39.13
CA THR K 382 10.93 -5.91 37.91
C THR K 382 11.82 -6.42 36.78
N ARG K 383 11.19 -6.74 35.65
CA ARG K 383 11.93 -7.20 34.49
C ARG K 383 12.52 -6.02 33.72
N ASN K 384 13.58 -6.28 32.97
CA ASN K 384 14.29 -5.24 32.22
C ASN K 384 13.72 -5.20 30.81
N ILE K 385 12.80 -4.27 30.57
CA ILE K 385 12.20 -4.06 29.27
C ILE K 385 12.21 -2.57 28.95
N PRO K 386 12.15 -2.21 27.68
CA PRO K 386 12.07 -0.78 27.33
C PRO K 386 10.84 -0.13 27.95
N LYS K 387 11.00 1.09 28.43
CA LYS K 387 9.96 1.79 29.17
C LYS K 387 9.77 3.19 28.60
N ASN K 388 8.54 3.68 28.65
CA ASN K 388 8.19 5.03 28.21
C ASN K 388 7.88 5.87 29.44
N VAL K 389 8.63 6.96 29.62
CA VAL K 389 8.50 7.76 30.83
C VAL K 389 7.18 8.53 30.82
N LEU K 390 6.79 9.05 29.65
CA LEU K 390 5.58 9.87 29.58
C LEU K 390 4.34 9.09 29.96
N GLU K 391 4.24 7.83 29.49
CA GLU K 391 3.08 7.01 29.84
C GLU K 391 3.03 6.74 31.34
N GLU K 392 4.18 6.48 31.95
CA GLU K 392 4.21 6.28 33.40
C GLU K 392 3.81 7.54 34.15
N ALA K 393 4.26 8.70 33.68
CA ALA K 393 3.89 9.96 34.33
C ALA K 393 2.38 10.20 34.23
N GLN K 394 1.81 9.97 33.05
CA GLN K 394 0.36 10.14 32.90
C GLN K 394 -0.40 9.14 33.77
N THR K 395 0.09 7.91 33.86
CA THR K 395 -0.56 6.92 34.72
C THR K 395 -0.52 7.35 36.18
N ALA K 396 0.63 7.87 36.63
CA ALA K 396 0.73 8.36 38.01
C ALA K 396 -0.22 9.53 38.25
N VAL K 397 -0.33 10.45 37.29
CA VAL K 397 -1.23 11.58 37.43
C VAL K 397 -2.67 11.09 37.57
N GLN K 398 -3.06 10.12 36.74
CA GLN K 398 -4.43 9.60 36.81
C GLN K 398 -4.67 8.83 38.11
N LEU K 399 -3.66 8.09 38.58
CA LEU K 399 -3.86 7.28 39.79
C LEU K 399 -3.85 8.14 41.05
N ALA K 400 -3.26 9.33 40.98
CA ALA K 400 -3.23 10.19 42.16
C ALA K 400 -4.62 10.58 42.62
N THR K 401 -5.62 10.45 41.76
CA THR K 401 -6.98 10.84 42.13
C THR K 401 -7.63 9.84 43.07
N ILE K 402 -7.40 8.54 42.85
CA ILE K 402 -8.16 7.50 43.51
C ILE K 402 -7.28 6.59 44.36
N ALA K 403 -5.96 6.79 44.34
CA ALA K 403 -5.04 5.92 45.05
C ALA K 403 -4.20 6.74 46.02
N SER K 404 -3.53 6.03 46.93
CA SER K 404 -2.72 6.68 47.95
C SER K 404 -1.41 7.20 47.35
N GLN K 405 -0.67 7.94 48.17
CA GLN K 405 0.58 8.53 47.69
C GLN K 405 1.64 7.47 47.44
N GLU K 406 1.71 6.44 48.29
CA GLU K 406 2.71 5.40 48.12
C GLU K 406 2.50 4.64 46.81
N THR K 407 1.26 4.25 46.53
CA THR K 407 0.96 3.53 45.29
C THR K 407 1.24 4.42 44.08
N THR K 408 0.87 5.71 44.16
CA THR K 408 1.12 6.61 43.05
C THR K 408 2.61 6.76 42.77
N LEU K 409 3.42 6.87 43.83
CA LEU K 409 4.87 7.02 43.63
C LEU K 409 5.54 5.71 43.27
N SER K 410 4.87 4.58 43.52
CA SER K 410 5.46 3.29 43.19
C SER K 410 5.55 3.07 41.69
N VAL K 411 4.57 3.58 40.94
CA VAL K 411 4.54 3.36 39.50
C VAL K 411 5.69 4.08 38.81
N LEU K 412 6.06 5.26 39.31
CA LEU K 412 7.10 6.06 38.66
C LEU K 412 8.44 5.34 38.73
N SER K 413 9.00 5.04 37.56
CA SER K 413 10.28 4.34 37.52
C SER K 413 11.43 5.27 37.85
N VAL K 414 11.23 6.59 37.70
CA VAL K 414 12.27 7.55 38.00
C VAL K 414 12.60 7.55 39.49
N VAL K 415 11.58 7.33 40.33
CA VAL K 415 11.76 7.33 41.78
C VAL K 415 12.58 6.12 42.21
N PRO K 416 13.75 6.32 42.83
CA PRO K 416 14.49 5.17 43.35
C PRO K 416 13.90 4.61 44.64
N ASP K 417 13.52 5.48 45.57
CA ASP K 417 12.94 5.08 46.85
C ASP K 417 11.74 5.96 47.16
N VAL K 418 10.61 5.33 47.49
CA VAL K 418 9.39 6.09 47.76
C VAL K 418 9.52 6.85 49.08
N ARG K 419 10.17 6.23 50.07
CA ARG K 419 10.26 6.83 51.40
C ARG K 419 11.05 8.14 51.37
N ALA K 420 12.18 8.15 50.64
CA ALA K 420 12.98 9.37 50.54
C ALA K 420 12.19 10.48 49.85
N GLU K 421 11.45 10.14 48.79
CA GLU K 421 10.67 11.15 48.10
C GLU K 421 9.55 11.70 48.98
N MET K 422 8.87 10.83 49.73
CA MET K 422 7.85 11.32 50.65
C MET K 422 8.44 12.21 51.72
N ASP K 423 9.62 11.84 52.24
CA ASP K 423 10.29 12.68 53.23
C ASP K 423 10.64 14.04 52.64
N ARG K 424 11.14 14.07 51.41
CA ARG K 424 11.48 15.34 50.78
C ARG K 424 10.24 16.20 50.53
N ILE K 425 9.14 15.57 50.10
CA ILE K 425 7.90 16.32 49.90
C ILE K 425 7.40 16.90 51.22
N HIS K 426 7.46 16.11 52.30
CA HIS K 426 7.05 16.62 53.60
C HIS K 426 7.95 17.76 54.06
N SER K 427 9.26 17.65 53.78
CA SER K 427 10.18 18.73 54.13
C SER K 427 9.85 20.00 53.36
N GLU K 428 9.50 19.87 52.08
CA GLU K 428 9.13 21.05 51.30
C GLU K 428 7.89 21.73 51.88
N ARG K 429 6.89 20.95 52.27
CA ARG K 429 5.68 21.50 52.86
C ARG K 429 5.06 20.51 53.85
N LEU L 4 -0.48 -49.63 23.95
CA LEU L 4 -0.70 -50.02 25.33
C LEU L 4 -1.98 -49.39 25.88
N GLU L 5 -1.90 -48.86 27.10
CA GLU L 5 -3.02 -48.21 27.75
C GLU L 5 -2.86 -46.71 27.69
N ILE L 6 -3.93 -46.02 27.27
CA ILE L 6 -3.91 -44.57 27.12
C ILE L 6 -4.74 -43.86 28.19
N GLY L 7 -5.08 -44.54 29.27
CA GLY L 7 -5.82 -43.92 30.35
C GLY L 7 -5.73 -44.77 31.61
N PHE L 8 -6.16 -44.19 32.72
CA PHE L 8 -6.14 -44.85 34.01
C PHE L 8 -7.56 -44.99 34.54
N GLU L 9 -7.90 -46.19 35.00
CA GLU L 9 -9.22 -46.48 35.54
C GLU L 9 -9.14 -46.60 37.05
N VAL L 10 -10.08 -45.97 37.74
CA VAL L 10 -10.03 -45.93 39.20
C VAL L 10 -10.39 -47.29 39.79
N PHE L 11 -9.74 -47.63 40.91
CA PHE L 11 -10.06 -48.85 41.62
C PHE L 11 -11.34 -48.66 42.42
N THR L 12 -12.15 -49.71 42.48
CA THR L 12 -13.40 -49.70 43.22
C THR L 12 -13.47 -50.90 44.15
N PHE L 13 -13.85 -50.66 45.40
CA PHE L 13 -13.95 -51.71 46.40
C PHE L 13 -15.23 -51.54 47.21
N PRO L 14 -15.91 -52.64 47.53
CA PRO L 14 -17.13 -52.53 48.34
C PRO L 14 -16.82 -52.00 49.73
N ARG L 15 -17.81 -51.30 50.31
CA ARG L 15 -17.59 -50.56 51.53
C ARG L 15 -17.50 -51.47 52.75
N GLU L 16 -18.37 -52.48 52.81
CA GLU L 16 -18.65 -53.14 54.09
C GLU L 16 -17.50 -54.02 54.57
N GLU L 17 -16.93 -54.85 53.70
CA GLU L 17 -16.00 -55.87 54.17
C GLU L 17 -14.69 -55.25 54.63
N GLU L 18 -13.98 -56.00 55.48
CA GLU L 18 -12.74 -55.52 56.08
C GLU L 18 -11.62 -55.45 55.05
N ILE L 19 -10.61 -54.64 55.36
CA ILE L 19 -9.45 -54.45 54.49
C ILE L 19 -8.35 -55.38 54.98
N THR L 20 -8.16 -56.49 54.27
CA THR L 20 -7.14 -57.46 54.62
C THR L 20 -5.88 -57.23 53.79
N ILE L 21 -4.81 -57.94 54.17
CA ILE L 21 -3.51 -57.72 53.54
C ILE L 21 -3.53 -58.23 52.09
N GLU L 22 -4.36 -59.22 51.80
CA GLU L 22 -4.42 -59.77 50.45
C GLU L 22 -4.97 -58.76 49.46
N VAL L 23 -5.98 -57.99 49.86
CA VAL L 23 -6.51 -56.94 49.01
C VAL L 23 -5.44 -55.90 48.71
N ILE L 24 -4.67 -55.51 49.73
CA ILE L 24 -3.61 -54.54 49.53
C ILE L 24 -2.55 -55.09 48.58
N GLU L 25 -2.20 -56.37 48.73
CA GLU L 25 -1.20 -56.97 47.85
C GLU L 25 -1.71 -57.02 46.41
N GLU L 26 -2.99 -57.35 46.22
CA GLU L 26 -3.55 -57.38 44.87
C GLU L 26 -3.52 -55.99 44.23
N PHE L 27 -3.86 -54.95 45.00
CA PHE L 27 -3.80 -53.60 44.45
C PHE L 27 -2.36 -53.17 44.19
N MET L 28 -1.42 -53.63 45.00
CA MET L 28 -0.01 -53.36 44.74
C MET L 28 0.42 -53.97 43.41
N SER L 29 0.00 -55.21 43.15
CA SER L 29 0.29 -55.83 41.87
C SER L 29 -0.33 -55.05 40.72
N LEU L 30 -1.58 -54.62 40.88
CA LEU L 30 -2.24 -53.85 39.83
C LEU L 30 -1.50 -52.56 39.54
N HIS L 31 -1.04 -51.86 40.58
CA HIS L 31 -0.32 -50.60 40.36
C HIS L 31 1.06 -50.85 39.74
N SER L 32 1.73 -51.93 40.15
CA SER L 32 3.00 -52.27 39.54
C SER L 32 2.83 -52.59 38.07
N LYS L 33 1.65 -53.09 37.70
CA LYS L 33 1.35 -53.29 36.28
C LYS L 33 1.30 -51.95 35.54
N GLN L 34 0.72 -50.92 36.16
CA GLN L 34 0.51 -49.64 35.50
C GLN L 34 1.73 -48.72 35.53
N GLN L 35 2.71 -49.00 36.38
CA GLN L 35 3.87 -48.12 36.50
C GLN L 35 4.59 -47.81 35.18
N PRO L 36 4.80 -48.74 34.24
CA PRO L 36 5.59 -48.40 33.05
C PRO L 36 5.06 -47.20 32.26
N ARG L 37 3.75 -46.98 32.23
CA ARG L 37 3.23 -45.82 31.52
C ARG L 37 3.72 -44.52 32.17
N TYR L 38 3.69 -44.45 33.50
CA TYR L 38 4.23 -43.28 34.19
C TYR L 38 5.72 -43.13 33.91
N GLU L 39 6.45 -44.25 33.92
CA GLU L 39 7.88 -44.18 33.65
C GLU L 39 8.16 -43.59 32.26
N ARG L 40 7.43 -44.07 31.26
CA ARG L 40 7.63 -43.55 29.89
C ARG L 40 7.25 -42.08 29.80
N LEU L 41 6.13 -41.70 30.43
CA LEU L 41 5.70 -40.30 30.36
C LEU L 41 6.73 -39.37 31.00
N MET L 42 7.30 -39.77 32.14
CA MET L 42 8.33 -38.93 32.75
C MET L 42 9.61 -38.91 31.92
N LYS L 43 10.00 -40.06 31.37
CA LYS L 43 11.23 -40.11 30.58
C LYS L 43 11.13 -39.25 29.33
N MET L 44 9.94 -39.19 28.73
CA MET L 44 9.77 -38.33 27.55
C MET L 44 9.98 -36.87 27.90
N TYR L 45 9.44 -36.43 29.05
CA TYR L 45 9.59 -35.03 29.45
C TYR L 45 11.03 -34.71 29.83
N LYS L 46 11.69 -35.61 30.57
CA LYS L 46 12.99 -35.28 31.14
C LYS L 46 14.05 -34.96 30.10
N GLY L 47 13.90 -35.43 28.86
CA GLY L 47 14.86 -35.12 27.82
C GLY L 47 15.23 -36.30 26.96
N ASP L 48 15.22 -37.49 27.53
CA ASP L 48 15.50 -38.70 26.76
C ASP L 48 14.39 -38.96 25.75
N ALA L 49 14.75 -39.56 24.63
CA ALA L 49 13.81 -39.80 23.54
C ALA L 49 13.99 -41.23 23.04
N ALA L 50 13.03 -41.67 22.23
CA ALA L 50 13.07 -43.02 21.70
C ALA L 50 14.02 -43.13 20.50
N ILE L 51 14.43 -42.00 19.94
CA ILE L 51 15.33 -42.01 18.79
C ILE L 51 16.68 -42.61 19.17
N PHE L 52 17.08 -42.45 20.44
CA PHE L 52 18.39 -42.91 20.86
C PHE L 52 18.43 -44.43 20.96
N ALA L 53 17.29 -45.10 20.95
CA ALA L 53 17.22 -46.54 21.13
C ALA L 53 17.18 -47.32 19.82
N ARG L 54 17.27 -46.65 18.67
CA ARG L 54 17.22 -47.35 17.40
C ARG L 54 18.52 -48.11 17.15
N LYS L 55 18.43 -49.13 16.30
CA LYS L 55 19.57 -49.99 16.02
C LYS L 55 20.65 -49.25 15.24
N ALA L 56 21.91 -49.53 15.57
CA ALA L 56 23.02 -48.86 14.93
C ALA L 56 23.18 -49.31 13.49
N LYS L 57 23.85 -48.48 12.69
CA LYS L 57 24.02 -48.73 11.27
C LYS L 57 25.32 -49.52 11.05
N GLU L 58 25.69 -49.71 9.78
CA GLU L 58 26.95 -50.34 9.44
C GLU L 58 28.10 -49.37 9.72
N PRO L 59 29.32 -49.90 9.91
CA PRO L 59 30.35 -49.11 10.61
C PRO L 59 30.71 -47.76 10.00
N HIS L 60 30.75 -47.62 8.67
CA HIS L 60 31.33 -46.42 8.07
C HIS L 60 30.30 -45.48 7.47
N LYS L 61 29.02 -45.80 7.54
CA LYS L 61 28.06 -44.80 7.13
C LYS L 61 27.74 -43.86 8.28
N PRO L 62 27.53 -42.57 7.99
CA PRO L 62 27.27 -41.62 9.06
C PRO L 62 25.95 -41.89 9.74
N ASP L 63 25.89 -41.60 11.05
CA ASP L 63 24.69 -41.81 11.85
C ASP L 63 24.54 -40.62 12.78
N ASN L 64 23.47 -39.86 12.60
CA ASN L 64 23.18 -38.67 13.41
C ASN L 64 21.86 -38.85 14.12
N ARG L 65 21.82 -38.51 15.39
CA ARG L 65 20.63 -38.64 16.22
C ARG L 65 20.29 -37.28 16.82
N LEU L 66 19.18 -36.69 16.38
CA LEU L 66 18.74 -35.38 16.84
C LEU L 66 17.38 -35.52 17.52
N ASN L 67 17.22 -34.86 18.66
CA ASN L 67 15.97 -34.88 19.41
C ASN L 67 15.46 -33.45 19.54
N VAL L 68 14.20 -33.23 19.16
CA VAL L 68 13.53 -31.95 19.33
C VAL L 68 12.47 -32.13 20.40
N ASN L 69 12.58 -31.37 21.49
CA ASN L 69 11.76 -31.58 22.68
C ASN L 69 10.57 -30.64 22.63
N TYR L 70 9.38 -31.20 22.42
CA TYR L 70 8.14 -30.43 22.46
C TYR L 70 7.40 -30.55 23.79
N ALA L 71 7.54 -31.68 24.48
CA ALA L 71 6.80 -31.89 25.72
C ALA L 71 7.19 -30.87 26.78
N LYS L 72 8.49 -30.63 26.94
CA LYS L 72 8.95 -29.65 27.93
C LYS L 72 8.44 -28.26 27.58
N TYR L 73 8.50 -27.88 26.30
CA TYR L 73 8.00 -26.58 25.88
C TYR L 73 6.53 -26.42 26.19
N ILE L 74 5.71 -27.43 25.84
CA ILE L 74 4.27 -27.33 26.08
C ILE L 74 3.98 -27.26 27.57
N THR L 75 4.61 -28.13 28.37
CA THR L 75 4.35 -28.14 29.79
C THR L 75 4.75 -26.83 30.46
N ASP L 76 5.92 -26.31 30.11
CA ASP L 76 6.38 -25.06 30.71
C ASP L 76 5.48 -23.89 30.30
N THR L 77 5.08 -23.84 29.03
CA THR L 77 4.21 -22.76 28.58
C THR L 77 2.87 -22.80 29.31
N PHE L 78 2.27 -23.98 29.43
CA PHE L 78 0.98 -24.07 30.11
C PHE L 78 1.10 -23.74 31.59
N SER L 79 2.17 -24.22 32.23
CA SER L 79 2.37 -23.93 33.65
C SER L 79 2.57 -22.44 33.88
N GLY L 80 3.32 -21.77 32.99
CA GLY L 80 3.48 -20.34 33.11
C GLY L 80 2.18 -19.58 32.88
N PHE L 81 1.38 -20.05 31.92
CA PHE L 81 0.12 -19.37 31.63
C PHE L 81 -0.85 -19.49 32.81
N PHE L 82 -1.02 -20.69 33.34
CA PHE L 82 -2.06 -20.91 34.35
C PHE L 82 -1.67 -20.28 35.68
N ASN L 83 -0.56 -20.74 36.27
CA ASN L 83 -0.15 -20.32 37.60
C ASN L 83 0.97 -19.28 37.58
N GLY L 84 0.98 -18.41 36.56
CA GLY L 84 1.99 -17.36 36.52
C GLY L 84 1.84 -16.36 37.66
N ILE L 85 0.61 -15.99 37.96
CA ILE L 85 0.29 -15.07 39.05
C ILE L 85 -0.39 -15.87 40.15
N PRO L 86 0.08 -15.80 41.40
CA PRO L 86 -0.54 -16.57 42.47
C PRO L 86 -2.00 -16.18 42.66
N SER L 87 -2.80 -17.17 43.05
CA SER L 87 -4.23 -16.95 43.24
C SER L 87 -4.48 -16.08 44.47
N LYS L 88 -5.64 -15.43 44.49
CA LYS L 88 -6.06 -14.57 45.58
C LYS L 88 -7.25 -15.19 46.28
N LYS L 89 -7.19 -15.25 47.61
CA LYS L 89 -8.24 -15.83 48.44
C LYS L 89 -8.60 -14.85 49.53
N ASN L 90 -9.89 -14.55 49.68
CA ASN L 90 -10.36 -13.53 50.60
C ASN L 90 -11.71 -13.93 51.17
N HIS L 91 -12.09 -13.27 52.25
CA HIS L 91 -13.35 -13.54 52.94
C HIS L 91 -13.85 -12.25 53.57
N LYS L 92 -15.08 -12.32 54.09
CA LYS L 92 -15.70 -11.17 54.75
C LYS L 92 -15.25 -11.07 56.21
N ASN L 93 -15.40 -12.15 56.97
CA ASN L 93 -15.00 -12.15 58.37
C ASN L 93 -13.49 -11.94 58.48
N ASP L 94 -13.08 -11.11 59.45
CA ASP L 94 -11.66 -10.80 59.61
C ASP L 94 -10.88 -12.01 60.08
N VAL L 95 -11.42 -12.75 61.05
CA VAL L 95 -10.67 -13.84 61.67
C VAL L 95 -10.37 -14.94 60.67
N VAL L 96 -11.37 -15.34 59.88
CA VAL L 96 -11.18 -16.43 58.93
C VAL L 96 -10.14 -16.05 57.88
N SER L 97 -10.27 -14.84 57.31
CA SER L 97 -9.32 -14.40 56.30
C SER L 97 -7.91 -14.28 56.87
N ASP L 98 -7.79 -13.76 58.08
CA ASP L 98 -6.48 -13.64 58.72
C ASP L 98 -5.85 -15.01 58.93
N ALA L 99 -6.63 -15.97 59.41
CA ALA L 99 -6.10 -17.32 59.64
C ALA L 99 -5.67 -17.97 58.33
N ILE L 100 -6.49 -17.83 57.28
CA ILE L 100 -6.15 -18.43 56.00
C ILE L 100 -4.88 -17.81 55.43
N ASN L 101 -4.78 -16.48 55.49
CA ASN L 101 -3.60 -15.82 54.96
C ASN L 101 -2.35 -16.18 55.75
N ASN L 102 -2.47 -16.27 57.07
CA ASN L 102 -1.32 -16.66 57.89
C ASN L 102 -0.88 -18.09 57.56
N PHE L 103 -1.84 -18.99 57.38
CA PHE L 103 -1.50 -20.37 57.04
C PHE L 103 -0.79 -20.44 55.68
N ASP L 104 -1.32 -19.71 54.68
CA ASP L 104 -0.71 -19.71 53.37
C ASP L 104 0.71 -19.12 53.42
N ASN L 105 0.88 -18.04 54.17
CA ASN L 105 2.21 -17.43 54.28
C ASN L 105 3.18 -18.38 54.97
N GLU L 106 2.72 -19.10 56.00
CA GLU L 106 3.61 -19.99 56.73
C GLU L 106 4.00 -21.20 55.90
N GLN L 107 3.09 -21.68 55.04
CA GLN L 107 3.34 -22.92 54.32
C GLN L 107 3.91 -22.72 52.91
N ASP L 108 4.09 -21.47 52.47
CA ASP L 108 4.66 -21.18 51.15
C ASP L 108 3.88 -21.90 50.05
N MET L 109 2.60 -21.55 49.91
CA MET L 109 1.68 -22.39 49.16
C MET L 109 1.84 -22.23 47.65
N GLN L 110 2.50 -21.16 47.20
CA GLN L 110 2.66 -20.95 45.77
C GLN L 110 3.51 -22.05 45.13
N ASP L 111 4.62 -22.42 45.77
CA ASP L 111 5.45 -23.50 45.24
C ASP L 111 4.69 -24.82 45.20
N GLU L 112 3.93 -25.11 46.26
CA GLU L 112 3.16 -26.34 46.30
C GLU L 112 2.13 -26.38 45.16
N GLU L 113 1.43 -25.27 44.95
CA GLU L 113 0.44 -25.21 43.88
C GLU L 113 1.10 -25.38 42.52
N ALA L 114 2.24 -24.73 42.30
CA ALA L 114 2.92 -24.84 41.01
C ALA L 114 3.38 -26.27 40.75
N GLU L 115 3.96 -26.92 41.76
CA GLU L 115 4.43 -28.29 41.59
C GLU L 115 3.25 -29.24 41.35
N LEU L 116 2.14 -29.03 42.06
CA LEU L 116 0.97 -29.87 41.83
C LEU L 116 0.44 -29.70 40.42
N VAL L 117 0.41 -28.46 39.91
CA VAL L 117 -0.05 -28.24 38.54
C VAL L 117 0.87 -28.93 37.56
N LYS L 118 2.18 -28.82 37.75
CA LYS L 118 3.12 -29.46 36.83
C LYS L 118 2.97 -30.98 36.85
N LEU L 119 2.85 -31.57 38.05
CA LEU L 119 2.68 -33.02 38.14
C LEU L 119 1.37 -33.45 37.49
N ALA L 120 0.30 -32.69 37.67
CA ALA L 120 -0.97 -33.02 37.03
C ALA L 120 -0.84 -32.96 35.51
N CYS L 121 -0.10 -31.96 35.00
CA CYS L 121 0.07 -31.85 33.55
C CYS L 121 0.90 -33.00 33.00
N VAL L 122 1.94 -33.42 33.72
CA VAL L 122 2.85 -34.42 33.16
C VAL L 122 2.24 -35.82 33.22
N TYR L 123 1.98 -36.33 34.43
CA TYR L 123 1.44 -37.67 34.59
C TYR L 123 -0.05 -37.78 34.29
N GLY L 124 -0.84 -36.80 34.70
CA GLY L 124 -2.28 -36.89 34.53
C GLY L 124 -3.02 -36.65 35.83
N HIS L 125 -2.44 -37.10 36.95
CA HIS L 125 -3.02 -36.89 38.26
C HIS L 125 -1.93 -36.91 39.31
N ALA L 126 -2.17 -36.22 40.42
CA ALA L 126 -1.19 -36.10 41.49
C ALA L 126 -1.90 -36.10 42.83
N PHE L 127 -1.15 -36.43 43.88
CA PHE L 127 -1.69 -36.55 45.23
C PHE L 127 -1.05 -35.51 46.14
N GLU L 128 -1.81 -35.11 47.18
CA GLU L 128 -1.33 -34.18 48.19
C GLU L 128 -1.61 -34.78 49.56
N LEU L 129 -0.63 -34.66 50.46
CA LEU L 129 -0.70 -35.26 51.79
C LEU L 129 -0.66 -34.16 52.84
N MET L 130 -1.50 -34.30 53.87
CA MET L 130 -1.56 -33.36 54.98
C MET L 130 -1.27 -34.10 56.28
N TYR L 131 -0.49 -33.48 57.17
CA TYR L 131 -0.10 -34.10 58.41
C TYR L 131 0.15 -33.03 59.46
N GLN L 132 0.18 -33.47 60.72
CA GLN L 132 0.42 -32.60 61.87
C GLN L 132 1.83 -32.83 62.39
N ASP L 133 2.58 -31.75 62.55
CA ASP L 133 3.96 -31.85 63.02
C ASP L 133 4.04 -31.92 64.54
N GLU L 134 5.24 -31.79 65.09
CA GLU L 134 5.42 -31.93 66.53
C GLU L 134 4.93 -30.71 67.30
N GLU L 135 4.96 -29.53 66.66
CA GLU L 135 4.60 -28.28 67.33
C GLU L 135 3.16 -27.87 67.07
N THR L 136 2.28 -28.85 66.82
CA THR L 136 0.85 -28.62 66.62
C THR L 136 0.60 -27.60 65.52
N LYS L 137 1.08 -27.93 64.32
CA LYS L 137 0.88 -27.10 63.13
C LYS L 137 0.52 -27.99 61.96
N THR L 138 -0.18 -27.40 60.99
CA THR L 138 -0.65 -28.12 59.81
C THR L 138 0.32 -27.91 58.65
N ASN L 139 0.78 -29.01 58.07
CA ASN L 139 1.70 -28.98 56.95
C ASN L 139 1.12 -29.75 55.77
N VAL L 140 1.59 -29.40 54.57
CA VAL L 140 1.15 -30.05 53.35
C VAL L 140 2.37 -30.45 52.53
N LYS L 141 2.19 -31.42 51.65
CA LYS L 141 3.26 -31.90 50.77
C LYS L 141 2.63 -32.50 49.53
N HIS L 142 3.44 -32.61 48.47
CA HIS L 142 2.99 -33.13 47.19
C HIS L 142 3.81 -34.36 46.82
N ASN L 143 3.14 -35.39 46.34
CA ASN L 143 3.78 -36.64 45.95
C ASN L 143 3.45 -36.98 44.50
N SER L 144 4.34 -37.73 43.88
CA SER L 144 4.13 -38.23 42.53
C SER L 144 3.23 -39.46 42.56
N PRO L 145 2.50 -39.74 41.47
CA PRO L 145 1.61 -40.89 41.45
C PRO L 145 2.30 -42.24 41.25
N GLU L 146 3.62 -42.30 41.33
CA GLU L 146 4.31 -43.57 41.17
C GLU L 146 4.20 -44.44 42.43
N ASP L 147 4.19 -43.82 43.60
CA ASP L 147 4.24 -44.55 44.86
C ASP L 147 2.93 -44.54 45.62
N MET L 148 1.89 -43.91 45.10
CA MET L 148 0.62 -43.79 45.81
C MET L 148 -0.55 -44.09 44.89
N PHE L 149 -1.55 -44.77 45.44
CA PHE L 149 -2.82 -44.99 44.76
C PHE L 149 -3.95 -44.90 45.78
N ILE L 150 -5.12 -44.49 45.30
CA ILE L 150 -6.30 -44.29 46.15
C ILE L 150 -7.43 -45.15 45.60
N VAL L 151 -8.21 -45.75 46.50
CA VAL L 151 -9.28 -46.66 46.14
C VAL L 151 -10.60 -46.05 46.62
N TYR L 152 -11.55 -45.90 45.70
CA TYR L 152 -12.87 -45.40 46.02
C TYR L 152 -13.80 -46.56 46.37
N ASP L 153 -14.96 -46.21 46.92
CA ASP L 153 -15.94 -47.22 47.30
C ASP L 153 -16.74 -47.67 46.07
N ASP L 154 -17.81 -48.41 46.32
CA ASP L 154 -18.61 -49.02 45.26
C ASP L 154 -19.87 -48.21 44.96
N THR L 155 -20.35 -47.41 45.91
CA THR L 155 -21.59 -46.68 45.74
C THR L 155 -21.49 -45.68 44.59
N VAL L 156 -22.65 -45.14 44.20
CA VAL L 156 -22.70 -44.22 43.07
C VAL L 156 -21.98 -42.92 43.41
N SER L 157 -22.08 -42.47 44.67
CA SER L 157 -21.45 -41.21 45.06
C SER L 157 -19.94 -41.28 44.92
N GLN L 158 -19.37 -42.48 44.98
CA GLN L 158 -17.94 -42.70 44.77
C GLN L 158 -17.10 -41.89 45.76
N LYS L 159 -17.25 -42.18 47.05
CA LYS L 159 -16.43 -41.48 48.04
C LYS L 159 -15.11 -42.23 48.26
N PRO L 160 -14.04 -41.50 48.53
CA PRO L 160 -12.75 -42.15 48.80
C PRO L 160 -12.83 -43.03 50.04
N LEU L 161 -12.11 -44.15 50.00
CA LEU L 161 -12.16 -45.13 51.08
C LEU L 161 -10.82 -45.30 51.79
N PHE L 162 -9.74 -45.56 51.04
CA PHE L 162 -8.42 -45.68 51.64
C PHE L 162 -7.36 -45.43 50.59
N ALA L 163 -6.13 -45.18 51.05
CA ALA L 163 -5.00 -44.93 50.18
C ALA L 163 -3.77 -45.61 50.74
N VAL L 164 -2.81 -45.93 49.86
CA VAL L 164 -1.60 -46.64 50.22
C VAL L 164 -0.39 -45.90 49.68
N ARG L 165 0.69 -45.91 50.46
CA ARG L 165 1.99 -45.40 50.03
C ARG L 165 3.06 -46.37 50.50
N TYR L 166 3.94 -46.77 49.59
CA TYR L 166 4.95 -47.78 49.89
C TYR L 166 6.28 -47.39 49.25
N GLY L 167 7.27 -48.26 49.43
CA GLY L 167 8.61 -48.03 48.88
C GLY L 167 9.67 -48.82 49.61
N LEU L 168 10.71 -49.23 48.89
CA LEU L 168 11.80 -49.98 49.50
C LEU L 168 12.65 -49.07 50.38
N ASP L 169 13.15 -49.62 51.48
CA ASP L 169 13.99 -48.88 52.40
C ASP L 169 15.46 -49.03 52.01
N ARG L 170 16.37 -48.60 52.89
CA ARG L 170 17.80 -48.67 52.58
C ARG L 170 18.29 -50.10 52.49
N GLU L 171 17.80 -50.99 53.37
CA GLU L 171 18.29 -52.35 53.45
C GLU L 171 17.63 -53.28 52.43
N GLY L 172 16.58 -52.84 51.77
CA GLY L 172 15.94 -53.61 50.73
C GLY L 172 14.70 -54.39 51.12
N GLU L 173 13.93 -53.91 52.09
CA GLU L 173 12.68 -54.54 52.49
C GLU L 173 11.55 -53.53 52.42
N LEU L 174 10.35 -54.02 52.10
CA LEU L 174 9.22 -53.14 51.88
C LEU L 174 8.80 -52.45 53.17
N CYS L 175 8.58 -51.14 53.09
CA CYS L 175 8.04 -50.34 54.19
C CYS L 175 7.02 -49.36 53.63
N GLY L 176 5.88 -49.24 54.29
CA GLY L 176 4.83 -48.38 53.78
C GLY L 176 3.86 -47.97 54.87
N THR L 177 2.93 -47.10 54.49
CA THR L 177 1.93 -46.57 55.39
C THR L 177 0.55 -46.71 54.76
N LEU L 178 -0.44 -47.05 55.59
CA LEU L 178 -1.83 -47.19 55.15
C LEU L 178 -2.66 -46.12 55.82
N TYR L 179 -3.39 -45.35 55.02
CA TYR L 179 -4.25 -44.29 55.52
C TYR L 179 -5.71 -44.68 55.36
N THR L 180 -6.45 -44.66 56.46
CA THR L 180 -7.89 -44.89 56.45
C THR L 180 -8.59 -43.69 57.07
N GLU L 181 -9.92 -43.72 57.03
CA GLU L 181 -10.70 -42.61 57.57
C GLU L 181 -10.52 -42.49 59.08
N ASP L 182 -10.45 -43.62 59.78
CA ASP L 182 -10.41 -43.61 61.23
C ASP L 182 -9.00 -43.78 61.78
N VAL L 183 -8.22 -44.71 61.23
CA VAL L 183 -6.92 -45.05 61.77
C VAL L 183 -5.88 -45.02 60.66
N ASP L 184 -4.61 -44.91 61.06
CA ASP L 184 -3.47 -45.00 60.14
C ASP L 184 -2.55 -46.11 60.62
N VAL L 185 -2.17 -46.99 59.71
CA VAL L 185 -1.40 -48.18 60.03
C VAL L 185 -0.08 -48.15 59.26
N THR L 186 0.98 -48.64 59.89
CA THR L 186 2.29 -48.72 59.28
C THR L 186 2.54 -50.15 58.81
N LEU L 187 2.91 -50.30 57.54
CA LEU L 187 3.17 -51.61 56.95
C LEU L 187 4.66 -51.88 56.98
N ILE L 188 5.06 -53.00 57.60
CA ILE L 188 6.45 -53.39 57.71
C ILE L 188 6.59 -54.85 57.30
N GLY L 189 7.61 -55.15 56.53
CA GLY L 189 7.88 -56.52 56.11
C GLY L 189 9.37 -56.77 55.98
N LYS L 190 9.81 -57.91 56.48
CA LYS L 190 11.22 -58.26 56.48
C LYS L 190 11.51 -59.54 55.69
N ASN L 191 10.72 -60.61 55.89
CA ASN L 191 10.98 -61.85 55.17
C ASN L 191 10.40 -61.79 53.76
N GLY L 192 9.46 -60.88 53.53
CA GLY L 192 8.82 -60.76 52.24
C GLY L 192 7.33 -60.52 52.34
N THR L 193 6.74 -60.98 53.44
CA THR L 193 5.33 -60.74 53.71
C THR L 193 5.15 -59.37 54.34
N MET L 194 3.87 -58.98 54.50
CA MET L 194 3.53 -57.69 55.08
C MET L 194 2.65 -57.91 56.31
N ILE L 195 2.99 -57.23 57.41
CA ILE L 195 2.27 -57.35 58.67
C ILE L 195 2.02 -55.96 59.22
N PHE L 196 0.83 -55.76 59.80
CA PHE L 196 0.50 -54.47 60.37
C PHE L 196 1.34 -54.20 61.62
N GLY L 197 1.90 -53.00 61.70
CA GLY L 197 2.85 -52.69 62.76
C GLY L 197 2.33 -51.86 63.91
N GLU L 198 1.59 -50.79 63.61
CA GLU L 198 1.15 -49.87 64.63
C GLU L 198 -0.08 -49.11 64.12
N GLU L 199 -0.88 -48.60 65.06
CA GLU L 199 -2.09 -47.86 64.73
C GLU L 199 -2.09 -46.53 65.46
N SER L 200 -2.49 -45.49 64.75
CA SER L 200 -2.58 -44.15 65.32
C SER L 200 -3.91 -43.52 64.92
N GLU L 201 -4.48 -42.74 65.84
CA GLU L 201 -5.76 -42.10 65.60
C GLU L 201 -5.63 -40.99 64.55
N ASN L 202 -6.73 -40.75 63.84
CA ASN L 202 -6.79 -39.72 62.81
C ASN L 202 -7.48 -38.49 63.39
N VAL L 203 -6.71 -37.42 63.57
CA VAL L 203 -7.27 -36.18 64.12
C VAL L 203 -8.25 -35.55 63.14
N TYR L 204 -7.98 -35.67 61.85
CA TYR L 204 -8.84 -35.07 60.84
C TYR L 204 -10.14 -35.87 60.70
N ASN L 205 -11.10 -35.27 60.00
CA ASN L 205 -12.42 -35.85 59.83
C ASN L 205 -12.58 -36.57 58.49
N ASP L 206 -11.50 -36.78 57.75
CA ASP L 206 -11.56 -37.48 56.47
C ASP L 206 -10.18 -38.05 56.18
N LEU L 207 -10.00 -38.51 54.94
CA LEU L 207 -8.70 -39.02 54.52
C LEU L 207 -7.68 -37.89 54.47
N ALA L 208 -6.41 -38.25 54.69
CA ALA L 208 -5.32 -37.29 54.65
C ALA L 208 -4.71 -37.13 53.26
N VAL L 209 -5.28 -37.77 52.25
CA VAL L 209 -4.75 -37.74 50.89
C VAL L 209 -5.81 -37.18 49.96
N THR L 210 -5.43 -36.19 49.17
CA THR L 210 -6.32 -35.55 48.21
C THR L 210 -5.75 -35.71 46.81
N GLU L 211 -6.63 -35.95 45.84
CA GLU L 211 -6.23 -36.26 44.47
C GLU L 211 -6.62 -35.12 43.55
N PHE L 212 -5.69 -34.70 42.71
CA PHE L 212 -5.92 -33.71 41.68
C PHE L 212 -5.88 -34.41 40.32
N ILE L 213 -6.87 -34.14 39.48
CA ILE L 213 -6.98 -34.79 38.17
C ILE L 213 -7.00 -33.71 37.09
N PHE L 214 -6.24 -33.96 36.01
CA PHE L 214 -6.28 -33.07 34.86
C PHE L 214 -7.60 -33.21 34.10
N ASN L 215 -8.00 -34.44 33.79
CA ASN L 215 -9.24 -34.72 33.08
C ASN L 215 -10.01 -35.78 33.85
N GLU L 216 -11.16 -36.17 33.30
CA GLU L 216 -11.89 -37.32 33.84
C GLU L 216 -11.38 -38.63 33.30
N GLU L 217 -10.66 -38.63 32.18
CA GLU L 217 -9.97 -39.82 31.68
C GLU L 217 -8.52 -39.87 32.15
N ARG L 218 -8.07 -38.88 32.91
CA ARG L 218 -6.75 -38.85 33.53
C ARG L 218 -5.66 -39.04 32.48
N MET L 219 -5.60 -38.09 31.55
CA MET L 219 -4.64 -38.09 30.46
C MET L 219 -3.75 -36.86 30.55
N GLY L 220 -2.51 -37.01 30.09
CA GLY L 220 -1.58 -35.90 30.06
C GLY L 220 -1.86 -34.96 28.90
N ILE L 221 -1.12 -33.84 28.89
CA ILE L 221 -1.30 -32.86 27.82
C ILE L 221 -0.82 -33.41 26.49
N TYR L 222 0.37 -34.02 26.47
CA TYR L 222 1.00 -34.45 25.23
C TYR L 222 0.93 -35.96 25.03
N GLU L 223 -0.02 -36.64 25.67
CA GLU L 223 -0.11 -38.09 25.53
C GLU L 223 -0.56 -38.49 24.13
N THR L 224 -1.33 -37.64 23.46
CA THR L 224 -1.90 -38.00 22.16
C THR L 224 -1.07 -37.53 20.97
N VAL L 225 0.10 -36.93 21.20
CA VAL L 225 0.91 -36.40 20.10
C VAL L 225 2.31 -37.04 20.11
N THR L 226 2.43 -38.28 20.57
CA THR L 226 3.75 -38.92 20.60
C THR L 226 4.21 -39.34 19.21
N ALA L 227 3.29 -39.88 18.40
CA ALA L 227 3.67 -40.39 17.09
C ALA L 227 4.19 -39.29 16.18
N LEU L 228 3.54 -38.13 16.20
CA LEU L 228 4.00 -37.03 15.36
C LEU L 228 5.38 -36.56 15.76
N ILE L 229 5.65 -36.47 17.07
CA ILE L 229 6.97 -36.07 17.55
C ILE L 229 8.03 -37.08 17.09
N ASP L 230 7.73 -38.37 17.24
CA ASP L 230 8.70 -39.38 16.84
C ASP L 230 8.98 -39.33 15.34
N SER L 231 7.92 -39.16 14.54
CA SER L 231 8.11 -39.06 13.09
C SER L 231 8.92 -37.84 12.72
N TYR L 232 8.67 -36.70 13.37
CA TYR L 232 9.43 -35.50 13.09
C TYR L 232 10.91 -35.69 13.41
N ASP L 233 11.20 -36.29 14.57
CA ASP L 233 12.59 -36.53 14.92
C ASP L 233 13.27 -37.47 13.92
N LYS L 234 12.57 -38.53 13.52
CA LYS L 234 13.16 -39.46 12.56
C LYS L 234 13.42 -38.79 11.22
N ALA L 235 12.47 -37.98 10.75
CA ALA L 235 12.65 -37.31 9.46
C ALA L 235 13.80 -36.32 9.49
N ILE L 236 13.90 -35.52 10.56
CA ILE L 236 14.98 -34.53 10.61
C ILE L 236 16.34 -35.23 10.74
N SER L 237 16.39 -36.35 11.48
CA SER L 237 17.63 -37.11 11.58
C SER L 237 18.02 -37.68 10.22
N GLU L 238 17.04 -38.21 9.47
CA GLU L 238 17.34 -38.75 8.15
C GLU L 238 17.85 -37.68 7.20
N LYS L 239 17.25 -36.50 7.24
CA LYS L 239 17.74 -35.40 6.40
C LYS L 239 19.15 -35.00 6.78
N THR L 240 19.43 -34.93 8.08
CA THR L 240 20.79 -34.60 8.52
C THR L 240 21.79 -35.64 8.04
N ASN L 241 21.41 -36.92 8.09
CA ASN L 241 22.28 -37.96 7.55
C ASN L 241 22.51 -37.78 6.05
N ASP L 242 21.45 -37.46 5.32
CA ASP L 242 21.57 -37.35 3.86
C ASP L 242 22.47 -36.18 3.46
N VAL L 243 22.41 -35.08 4.20
CA VAL L 243 23.20 -33.90 3.83
C VAL L 243 24.69 -34.18 3.96
N ASP L 244 25.08 -35.08 4.86
CA ASP L 244 26.48 -35.20 5.26
C ASP L 244 27.30 -36.04 4.27
N TYR L 245 26.71 -37.07 3.67
CA TYR L 245 27.51 -38.08 2.98
C TYR L 245 28.26 -37.52 1.77
N PHE L 246 27.58 -36.77 0.91
CA PHE L 246 28.14 -36.39 -0.38
C PHE L 246 28.69 -34.97 -0.33
N SER L 247 29.63 -34.69 -1.23
CA SER L 247 30.20 -33.37 -1.38
C SER L 247 29.31 -32.51 -2.27
N ASP L 248 29.80 -31.32 -2.60
CA ASP L 248 29.02 -30.40 -3.43
C ASP L 248 29.27 -30.64 -4.91
N SER L 249 30.54 -30.65 -5.33
CA SER L 249 30.89 -30.81 -6.72
C SER L 249 32.13 -31.69 -6.84
N TYR L 250 32.24 -32.39 -7.97
CA TYR L 250 33.34 -33.29 -8.24
C TYR L 250 33.94 -32.98 -9.60
N LEU L 251 35.19 -33.37 -9.79
CA LEU L 251 35.89 -33.23 -11.05
C LEU L 251 36.15 -34.60 -11.66
N LYS L 252 35.80 -34.76 -12.93
CA LYS L 252 35.90 -36.03 -13.62
C LYS L 252 36.94 -35.94 -14.73
N VAL L 253 37.94 -36.82 -14.68
CA VAL L 253 38.97 -36.91 -15.71
C VAL L 253 39.00 -38.35 -16.21
N VAL L 254 38.75 -38.54 -17.50
CA VAL L 254 38.70 -39.87 -18.11
C VAL L 254 39.63 -39.88 -19.32
N GLY L 255 40.53 -40.88 -19.36
CA GLY L 255 41.42 -41.06 -20.48
C GLY L 255 42.82 -40.54 -20.27
N ALA L 256 43.08 -39.82 -19.19
CA ALA L 256 44.40 -39.25 -18.94
C ALA L 256 44.81 -39.57 -17.50
N MET L 257 46.13 -39.69 -17.30
CA MET L 257 46.69 -40.03 -16.00
C MET L 257 46.93 -38.75 -15.22
N LEU L 258 46.37 -38.68 -14.01
CA LEU L 258 46.55 -37.55 -13.11
C LEU L 258 47.17 -38.05 -11.81
N SER L 259 48.31 -37.48 -11.44
CA SER L 259 49.06 -37.89 -10.28
C SER L 259 48.71 -37.03 -9.06
N PRO L 260 48.83 -37.58 -7.85
CA PRO L 260 48.52 -36.77 -6.65
C PRO L 260 49.38 -35.54 -6.51
N GLU L 261 50.60 -35.56 -7.06
CA GLU L 261 51.48 -34.40 -6.94
C GLU L 261 50.94 -33.21 -7.71
N MET L 262 50.27 -33.46 -8.83
CA MET L 262 49.73 -32.36 -9.64
C MET L 262 48.60 -31.64 -8.92
N ILE L 263 47.78 -32.38 -8.17
CA ILE L 263 46.61 -31.79 -7.51
C ILE L 263 46.99 -31.28 -6.13
N GLU L 264 48.29 -31.25 -5.84
CA GLU L 264 48.74 -30.70 -4.56
C GLU L 264 48.34 -29.24 -4.42
N LYS L 265 48.50 -28.45 -5.49
CA LYS L 265 48.08 -27.06 -5.53
C LYS L 265 47.07 -26.89 -6.65
N ILE L 266 45.80 -27.13 -6.34
CA ILE L 266 44.76 -27.01 -7.36
C ILE L 266 44.05 -25.67 -7.25
N ARG L 267 44.17 -25.01 -6.10
CA ARG L 267 43.53 -23.71 -5.93
C ARG L 267 44.29 -22.61 -6.66
N ASP L 268 45.60 -22.72 -6.73
CA ASP L 268 46.44 -21.68 -7.29
C ASP L 268 46.73 -21.84 -8.78
N THR L 269 46.33 -22.96 -9.38
CA THR L 269 46.55 -23.22 -10.80
C THR L 269 45.19 -23.32 -11.50
N ARG L 270 44.99 -22.50 -12.53
CA ARG L 270 43.70 -22.42 -13.19
C ARG L 270 43.76 -22.71 -14.68
N VAL L 271 44.78 -23.43 -15.14
CA VAL L 271 44.92 -23.82 -16.53
C VAL L 271 45.16 -25.32 -16.59
N ILE L 272 44.35 -26.02 -17.37
CA ILE L 272 44.48 -27.47 -17.57
C ILE L 272 44.86 -27.71 -19.02
N ASN L 273 45.91 -28.51 -19.22
CA ASN L 273 46.45 -28.73 -20.55
C ASN L 273 46.70 -30.22 -20.77
N VAL L 274 46.27 -30.73 -21.92
CA VAL L 274 46.56 -32.10 -22.33
C VAL L 274 47.26 -32.04 -23.69
N PRO L 275 48.60 -32.12 -23.72
CA PRO L 275 49.29 -31.89 -25.00
C PRO L 275 49.14 -33.01 -26.01
N GLU L 276 49.24 -34.27 -25.59
CA GLU L 276 49.18 -35.41 -26.50
C GLU L 276 48.12 -36.40 -26.04
N PRO L 277 46.89 -36.31 -26.54
CA PRO L 277 45.86 -37.25 -26.13
C PRO L 277 46.03 -38.60 -26.80
N PRO L 278 45.55 -39.67 -26.19
CA PRO L 278 45.62 -40.99 -26.83
C PRO L 278 44.79 -41.03 -28.10
N HIS L 279 45.27 -41.79 -29.09
CA HIS L 279 44.62 -41.83 -30.39
C HIS L 279 43.33 -42.67 -30.35
N ASP L 280 43.38 -43.82 -29.68
CA ASP L 280 42.29 -44.80 -29.81
C ASP L 280 41.07 -44.39 -28.99
N VAL L 281 41.27 -43.84 -27.80
CA VAL L 281 40.15 -43.52 -26.92
C VAL L 281 39.94 -42.01 -26.88
N SER L 282 38.84 -41.59 -26.26
CA SER L 282 38.45 -40.19 -26.19
C SER L 282 38.67 -39.67 -24.76
N VAL L 283 39.03 -38.40 -24.66
CA VAL L 283 39.30 -37.75 -23.38
C VAL L 283 38.13 -36.83 -23.05
N ASP L 284 37.56 -36.98 -21.86
CA ASP L 284 36.44 -36.18 -21.41
C ASP L 284 36.75 -35.60 -20.04
N ILE L 285 36.55 -34.29 -19.88
CA ILE L 285 36.79 -33.57 -18.64
C ILE L 285 35.59 -32.69 -18.36
N GLY L 286 35.14 -32.67 -17.11
CA GLY L 286 33.99 -31.85 -16.75
C GLY L 286 33.74 -31.91 -15.26
N PHE L 287 32.71 -31.16 -14.85
CA PHE L 287 32.31 -31.07 -13.45
C PHE L 287 30.99 -31.83 -13.25
N LEU L 288 30.87 -32.48 -12.10
CA LEU L 288 29.63 -33.13 -11.68
C LEU L 288 29.08 -32.41 -10.47
N ASP L 289 27.79 -32.10 -10.48
CA ASP L 289 27.15 -31.35 -9.41
C ASP L 289 26.16 -32.23 -8.68
N LYS L 290 26.18 -32.18 -7.35
CA LYS L 290 25.21 -32.91 -6.56
C LYS L 290 23.84 -32.25 -6.69
N PRO L 291 22.80 -33.01 -7.03
CA PRO L 291 21.47 -32.39 -7.20
C PRO L 291 20.87 -32.02 -5.85
N ASP L 292 20.38 -30.78 -5.76
CA ASP L 292 19.78 -30.24 -4.55
C ASP L 292 18.37 -29.76 -4.88
N SER L 293 17.40 -30.67 -4.76
CA SER L 293 16.00 -30.37 -5.03
C SER L 293 15.14 -31.18 -4.07
N ASP L 294 14.68 -30.55 -2.99
CA ASP L 294 13.84 -31.20 -2.00
C ASP L 294 12.59 -30.37 -1.79
N SER L 295 11.44 -30.97 -2.04
CA SER L 295 10.17 -30.29 -1.86
C SER L 295 9.17 -31.10 -1.05
N GLN L 296 9.24 -32.43 -1.09
CA GLN L 296 8.29 -33.25 -0.36
C GLN L 296 8.61 -33.24 1.14
N THR L 297 9.89 -33.32 1.48
CA THR L 297 10.28 -33.36 2.89
C THR L 297 9.87 -32.07 3.61
N GLU L 298 10.07 -30.92 2.96
CA GLU L 298 9.71 -29.65 3.58
C GLU L 298 8.21 -29.59 3.86
N ASN L 299 7.39 -29.99 2.89
CA ASN L 299 5.95 -29.96 3.09
C ASN L 299 5.52 -30.91 4.21
N LEU L 300 6.08 -32.13 4.22
CA LEU L 300 5.74 -33.06 5.29
C LEU L 300 6.11 -32.51 6.66
N LEU L 301 7.31 -31.96 6.78
CA LEU L 301 7.75 -31.41 8.06
C LEU L 301 6.87 -30.25 8.49
N ASP L 302 6.49 -29.37 7.54
CA ASP L 302 5.63 -28.25 7.88
C ASP L 302 4.27 -28.73 8.38
N ARG L 303 3.67 -29.70 7.69
CA ARG L 303 2.38 -30.20 8.14
C ARG L 303 2.47 -30.83 9.52
N ILE L 304 3.51 -31.64 9.76
CA ILE L 304 3.64 -32.28 11.07
C ILE L 304 3.83 -31.23 12.16
N ASP L 305 4.68 -30.23 11.90
CA ASP L 305 4.93 -29.18 12.89
C ASP L 305 3.67 -28.40 13.21
N LYS L 306 2.87 -28.06 12.19
CA LYS L 306 1.63 -27.34 12.44
C LYS L 306 0.65 -28.19 13.24
N HIS L 307 0.52 -29.47 12.89
CA HIS L 307 -0.43 -30.34 13.58
C HIS L 307 -0.03 -30.54 15.04
N ILE L 308 1.27 -30.64 15.31
CA ILE L 308 1.71 -30.86 16.69
C ILE L 308 1.24 -29.74 17.60
N TYR L 309 1.36 -28.49 17.14
CA TYR L 309 0.93 -27.37 17.96
C TYR L 309 -0.59 -27.24 17.99
N GLN L 310 -1.25 -27.49 16.86
CA GLN L 310 -2.70 -27.29 16.81
C GLN L 310 -3.42 -28.32 17.67
N ILE L 311 -3.07 -29.60 17.55
CA ILE L 311 -3.80 -30.64 18.25
C ILE L 311 -3.61 -30.53 19.76
N ALA L 312 -2.43 -30.14 20.21
CA ALA L 312 -2.15 -30.01 21.64
C ALA L 312 -2.86 -28.82 22.27
N MET L 313 -3.49 -27.96 21.48
CA MET L 313 -4.19 -26.77 21.96
C MET L 313 -3.26 -25.86 22.76
N VAL L 314 -2.06 -25.66 22.24
CA VAL L 314 -1.10 -24.71 22.81
C VAL L 314 -0.59 -23.83 21.67
N ALA L 315 -0.62 -22.53 21.90
CA ALA L 315 -0.31 -21.55 20.87
C ALA L 315 1.20 -21.37 20.75
N ASN L 316 1.66 -21.24 19.50
CA ASN L 316 3.06 -20.98 19.21
C ASN L 316 3.22 -19.48 19.09
N ILE L 317 3.57 -18.83 20.21
CA ILE L 317 3.67 -17.38 20.22
C ILE L 317 4.86 -16.88 19.41
N SER L 318 6.00 -17.58 19.48
CA SER L 318 7.24 -17.12 18.87
C SER L 318 7.25 -17.28 17.35
N ASP L 319 6.17 -17.75 16.74
CA ASP L 319 6.14 -17.94 15.30
C ASP L 319 6.21 -16.60 14.57
N GLU L 320 6.90 -16.59 13.43
CA GLU L 320 6.95 -15.39 12.61
C GLU L 320 5.63 -15.12 11.90
N SER L 321 4.81 -16.15 11.68
CA SER L 321 3.49 -16.00 11.07
C SER L 321 2.41 -15.71 12.09
N PHE L 322 2.78 -15.43 13.34
CA PHE L 322 1.81 -15.13 14.38
C PHE L 322 1.17 -13.77 14.10
N GLY L 323 0.09 -13.47 14.84
CA GLY L 323 -0.68 -12.27 14.63
C GLY L 323 0.15 -10.99 14.61
N SER L 324 -0.10 -10.13 13.64
CA SER L 324 0.70 -8.93 13.43
C SER L 324 -0.19 -7.70 13.36
N SER L 325 0.15 -6.68 14.17
CA SER L 325 -0.44 -5.35 14.08
C SER L 325 -1.97 -5.39 14.21
N SER L 326 -2.45 -5.83 15.37
CA SER L 326 -3.87 -5.85 15.65
C SER L 326 -4.09 -5.95 17.14
N GLY L 327 -5.05 -5.18 17.65
CA GLY L 327 -5.36 -5.23 19.07
C GLY L 327 -6.09 -6.49 19.47
N VAL L 328 -7.07 -6.90 18.66
CA VAL L 328 -7.95 -8.00 19.08
C VAL L 328 -7.55 -9.31 18.40
N ALA L 329 -6.99 -9.24 17.19
CA ALA L 329 -6.65 -10.46 16.47
C ALA L 329 -5.58 -11.25 17.22
N LEU L 330 -4.73 -10.58 17.98
CA LEU L 330 -3.75 -11.28 18.82
C LEU L 330 -4.44 -11.99 19.98
N ALA L 331 -5.50 -11.39 20.52
CA ALA L 331 -6.20 -11.99 21.65
C ALA L 331 -6.96 -13.24 21.23
N TYR L 332 -7.37 -13.31 19.96
CA TYR L 332 -8.15 -14.47 19.50
C TYR L 332 -7.29 -15.73 19.44
N LYS L 333 -6.01 -15.59 19.09
CA LYS L 333 -5.17 -16.76 18.85
C LYS L 333 -4.87 -17.50 20.14
N LEU L 334 -5.05 -16.84 21.29
CA LEU L 334 -4.80 -17.46 22.59
C LEU L 334 -6.05 -18.09 23.19
N GLN L 335 -7.17 -18.11 22.47
CA GLN L 335 -8.42 -18.59 23.04
C GLN L 335 -8.40 -20.07 23.44
N PRO L 336 -7.92 -21.01 22.61
CA PRO L 336 -7.94 -22.43 23.04
C PRO L 336 -7.17 -22.68 24.33
N MET L 337 -6.04 -22.01 24.52
CA MET L 337 -5.31 -22.17 25.78
C MET L 337 -6.13 -21.67 26.96
N SER L 338 -6.86 -20.57 26.77
CA SER L 338 -7.75 -20.07 27.81
C SER L 338 -8.86 -21.08 28.10
N ASN L 339 -9.39 -21.73 27.06
CA ASN L 339 -10.41 -22.74 27.26
C ASN L 339 -9.88 -23.91 28.07
N LEU L 340 -8.67 -24.38 27.75
CA LEU L 340 -8.07 -25.48 28.51
C LEU L 340 -7.82 -25.08 29.96
N ALA L 341 -7.34 -23.84 30.18
CA ALA L 341 -7.13 -23.37 31.54
C ALA L 341 -8.43 -23.30 32.31
N ALA L 342 -9.50 -22.83 31.67
CA ALA L 342 -10.80 -22.79 32.33
C ALA L 342 -11.30 -24.19 32.66
N ALA L 343 -11.06 -25.15 31.77
CA ALA L 343 -11.47 -26.52 32.03
C ALA L 343 -10.73 -27.09 33.24
N PHE L 344 -9.43 -26.82 33.35
CA PHE L 344 -8.67 -27.36 34.48
C PHE L 344 -9.02 -26.63 35.79
N GLU L 345 -9.38 -25.35 35.69
CA GLU L 345 -9.69 -24.57 36.88
C GLU L 345 -10.89 -25.16 37.63
N ARG L 346 -11.81 -25.80 36.91
CA ARG L 346 -12.99 -26.37 37.56
C ARG L 346 -12.61 -27.45 38.56
N LYS L 347 -11.68 -28.33 38.18
CA LYS L 347 -11.22 -29.34 39.12
C LYS L 347 -10.32 -28.73 40.19
N PHE L 348 -9.46 -27.79 39.81
CA PHE L 348 -8.53 -27.22 40.78
C PHE L 348 -9.25 -26.49 41.91
N GLN L 349 -10.29 -25.72 41.57
CA GLN L 349 -11.02 -24.96 42.58
C GLN L 349 -11.75 -25.89 43.54
N ALA L 350 -12.36 -26.95 43.02
CA ALA L 350 -13.06 -27.89 43.88
C ALA L 350 -12.09 -28.59 44.83
N ALA L 351 -10.92 -28.97 44.32
CA ALA L 351 -9.92 -29.59 45.19
C ALA L 351 -9.43 -28.63 46.26
N LEU L 352 -9.20 -27.36 45.91
CA LEU L 352 -8.79 -26.38 46.90
C LEU L 352 -9.87 -26.18 47.95
N THR L 353 -11.14 -26.15 47.52
CA THR L 353 -12.25 -26.02 48.46
C THR L 353 -12.28 -27.20 49.43
N GLN L 354 -12.07 -28.41 48.92
CA GLN L 354 -11.99 -29.57 49.81
C GLN L 354 -10.86 -29.43 50.82
N ARG L 355 -9.69 -28.99 50.35
CA ARG L 355 -8.55 -28.84 51.26
C ARG L 355 -8.86 -27.84 52.37
N TYR L 356 -9.43 -26.69 52.02
CA TYR L 356 -9.71 -25.67 53.03
C TYR L 356 -10.89 -26.07 53.92
N LYS L 357 -11.79 -26.90 53.40
CA LYS L 357 -12.82 -27.50 54.25
C LYS L 357 -12.18 -28.38 55.30
N MET L 358 -11.18 -29.17 54.92
CA MET L 358 -10.52 -30.04 55.89
C MET L 358 -9.67 -29.23 56.87
N PHE L 359 -9.15 -28.08 56.44
CA PHE L 359 -8.17 -27.35 57.25
C PHE L 359 -8.77 -26.87 58.57
N MET L 360 -9.97 -26.26 58.54
CA MET L 360 -10.49 -25.64 59.75
C MET L 360 -11.26 -26.62 60.62
N SER L 361 -11.20 -27.92 60.31
CA SER L 361 -11.89 -28.90 61.16
C SER L 361 -11.32 -28.91 62.57
N LEU L 362 -10.00 -28.78 62.69
CA LEU L 362 -9.37 -28.81 64.01
C LEU L 362 -9.74 -27.57 64.82
N LEU L 363 -9.86 -27.75 66.14
CA LEU L 363 -10.23 -26.64 67.01
C LEU L 363 -9.06 -25.67 67.20
N THR L 364 -7.84 -26.16 66.98
CA THR L 364 -6.67 -25.30 67.19
C THR L 364 -6.64 -24.15 66.18
N ASN L 365 -7.01 -24.41 64.93
CA ASN L 365 -6.94 -23.37 63.91
C ASN L 365 -7.96 -22.27 64.17
N VAL L 366 -9.23 -22.63 64.39
CA VAL L 366 -10.29 -21.66 64.59
C VAL L 366 -11.25 -22.20 65.64
N SER L 367 -12.13 -21.32 66.11
CA SER L 367 -13.13 -21.72 67.09
C SER L 367 -14.17 -22.63 66.46
N ALA L 368 -14.89 -23.36 67.32
CA ALA L 368 -15.89 -24.30 66.85
C ALA L 368 -17.06 -23.60 66.16
N ASN L 369 -17.28 -22.32 66.48
CA ASN L 369 -18.39 -21.59 65.89
C ASN L 369 -18.20 -21.39 64.39
N LEU L 370 -16.97 -21.13 63.96
CA LEU L 370 -16.68 -20.79 62.58
C LEU L 370 -16.31 -21.99 61.72
N SER L 371 -16.47 -23.21 62.24
CA SER L 371 -16.03 -24.40 61.51
C SER L 371 -16.79 -24.56 60.20
N ASN L 372 -18.10 -24.31 60.21
CA ASN L 372 -18.94 -24.55 59.04
C ASN L 372 -19.02 -23.35 58.11
N GLU L 373 -18.01 -22.48 58.11
CA GLU L 373 -18.02 -21.27 57.31
C GLU L 373 -17.17 -21.42 56.03
N TRP L 374 -16.77 -22.65 55.69
CA TRP L 374 -15.91 -22.85 54.53
C TRP L 374 -16.63 -22.55 53.22
N ARG L 375 -17.96 -22.38 53.27
CA ARG L 375 -18.70 -22.00 52.08
C ARG L 375 -18.40 -20.58 51.64
N GLY L 376 -17.89 -19.72 52.54
CA GLY L 376 -17.76 -18.32 52.21
C GLY L 376 -16.47 -17.99 51.48
N ILE L 377 -15.55 -18.95 51.40
CA ILE L 377 -14.27 -18.69 50.76
C ILE L 377 -14.48 -18.46 49.27
N GLU L 378 -13.84 -17.42 48.73
CA GLU L 378 -13.95 -17.05 47.33
C GLU L 378 -12.57 -17.06 46.69
N PHE L 379 -12.45 -17.70 45.53
CA PHE L 379 -11.20 -17.83 44.81
C PHE L 379 -11.24 -16.99 43.55
N ARG L 380 -10.15 -16.28 43.26
CA ARG L 380 -10.00 -15.50 42.05
C ARG L 380 -8.74 -15.93 41.32
N PHE L 381 -8.88 -16.27 40.05
CA PHE L 381 -7.77 -16.70 39.21
C PHE L 381 -7.58 -15.71 38.07
N THR L 382 -6.33 -15.40 37.75
CA THR L 382 -5.99 -14.51 36.64
C THR L 382 -4.91 -15.15 35.79
N ARG L 383 -4.97 -14.91 34.48
CA ARG L 383 -3.99 -15.47 33.56
C ARG L 383 -2.85 -14.51 33.34
N ASN L 384 -1.72 -15.04 32.87
CA ASN L 384 -0.51 -14.26 32.65
C ASN L 384 -0.48 -13.82 31.18
N ILE L 385 -0.96 -12.61 30.92
CA ILE L 385 -0.95 -12.03 29.58
C ILE L 385 -0.40 -10.62 29.68
N PRO L 386 0.15 -10.09 28.58
CA PRO L 386 0.61 -8.69 28.60
C PRO L 386 -0.51 -7.74 28.94
N LYS L 387 -0.18 -6.73 29.75
CA LYS L 387 -1.18 -5.82 30.29
C LYS L 387 -0.73 -4.37 30.06
N ASN L 388 -1.71 -3.49 29.87
CA ASN L 388 -1.47 -2.07 29.69
C ASN L 388 -1.93 -1.34 30.95
N VAL L 389 -1.01 -0.64 31.61
CA VAL L 389 -1.32 -0.01 32.89
C VAL L 389 -2.26 1.18 32.69
N LEU L 390 -2.05 1.95 31.61
CA LEU L 390 -2.84 3.15 31.38
C LEU L 390 -4.32 2.81 31.18
N GLU L 391 -4.60 1.75 30.42
CA GLU L 391 -5.98 1.34 30.21
C GLU L 391 -6.64 0.93 31.52
N GLU L 392 -5.91 0.21 32.38
CA GLU L 392 -6.46 -0.17 33.67
C GLU L 392 -6.72 1.04 34.54
N ALA L 393 -5.81 2.02 34.52
CA ALA L 393 -6.03 3.23 35.31
C ALA L 393 -7.25 4.00 34.83
N GLN L 394 -7.41 4.14 33.52
CA GLN L 394 -8.58 4.82 32.99
C GLN L 394 -9.87 4.06 33.34
N THR L 395 -9.82 2.74 33.26
CA THR L 395 -10.98 1.93 33.62
C THR L 395 -11.34 2.13 35.09
N ALA L 396 -10.34 2.16 35.97
CA ALA L 396 -10.62 2.40 37.39
C ALA L 396 -11.20 3.79 37.61
N VAL L 397 -10.68 4.80 36.91
CA VAL L 397 -11.22 6.15 37.05
C VAL L 397 -12.67 6.20 36.62
N GLN L 398 -13.00 5.54 35.51
CA GLN L 398 -14.39 5.54 35.05
C GLN L 398 -15.29 4.74 35.99
N LEU L 399 -14.77 3.64 36.56
CA LEU L 399 -15.60 2.79 37.40
C LEU L 399 -15.83 3.41 38.77
N ALA L 400 -14.93 4.30 39.20
CA ALA L 400 -15.09 4.91 40.52
C ALA L 400 -16.37 5.74 40.61
N THR L 401 -16.95 6.10 39.47
CA THR L 401 -18.16 6.93 39.49
C THR L 401 -19.39 6.12 39.90
N ILE L 402 -19.47 4.86 39.46
CA ILE L 402 -20.69 4.07 39.60
C ILE L 402 -20.50 2.89 40.53
N ALA L 403 -19.27 2.41 40.72
CA ALA L 403 -19.02 1.21 41.48
C ALA L 403 -18.41 1.56 42.83
N SER L 404 -18.32 0.56 43.69
CA SER L 404 -17.79 0.75 45.03
C SER L 404 -16.27 0.87 45.01
N GLN L 405 -15.70 1.14 46.18
CA GLN L 405 -14.25 1.32 46.27
C GLN L 405 -13.51 0.00 46.08
N GLU L 406 -14.02 -1.08 46.66
CA GLU L 406 -13.36 -2.38 46.53
C GLU L 406 -13.32 -2.85 45.09
N THR L 407 -14.45 -2.73 44.38
CA THR L 407 -14.48 -3.13 42.98
C THR L 407 -13.55 -2.26 42.13
N THR L 408 -13.54 -0.95 42.41
CA THR L 408 -12.66 -0.04 41.67
C THR L 408 -11.20 -0.41 41.89
N LEU L 409 -10.81 -0.73 43.12
CA LEU L 409 -9.42 -1.07 43.39
C LEU L 409 -9.07 -2.48 42.93
N SER L 410 -10.08 -3.32 42.71
CA SER L 410 -9.81 -4.69 42.27
C SER L 410 -9.23 -4.72 40.85
N VAL L 411 -9.70 -3.81 39.99
CA VAL L 411 -9.26 -3.83 38.59
C VAL L 411 -7.78 -3.48 38.48
N LEU L 412 -7.29 -2.59 39.34
CA LEU L 412 -5.91 -2.14 39.25
C LEU L 412 -4.95 -3.30 39.53
N SER L 413 -4.11 -3.62 38.54
CA SER L 413 -3.17 -4.72 38.71
C SER L 413 -2.00 -4.31 39.61
N VAL L 414 -1.75 -3.00 39.71
CA VAL L 414 -0.65 -2.52 40.55
C VAL L 414 -0.91 -2.83 42.01
N VAL L 415 -2.17 -2.79 42.43
CA VAL L 415 -2.55 -3.03 43.82
C VAL L 415 -2.36 -4.51 44.15
N PRO L 416 -1.49 -4.84 45.12
CA PRO L 416 -1.39 -6.25 45.53
C PRO L 416 -2.55 -6.71 46.40
N ASP L 417 -2.96 -5.90 47.36
CA ASP L 417 -4.05 -6.23 48.27
C ASP L 417 -4.95 -5.01 48.44
N VAL L 418 -6.26 -5.21 48.25
CA VAL L 418 -7.19 -4.09 48.35
C VAL L 418 -7.33 -3.62 49.79
N ARG L 419 -7.29 -4.56 50.74
CA ARG L 419 -7.51 -4.20 52.14
C ARG L 419 -6.40 -3.30 52.66
N ALA L 420 -5.15 -3.60 52.33
CA ALA L 420 -4.04 -2.76 52.78
C ALA L 420 -4.14 -1.36 52.19
N GLU L 421 -4.49 -1.25 50.91
CA GLU L 421 -4.65 0.06 50.29
C GLU L 421 -5.79 0.85 50.92
N MET L 422 -6.90 0.18 51.21
CA MET L 422 -8.01 0.86 51.87
C MET L 422 -7.62 1.34 53.26
N ASP L 423 -6.87 0.51 54.00
CA ASP L 423 -6.40 0.91 55.32
C ASP L 423 -5.47 2.13 55.22
N ARG L 424 -4.57 2.13 54.24
CA ARG L 424 -3.67 3.27 54.08
C ARG L 424 -4.41 4.52 53.68
N ILE L 425 -5.43 4.40 52.82
CA ILE L 425 -6.23 5.55 52.43
C ILE L 425 -6.97 6.10 53.63
N HIS L 426 -7.54 5.23 54.45
CA HIS L 426 -8.24 5.68 55.66
C HIS L 426 -7.27 6.35 56.63
N SER L 427 -6.04 5.82 56.73
CA SER L 427 -5.04 6.44 57.59
C SER L 427 -4.68 7.83 57.09
N GLU L 428 -4.57 8.00 55.77
CA GLU L 428 -4.28 9.31 55.21
C GLU L 428 -5.38 10.32 55.56
N ARG L 429 -6.63 9.89 55.45
CA ARG L 429 -7.76 10.76 55.77
C ARG L 429 -8.95 9.95 56.26
#